data_2OQI
#
_entry.id   2OQI
#
_cell.length_a   119.294
_cell.length_b   127.300
_cell.length_c   126.799
_cell.angle_alpha   90.000
_cell.angle_beta   96.450
_cell.angle_gamma   90.000
#
_symmetry.space_group_name_H-M   'P 1 21 1'
#
loop_
_entity.id
_entity.type
_entity.pdbx_description
1 polymer 'Dipeptidyl peptidase 4 (Dipeptidyl peptidase IV) (DPP IV) (T-cell activation antigen CD26) (TP103) (Adenosine deaminase complexing protein 2) (ADABP)'
2 non-polymer (4R,5R)-5-AMINO-1-[2-(1,3-BENZODIOXOL-5-YL)ETHYL]-4-(2,4,5-TRIFLUOROPHENYL)PIPERIDIN-2-ONE
#
_entity_poly.entity_id   1
_entity_poly.type   'polypeptide(L)'
_entity_poly.pdbx_seq_one_letter_code
;SRKTYTLTDYLKNTYRLKLYSLRWISDHEYLYKQENNILVFNAEYGNSSVFLENSTFDEFGHSINDYSISPDGQFILLEY
NYVKQWRHSYTASYDIYDLNKRQLITEERIPNNTQWVTWSPVGHKLAYVWNNDIYVKIEPNLPSYRITWTGKEDIIYNGI
TDWVYEEEVFSAYSALWWSPNGTFLAYAQFNDTEVPLIEYSFYSDESLQYPKTVRVPYPKAGAVNPTVKFFVVNTDSLSS
VTNATSIQITAPASMLIGDHYLCDVTWATQERISLQWLRRIQNYSVMDICDYDESSGRWNCLVARQHIEMSTTGWVGRFR
PSEPHFTLDGNSFYKIISNEEGYRHICYFQIDKKDCTFITKGTWEVIGIEALTSDYLYYISNEYKGMPGGRNLYKIQLSD
YTKVTCLSCELNPERCQYYSVSFSKEAKYYQLRCSGPGLPLYTLHSSVNDKGLRVLEDNSALDKMLQNVQMPSKKLDFII
LNETKFWYQMILPPHFDKSKKYPLLLDVYAGPCSQKADTVFRLNWATYLASTENIIVASFDGRGSGYQGDKIMHAINRRL
GTFEVEDQIEAARQFSKMGFVDNKRIAIWGWSYGGYVTSMVLGSGSGVFKCGIAVAPVSRWEYYDSVYTERYMGLPTPED
NLDHYRNSTVMSRAENFKQVEYLLIHGTADDNVHFQQSAQISKALVDVGVDFQAMWYTDEDHGIASSTAHQHIYTHMSHF
IKQCFSLP
;
_entity_poly.pdbx_strand_id   A,B,C,D
#
loop_
_chem_comp.id
_chem_comp.type
_chem_comp.name
_chem_comp.formula
GGO non-polymer (4R,5R)-5-AMINO-1-[2-(1,3-BENZODIOXOL-5-YL)ETHYL]-4-(2,4,5-TRIFLUOROPHENYL)PIPERIDIN-2-ONE 'C20 H19 F3 N2 O3'
#
# COMPACT_ATOMS: atom_id res chain seq x y z
N SER A 1 4.31 2.56 66.06
CA SER A 1 5.59 2.16 65.42
C SER A 1 5.35 1.54 64.03
N ARG A 2 6.42 1.41 63.24
CA ARG A 2 6.39 0.83 61.87
C ARG A 2 5.09 0.09 61.51
N LYS A 3 5.16 -1.19 61.21
CA LYS A 3 3.93 -1.89 60.89
C LYS A 3 3.74 -3.18 61.66
N THR A 4 2.61 -3.84 61.41
CA THR A 4 2.30 -5.09 62.09
C THR A 4 2.33 -6.27 61.13
N TYR A 5 2.23 -7.47 61.69
CA TYR A 5 2.20 -8.69 60.90
C TYR A 5 0.78 -8.78 60.35
N THR A 6 0.61 -8.41 59.08
CA THR A 6 -0.73 -8.41 58.49
C THR A 6 -1.17 -9.76 57.97
N LEU A 7 -2.43 -9.81 57.52
CA LEU A 7 -2.97 -11.05 56.98
C LEU A 7 -2.25 -11.39 55.68
N THR A 8 -1.99 -10.37 54.86
CA THR A 8 -1.28 -10.57 53.59
C THR A 8 0.13 -11.11 53.87
N ASP A 9 0.75 -10.70 54.98
CA ASP A 9 2.08 -11.19 55.32
C ASP A 9 2.02 -12.69 55.53
N TYR A 10 0.95 -13.13 56.19
CA TYR A 10 0.76 -14.56 56.46
C TYR A 10 0.44 -15.33 55.20
N LEU A 11 -0.50 -14.82 54.42
CA LEU A 11 -0.90 -15.48 53.19
C LEU A 11 0.16 -15.42 52.09
N LYS A 12 0.83 -14.27 51.98
CA LYS A 12 1.82 -14.11 50.94
C LYS A 12 3.25 -14.48 51.36
N ASN A 13 3.38 -14.87 52.63
CA ASN A 13 4.66 -15.31 53.16
C ASN A 13 5.81 -14.33 52.93
N THR A 14 5.61 -13.07 53.30
CA THR A 14 6.61 -12.06 53.12
C THR A 14 7.78 -12.22 54.10
N TYR A 15 7.52 -12.87 55.23
CA TYR A 15 8.57 -13.12 56.23
C TYR A 15 8.82 -14.63 56.24
N ARG A 16 9.83 -15.05 55.48
CA ARG A 16 10.16 -16.46 55.31
C ARG A 16 11.11 -17.11 56.32
N LEU A 17 10.66 -18.17 56.98
CA LEU A 17 11.52 -18.87 57.94
C LEU A 17 12.58 -19.65 57.19
N LYS A 18 13.84 -19.58 57.63
CA LYS A 18 14.89 -20.34 56.95
C LYS A 18 15.08 -21.68 57.63
N LEU A 19 15.35 -22.69 56.82
CA LEU A 19 15.57 -24.02 57.33
C LEU A 19 16.97 -24.46 56.98
N TYR A 20 17.27 -25.71 57.31
CA TYR A 20 18.56 -26.29 56.97
C TYR A 20 18.28 -27.78 56.91
N SER A 21 17.82 -28.19 55.74
CA SER A 21 17.47 -29.58 55.48
C SER A 21 18.66 -30.29 54.88
N LEU A 22 19.25 -31.18 55.66
CA LEU A 22 20.39 -31.95 55.22
C LEU A 22 20.01 -33.44 55.18
N ARG A 23 20.81 -34.23 54.47
CA ARG A 23 20.52 -35.66 54.37
C ARG A 23 21.79 -36.46 54.61
N TRP A 24 21.93 -37.02 55.81
CA TRP A 24 23.12 -37.82 56.13
C TRP A 24 23.29 -38.99 55.18
N ILE A 25 24.43 -39.07 54.50
CA ILE A 25 24.67 -40.17 53.57
C ILE A 25 25.76 -41.06 54.12
N SER A 26 26.24 -40.74 55.30
CA SER A 26 27.29 -41.53 55.90
C SER A 26 27.39 -41.12 57.34
N ASP A 27 28.53 -41.41 57.96
CA ASP A 27 28.72 -41.03 59.35
C ASP A 27 29.64 -39.82 59.42
N HIS A 28 29.95 -39.25 58.25
CA HIS A 28 30.86 -38.13 58.14
C HIS A 28 30.39 -37.07 57.16
N GLU A 29 29.50 -37.43 56.25
CA GLU A 29 29.02 -36.45 55.28
C GLU A 29 27.51 -36.45 55.17
N TYR A 30 26.98 -35.30 54.83
CA TYR A 30 25.55 -35.14 54.62
C TYR A 30 25.40 -34.30 53.36
N LEU A 31 24.23 -34.40 52.74
CA LEU A 31 23.95 -33.68 51.52
C LEU A 31 23.11 -32.45 51.80
N TYR A 32 23.55 -31.30 51.31
CA TYR A 32 22.78 -30.11 51.54
C TYR A 32 22.24 -29.60 50.23
N LYS A 33 20.97 -29.91 50.00
CA LYS A 33 20.28 -29.48 48.78
C LYS A 33 20.08 -27.96 48.81
N GLN A 34 20.46 -27.31 47.73
CA GLN A 34 20.25 -25.87 47.61
C GLN A 34 19.21 -25.76 46.49
N GLU A 35 18.70 -24.55 46.23
CA GLU A 35 17.67 -24.38 45.20
C GLU A 35 18.16 -24.91 43.86
N ASN A 36 19.33 -24.47 43.43
CA ASN A 36 19.84 -24.92 42.15
C ASN A 36 20.46 -26.33 42.22
N ASN A 37 21.64 -26.42 42.86
CA ASN A 37 22.37 -27.69 42.95
C ASN A 37 22.41 -28.33 44.33
N ILE A 38 23.02 -29.51 44.40
CA ILE A 38 23.13 -30.29 45.64
C ILE A 38 24.58 -30.36 46.10
N LEU A 39 24.85 -29.90 47.31
CA LEU A 39 26.22 -29.97 47.82
C LEU A 39 26.43 -31.18 48.71
N VAL A 40 27.68 -31.40 49.08
CA VAL A 40 28.04 -32.49 49.98
C VAL A 40 28.96 -31.83 51.02
N PHE A 41 28.63 -32.01 52.30
CA PHE A 41 29.39 -31.38 53.37
C PHE A 41 30.17 -32.32 54.29
N ASN A 42 31.34 -31.86 54.73
CA ASN A 42 32.18 -32.64 55.64
C ASN A 42 31.93 -32.20 57.08
N ALA A 43 31.03 -32.90 57.75
CA ALA A 43 30.65 -32.59 59.13
C ALA A 43 31.78 -32.08 60.03
N GLU A 44 32.96 -32.68 59.88
CA GLU A 44 34.09 -32.28 60.70
C GLU A 44 34.56 -30.85 60.44
N TYR A 45 35.05 -30.60 59.23
CA TYR A 45 35.56 -29.28 58.88
C TYR A 45 34.52 -28.35 58.28
N GLY A 46 33.58 -28.90 57.54
CA GLY A 46 32.57 -28.07 56.93
C GLY A 46 32.83 -27.85 55.45
N ASN A 47 34.05 -28.16 54.99
CA ASN A 47 34.34 -28.00 53.56
C ASN A 47 33.24 -28.73 52.83
N SER A 48 32.93 -28.24 51.64
CA SER A 48 31.87 -28.81 50.83
C SER A 48 32.26 -28.85 49.36
N SER A 49 31.55 -29.69 48.62
CA SER A 49 31.79 -29.84 47.20
C SER A 49 30.42 -30.08 46.54
N VAL A 50 30.29 -29.65 45.29
CA VAL A 50 29.05 -29.84 44.57
C VAL A 50 28.88 -31.34 44.26
N PHE A 51 27.77 -31.92 44.72
CA PHE A 51 27.53 -33.34 44.47
C PHE A 51 27.03 -33.51 43.03
N LEU A 52 26.16 -32.61 42.60
CA LEU A 52 25.67 -32.61 41.22
C LEU A 52 25.11 -31.23 40.87
N GLU A 53 25.60 -30.71 39.74
CA GLU A 53 25.24 -29.39 39.21
C GLU A 53 23.76 -29.19 38.93
N ASN A 54 23.27 -28.00 39.27
CA ASN A 54 21.87 -27.66 39.05
C ASN A 54 21.49 -27.80 37.57
N SER A 55 22.44 -27.51 36.68
CA SER A 55 22.22 -27.59 35.24
C SER A 55 22.14 -29.04 34.73
N THR A 56 22.83 -29.94 35.43
CA THR A 56 22.86 -31.35 35.04
C THR A 56 21.57 -31.86 34.37
N PHE A 57 20.41 -31.41 34.82
CA PHE A 57 19.17 -31.90 34.23
C PHE A 57 18.36 -30.86 33.48
N ASP A 58 19.04 -29.85 32.96
CA ASP A 58 18.35 -28.80 32.25
C ASP A 58 17.41 -29.34 31.19
N GLU A 59 17.90 -30.22 30.32
CA GLU A 59 17.03 -30.76 29.28
C GLU A 59 16.49 -32.17 29.53
N PHE A 60 16.05 -32.41 30.76
CA PHE A 60 15.50 -33.72 31.13
C PHE A 60 14.07 -33.80 30.58
N GLY A 61 13.56 -32.64 30.16
CA GLY A 61 12.23 -32.55 29.58
C GLY A 61 11.09 -32.87 30.52
N HIS A 62 11.34 -32.70 31.82
CA HIS A 62 10.35 -32.98 32.85
C HIS A 62 10.75 -32.28 34.14
N SER A 63 9.77 -31.72 34.82
CA SER A 63 10.05 -31.08 36.08
C SER A 63 10.28 -32.19 37.10
N ILE A 64 11.34 -32.06 37.88
CA ILE A 64 11.67 -33.05 38.89
C ILE A 64 11.36 -32.48 40.27
N ASN A 65 10.35 -33.02 40.94
CA ASN A 65 10.07 -32.48 42.26
C ASN A 65 10.85 -33.18 43.36
N ASP A 66 11.55 -34.27 43.02
CA ASP A 66 12.32 -34.94 44.04
C ASP A 66 13.36 -35.93 43.55
N TYR A 67 14.48 -35.95 44.28
CA TYR A 67 15.61 -36.82 44.03
C TYR A 67 15.71 -37.81 45.19
N SER A 68 16.46 -38.88 44.97
CA SER A 68 16.68 -39.89 45.99
C SER A 68 17.99 -40.58 45.59
N ILE A 69 19.03 -40.37 46.40
CA ILE A 69 20.35 -40.93 46.12
C ILE A 69 20.61 -42.29 46.77
N SER A 70 21.04 -43.26 45.97
CA SER A 70 21.29 -44.59 46.51
C SER A 70 22.26 -44.52 47.67
N PRO A 71 22.13 -45.44 48.63
CA PRO A 71 23.03 -45.47 49.79
C PRO A 71 24.40 -45.89 49.24
N ASP A 72 24.51 -45.86 47.91
CA ASP A 72 25.72 -46.22 47.18
C ASP A 72 26.43 -44.95 46.79
N GLY A 73 25.64 -43.90 46.56
CA GLY A 73 26.20 -42.66 46.11
C GLY A 73 26.30 -42.84 44.61
N GLN A 74 26.15 -44.09 44.18
CA GLN A 74 26.25 -44.48 42.77
C GLN A 74 25.07 -44.09 41.86
N PHE A 75 23.89 -43.89 42.44
CA PHE A 75 22.72 -43.57 41.63
C PHE A 75 21.77 -42.54 42.23
N ILE A 76 20.97 -41.94 41.36
CA ILE A 76 19.98 -40.93 41.73
C ILE A 76 18.62 -41.24 41.14
N LEU A 77 17.65 -41.50 42.00
CA LEU A 77 16.30 -41.78 41.58
C LEU A 77 15.68 -40.42 41.31
N LEU A 78 15.09 -40.23 40.14
CA LEU A 78 14.48 -38.94 39.80
C LEU A 78 12.97 -39.03 39.75
N GLU A 79 12.30 -38.27 40.60
CA GLU A 79 10.85 -38.31 40.64
C GLU A 79 10.17 -37.17 39.90
N TYR A 80 9.23 -37.51 39.03
CA TYR A 80 8.46 -36.51 38.27
C TYR A 80 7.05 -37.02 38.01
N ASN A 81 6.20 -36.16 37.46
CA ASN A 81 4.81 -36.51 37.19
C ASN A 81 4.10 -36.88 38.50
N TYR A 82 4.49 -36.16 39.56
CA TYR A 82 3.93 -36.36 40.89
C TYR A 82 2.43 -36.08 40.85
N VAL A 83 1.66 -37.02 41.37
CA VAL A 83 0.21 -36.88 41.38
C VAL A 83 -0.24 -37.30 42.76
N LYS A 84 -0.44 -36.32 43.63
CA LYS A 84 -0.84 -36.60 45.01
C LYS A 84 -2.14 -37.36 45.17
N GLN A 85 -2.19 -38.17 46.22
CA GLN A 85 -3.38 -38.94 46.53
C GLN A 85 -3.86 -38.52 47.93
N TRP A 86 -3.63 -39.37 48.92
CA TRP A 86 -4.03 -39.09 50.28
C TRP A 86 -2.93 -38.35 51.06
N ARG A 87 -3.00 -38.39 52.38
CA ARG A 87 -2.02 -37.69 53.18
C ARG A 87 -0.56 -38.03 52.89
N HIS A 88 -0.28 -39.28 52.57
CA HIS A 88 1.09 -39.72 52.32
C HIS A 88 1.28 -40.34 50.95
N SER A 89 0.27 -41.05 50.47
CA SER A 89 0.33 -41.72 49.19
C SER A 89 0.29 -40.80 47.97
N TYR A 90 0.86 -41.29 46.87
CA TYR A 90 0.91 -40.55 45.61
C TYR A 90 1.66 -41.41 44.60
N THR A 91 1.50 -41.08 43.34
CA THR A 91 2.18 -41.81 42.28
C THR A 91 3.08 -40.90 41.48
N ALA A 92 4.07 -41.49 40.82
CA ALA A 92 5.00 -40.70 40.03
C ALA A 92 5.74 -41.53 38.99
N SER A 93 6.53 -40.85 38.17
CA SER A 93 7.33 -41.53 37.16
C SER A 93 8.74 -41.47 37.73
N TYR A 94 9.58 -42.41 37.35
CA TYR A 94 10.95 -42.41 37.85
C TYR A 94 11.98 -42.81 36.79
N ASP A 95 13.11 -42.12 36.83
CA ASP A 95 14.22 -42.37 35.94
C ASP A 95 15.41 -42.45 36.86
N ILE A 96 16.34 -43.34 36.56
CA ILE A 96 17.50 -43.46 37.39
C ILE A 96 18.69 -42.92 36.60
N TYR A 97 19.45 -42.05 37.24
CA TYR A 97 20.62 -41.46 36.61
C TYR A 97 21.88 -42.07 37.25
N ASP A 98 22.80 -42.55 36.41
CA ASP A 98 24.05 -43.17 36.84
C ASP A 98 25.13 -42.11 37.12
N LEU A 99 25.57 -41.99 38.36
CA LEU A 99 26.59 -40.99 38.68
C LEU A 99 27.97 -41.44 38.24
N ASN A 100 28.09 -42.73 37.93
CA ASN A 100 29.36 -43.27 37.49
C ASN A 100 29.58 -42.75 36.08
N LYS A 101 28.86 -43.34 35.13
CA LYS A 101 28.97 -42.97 33.72
C LYS A 101 28.18 -41.69 33.38
N ARG A 102 27.55 -41.08 34.40
CA ARG A 102 26.76 -39.85 34.22
C ARG A 102 25.84 -40.01 33.01
N GLN A 103 25.11 -41.13 32.98
CA GLN A 103 24.22 -41.45 31.87
C GLN A 103 22.83 -41.71 32.43
N LEU A 104 21.80 -41.33 31.69
CA LEU A 104 20.46 -41.61 32.13
C LEU A 104 20.21 -43.03 31.71
N ILE A 105 19.90 -43.90 32.67
CA ILE A 105 19.64 -45.30 32.34
C ILE A 105 18.32 -45.31 31.60
N THR A 106 18.30 -45.96 30.43
CA THR A 106 17.09 -46.01 29.62
C THR A 106 16.45 -47.37 29.45
N GLU A 107 17.17 -48.44 29.75
CA GLU A 107 16.55 -49.75 29.61
C GLU A 107 15.87 -50.17 30.89
N GLU A 108 14.91 -51.06 30.73
CA GLU A 108 14.15 -51.61 31.85
C GLU A 108 13.84 -50.54 32.89
N ARG A 109 13.33 -49.40 32.46
CA ARG A 109 13.04 -48.34 33.43
C ARG A 109 11.80 -48.66 34.28
N ILE A 110 11.64 -47.92 35.38
CA ILE A 110 10.50 -48.10 36.30
C ILE A 110 9.23 -47.63 35.60
N PRO A 111 8.12 -48.34 35.80
CA PRO A 111 6.82 -48.00 35.18
C PRO A 111 6.30 -46.64 35.60
N ASN A 112 5.40 -46.08 34.82
CA ASN A 112 4.80 -44.80 35.19
C ASN A 112 3.72 -45.21 36.21
N ASN A 113 3.23 -44.25 36.98
CA ASN A 113 2.19 -44.52 37.97
C ASN A 113 2.66 -45.46 39.07
N THR A 114 3.96 -45.45 39.31
CA THR A 114 4.51 -46.27 40.36
C THR A 114 4.05 -45.63 41.66
N GLN A 115 3.56 -46.47 42.57
CA GLN A 115 3.06 -46.01 43.86
C GLN A 115 4.14 -45.74 44.90
N TRP A 116 5.16 -46.58 44.92
CA TRP A 116 6.26 -46.43 45.85
C TRP A 116 7.56 -47.06 45.37
N VAL A 117 8.67 -46.34 45.58
CA VAL A 117 9.99 -46.84 45.20
C VAL A 117 10.91 -46.61 46.39
N THR A 118 11.85 -47.53 46.60
CA THR A 118 12.81 -47.39 47.68
C THR A 118 14.07 -48.22 47.49
N TRP A 119 15.21 -47.60 47.77
CA TRP A 119 16.49 -48.27 47.67
C TRP A 119 16.66 -49.21 48.86
N SER A 120 17.63 -50.11 48.77
CA SER A 120 17.90 -51.01 49.87
C SER A 120 18.70 -50.12 50.83
N PRO A 121 18.92 -50.58 52.06
CA PRO A 121 19.68 -49.78 53.02
C PRO A 121 21.18 -49.62 52.70
N VAL A 122 21.74 -50.48 51.86
CA VAL A 122 23.17 -50.38 51.60
C VAL A 122 23.66 -50.25 50.17
N GLY A 123 23.21 -51.13 49.27
CA GLY A 123 23.72 -51.05 47.91
C GLY A 123 23.00 -50.05 47.03
N HIS A 124 22.45 -50.56 45.93
CA HIS A 124 21.70 -49.76 44.99
C HIS A 124 20.55 -50.61 44.44
N LYS A 125 19.97 -51.44 45.31
CA LYS A 125 18.84 -52.30 44.95
C LYS A 125 17.60 -51.43 44.96
N LEU A 126 16.55 -51.88 44.27
CA LEU A 126 15.29 -51.14 44.19
C LEU A 126 14.11 -52.06 44.33
N ALA A 127 13.11 -51.58 45.05
CA ALA A 127 11.87 -52.30 45.29
C ALA A 127 10.81 -51.26 45.02
N TYR A 128 9.86 -51.56 44.14
CA TYR A 128 8.81 -50.60 43.86
C TYR A 128 7.46 -51.28 43.77
N VAL A 129 6.39 -50.50 43.94
CA VAL A 129 5.04 -51.05 43.84
C VAL A 129 4.35 -50.37 42.67
N TRP A 130 3.70 -51.16 41.82
CA TRP A 130 3.03 -50.66 40.64
C TRP A 130 1.83 -51.57 40.42
N ASN A 131 0.64 -51.00 40.48
CA ASN A 131 -0.58 -51.80 40.32
C ASN A 131 -0.69 -52.72 41.52
N ASN A 132 -0.38 -52.20 42.70
CA ASN A 132 -0.47 -52.96 43.94
C ASN A 132 0.42 -54.18 44.03
N ASP A 133 1.41 -54.27 43.15
CA ASP A 133 2.33 -55.40 43.21
C ASP A 133 3.75 -54.94 43.51
N ILE A 134 4.54 -55.86 44.07
CA ILE A 134 5.91 -55.56 44.44
C ILE A 134 6.90 -56.08 43.44
N TYR A 135 7.82 -55.22 43.03
CA TYR A 135 8.85 -55.57 42.09
C TYR A 135 10.20 -55.26 42.71
N VAL A 136 11.23 -56.02 42.36
CA VAL A 136 12.57 -55.77 42.88
C VAL A 136 13.55 -55.63 41.72
N LYS A 137 14.46 -54.68 41.85
CA LYS A 137 15.46 -54.42 40.83
C LYS A 137 16.87 -54.47 41.38
N ILE A 138 17.48 -55.66 41.30
CA ILE A 138 18.83 -55.80 41.81
C ILE A 138 19.82 -54.83 41.15
N GLU A 139 19.54 -54.41 39.92
CA GLU A 139 20.42 -53.46 39.26
C GLU A 139 19.61 -52.39 38.53
N PRO A 140 19.98 -51.11 38.69
CA PRO A 140 19.28 -49.99 38.07
C PRO A 140 18.91 -50.20 36.60
N ASN A 141 19.75 -50.94 35.88
CA ASN A 141 19.49 -51.18 34.46
C ASN A 141 19.03 -52.60 34.12
N LEU A 142 18.85 -53.46 35.12
CA LEU A 142 18.41 -54.84 34.83
C LEU A 142 16.89 -55.05 34.91
N PRO A 143 16.41 -56.11 34.23
CA PRO A 143 14.97 -56.41 34.25
C PRO A 143 14.51 -56.50 35.68
N SER A 144 13.24 -56.19 35.87
CA SER A 144 12.63 -56.22 37.19
C SER A 144 12.20 -57.64 37.64
N TYR A 145 11.92 -57.81 38.92
CA TYR A 145 11.50 -59.10 39.47
C TYR A 145 10.12 -58.98 40.14
N ARG A 146 9.14 -59.74 39.66
CA ARG A 146 7.80 -59.71 40.25
C ARG A 146 7.82 -60.51 41.53
N ILE A 147 7.51 -59.85 42.63
CA ILE A 147 7.50 -60.52 43.90
C ILE A 147 6.12 -61.00 44.24
N THR A 148 5.15 -60.16 43.90
CA THR A 148 3.75 -60.43 44.19
C THR A 148 2.88 -60.45 42.92
N TRP A 149 1.79 -61.21 42.94
CA TRP A 149 0.90 -61.36 41.78
C TRP A 149 -0.57 -61.19 42.13
N THR A 150 -0.85 -60.92 43.40
CA THR A 150 -2.23 -60.78 43.87
C THR A 150 -2.81 -59.37 43.88
N GLY A 151 -2.02 -58.38 43.45
CA GLY A 151 -2.48 -57.01 43.44
C GLY A 151 -3.76 -56.77 42.64
N LYS A 152 -4.69 -56.05 43.25
CA LYS A 152 -5.96 -55.70 42.60
C LYS A 152 -6.43 -54.37 43.15
N GLU A 153 -6.48 -53.36 42.28
CA GLU A 153 -6.88 -52.03 42.70
C GLU A 153 -8.05 -52.02 43.66
N ASP A 154 -7.87 -51.27 44.75
CA ASP A 154 -8.90 -51.13 45.79
C ASP A 154 -9.28 -52.39 46.52
N ILE A 155 -8.67 -53.50 46.19
CA ILE A 155 -9.00 -54.72 46.89
C ILE A 155 -7.79 -55.29 47.61
N ILE A 156 -6.75 -55.59 46.84
CA ILE A 156 -5.56 -56.17 47.42
C ILE A 156 -4.33 -55.30 47.25
N TYR A 157 -3.76 -54.91 48.38
CA TYR A 157 -2.56 -54.08 48.42
C TYR A 157 -1.29 -54.84 48.82
N ASN A 158 -0.27 -54.77 47.99
CA ASN A 158 1.00 -55.45 48.27
C ASN A 158 2.14 -54.43 48.39
N GLY A 159 2.72 -54.36 49.58
CA GLY A 159 3.82 -53.45 49.79
C GLY A 159 3.42 -52.01 50.01
N ILE A 160 2.14 -51.71 49.86
CA ILE A 160 1.62 -50.36 50.12
C ILE A 160 0.37 -50.53 50.98
N THR A 161 0.10 -49.54 51.82
CA THR A 161 -1.05 -49.57 52.72
C THR A 161 -2.32 -49.10 52.07
N ASP A 162 -3.46 -49.43 52.69
CA ASP A 162 -4.75 -48.99 52.18
C ASP A 162 -5.06 -47.66 52.88
N TRP A 163 -6.23 -47.08 52.66
CA TRP A 163 -6.51 -45.78 53.28
C TRP A 163 -6.30 -45.67 54.78
N VAL A 164 -6.91 -46.57 55.53
CA VAL A 164 -6.79 -46.48 56.97
C VAL A 164 -5.42 -46.84 57.51
N TYR A 165 -4.75 -47.86 56.98
CA TYR A 165 -3.42 -48.16 57.50
C TYR A 165 -2.46 -47.02 57.23
N GLU A 166 -2.65 -46.34 56.10
CA GLU A 166 -1.81 -45.22 55.74
C GLU A 166 -1.95 -44.05 56.69
N GLU A 167 -3.20 -43.63 56.87
CA GLU A 167 -3.56 -42.51 57.71
C GLU A 167 -3.50 -42.77 59.19
N GLU A 168 -3.91 -43.96 59.59
CA GLU A 168 -3.98 -44.28 61.01
C GLU A 168 -2.86 -45.02 61.70
N VAL A 169 -2.36 -46.11 61.12
CA VAL A 169 -1.31 -46.86 61.79
C VAL A 169 0.13 -46.68 61.33
N PHE A 170 0.39 -46.65 60.03
CA PHE A 170 1.76 -46.50 59.59
C PHE A 170 2.16 -45.10 59.27
N SER A 171 1.17 -44.26 59.00
CA SER A 171 1.40 -42.86 58.65
C SER A 171 2.34 -42.78 57.45
N ALA A 172 2.16 -43.73 56.55
CA ALA A 172 2.98 -43.82 55.34
C ALA A 172 2.20 -44.65 54.34
N TYR A 173 2.59 -44.55 53.07
CA TYR A 173 1.95 -45.29 52.00
C TYR A 173 2.67 -46.62 51.89
N SER A 174 3.98 -46.56 52.08
CA SER A 174 4.83 -47.73 52.02
C SER A 174 4.58 -48.78 53.11
N ALA A 175 4.49 -50.04 52.68
CA ALA A 175 4.30 -51.17 53.56
C ALA A 175 5.33 -52.24 53.24
N LEU A 176 6.56 -51.82 53.00
CA LEU A 176 7.66 -52.75 52.73
C LEU A 176 8.87 -52.32 53.56
N TRP A 177 9.61 -53.31 54.07
CA TRP A 177 10.77 -53.05 54.93
C TRP A 177 11.98 -53.90 54.60
N TRP A 178 13.02 -53.27 54.04
CA TRP A 178 14.26 -53.97 53.70
C TRP A 178 14.97 -54.35 55.00
N SER A 179 15.81 -55.38 54.96
CA SER A 179 16.57 -55.80 56.14
C SER A 179 17.85 -54.95 56.16
N PRO A 180 18.55 -54.92 57.30
CA PRO A 180 19.78 -54.12 57.39
C PRO A 180 20.72 -54.15 56.15
N ASN A 181 21.09 -55.33 55.64
CA ASN A 181 22.01 -55.40 54.49
C ASN A 181 21.34 -55.62 53.11
N GLY A 182 20.05 -55.34 52.99
CA GLY A 182 19.36 -55.51 51.73
C GLY A 182 19.06 -56.94 51.31
N THR A 183 19.52 -57.91 52.08
CA THR A 183 19.28 -59.30 51.70
C THR A 183 17.80 -59.62 51.62
N PHE A 184 17.10 -59.37 52.71
CA PHE A 184 15.67 -59.67 52.80
C PHE A 184 14.78 -58.45 52.58
N LEU A 185 13.58 -58.70 52.09
CA LEU A 185 12.58 -57.64 51.88
C LEU A 185 11.29 -58.13 52.48
N ALA A 186 10.87 -57.48 53.55
CA ALA A 186 9.62 -57.84 54.24
C ALA A 186 8.56 -56.92 53.71
N TYR A 187 7.32 -57.38 53.70
CA TYR A 187 6.23 -56.54 53.24
C TYR A 187 4.93 -56.99 53.82
N ALA A 188 3.95 -56.10 53.82
CA ALA A 188 2.64 -56.44 54.33
C ALA A 188 1.68 -56.48 53.16
N GLN A 189 0.58 -57.22 53.30
CA GLN A 189 -0.44 -57.33 52.26
C GLN A 189 -1.77 -57.06 52.92
N PHE A 190 -2.49 -56.11 52.37
CA PHE A 190 -3.78 -55.73 52.90
C PHE A 190 -4.88 -56.17 51.95
N ASN A 191 -6.00 -56.62 52.51
CA ASN A 191 -7.15 -57.08 51.74
C ASN A 191 -8.35 -56.26 52.14
N ASP A 192 -8.83 -55.42 51.22
CA ASP A 192 -9.98 -54.57 51.51
C ASP A 192 -11.28 -55.10 50.92
N THR A 193 -11.23 -56.35 50.47
CA THR A 193 -12.39 -56.99 49.86
C THR A 193 -13.74 -56.61 50.46
N GLU A 194 -13.89 -56.77 51.78
CA GLU A 194 -15.18 -56.46 52.38
C GLU A 194 -15.30 -55.16 53.16
N VAL A 195 -14.45 -54.21 52.82
CA VAL A 195 -14.47 -52.92 53.47
C VAL A 195 -15.45 -52.05 52.70
N PRO A 196 -16.40 -51.43 53.41
CA PRO A 196 -17.38 -50.60 52.72
C PRO A 196 -16.67 -49.43 52.05
N LEU A 197 -17.31 -48.86 51.05
CA LEU A 197 -16.73 -47.74 50.33
C LEU A 197 -17.35 -46.40 50.69
N ILE A 198 -16.53 -45.37 50.66
CA ILE A 198 -17.04 -44.04 50.89
C ILE A 198 -17.10 -43.45 49.49
N GLU A 199 -18.19 -42.78 49.16
CA GLU A 199 -18.34 -42.21 47.85
C GLU A 199 -18.70 -40.73 47.91
N TYR A 200 -18.03 -39.92 47.11
CA TYR A 200 -18.34 -38.51 47.06
C TYR A 200 -18.00 -37.97 45.67
N SER A 201 -18.60 -36.85 45.31
CA SER A 201 -18.36 -36.27 44.03
C SER A 201 -17.08 -35.45 43.97
N PHE A 202 -16.48 -35.44 42.79
CA PHE A 202 -15.29 -34.65 42.52
C PHE A 202 -15.68 -33.95 41.24
N TYR A 203 -15.78 -32.63 41.28
CA TYR A 203 -16.22 -31.90 40.11
C TYR A 203 -15.15 -31.59 39.07
N SER A 204 -13.88 -31.53 39.51
CA SER A 204 -12.74 -31.29 38.64
C SER A 204 -12.84 -29.99 37.83
N ASP A 205 -12.17 -29.95 36.69
CA ASP A 205 -12.18 -28.76 35.87
C ASP A 205 -13.54 -28.43 35.31
N GLU A 206 -13.78 -27.14 35.15
CA GLU A 206 -15.02 -26.63 34.62
C GLU A 206 -15.48 -27.45 33.42
N SER A 207 -14.53 -27.83 32.58
CA SER A 207 -14.85 -28.58 31.37
C SER A 207 -15.41 -29.97 31.61
N LEU A 208 -15.28 -30.48 32.84
CA LEU A 208 -15.79 -31.81 33.18
C LEU A 208 -17.31 -31.68 33.20
N GLN A 209 -17.97 -32.27 32.22
CA GLN A 209 -19.43 -32.20 32.12
C GLN A 209 -20.18 -32.91 33.23
N TYR A 210 -19.80 -34.15 33.50
CA TYR A 210 -20.43 -34.91 34.57
C TYR A 210 -19.46 -35.13 35.70
N PRO A 211 -19.87 -34.77 36.93
CA PRO A 211 -18.98 -34.94 38.08
C PRO A 211 -18.64 -36.42 38.20
N LYS A 212 -17.47 -36.73 38.72
CA LYS A 212 -17.11 -38.14 38.89
C LYS A 212 -17.32 -38.53 40.35
N THR A 213 -17.60 -39.80 40.56
CA THR A 213 -17.81 -40.31 41.90
C THR A 213 -16.57 -41.02 42.36
N VAL A 214 -15.92 -40.46 43.37
CA VAL A 214 -14.72 -41.06 43.92
C VAL A 214 -15.18 -42.05 44.98
N ARG A 215 -14.63 -43.25 44.94
CA ARG A 215 -15.01 -44.25 45.92
C ARG A 215 -13.76 -44.95 46.43
N VAL A 216 -13.58 -44.93 47.74
CA VAL A 216 -12.42 -45.55 48.35
C VAL A 216 -12.81 -46.44 49.52
N PRO A 217 -12.12 -47.57 49.68
CA PRO A 217 -12.39 -48.51 50.78
C PRO A 217 -12.04 -47.78 52.08
N TYR A 218 -13.06 -47.55 52.90
CA TYR A 218 -12.90 -46.84 54.15
C TYR A 218 -13.79 -47.42 55.23
N PRO A 219 -13.20 -48.06 56.25
CA PRO A 219 -14.01 -48.64 57.31
C PRO A 219 -14.34 -47.60 58.38
N LYS A 220 -15.63 -47.32 58.55
CA LYS A 220 -16.06 -46.37 59.56
C LYS A 220 -16.22 -47.15 60.86
N ALA A 221 -16.32 -46.45 61.99
CA ALA A 221 -16.44 -47.14 63.27
C ALA A 221 -17.38 -48.33 63.29
N GLY A 222 -16.82 -49.49 63.64
CA GLY A 222 -17.61 -50.69 63.73
C GLY A 222 -17.77 -51.48 62.44
N ALA A 223 -17.40 -50.88 61.31
CA ALA A 223 -17.50 -51.55 60.03
C ALA A 223 -16.46 -52.65 59.92
N VAL A 224 -16.49 -53.37 58.82
CA VAL A 224 -15.55 -54.45 58.53
C VAL A 224 -14.18 -53.88 58.17
N ASN A 225 -13.15 -54.33 58.87
CA ASN A 225 -11.79 -53.86 58.59
C ASN A 225 -11.03 -54.62 57.54
N PRO A 226 -9.95 -54.04 57.05
CA PRO A 226 -9.20 -54.80 56.05
C PRO A 226 -8.45 -55.86 56.85
N THR A 227 -7.98 -56.91 56.18
CA THR A 227 -7.23 -57.92 56.89
C THR A 227 -5.81 -57.79 56.44
N VAL A 228 -4.87 -58.31 57.23
CA VAL A 228 -3.45 -58.16 56.91
C VAL A 228 -2.64 -59.45 56.94
N LYS A 229 -1.58 -59.49 56.14
CA LYS A 229 -0.69 -60.66 56.10
C LYS A 229 0.73 -60.14 55.96
N PHE A 230 1.69 -60.87 56.50
CA PHE A 230 3.10 -60.45 56.44
C PHE A 230 3.94 -61.47 55.69
N PHE A 231 4.87 -60.97 54.88
CA PHE A 231 5.76 -61.83 54.10
C PHE A 231 7.19 -61.32 54.09
N VAL A 232 8.13 -62.25 53.98
CA VAL A 232 9.55 -61.93 53.91
C VAL A 232 10.14 -62.75 52.78
N VAL A 233 10.65 -62.06 51.78
CA VAL A 233 11.25 -62.70 50.63
C VAL A 233 12.77 -62.47 50.63
N ASN A 234 13.50 -63.36 49.97
CA ASN A 234 14.95 -63.27 49.91
C ASN A 234 15.38 -62.72 48.56
N THR A 235 15.71 -61.44 48.52
CA THR A 235 16.09 -60.80 47.28
C THR A 235 17.42 -61.27 46.72
N ASP A 236 17.91 -62.39 47.22
CA ASP A 236 19.16 -62.94 46.73
C ASP A 236 18.94 -64.29 46.06
N SER A 237 17.84 -64.96 46.42
CA SER A 237 17.51 -66.25 45.85
C SER A 237 16.37 -66.09 44.88
N LEU A 238 16.49 -65.12 43.98
CA LEU A 238 15.42 -64.91 43.01
C LEU A 238 15.97 -64.99 41.59
N SER A 239 15.44 -65.98 40.86
CA SER A 239 15.84 -66.30 39.47
C SER A 239 15.62 -65.27 38.35
N SER A 240 14.53 -65.48 37.58
CA SER A 240 14.14 -64.64 36.44
C SER A 240 13.26 -65.56 35.58
N VAL A 241 12.97 -66.72 36.14
CA VAL A 241 12.18 -67.72 35.47
C VAL A 241 11.17 -68.23 36.53
N THR A 242 11.64 -68.27 37.78
CA THR A 242 10.86 -68.73 38.94
C THR A 242 10.06 -67.59 39.51
N ASN A 243 9.02 -67.94 40.24
CA ASN A 243 8.20 -66.94 40.89
C ASN A 243 8.79 -66.88 42.29
N ALA A 244 9.34 -65.71 42.66
CA ALA A 244 9.95 -65.50 43.99
C ALA A 244 9.08 -66.04 45.11
N THR A 245 9.68 -66.80 46.02
CA THR A 245 8.86 -67.33 47.10
C THR A 245 8.91 -66.44 48.32
N SER A 246 7.72 -66.01 48.72
CA SER A 246 7.57 -65.14 49.87
C SER A 246 7.13 -65.99 51.02
N ILE A 247 7.94 -66.03 52.07
CA ILE A 247 7.62 -66.79 53.26
C ILE A 247 6.74 -65.94 54.17
N GLN A 248 5.58 -66.47 54.51
CA GLN A 248 4.62 -65.77 55.38
C GLN A 248 4.93 -66.03 56.85
N ILE A 249 4.76 -64.97 57.64
CA ILE A 249 4.95 -65.00 59.08
C ILE A 249 3.55 -64.68 59.56
N THR A 250 2.92 -65.64 60.24
CA THR A 250 1.55 -65.46 60.69
C THR A 250 1.41 -65.17 62.17
N ALA A 251 0.29 -65.64 62.71
CA ALA A 251 -0.04 -65.53 64.12
C ALA A 251 0.18 -64.11 64.64
N PRO A 252 0.29 -63.93 65.97
CA PRO A 252 0.25 -64.89 67.07
C PRO A 252 -1.15 -65.44 67.27
N ALA A 253 -1.29 -66.49 68.07
CA ALA A 253 -2.61 -67.05 68.32
C ALA A 253 -3.48 -66.05 69.07
N SER A 254 -2.92 -65.41 70.10
CA SER A 254 -3.66 -64.43 70.89
C SER A 254 -4.16 -63.26 70.04
N MET A 255 -3.80 -63.24 68.77
CA MET A 255 -4.24 -62.17 67.87
C MET A 255 -5.13 -62.71 66.76
N LEU A 256 -4.88 -63.95 66.34
CA LEU A 256 -5.69 -64.59 65.30
C LEU A 256 -7.10 -64.92 65.79
N ILE A 257 -7.30 -64.96 67.11
CA ILE A 257 -8.61 -65.25 67.63
C ILE A 257 -9.67 -64.30 67.08
N GLY A 258 -9.29 -63.06 66.76
CA GLY A 258 -10.28 -62.14 66.22
C GLY A 258 -9.69 -61.02 65.40
N ASP A 259 -10.45 -59.94 65.21
CA ASP A 259 -9.96 -58.82 64.43
C ASP A 259 -8.69 -58.22 65.04
N HIS A 260 -7.64 -58.07 64.23
CA HIS A 260 -6.36 -57.53 64.68
C HIS A 260 -5.73 -56.62 63.64
N TYR A 261 -4.62 -55.97 64.00
CA TYR A 261 -3.89 -55.08 63.10
C TYR A 261 -2.40 -55.39 63.18
N LEU A 262 -1.64 -54.95 62.18
CA LEU A 262 -0.20 -55.09 62.16
C LEU A 262 0.21 -53.65 62.41
N CYS A 263 0.77 -53.38 63.58
CA CYS A 263 1.13 -52.00 63.94
C CYS A 263 2.58 -51.58 63.97
N ASP A 264 3.49 -52.48 63.59
CA ASP A 264 4.90 -52.13 63.61
C ASP A 264 5.78 -53.26 63.13
N VAL A 265 6.81 -52.92 62.38
CA VAL A 265 7.77 -53.91 61.93
C VAL A 265 9.13 -53.24 62.00
N THR A 266 10.03 -53.86 62.75
CA THR A 266 11.37 -53.32 62.90
C THR A 266 12.36 -54.46 62.86
N TRP A 267 13.34 -54.37 61.97
CA TRP A 267 14.35 -55.41 61.86
C TRP A 267 15.30 -55.37 63.05
N ALA A 268 15.64 -56.53 63.59
CA ALA A 268 16.58 -56.59 64.71
C ALA A 268 17.98 -56.71 64.12
N THR A 269 18.22 -57.78 63.38
CA THR A 269 19.54 -58.03 62.77
C THR A 269 19.40 -58.42 61.30
N GLN A 270 20.48 -58.95 60.73
CA GLN A 270 20.50 -59.37 59.33
C GLN A 270 19.52 -60.49 59.06
N GLU A 271 19.19 -61.23 60.11
CA GLU A 271 18.30 -62.36 60.01
C GLU A 271 17.18 -62.38 61.03
N ARG A 272 17.08 -61.34 61.83
CA ARG A 272 16.04 -61.31 62.84
C ARG A 272 15.15 -60.08 62.69
N ILE A 273 13.83 -60.28 62.74
CA ILE A 273 12.91 -59.17 62.58
C ILE A 273 11.80 -59.22 63.62
N SER A 274 11.34 -58.06 64.03
CA SER A 274 10.27 -58.01 65.03
C SER A 274 9.03 -57.37 64.45
N LEU A 275 7.88 -57.93 64.85
CA LEU A 275 6.58 -57.47 64.42
C LEU A 275 5.80 -57.15 65.69
N GLN A 276 4.89 -56.19 65.61
CA GLN A 276 4.06 -55.83 66.73
C GLN A 276 2.62 -55.89 66.24
N TRP A 277 1.81 -56.71 66.88
CA TRP A 277 0.42 -56.84 66.49
C TRP A 277 -0.49 -56.21 67.52
N LEU A 278 -1.64 -55.73 67.08
CA LEU A 278 -2.59 -55.09 67.98
C LEU A 278 -4.03 -55.57 67.72
N ARG A 279 -4.73 -56.00 68.78
CA ARG A 279 -6.12 -56.45 68.63
C ARG A 279 -6.98 -55.28 68.21
N ARG A 280 -8.16 -55.56 67.64
CA ARG A 280 -9.02 -54.45 67.23
C ARG A 280 -9.35 -53.60 68.45
N ILE A 281 -9.55 -54.25 69.61
CA ILE A 281 -9.78 -53.51 70.84
C ILE A 281 -8.33 -53.25 71.23
N GLN A 282 -7.86 -52.06 70.89
CA GLN A 282 -6.47 -51.65 71.12
C GLN A 282 -6.00 -51.58 72.56
N ASN A 283 -6.44 -52.57 73.32
CA ASN A 283 -6.15 -52.78 74.73
C ASN A 283 -4.89 -53.63 74.88
N TYR A 284 -4.83 -54.65 74.02
CA TYR A 284 -3.79 -55.67 74.04
C TYR A 284 -2.94 -55.80 72.77
N SER A 285 -1.61 -55.66 72.91
CA SER A 285 -0.71 -55.76 71.77
C SER A 285 0.40 -56.79 72.01
N VAL A 286 0.72 -57.56 70.97
CA VAL A 286 1.74 -58.60 71.06
C VAL A 286 2.90 -58.39 70.09
N MET A 287 4.12 -58.48 70.60
CA MET A 287 5.31 -58.34 69.77
C MET A 287 5.97 -59.70 69.60
N ASP A 288 6.17 -60.11 68.36
CA ASP A 288 6.82 -61.39 68.06
C ASP A 288 8.19 -61.07 67.54
N ILE A 289 9.15 -61.96 67.78
CA ILE A 289 10.50 -61.75 67.27
C ILE A 289 10.86 -63.02 66.54
N CYS A 290 11.04 -62.88 65.23
CA CYS A 290 11.32 -64.01 64.36
C CYS A 290 12.73 -64.08 63.78
N ASP A 291 13.29 -65.27 63.77
CA ASP A 291 14.62 -65.52 63.23
C ASP A 291 14.46 -66.30 61.93
N TYR A 292 15.43 -66.14 61.03
CA TYR A 292 15.40 -66.85 59.78
C TYR A 292 16.11 -68.17 59.93
N ASP A 293 15.37 -69.26 59.70
CA ASP A 293 15.90 -70.62 59.82
C ASP A 293 16.77 -71.03 58.62
N GLU A 294 18.08 -70.86 58.77
CA GLU A 294 19.08 -71.19 57.73
C GLU A 294 18.81 -72.33 56.74
N SER A 295 18.56 -73.53 57.27
CA SER A 295 18.32 -74.70 56.43
C SER A 295 16.85 -75.12 56.35
N SER A 296 15.99 -74.13 56.20
CA SER A 296 14.56 -74.37 56.12
C SER A 296 13.91 -73.19 55.38
N GLY A 297 14.67 -72.12 55.21
CA GLY A 297 14.16 -70.96 54.53
C GLY A 297 13.06 -70.24 55.28
N ARG A 298 12.25 -70.95 56.07
CA ARG A 298 11.16 -70.29 56.78
C ARG A 298 11.60 -69.38 57.93
N TRP A 299 10.62 -68.76 58.59
CA TRP A 299 10.92 -67.90 59.70
C TRP A 299 10.24 -68.43 60.96
N ASN A 300 10.93 -68.34 62.10
CA ASN A 300 10.33 -68.81 63.34
C ASN A 300 10.31 -67.73 64.40
N CYS A 301 9.11 -67.45 64.87
CA CYS A 301 8.93 -66.48 65.91
C CYS A 301 8.70 -67.36 67.12
N LEU A 302 9.70 -67.42 67.99
CA LEU A 302 9.57 -68.23 69.18
C LEU A 302 8.64 -67.63 70.21
N VAL A 303 7.72 -68.44 70.74
CA VAL A 303 6.84 -67.96 71.80
C VAL A 303 7.97 -67.80 72.81
N ALA A 304 7.77 -67.09 73.92
CA ALA A 304 8.89 -66.96 74.86
C ALA A 304 9.76 -65.82 74.46
N ARG A 305 9.72 -65.50 73.18
CA ARG A 305 10.53 -64.41 72.71
C ARG A 305 9.59 -63.26 72.37
N GLN A 306 8.32 -63.43 72.71
CA GLN A 306 7.31 -62.42 72.45
C GLN A 306 6.91 -61.65 73.71
N HIS A 307 6.59 -60.37 73.54
CA HIS A 307 6.21 -59.54 74.68
C HIS A 307 4.86 -58.92 74.52
N ILE A 308 4.05 -59.03 75.58
CA ILE A 308 2.70 -58.47 75.59
C ILE A 308 2.71 -57.06 76.17
N GLU A 309 2.06 -56.13 75.49
CA GLU A 309 2.01 -54.77 76.01
C GLU A 309 0.54 -54.40 76.05
N MET A 310 0.00 -54.25 77.26
CA MET A 310 -1.40 -53.91 77.41
C MET A 310 -1.62 -52.70 78.29
N SER A 311 -2.88 -52.40 78.58
CA SER A 311 -3.24 -51.26 79.40
C SER A 311 -4.63 -51.43 79.99
N THR A 312 -4.75 -51.13 81.27
CA THR A 312 -6.04 -51.27 81.94
C THR A 312 -6.77 -49.93 82.02
N THR A 313 -6.02 -48.84 81.91
CA THR A 313 -6.59 -47.50 81.97
C THR A 313 -7.02 -46.99 80.59
N GLY A 314 -6.28 -47.38 79.55
CA GLY A 314 -6.60 -46.94 78.21
C GLY A 314 -6.08 -47.81 77.08
N TRP A 315 -5.71 -47.21 75.96
CA TRP A 315 -5.20 -47.93 74.81
C TRP A 315 -3.67 -48.05 74.93
N VAL A 316 -3.06 -48.82 74.03
CA VAL A 316 -1.60 -48.98 74.07
C VAL A 316 -0.90 -47.99 73.14
N GLY A 317 0.11 -47.29 73.68
CA GLY A 317 0.86 -46.32 72.89
C GLY A 317 0.20 -44.96 72.77
N ARG A 318 0.98 -43.94 72.43
CA ARG A 318 0.40 -42.62 72.26
C ARG A 318 -0.61 -42.74 71.12
N PHE A 319 -0.17 -43.32 70.01
CA PHE A 319 -1.02 -43.53 68.85
C PHE A 319 -0.91 -45.00 68.42
N ARG A 320 0.30 -45.55 68.40
CA ARG A 320 0.46 -46.96 68.11
C ARG A 320 1.56 -47.35 69.07
N PRO A 321 1.60 -48.63 69.46
CA PRO A 321 2.66 -49.05 70.40
C PRO A 321 4.05 -48.62 69.93
N SER A 322 4.87 -48.16 70.86
CA SER A 322 6.22 -47.69 70.53
C SER A 322 7.06 -48.61 69.64
N GLU A 323 8.13 -48.06 69.08
CA GLU A 323 9.08 -48.80 68.21
C GLU A 323 10.24 -49.30 69.07
N PRO A 324 10.61 -50.59 68.91
CA PRO A 324 11.70 -51.18 69.66
C PRO A 324 13.02 -50.75 69.01
N HIS A 325 14.07 -50.63 69.82
CA HIS A 325 15.40 -50.28 69.37
C HIS A 325 16.36 -51.38 69.84
N PHE A 326 16.81 -52.20 68.90
CA PHE A 326 17.67 -53.31 69.22
C PHE A 326 19.15 -52.98 69.32
N THR A 327 19.84 -53.69 70.22
CA THR A 327 21.27 -53.55 70.42
C THR A 327 21.93 -54.26 69.24
N LEU A 328 23.17 -53.90 68.92
CA LEU A 328 23.90 -54.49 67.82
C LEU A 328 23.67 -55.99 67.62
N ASP A 329 23.78 -56.77 68.70
CA ASP A 329 23.60 -58.21 68.59
C ASP A 329 22.12 -58.67 68.55
N GLY A 330 21.20 -57.70 68.57
CA GLY A 330 19.78 -58.01 68.50
C GLY A 330 19.26 -58.87 69.62
N ASN A 331 20.07 -59.08 70.64
CA ASN A 331 19.64 -59.92 71.75
C ASN A 331 18.95 -59.14 72.86
N SER A 332 18.62 -57.89 72.58
CA SER A 332 17.95 -57.05 73.57
C SER A 332 17.55 -55.75 72.90
N PHE A 333 16.53 -55.10 73.45
CA PHE A 333 16.05 -53.87 72.85
C PHE A 333 15.46 -52.90 73.87
N TYR A 334 15.47 -51.62 73.50
CA TYR A 334 14.94 -50.58 74.36
C TYR A 334 13.68 -50.02 73.70
N LYS A 335 12.64 -49.78 74.49
CA LYS A 335 11.45 -49.18 73.92
C LYS A 335 10.66 -48.40 74.96
N ILE A 336 9.96 -47.38 74.51
CA ILE A 336 9.18 -46.53 75.41
C ILE A 336 7.84 -47.13 75.77
N ILE A 337 7.65 -47.44 77.04
CA ILE A 337 6.37 -47.98 77.44
C ILE A 337 5.85 -47.15 78.62
N SER A 338 4.60 -47.39 78.98
CA SER A 338 4.01 -46.65 80.08
C SER A 338 4.47 -47.11 81.47
N ASN A 339 4.69 -46.15 82.35
CA ASN A 339 5.14 -46.36 83.72
C ASN A 339 4.08 -47.00 84.57
N GLU A 340 4.51 -47.49 85.73
CA GLU A 340 3.61 -48.09 86.68
C GLU A 340 2.91 -46.89 87.32
N GLU A 341 3.44 -45.70 87.02
CA GLU A 341 2.88 -44.46 87.55
C GLU A 341 2.12 -43.80 86.40
N GLY A 342 2.20 -44.41 85.24
CA GLY A 342 1.48 -43.89 84.09
C GLY A 342 2.28 -42.96 83.19
N TYR A 343 3.59 -42.91 83.37
CA TYR A 343 4.42 -42.06 82.52
C TYR A 343 5.27 -42.86 81.54
N ARG A 344 5.24 -42.47 80.27
CA ARG A 344 6.00 -43.15 79.24
C ARG A 344 7.50 -42.92 79.40
N HIS A 345 8.21 -44.01 79.67
CA HIS A 345 9.65 -44.00 79.86
C HIS A 345 10.27 -45.19 79.12
N ILE A 346 11.60 -45.18 79.02
CA ILE A 346 12.36 -46.21 78.33
C ILE A 346 12.55 -47.52 79.10
N CYS A 347 12.10 -48.64 78.53
CA CYS A 347 12.28 -49.91 79.22
C CYS A 347 13.27 -50.77 78.45
N TYR A 348 14.17 -51.43 79.18
CA TYR A 348 15.21 -52.28 78.62
C TYR A 348 14.81 -53.75 78.63
N PHE A 349 14.70 -54.33 77.43
CA PHE A 349 14.29 -55.73 77.29
C PHE A 349 15.35 -56.71 76.80
N GLN A 350 15.24 -57.95 77.29
CA GLN A 350 16.12 -59.03 76.86
C GLN A 350 15.13 -59.79 75.97
N ILE A 351 15.46 -60.07 74.73
CA ILE A 351 14.48 -60.73 73.89
C ILE A 351 13.77 -61.96 74.46
N ASP A 352 14.40 -62.68 75.38
CA ASP A 352 13.77 -63.87 75.96
C ASP A 352 13.49 -63.74 77.45
N LYS A 353 13.45 -62.51 77.94
CA LYS A 353 13.16 -62.27 79.35
C LYS A 353 11.84 -61.51 79.35
N LYS A 354 10.87 -62.01 80.11
CA LYS A 354 9.56 -61.41 80.18
C LYS A 354 9.53 -59.98 80.75
N ASP A 355 10.23 -59.75 81.85
CA ASP A 355 10.22 -58.42 82.45
C ASP A 355 11.32 -57.50 81.95
N CYS A 356 11.02 -56.22 81.80
CA CYS A 356 12.01 -55.27 81.35
C CYS A 356 12.40 -54.34 82.49
N THR A 357 13.46 -53.56 82.30
CA THR A 357 13.91 -52.64 83.34
C THR A 357 13.87 -51.19 82.92
N PHE A 358 13.07 -50.39 83.62
CA PHE A 358 12.98 -48.98 83.29
C PHE A 358 14.26 -48.24 83.56
N ILE A 359 14.81 -47.61 82.53
CA ILE A 359 16.05 -46.89 82.72
C ILE A 359 15.81 -45.43 83.02
N THR A 360 14.61 -44.93 82.76
CA THR A 360 14.29 -43.54 83.09
C THR A 360 13.01 -43.53 83.93
N LYS A 361 12.78 -42.44 84.62
CA LYS A 361 11.61 -42.34 85.47
C LYS A 361 11.38 -40.90 85.93
N GLY A 362 10.17 -40.61 86.34
CA GLY A 362 9.88 -39.26 86.78
C GLY A 362 8.58 -38.77 86.24
N THR A 363 8.12 -37.62 86.73
CA THR A 363 6.87 -37.08 86.26
C THR A 363 7.09 -36.16 85.05
N TRP A 364 7.51 -36.81 83.97
CA TRP A 364 7.79 -36.21 82.66
C TRP A 364 7.82 -37.43 81.77
N GLU A 365 7.85 -37.25 80.46
CA GLU A 365 7.88 -38.41 79.57
C GLU A 365 8.98 -38.34 78.52
N VAL A 366 9.39 -39.51 78.05
CA VAL A 366 10.38 -39.61 77.00
C VAL A 366 9.61 -39.52 75.72
N ILE A 367 9.89 -38.50 74.93
CA ILE A 367 9.19 -38.33 73.66
C ILE A 367 9.66 -39.43 72.72
N GLY A 368 10.96 -39.48 72.45
CA GLY A 368 11.42 -40.51 71.56
C GLY A 368 12.89 -40.89 71.63
N ILE A 369 13.17 -42.16 71.33
CA ILE A 369 14.53 -42.69 71.31
C ILE A 369 15.10 -42.30 69.96
N GLU A 370 16.02 -41.35 69.96
CA GLU A 370 16.62 -40.85 68.72
C GLU A 370 17.78 -41.64 68.13
N ALA A 371 18.66 -42.14 68.98
CA ALA A 371 19.80 -42.90 68.50
C ALA A 371 20.30 -43.87 69.56
N LEU A 372 20.94 -44.93 69.12
CA LEU A 372 21.45 -45.92 70.06
C LEU A 372 22.84 -46.33 69.63
N THR A 373 23.75 -46.38 70.58
CA THR A 373 25.11 -46.77 70.30
C THR A 373 25.40 -47.83 71.33
N SER A 374 26.59 -48.42 71.27
CA SER A 374 26.94 -49.45 72.25
C SER A 374 27.23 -48.74 73.54
N ASP A 375 27.33 -47.43 73.46
CA ASP A 375 27.68 -46.61 74.61
C ASP A 375 26.53 -45.87 75.28
N TYR A 376 25.77 -45.16 74.46
CA TYR A 376 24.67 -44.37 74.97
C TYR A 376 23.36 -44.59 74.23
N LEU A 377 22.33 -43.96 74.76
CA LEU A 377 21.00 -44.02 74.19
C LEU A 377 20.56 -42.56 74.19
N TYR A 378 20.32 -42.00 73.00
CA TYR A 378 19.90 -40.62 72.92
C TYR A 378 18.40 -40.54 72.80
N TYR A 379 17.78 -39.71 73.64
CA TYR A 379 16.35 -39.55 73.63
C TYR A 379 15.94 -38.10 73.79
N ILE A 380 14.69 -37.82 73.50
CA ILE A 380 14.18 -36.46 73.62
C ILE A 380 13.01 -36.49 74.58
N SER A 381 13.06 -35.65 75.60
CA SER A 381 11.98 -35.61 76.58
C SER A 381 11.63 -34.19 76.95
N ASN A 382 10.60 -34.05 77.76
CA ASN A 382 10.13 -32.75 78.22
C ASN A 382 10.36 -32.72 79.72
N GLU A 383 11.56 -33.10 80.15
CA GLU A 383 11.86 -33.10 81.57
C GLU A 383 12.33 -31.73 82.09
N TYR A 384 13.20 -31.09 81.32
CA TYR A 384 13.77 -29.78 81.68
C TYR A 384 12.76 -28.77 82.18
N LYS A 385 13.16 -28.01 83.20
CA LYS A 385 12.29 -26.98 83.77
C LYS A 385 10.91 -27.56 84.07
N GLY A 386 10.78 -28.88 84.03
CA GLY A 386 9.49 -29.49 84.32
C GLY A 386 8.31 -28.97 83.49
N MET A 387 8.55 -28.55 82.25
CA MET A 387 7.48 -28.08 81.39
C MET A 387 7.31 -28.98 80.16
N PRO A 388 6.19 -29.70 80.10
CA PRO A 388 5.81 -30.62 79.04
C PRO A 388 5.73 -30.05 77.62
N GLY A 389 5.84 -28.74 77.49
CA GLY A 389 5.75 -28.14 76.18
C GLY A 389 7.13 -27.84 75.65
N GLY A 390 8.12 -28.46 76.28
CA GLY A 390 9.51 -28.27 75.88
C GLY A 390 10.02 -29.59 75.35
N ARG A 391 11.18 -29.53 74.70
CA ARG A 391 11.80 -30.72 74.12
C ARG A 391 13.30 -30.50 74.13
N ASN A 392 14.02 -31.47 74.68
CA ASN A 392 15.47 -31.43 74.77
C ASN A 392 16.08 -32.79 74.51
N LEU A 393 17.30 -32.80 73.97
CA LEU A 393 18.01 -34.03 73.66
C LEU A 393 18.81 -34.45 74.88
N TYR A 394 18.69 -35.72 75.25
CA TYR A 394 19.42 -36.23 76.39
C TYR A 394 20.15 -37.48 75.96
N LYS A 395 21.17 -37.86 76.71
CA LYS A 395 21.90 -39.09 76.42
C LYS A 395 22.15 -39.75 77.76
N ILE A 396 21.88 -41.05 77.83
CA ILE A 396 22.07 -41.82 79.03
C ILE A 396 23.10 -42.91 78.80
N GLN A 397 23.97 -43.09 79.79
CA GLN A 397 25.04 -44.07 79.77
C GLN A 397 24.45 -45.44 80.01
N LEU A 398 24.65 -46.36 79.08
CA LEU A 398 24.10 -47.68 79.22
C LEU A 398 24.69 -48.47 80.41
N SER A 399 25.87 -48.05 80.87
CA SER A 399 26.57 -48.72 81.97
C SER A 399 26.10 -48.25 83.33
N ASP A 400 25.57 -47.05 83.35
CA ASP A 400 25.11 -46.49 84.61
C ASP A 400 23.99 -45.54 84.30
N TYR A 401 22.77 -45.99 84.58
CA TYR A 401 21.58 -45.21 84.31
C TYR A 401 21.55 -43.90 85.09
N THR A 402 22.32 -43.87 86.16
CA THR A 402 22.47 -42.70 87.03
C THR A 402 23.08 -41.53 86.25
N LYS A 403 23.82 -41.85 85.19
CA LYS A 403 24.48 -40.84 84.40
C LYS A 403 23.73 -40.33 83.15
N VAL A 404 22.72 -39.49 83.37
CA VAL A 404 21.98 -38.92 82.26
C VAL A 404 22.47 -37.48 82.01
N THR A 405 22.72 -37.12 80.75
CA THR A 405 23.22 -35.80 80.44
C THR A 405 22.40 -35.05 79.39
N CYS A 406 21.92 -33.86 79.72
CA CYS A 406 21.14 -33.11 78.74
C CYS A 406 22.11 -32.48 77.72
N LEU A 407 21.83 -32.61 76.42
CA LEU A 407 22.72 -32.05 75.41
C LEU A 407 22.19 -30.79 74.71
N SER A 408 20.98 -30.38 75.07
CA SER A 408 20.39 -29.20 74.43
C SER A 408 19.94 -28.13 75.41
N CYS A 409 19.51 -28.55 76.59
CA CYS A 409 19.02 -27.66 77.64
C CYS A 409 19.70 -26.29 77.71
N GLU A 410 21.00 -26.30 78.02
CA GLU A 410 21.77 -25.06 78.16
C GLU A 410 22.36 -24.40 76.93
N LEU A 411 22.28 -25.02 75.77
CA LEU A 411 22.88 -24.39 74.59
C LEU A 411 22.46 -22.93 74.45
N ASN A 412 21.20 -22.65 74.75
CA ASN A 412 20.69 -21.28 74.64
C ASN A 412 19.29 -21.25 75.24
N PRO A 413 19.20 -21.48 76.55
CA PRO A 413 17.96 -21.50 77.33
C PRO A 413 16.93 -20.43 76.97
N GLU A 414 17.42 -19.24 76.65
CA GLU A 414 16.58 -18.10 76.31
C GLU A 414 15.81 -18.29 75.02
N ARG A 415 16.53 -18.71 73.99
CA ARG A 415 15.99 -18.89 72.64
C ARG A 415 15.50 -20.28 72.27
N CYS A 416 16.01 -21.31 72.94
CA CYS A 416 15.65 -22.69 72.61
C CYS A 416 15.23 -23.61 73.73
N GLN A 417 14.01 -24.09 73.67
CA GLN A 417 13.49 -25.00 74.67
C GLN A 417 12.69 -26.10 73.98
N TYR A 418 12.85 -26.19 72.66
CA TYR A 418 12.14 -27.18 71.85
C TYR A 418 13.03 -27.70 70.73
N TYR A 419 13.76 -28.78 71.00
CA TYR A 419 14.66 -29.35 70.00
C TYR A 419 14.19 -30.66 69.38
N SER A 420 14.76 -30.95 68.21
CA SER A 420 14.52 -32.18 67.45
C SER A 420 15.93 -32.46 66.98
N VAL A 421 16.26 -33.72 66.75
CA VAL A 421 17.63 -33.99 66.33
C VAL A 421 17.75 -34.90 65.12
N SER A 422 18.92 -34.87 64.47
CA SER A 422 19.21 -35.68 63.30
C SER A 422 20.66 -36.18 63.30
N PHE A 423 20.85 -37.45 63.64
CA PHE A 423 22.18 -38.07 63.70
C PHE A 423 22.75 -38.62 62.41
N SER A 424 24.06 -38.61 62.30
CA SER A 424 24.69 -39.18 61.13
C SER A 424 24.54 -40.69 61.31
N LYS A 425 24.88 -41.44 60.27
CA LYS A 425 24.76 -42.89 60.26
C LYS A 425 25.20 -43.67 61.49
N GLU A 426 26.34 -43.30 62.06
CA GLU A 426 26.81 -44.01 63.24
C GLU A 426 26.66 -43.18 64.50
N ALA A 427 25.97 -42.06 64.38
CA ALA A 427 25.78 -41.19 65.54
C ALA A 427 27.15 -40.63 65.93
N LYS A 428 27.92 -40.19 64.94
CA LYS A 428 29.22 -39.59 65.23
C LYS A 428 29.03 -38.08 65.22
N TYR A 429 28.00 -37.65 64.50
CA TYR A 429 27.68 -36.24 64.37
C TYR A 429 26.17 -36.13 64.47
N TYR A 430 25.69 -34.95 64.83
CA TYR A 430 24.25 -34.72 64.92
C TYR A 430 23.89 -33.24 64.76
N GLN A 431 22.75 -32.99 64.13
CA GLN A 431 22.27 -31.63 63.92
C GLN A 431 21.09 -31.36 64.83
N LEU A 432 21.20 -30.33 65.66
CA LEU A 432 20.09 -29.96 66.55
C LEU A 432 19.20 -28.92 65.90
N ARG A 433 17.90 -29.15 65.98
CA ARG A 433 16.92 -28.23 65.39
C ARG A 433 16.06 -27.58 66.48
N CYS A 434 16.42 -26.34 66.79
CA CYS A 434 15.75 -25.50 67.77
C CYS A 434 14.63 -24.80 67.03
N SER A 435 13.40 -24.94 67.50
CA SER A 435 12.26 -24.31 66.83
C SER A 435 11.47 -23.38 67.73
N GLY A 436 12.12 -22.89 68.78
CA GLY A 436 11.45 -21.98 69.68
C GLY A 436 12.04 -22.03 71.08
N PRO A 437 11.62 -21.11 71.94
CA PRO A 437 10.63 -20.06 71.65
C PRO A 437 11.09 -18.90 70.73
N GLY A 438 12.40 -18.80 70.54
CA GLY A 438 12.94 -17.74 69.69
C GLY A 438 13.00 -18.21 68.25
N LEU A 439 13.76 -17.51 67.40
CA LEU A 439 13.84 -17.91 66.01
C LEU A 439 14.55 -19.23 65.86
N PRO A 440 14.10 -20.07 64.92
CA PRO A 440 14.69 -21.39 64.66
C PRO A 440 16.20 -21.31 64.52
N LEU A 441 16.90 -22.23 65.17
CA LEU A 441 18.36 -22.28 65.15
C LEU A 441 18.88 -23.67 64.81
N TYR A 442 19.72 -23.76 63.76
CA TYR A 442 20.29 -25.03 63.33
C TYR A 442 21.79 -25.09 63.53
N THR A 443 22.25 -26.10 64.27
CA THR A 443 23.68 -26.27 64.57
C THR A 443 24.16 -27.71 64.42
N LEU A 444 25.48 -27.88 64.28
CA LEU A 444 26.06 -29.21 64.14
C LEU A 444 27.01 -29.54 65.30
N HIS A 445 26.94 -30.78 65.79
CA HIS A 445 27.79 -31.20 66.90
C HIS A 445 28.37 -32.60 66.64
N SER A 446 29.33 -33.00 67.46
CA SER A 446 29.91 -34.33 67.33
C SER A 446 29.71 -35.09 68.65
N SER A 447 29.24 -36.32 68.53
CA SER A 447 28.90 -37.19 69.65
C SER A 447 30.01 -37.57 70.60
N VAL A 448 31.25 -37.60 70.11
CA VAL A 448 32.39 -37.96 70.96
C VAL A 448 32.55 -37.04 72.17
N ASN A 449 32.27 -35.75 71.97
CA ASN A 449 32.38 -34.76 73.04
C ASN A 449 31.16 -33.87 73.20
N ASP A 450 30.26 -33.97 72.22
CA ASP A 450 29.08 -33.13 72.25
C ASP A 450 29.61 -31.71 72.10
N LYS A 451 30.69 -31.57 71.35
CA LYS A 451 31.27 -30.25 71.11
C LYS A 451 30.43 -29.60 70.04
N GLY A 452 30.30 -28.28 70.11
CA GLY A 452 29.55 -27.57 69.09
C GLY A 452 30.54 -27.32 67.98
N LEU A 453 30.21 -27.77 66.77
CA LEU A 453 31.10 -27.57 65.62
C LEU A 453 30.85 -26.25 64.94
N ARG A 454 29.57 -25.92 64.73
CA ARG A 454 29.22 -24.66 64.07
C ARG A 454 27.72 -24.48 63.84
N VAL A 455 27.34 -23.22 63.63
CA VAL A 455 25.95 -22.89 63.37
C VAL A 455 25.65 -23.07 61.88
N LEU A 456 24.62 -23.86 61.58
CA LEU A 456 24.20 -24.12 60.21
C LEU A 456 23.21 -23.05 59.70
N GLU A 457 22.38 -22.51 60.58
CA GLU A 457 21.43 -21.46 60.22
C GLU A 457 20.84 -20.83 61.49
N ASP A 458 20.90 -19.50 61.54
CA ASP A 458 20.41 -18.77 62.71
C ASP A 458 19.28 -17.80 62.38
N ASN A 459 18.77 -17.90 61.15
CA ASN A 459 17.68 -17.05 60.72
C ASN A 459 17.94 -15.57 60.99
N SER A 460 19.21 -15.17 60.97
CA SER A 460 19.56 -13.76 61.19
C SER A 460 18.80 -12.85 60.23
N ALA A 461 18.73 -13.27 58.97
CA ALA A 461 18.02 -12.51 57.94
C ALA A 461 16.57 -12.27 58.34
N LEU A 462 15.88 -13.31 58.79
CA LEU A 462 14.49 -13.12 59.20
C LEU A 462 14.42 -12.18 60.40
N ASP A 463 15.40 -12.30 61.29
CA ASP A 463 15.43 -11.47 62.49
C ASP A 463 15.55 -9.99 62.17
N LYS A 464 16.47 -9.67 61.25
CA LYS A 464 16.70 -8.29 60.86
C LYS A 464 15.39 -7.67 60.41
N MET A 465 14.65 -8.46 59.65
CA MET A 465 13.37 -8.02 59.13
C MET A 465 12.31 -7.81 60.21
N LEU A 466 12.08 -8.85 61.02
CA LEU A 466 11.08 -8.79 62.08
C LEU A 466 11.25 -7.67 63.11
N GLN A 467 12.37 -6.97 63.12
CA GLN A 467 12.49 -5.92 64.12
C GLN A 467 11.81 -4.64 63.65
N ASN A 468 11.48 -4.59 62.36
CA ASN A 468 10.78 -3.45 61.79
C ASN A 468 9.26 -3.68 61.86
N VAL A 469 8.83 -4.58 62.73
CA VAL A 469 7.40 -4.87 62.84
C VAL A 469 6.96 -5.23 64.27
N GLN A 470 5.79 -4.73 64.66
CA GLN A 470 5.23 -4.97 66.00
C GLN A 470 4.73 -6.41 66.15
N MET A 471 5.62 -7.31 66.54
CA MET A 471 5.24 -8.72 66.70
C MET A 471 4.51 -9.02 68.00
N PRO A 472 3.71 -10.08 67.98
CA PRO A 472 2.94 -10.48 69.16
C PRO A 472 3.86 -11.27 70.08
N SER A 473 3.53 -11.36 71.36
CA SER A 473 4.37 -12.10 72.29
C SER A 473 3.63 -13.36 72.72
N LYS A 474 4.37 -14.39 73.12
CA LYS A 474 3.75 -15.64 73.55
C LYS A 474 4.01 -15.97 75.02
N LYS A 475 2.93 -16.28 75.74
CA LYS A 475 3.04 -16.62 77.14
C LYS A 475 2.67 -18.09 77.36
N LEU A 476 3.60 -18.86 77.90
CA LEU A 476 3.37 -20.28 78.18
C LEU A 476 3.34 -20.40 79.70
N ASP A 477 2.21 -20.89 80.23
CA ASP A 477 2.06 -20.99 81.66
C ASP A 477 0.92 -21.99 81.96
N PHE A 478 0.66 -22.25 83.23
CA PHE A 478 -0.38 -23.20 83.60
C PHE A 478 -1.36 -22.63 84.63
N ILE A 479 -2.46 -23.36 84.82
CA ILE A 479 -3.49 -23.02 85.81
C ILE A 479 -3.71 -24.32 86.57
N ILE A 480 -4.52 -24.29 87.63
CA ILE A 480 -4.72 -25.50 88.40
C ILE A 480 -6.16 -25.95 88.57
N LEU A 481 -6.50 -27.07 87.95
CA LEU A 481 -7.83 -27.62 88.08
C LEU A 481 -7.72 -28.72 89.13
N ASN A 482 -8.53 -28.62 90.19
CA ASN A 482 -8.52 -29.57 91.32
C ASN A 482 -7.31 -30.50 91.39
N GLU A 483 -6.24 -29.97 92.00
CA GLU A 483 -4.98 -30.69 92.20
C GLU A 483 -4.00 -30.61 91.03
N THR A 484 -4.45 -31.07 89.87
CA THR A 484 -3.61 -31.10 88.66
C THR A 484 -3.38 -29.75 87.97
N LYS A 485 -2.25 -29.62 87.31
CA LYS A 485 -1.98 -28.38 86.60
C LYS A 485 -2.03 -28.64 85.11
N PHE A 486 -2.73 -27.75 84.41
CA PHE A 486 -2.87 -27.86 82.97
C PHE A 486 -2.28 -26.60 82.36
N TRP A 487 -1.51 -26.80 81.30
CA TRP A 487 -0.85 -25.71 80.61
C TRP A 487 -1.70 -25.05 79.55
N TYR A 488 -1.38 -23.78 79.30
CA TYR A 488 -2.08 -22.99 78.30
C TYR A 488 -1.03 -22.06 77.69
N GLN A 489 -1.34 -21.41 76.59
CA GLN A 489 -0.42 -20.46 76.00
C GLN A 489 -1.27 -19.40 75.34
N MET A 490 -0.81 -18.17 75.37
CA MET A 490 -1.56 -17.07 74.78
C MET A 490 -0.69 -16.25 73.85
N ILE A 491 -1.18 -15.98 72.66
CA ILE A 491 -0.45 -15.17 71.72
C ILE A 491 -0.94 -13.76 71.99
N LEU A 492 -0.09 -12.96 72.64
CA LEU A 492 -0.39 -11.60 73.02
C LEU A 492 -0.04 -10.52 72.01
N PRO A 493 -0.89 -9.49 71.89
CA PRO A 493 -0.66 -8.39 70.98
C PRO A 493 0.55 -7.52 71.37
N PRO A 494 1.11 -6.80 70.39
CA PRO A 494 2.26 -5.93 70.64
C PRO A 494 1.80 -4.88 71.64
N HIS A 495 2.68 -4.53 72.57
CA HIS A 495 2.35 -3.52 73.57
C HIS A 495 1.16 -3.98 74.41
N PHE A 496 1.10 -5.29 74.66
CA PHE A 496 0.02 -5.82 75.47
C PHE A 496 -0.05 -5.08 76.81
N ASP A 497 -1.27 -4.78 77.26
CA ASP A 497 -1.49 -4.09 78.53
C ASP A 497 -2.54 -4.84 79.37
N LYS A 498 -2.06 -5.50 80.42
CA LYS A 498 -2.93 -6.26 81.33
C LYS A 498 -4.03 -5.40 81.95
N SER A 499 -3.97 -4.10 81.71
CA SER A 499 -4.95 -3.19 82.26
C SER A 499 -6.17 -3.17 81.34
N LYS A 500 -5.89 -3.15 80.03
CA LYS A 500 -6.88 -3.14 78.96
C LYS A 500 -7.64 -4.49 78.88
N LYS A 501 -8.82 -4.51 78.27
CA LYS A 501 -9.57 -5.76 78.15
C LYS A 501 -9.69 -6.20 76.69
N TYR A 502 -8.91 -7.21 76.32
CA TYR A 502 -8.89 -7.72 74.94
C TYR A 502 -9.92 -8.78 74.61
N PRO A 503 -10.30 -8.85 73.32
CA PRO A 503 -11.27 -9.87 72.92
C PRO A 503 -10.40 -11.13 72.85
N LEU A 504 -10.99 -12.31 73.03
CA LEU A 504 -10.18 -13.52 73.02
C LEU A 504 -10.68 -14.64 72.10
N LEU A 505 -9.74 -15.25 71.39
CA LEU A 505 -10.02 -16.35 70.48
C LEU A 505 -9.36 -17.59 71.07
N LEU A 506 -10.14 -18.65 71.28
CA LEU A 506 -9.59 -19.88 71.81
C LEU A 506 -9.31 -20.81 70.65
N ASP A 507 -8.01 -20.95 70.33
CA ASP A 507 -7.55 -21.83 69.26
C ASP A 507 -7.57 -23.21 69.90
N VAL A 508 -8.40 -24.10 69.39
CA VAL A 508 -8.52 -25.41 70.00
C VAL A 508 -8.35 -26.64 69.11
N TYR A 509 -7.75 -27.69 69.68
CA TYR A 509 -7.60 -28.96 68.97
C TYR A 509 -8.08 -30.03 69.95
N ALA A 510 -7.42 -30.12 71.10
CA ALA A 510 -7.81 -31.06 72.16
C ALA A 510 -7.98 -32.54 71.84
N GLY A 511 -7.35 -33.03 70.76
CA GLY A 511 -7.48 -34.44 70.43
C GLY A 511 -6.72 -35.27 71.45
N PRO A 512 -6.99 -36.58 71.54
CA PRO A 512 -6.26 -37.39 72.54
C PRO A 512 -4.76 -37.38 72.25
N CYS A 513 -3.99 -37.03 73.27
CA CYS A 513 -2.53 -36.97 73.18
C CYS A 513 -2.07 -35.78 72.35
N SER A 514 -2.85 -34.72 72.33
CA SER A 514 -2.49 -33.54 71.57
C SER A 514 -1.80 -32.53 72.48
N GLN A 515 -1.18 -31.52 71.89
CA GLN A 515 -0.49 -30.50 72.68
C GLN A 515 -0.45 -29.16 71.96
N LYS A 516 -1.36 -28.27 72.33
CA LYS A 516 -1.44 -26.96 71.72
C LYS A 516 -0.67 -25.88 72.49
N ALA A 517 -0.19 -26.22 73.68
CA ALA A 517 0.57 -25.27 74.46
C ALA A 517 2.02 -25.74 74.46
N ASP A 518 2.87 -25.08 73.69
CA ASP A 518 4.27 -25.47 73.63
C ASP A 518 5.13 -24.23 73.49
N THR A 519 6.42 -24.47 73.30
CA THR A 519 7.38 -23.38 73.18
C THR A 519 7.88 -23.16 71.75
N VAL A 520 7.12 -23.63 70.77
CA VAL A 520 7.48 -23.50 69.37
C VAL A 520 7.16 -22.12 68.79
N PHE A 521 8.05 -21.61 67.96
CA PHE A 521 7.87 -20.33 67.32
C PHE A 521 7.05 -20.52 66.04
N ARG A 522 6.00 -19.73 65.88
CA ARG A 522 5.17 -19.85 64.71
C ARG A 522 4.71 -18.52 64.13
N LEU A 523 4.66 -18.48 62.81
CA LEU A 523 4.21 -17.31 62.07
C LEU A 523 2.95 -17.77 61.35
N ASN A 524 1.81 -17.72 62.03
CA ASN A 524 0.56 -18.16 61.42
C ASN A 524 -0.55 -17.14 61.57
N TRP A 525 -1.78 -17.58 61.36
CA TRP A 525 -2.97 -16.74 61.46
C TRP A 525 -3.06 -16.05 62.83
N ALA A 526 -2.66 -16.77 63.88
CA ALA A 526 -2.69 -16.23 65.24
C ALA A 526 -1.76 -15.02 65.30
N THR A 527 -0.60 -15.13 64.68
CA THR A 527 0.36 -14.05 64.67
C THR A 527 -0.35 -12.78 64.21
N TYR A 528 -1.05 -12.89 63.08
CA TYR A 528 -1.80 -11.77 62.52
C TYR A 528 -2.93 -11.28 63.44
N LEU A 529 -3.79 -12.20 63.87
CA LEU A 529 -4.91 -11.85 64.74
C LEU A 529 -4.46 -11.04 65.95
N ALA A 530 -3.25 -11.32 66.42
CA ALA A 530 -2.72 -10.62 67.58
C ALA A 530 -1.95 -9.36 67.17
N SER A 531 -1.03 -9.49 66.23
CA SER A 531 -0.23 -8.37 65.78
C SER A 531 -1.04 -7.22 65.18
N THR A 532 -2.02 -7.53 64.32
CA THR A 532 -2.83 -6.50 63.69
C THR A 532 -4.22 -6.25 64.28
N GLU A 533 -4.88 -7.31 64.72
CA GLU A 533 -6.22 -7.16 65.26
C GLU A 533 -6.28 -7.01 66.76
N ASN A 534 -5.13 -7.15 67.42
CA ASN A 534 -5.08 -7.05 68.89
C ASN A 534 -6.06 -7.99 69.52
N ILE A 535 -5.98 -9.26 69.15
CA ILE A 535 -6.86 -10.28 69.72
C ILE A 535 -5.92 -11.29 70.35
N ILE A 536 -6.23 -11.72 71.57
CA ILE A 536 -5.40 -12.72 72.26
C ILE A 536 -5.84 -14.09 71.76
N VAL A 537 -4.89 -14.88 71.27
CA VAL A 537 -5.22 -16.22 70.77
C VAL A 537 -4.65 -17.26 71.73
N ALA A 538 -5.51 -17.84 72.56
CA ALA A 538 -5.09 -18.82 73.54
C ALA A 538 -5.27 -20.26 73.10
N SER A 539 -4.72 -21.17 73.89
CA SER A 539 -4.82 -22.60 73.64
C SER A 539 -4.62 -23.27 74.98
N PHE A 540 -5.48 -24.22 75.29
CA PHE A 540 -5.40 -24.92 76.58
C PHE A 540 -5.36 -26.42 76.40
N ASP A 541 -4.44 -27.08 77.08
CA ASP A 541 -4.32 -28.53 77.00
C ASP A 541 -4.87 -29.16 78.29
N GLY A 542 -6.13 -29.63 78.23
CA GLY A 542 -6.75 -30.23 79.41
C GLY A 542 -6.77 -31.75 79.41
N ARG A 543 -7.82 -32.36 80.00
CA ARG A 543 -7.91 -33.81 80.04
C ARG A 543 -7.80 -34.32 78.61
N GLY A 544 -7.09 -35.41 78.40
CA GLY A 544 -6.94 -35.93 77.06
C GLY A 544 -5.59 -35.57 76.48
N SER A 545 -5.05 -34.41 76.88
CA SER A 545 -3.73 -33.95 76.45
C SER A 545 -2.70 -35.07 76.49
N GLY A 546 -1.57 -34.87 75.84
CA GLY A 546 -0.55 -35.90 75.88
C GLY A 546 0.76 -35.42 76.47
N TYR A 547 1.71 -36.34 76.58
CA TYR A 547 3.04 -36.03 77.12
C TYR A 547 3.06 -35.65 78.61
N GLN A 548 1.99 -35.97 79.32
CA GLN A 548 1.92 -35.64 80.73
C GLN A 548 1.55 -36.85 81.56
N GLY A 549 1.58 -38.04 80.97
CA GLY A 549 1.22 -39.22 81.74
C GLY A 549 -0.23 -39.64 81.52
N ASP A 550 -0.46 -40.95 81.51
CA ASP A 550 -1.80 -41.46 81.26
C ASP A 550 -2.94 -41.01 82.15
N LYS A 551 -2.64 -40.59 83.38
CA LYS A 551 -3.72 -40.16 84.24
C LYS A 551 -4.48 -39.02 83.56
N ILE A 552 -3.76 -38.18 82.84
CA ILE A 552 -4.39 -37.07 82.14
C ILE A 552 -4.92 -37.51 80.78
N MET A 553 -4.05 -38.16 80.02
CA MET A 553 -4.38 -38.61 78.67
C MET A 553 -5.51 -39.62 78.54
N HIS A 554 -5.50 -40.64 79.39
CA HIS A 554 -6.53 -41.66 79.33
C HIS A 554 -7.80 -41.20 80.04
N ALA A 555 -7.81 -39.95 80.50
CA ALA A 555 -8.97 -39.43 81.20
C ALA A 555 -10.22 -39.53 80.34
N ILE A 556 -10.05 -39.35 79.04
CA ILE A 556 -11.16 -39.38 78.10
C ILE A 556 -11.38 -40.74 77.42
N ASN A 557 -10.86 -41.79 78.02
CA ASN A 557 -11.00 -43.13 77.47
C ASN A 557 -12.46 -43.53 77.36
N ARG A 558 -12.84 -44.06 76.19
CA ARG A 558 -14.20 -44.51 75.90
C ARG A 558 -15.19 -43.41 76.20
N ARG A 559 -14.68 -42.19 76.30
CA ARG A 559 -15.49 -41.05 76.66
C ARG A 559 -15.15 -39.77 75.89
N LEU A 560 -14.93 -39.86 74.59
CA LEU A 560 -14.61 -38.67 73.81
C LEU A 560 -15.79 -37.72 73.84
N GLY A 561 -15.52 -36.44 73.65
CA GLY A 561 -16.58 -35.46 73.64
C GLY A 561 -17.06 -35.09 75.03
N THR A 562 -16.29 -35.45 76.06
CA THR A 562 -16.69 -35.12 77.41
C THR A 562 -15.75 -34.13 78.08
N PHE A 563 -14.82 -34.65 78.89
CA PHE A 563 -13.87 -33.79 79.60
C PHE A 563 -13.04 -32.84 78.75
N GLU A 564 -12.56 -33.30 77.59
CA GLU A 564 -11.70 -32.46 76.78
C GLU A 564 -12.39 -31.20 76.26
N VAL A 565 -13.69 -31.28 76.06
CA VAL A 565 -14.40 -30.11 75.61
C VAL A 565 -14.76 -29.32 76.88
N GLU A 566 -15.21 -30.04 77.92
CA GLU A 566 -15.55 -29.42 79.20
C GLU A 566 -14.43 -28.53 79.73
N ASP A 567 -13.19 -28.99 79.60
CA ASP A 567 -12.06 -28.22 80.12
C ASP A 567 -11.71 -27.04 79.26
N GLN A 568 -12.12 -27.07 78.00
CA GLN A 568 -11.83 -25.98 77.08
C GLN A 568 -12.68 -24.78 77.53
N ILE A 569 -13.90 -25.08 77.94
CA ILE A 569 -14.85 -24.09 78.42
C ILE A 569 -14.31 -23.55 79.74
N GLU A 570 -13.83 -24.47 80.57
CA GLU A 570 -13.27 -24.12 81.87
C GLU A 570 -12.11 -23.15 81.73
N ALA A 571 -11.23 -23.44 80.78
CA ALA A 571 -10.07 -22.60 80.56
C ALA A 571 -10.47 -21.17 80.17
N ALA A 572 -11.45 -21.06 79.26
CA ALA A 572 -11.92 -19.75 78.82
C ALA A 572 -12.55 -19.05 80.00
N ARG A 573 -13.35 -19.80 80.73
CA ARG A 573 -14.05 -19.28 81.89
C ARG A 573 -13.07 -18.68 82.91
N GLN A 574 -11.83 -19.17 82.90
CA GLN A 574 -10.81 -18.65 83.80
C GLN A 574 -10.10 -17.51 83.12
N PHE A 575 -9.78 -17.70 81.86
CA PHE A 575 -9.10 -16.67 81.10
C PHE A 575 -9.85 -15.37 81.25
N SER A 576 -11.18 -15.43 81.16
CA SER A 576 -11.96 -14.20 81.27
C SER A 576 -11.75 -13.58 82.65
N LYS A 577 -11.62 -14.41 83.67
CA LYS A 577 -11.43 -13.93 85.04
C LYS A 577 -10.00 -13.41 85.32
N MET A 578 -9.20 -13.21 84.28
CA MET A 578 -7.83 -12.71 84.45
C MET A 578 -7.70 -11.20 84.22
N GLY A 579 -8.83 -10.51 84.13
CA GLY A 579 -8.80 -9.05 83.98
C GLY A 579 -8.37 -8.39 82.68
N PHE A 580 -7.78 -9.12 81.74
CA PHE A 580 -7.41 -8.46 80.49
C PHE A 580 -8.18 -9.08 79.32
N VAL A 581 -9.28 -9.72 79.69
CA VAL A 581 -10.15 -10.38 78.74
C VAL A 581 -11.53 -9.77 78.79
N ASP A 582 -12.05 -9.36 77.64
CA ASP A 582 -13.40 -8.81 77.54
C ASP A 582 -14.29 -10.04 77.41
N ASN A 583 -14.79 -10.54 78.54
CA ASN A 583 -15.60 -11.74 78.56
C ASN A 583 -16.88 -11.58 77.76
N LYS A 584 -17.03 -10.45 77.08
CA LYS A 584 -18.20 -10.22 76.26
C LYS A 584 -17.85 -10.58 74.83
N ARG A 585 -16.56 -10.65 74.54
CA ARG A 585 -16.10 -11.02 73.20
C ARG A 585 -15.10 -12.18 73.25
N ILE A 586 -15.60 -13.38 73.50
CA ILE A 586 -14.77 -14.58 73.56
C ILE A 586 -15.18 -15.55 72.48
N ALA A 587 -14.27 -15.89 71.57
CA ALA A 587 -14.61 -16.82 70.50
C ALA A 587 -13.76 -18.09 70.53
N ILE A 588 -14.15 -19.09 69.74
CA ILE A 588 -13.43 -20.36 69.69
C ILE A 588 -13.44 -20.98 68.29
N TRP A 589 -12.31 -21.54 67.88
CA TRP A 589 -12.24 -22.19 66.56
C TRP A 589 -11.24 -23.34 66.52
N GLY A 590 -11.47 -24.26 65.61
CA GLY A 590 -10.59 -25.39 65.48
C GLY A 590 -10.84 -26.13 64.20
N TRP A 591 -9.85 -26.92 63.81
CA TRP A 591 -9.90 -27.69 62.58
C TRP A 591 -9.86 -29.15 63.01
N SER A 592 -10.44 -30.04 62.20
CA SER A 592 -10.50 -31.48 62.46
C SER A 592 -11.14 -31.77 63.80
N TYR A 593 -10.33 -32.41 64.63
CA TYR A 593 -10.78 -32.75 65.94
C TYR A 593 -11.10 -31.45 66.67
N GLY A 594 -10.31 -30.41 66.42
CA GLY A 594 -10.58 -29.13 67.06
C GLY A 594 -11.91 -28.58 66.59
N GLY A 595 -12.33 -28.98 65.40
CA GLY A 595 -13.59 -28.53 64.87
C GLY A 595 -14.72 -29.22 65.59
N TYR A 596 -14.48 -30.48 65.91
CA TYR A 596 -15.47 -31.28 66.62
C TYR A 596 -15.69 -30.68 68.00
N VAL A 597 -14.59 -30.35 68.68
CA VAL A 597 -14.66 -29.76 70.00
C VAL A 597 -15.26 -28.37 69.95
N THR A 598 -14.91 -27.59 68.92
CA THR A 598 -15.46 -26.25 68.82
C THR A 598 -16.99 -26.36 68.78
N SER A 599 -17.47 -27.28 67.98
CA SER A 599 -18.90 -27.50 67.83
C SER A 599 -19.48 -28.00 69.13
N MET A 600 -18.82 -28.94 69.78
CA MET A 600 -19.36 -29.47 71.02
C MET A 600 -19.43 -28.38 72.07
N VAL A 601 -18.40 -27.53 72.09
CA VAL A 601 -18.33 -26.42 73.02
C VAL A 601 -19.38 -25.36 72.71
N LEU A 602 -19.59 -25.06 71.44
CA LEU A 602 -20.59 -24.08 71.10
C LEU A 602 -21.99 -24.64 71.36
N GLY A 603 -22.12 -25.96 71.43
CA GLY A 603 -23.43 -26.55 71.68
C GLY A 603 -23.64 -26.99 73.11
N SER A 604 -22.72 -26.56 73.98
CA SER A 604 -22.79 -26.91 75.38
C SER A 604 -23.74 -26.00 76.14
N GLY A 605 -24.06 -24.85 75.57
CA GLY A 605 -24.95 -23.91 76.24
C GLY A 605 -24.24 -23.25 77.41
N SER A 606 -22.91 -23.21 77.36
CA SER A 606 -22.11 -22.60 78.42
C SER A 606 -22.28 -21.09 78.52
N GLY A 607 -22.64 -20.46 77.41
CA GLY A 607 -22.81 -19.01 77.37
C GLY A 607 -21.49 -18.23 77.32
N VAL A 608 -20.39 -18.93 77.55
CA VAL A 608 -19.07 -18.32 77.56
C VAL A 608 -18.60 -17.80 76.23
N PHE A 609 -18.94 -18.49 75.15
CA PHE A 609 -18.52 -18.08 73.83
C PHE A 609 -19.62 -17.45 73.00
N LYS A 610 -19.26 -16.35 72.35
CA LYS A 610 -20.17 -15.59 71.52
C LYS A 610 -20.28 -16.15 70.13
N CYS A 611 -19.13 -16.46 69.54
CA CYS A 611 -19.11 -16.98 68.19
C CYS A 611 -18.07 -18.07 68.05
N GLY A 612 -18.04 -18.73 66.90
CA GLY A 612 -17.06 -19.77 66.70
C GLY A 612 -16.97 -20.26 65.27
N ILE A 613 -15.87 -20.96 64.96
CA ILE A 613 -15.65 -21.49 63.62
C ILE A 613 -15.20 -22.96 63.66
N ALA A 614 -15.91 -23.83 62.96
CA ALA A 614 -15.52 -25.22 62.90
C ALA A 614 -15.09 -25.49 61.46
N VAL A 615 -13.88 -25.99 61.28
CA VAL A 615 -13.41 -26.29 59.93
C VAL A 615 -13.26 -27.81 59.81
N ALA A 616 -13.98 -28.39 58.85
CA ALA A 616 -13.95 -29.83 58.59
C ALA A 616 -13.99 -30.67 59.86
N PRO A 617 -14.98 -30.44 60.72
CA PRO A 617 -15.13 -31.16 61.98
C PRO A 617 -15.75 -32.53 61.86
N VAL A 618 -15.71 -33.25 62.98
CA VAL A 618 -16.33 -34.57 63.07
C VAL A 618 -17.62 -34.26 63.84
N SER A 619 -18.72 -34.82 63.38
CA SER A 619 -20.00 -34.60 64.05
C SER A 619 -20.42 -35.79 64.89
N ARG A 620 -20.18 -37.00 64.42
CA ARG A 620 -20.48 -38.18 65.22
C ARG A 620 -19.49 -39.27 64.86
N TRP A 621 -18.94 -39.90 65.89
CA TRP A 621 -17.92 -40.91 65.73
C TRP A 621 -18.22 -42.11 64.84
N GLU A 622 -19.49 -42.41 64.59
CA GLU A 622 -19.73 -43.54 63.73
C GLU A 622 -19.38 -43.21 62.30
N TYR A 623 -18.97 -41.96 62.06
CA TYR A 623 -18.60 -41.52 60.71
C TYR A 623 -17.11 -41.58 60.42
N TYR A 624 -16.29 -41.49 61.47
CA TYR A 624 -14.84 -41.52 61.29
C TYR A 624 -14.30 -42.94 61.11
N ASP A 625 -13.03 -43.09 60.72
CA ASP A 625 -12.51 -44.44 60.51
C ASP A 625 -12.47 -45.30 61.76
N SER A 626 -12.46 -46.61 61.55
CA SER A 626 -12.44 -47.58 62.65
C SER A 626 -11.20 -47.49 63.54
N VAL A 627 -10.02 -47.65 62.95
CA VAL A 627 -8.77 -47.60 63.69
C VAL A 627 -8.63 -46.42 64.65
N TYR A 628 -8.97 -45.22 64.23
CA TYR A 628 -8.83 -44.07 65.14
C TYR A 628 -9.94 -44.04 66.16
N THR A 629 -11.17 -43.98 65.69
CA THR A 629 -12.31 -43.92 66.58
C THR A 629 -12.39 -45.04 67.63
N GLU A 630 -12.12 -46.27 67.22
CA GLU A 630 -12.19 -47.39 68.15
C GLU A 630 -11.07 -47.43 69.18
N ARG A 631 -9.96 -46.79 68.89
CA ARG A 631 -8.84 -46.75 69.82
C ARG A 631 -9.28 -46.00 71.09
N TYR A 632 -10.13 -44.99 70.90
CA TYR A 632 -10.60 -44.21 72.03
C TYR A 632 -12.02 -44.52 72.45
N MET A 633 -12.86 -44.93 71.51
CA MET A 633 -14.27 -45.19 71.83
C MET A 633 -14.74 -46.63 71.90
N GLY A 634 -13.88 -47.59 71.57
CA GLY A 634 -14.32 -48.97 71.58
C GLY A 634 -15.29 -49.16 70.42
N LEU A 635 -16.04 -50.26 70.45
CA LEU A 635 -16.99 -50.55 69.38
C LEU A 635 -18.39 -49.99 69.67
N PRO A 636 -19.06 -49.47 68.62
CA PRO A 636 -20.40 -48.88 68.63
C PRO A 636 -21.55 -49.89 68.68
N THR A 637 -21.40 -50.90 69.53
CA THR A 637 -22.40 -51.94 69.69
C THR A 637 -22.99 -51.76 71.06
N PRO A 638 -24.24 -52.18 71.26
CA PRO A 638 -24.86 -52.04 72.58
C PRO A 638 -24.14 -52.82 73.68
N GLU A 639 -23.29 -53.79 73.32
CA GLU A 639 -22.54 -54.55 74.34
C GLU A 639 -21.28 -53.85 74.75
N ASP A 640 -20.86 -52.87 73.95
CA ASP A 640 -19.64 -52.14 74.22
C ASP A 640 -19.84 -50.67 74.57
N ASN A 641 -19.80 -49.78 73.60
CA ASN A 641 -19.95 -48.36 73.89
C ASN A 641 -20.87 -47.56 72.98
N LEU A 642 -21.91 -48.20 72.45
CA LEU A 642 -22.85 -47.53 71.56
C LEU A 642 -23.55 -46.35 72.25
N ASP A 643 -23.95 -46.54 73.50
CA ASP A 643 -24.64 -45.45 74.20
C ASP A 643 -23.86 -44.13 74.17
N HIS A 644 -22.58 -44.17 74.48
CA HIS A 644 -21.81 -42.93 74.43
C HIS A 644 -21.54 -42.49 72.99
N TYR A 645 -21.46 -43.43 72.05
CA TYR A 645 -21.25 -43.05 70.67
C TYR A 645 -22.39 -42.11 70.30
N ARG A 646 -23.58 -42.44 70.77
CA ARG A 646 -24.78 -41.65 70.52
C ARG A 646 -24.89 -40.36 71.33
N ASN A 647 -24.43 -40.36 72.59
CA ASN A 647 -24.50 -39.14 73.41
C ASN A 647 -23.51 -38.03 73.00
N SER A 648 -22.55 -38.33 72.15
CA SER A 648 -21.57 -37.31 71.82
C SER A 648 -21.56 -36.78 70.40
N THR A 649 -22.73 -36.62 69.81
CA THR A 649 -22.80 -36.11 68.45
C THR A 649 -22.93 -34.60 68.51
N VAL A 650 -22.80 -33.91 67.38
CA VAL A 650 -22.98 -32.47 67.41
C VAL A 650 -24.44 -32.13 67.18
N MET A 651 -25.10 -32.91 66.33
CA MET A 651 -26.49 -32.64 66.01
C MET A 651 -27.39 -32.66 67.21
N SER A 652 -27.10 -33.56 68.15
CA SER A 652 -27.91 -33.68 69.35
C SER A 652 -27.89 -32.42 70.19
N ARG A 653 -26.95 -31.53 69.90
CA ARG A 653 -26.82 -30.27 70.64
C ARG A 653 -27.32 -29.08 69.80
N ALA A 654 -27.68 -29.34 68.55
CA ALA A 654 -28.14 -28.28 67.64
C ALA A 654 -28.94 -27.18 68.30
N GLU A 655 -29.90 -27.56 69.13
CA GLU A 655 -30.77 -26.59 69.79
C GLU A 655 -30.03 -25.43 70.43
N ASN A 656 -28.96 -25.73 71.14
CA ASN A 656 -28.17 -24.73 71.86
C ASN A 656 -27.36 -23.77 71.00
N PHE A 657 -27.48 -23.87 69.70
CA PHE A 657 -26.73 -22.97 68.82
C PHE A 657 -27.47 -21.67 68.69
N LYS A 658 -28.73 -21.66 69.13
CA LYS A 658 -29.54 -20.45 69.06
C LYS A 658 -28.79 -19.33 69.75
N GLN A 659 -28.00 -19.70 70.75
CA GLN A 659 -27.22 -18.77 71.56
C GLN A 659 -25.88 -18.28 70.99
N VAL A 660 -25.46 -18.80 69.83
CA VAL A 660 -24.16 -18.41 69.29
C VAL A 660 -24.13 -18.14 67.80
N GLU A 661 -23.05 -17.51 67.36
CA GLU A 661 -22.84 -17.23 65.95
C GLU A 661 -21.86 -18.29 65.47
N TYR A 662 -22.27 -19.09 64.49
CA TYR A 662 -21.44 -20.20 64.02
C TYR A 662 -21.10 -20.18 62.53
N LEU A 663 -19.88 -20.60 62.22
CA LEU A 663 -19.40 -20.67 60.85
C LEU A 663 -18.91 -22.09 60.59
N LEU A 664 -19.57 -22.79 59.67
CA LEU A 664 -19.21 -24.17 59.32
C LEU A 664 -18.47 -24.19 57.99
N ILE A 665 -17.24 -24.70 57.99
CA ILE A 665 -16.44 -24.77 56.78
C ILE A 665 -16.00 -26.19 56.52
N HIS A 666 -16.15 -26.67 55.29
CA HIS A 666 -15.75 -28.04 54.98
C HIS A 666 -15.42 -28.21 53.49
N GLY A 667 -14.36 -28.96 53.19
CA GLY A 667 -13.99 -29.18 51.80
C GLY A 667 -14.85 -30.31 51.25
N THR A 668 -15.32 -30.20 50.03
CA THR A 668 -16.18 -31.24 49.47
C THR A 668 -15.50 -32.56 49.14
N ALA A 669 -14.20 -32.50 48.87
CA ALA A 669 -13.44 -33.70 48.51
C ALA A 669 -12.67 -34.29 49.69
N ASP A 670 -13.06 -33.95 50.91
CA ASP A 670 -12.39 -34.46 52.11
C ASP A 670 -12.59 -35.98 52.22
N ASP A 671 -11.50 -36.72 52.05
CA ASP A 671 -11.56 -38.18 52.15
C ASP A 671 -11.40 -38.67 53.58
N ASN A 672 -10.85 -37.81 54.42
CA ASN A 672 -10.57 -38.10 55.82
C ASN A 672 -11.82 -37.92 56.69
N VAL A 673 -12.21 -36.67 56.87
CA VAL A 673 -13.41 -36.35 57.61
C VAL A 673 -14.33 -35.97 56.47
N HIS A 674 -15.20 -36.89 56.09
CA HIS A 674 -16.09 -36.70 54.96
C HIS A 674 -17.05 -35.52 55.06
N PHE A 675 -17.30 -34.88 53.92
CA PHE A 675 -18.21 -33.73 53.92
C PHE A 675 -19.49 -34.10 54.61
N GLN A 676 -19.82 -35.39 54.61
CA GLN A 676 -21.02 -35.91 55.24
C GLN A 676 -21.18 -35.43 56.67
N GLN A 677 -20.09 -35.40 57.41
CA GLN A 677 -20.15 -34.98 58.79
C GLN A 677 -20.65 -33.55 58.99
N SER A 678 -20.38 -32.67 58.05
CA SER A 678 -20.87 -31.30 58.19
C SER A 678 -22.26 -31.18 57.56
N ALA A 679 -22.56 -32.10 56.64
CA ALA A 679 -23.85 -32.09 55.99
C ALA A 679 -24.89 -32.49 57.02
N GLN A 680 -24.46 -33.28 58.01
CA GLN A 680 -25.36 -33.71 59.07
C GLN A 680 -25.47 -32.65 60.17
N ILE A 681 -24.45 -31.81 60.27
CA ILE A 681 -24.45 -30.72 61.26
C ILE A 681 -25.37 -29.60 60.81
N SER A 682 -25.35 -29.27 59.51
CA SER A 682 -26.19 -28.21 58.99
C SER A 682 -27.64 -28.66 58.97
N LYS A 683 -27.87 -29.91 58.59
CA LYS A 683 -29.23 -30.41 58.54
C LYS A 683 -29.87 -30.30 59.91
N ALA A 684 -29.15 -30.67 60.95
CA ALA A 684 -29.67 -30.61 62.33
C ALA A 684 -30.01 -29.18 62.73
N LEU A 685 -29.14 -28.24 62.36
CA LEU A 685 -29.36 -26.83 62.66
C LEU A 685 -30.58 -26.29 61.93
N VAL A 686 -30.75 -26.66 60.67
CA VAL A 686 -31.89 -26.22 59.90
C VAL A 686 -33.21 -26.76 60.48
N ASP A 687 -33.19 -28.02 60.91
CA ASP A 687 -34.38 -28.66 61.49
C ASP A 687 -34.73 -28.07 62.83
N VAL A 688 -33.81 -27.33 63.42
CA VAL A 688 -34.04 -26.74 64.71
C VAL A 688 -34.26 -25.25 64.63
N GLY A 689 -34.14 -24.72 63.42
CA GLY A 689 -34.35 -23.29 63.20
C GLY A 689 -33.22 -22.37 63.59
N VAL A 690 -31.99 -22.87 63.52
CA VAL A 690 -30.84 -22.06 63.88
C VAL A 690 -30.13 -21.49 62.65
N ASP A 691 -29.89 -20.18 62.65
CA ASP A 691 -29.20 -19.52 61.54
C ASP A 691 -27.71 -19.53 61.80
N PHE A 692 -26.95 -19.74 60.74
CA PHE A 692 -25.50 -19.79 60.86
C PHE A 692 -24.88 -19.55 59.51
N GLN A 693 -23.58 -19.33 59.50
CA GLN A 693 -22.85 -19.08 58.28
C GLN A 693 -22.28 -20.41 57.79
N ALA A 694 -22.04 -20.51 56.49
CA ALA A 694 -21.48 -21.73 55.96
C ALA A 694 -20.53 -21.43 54.83
N MET A 695 -19.76 -22.43 54.45
CA MET A 695 -18.81 -22.28 53.36
C MET A 695 -18.19 -23.60 53.02
N TRP A 696 -18.47 -24.07 51.81
CA TRP A 696 -17.91 -25.32 51.33
C TRP A 696 -16.74 -24.98 50.42
N TYR A 697 -15.77 -25.88 50.34
CA TYR A 697 -14.63 -25.66 49.47
C TYR A 697 -14.52 -26.80 48.47
N THR A 698 -15.15 -26.57 47.34
CA THR A 698 -15.20 -27.52 46.25
C THR A 698 -13.88 -28.11 45.77
N ASP A 699 -13.80 -29.44 45.88
CA ASP A 699 -12.65 -30.26 45.49
C ASP A 699 -11.46 -30.25 46.45
N GLU A 700 -11.61 -29.57 47.58
CA GLU A 700 -10.55 -29.49 48.59
C GLU A 700 -10.74 -30.57 49.64
N ASP A 701 -9.66 -31.13 50.12
CA ASP A 701 -9.83 -32.15 51.13
C ASP A 701 -9.60 -31.62 52.53
N HIS A 702 -9.37 -32.54 53.46
CA HIS A 702 -9.17 -32.20 54.84
C HIS A 702 -8.14 -31.09 55.07
N GLY A 703 -7.32 -30.80 54.08
CA GLY A 703 -6.32 -29.76 54.26
C GLY A 703 -6.70 -28.37 53.78
N ILE A 704 -7.51 -28.29 52.73
CA ILE A 704 -7.90 -26.99 52.18
C ILE A 704 -6.57 -26.27 52.06
N ALA A 705 -5.59 -27.00 51.54
CA ALA A 705 -4.26 -26.47 51.40
C ALA A 705 -3.89 -25.88 50.06
N SER A 706 -4.69 -26.09 49.02
CA SER A 706 -4.33 -25.51 47.74
C SER A 706 -4.17 -24.00 47.90
N SER A 707 -3.25 -23.43 47.15
CA SER A 707 -2.95 -22.01 47.22
C SER A 707 -4.14 -21.09 47.38
N THR A 708 -5.05 -21.14 46.40
CA THR A 708 -6.24 -20.30 46.40
C THR A 708 -7.24 -20.61 47.52
N ALA A 709 -7.41 -21.88 47.84
CA ALA A 709 -8.35 -22.27 48.89
C ALA A 709 -7.84 -21.82 50.24
N HIS A 710 -6.53 -21.97 50.43
CA HIS A 710 -5.88 -21.59 51.67
C HIS A 710 -6.04 -20.11 51.96
N GLN A 711 -5.73 -19.28 50.97
CA GLN A 711 -5.84 -17.85 51.16
C GLN A 711 -7.32 -17.46 51.30
N HIS A 712 -8.17 -18.18 50.58
CA HIS A 712 -9.57 -17.88 50.64
C HIS A 712 -10.20 -18.18 52.00
N ILE A 713 -9.91 -19.35 52.56
CA ILE A 713 -10.49 -19.73 53.83
C ILE A 713 -10.03 -18.94 55.06
N TYR A 714 -8.84 -18.36 55.00
CA TYR A 714 -8.42 -17.57 56.15
C TYR A 714 -8.97 -16.16 56.03
N THR A 715 -9.17 -15.71 54.80
CA THR A 715 -9.71 -14.39 54.59
C THR A 715 -11.14 -14.38 55.09
N HIS A 716 -11.88 -15.43 54.73
CA HIS A 716 -13.27 -15.54 55.13
C HIS A 716 -13.39 -15.60 56.62
N MET A 717 -12.53 -16.39 57.26
CA MET A 717 -12.56 -16.50 58.70
C MET A 717 -12.16 -15.20 59.37
N SER A 718 -11.14 -14.54 58.83
CA SER A 718 -10.70 -13.28 59.41
C SER A 718 -11.86 -12.31 59.45
N HIS A 719 -12.60 -12.21 58.36
CA HIS A 719 -13.74 -11.31 58.34
C HIS A 719 -14.71 -11.68 59.45
N PHE A 720 -14.99 -12.97 59.58
CA PHE A 720 -15.92 -13.50 60.58
C PHE A 720 -15.57 -13.09 62.00
N ILE A 721 -14.32 -13.29 62.37
CA ILE A 721 -13.91 -12.93 63.70
C ILE A 721 -13.98 -11.42 63.91
N LYS A 722 -13.58 -10.65 62.91
CA LYS A 722 -13.64 -9.20 63.01
C LYS A 722 -15.09 -8.75 63.24
N GLN A 723 -15.99 -9.28 62.41
CA GLN A 723 -17.41 -8.96 62.53
C GLN A 723 -17.89 -9.28 63.95
N CYS A 724 -17.61 -10.49 64.41
CA CYS A 724 -18.01 -10.91 65.73
C CYS A 724 -17.38 -10.10 66.88
N PHE A 725 -16.21 -9.51 66.63
CA PHE A 725 -15.50 -8.73 67.64
C PHE A 725 -15.63 -7.22 67.52
N SER A 726 -15.21 -6.64 66.40
CA SER A 726 -15.36 -5.18 66.24
C SER A 726 -16.88 -5.01 66.16
N SER B 1 -49.37 2.65 62.14
CA SER B 1 -50.64 1.87 62.20
C SER B 1 -50.34 0.43 62.64
N ARG B 2 -51.38 -0.31 63.03
CA ARG B 2 -51.29 -1.72 63.47
C ARG B 2 -49.93 -2.40 63.18
N LYS B 3 -49.92 -3.48 62.41
CA LYS B 3 -48.65 -4.12 62.13
C LYS B 3 -48.42 -4.35 60.64
N THR B 4 -47.26 -4.94 60.33
CA THR B 4 -46.90 -5.19 58.94
C THR B 4 -46.85 -6.69 58.66
N TYR B 5 -46.72 -7.04 57.38
CA TYR B 5 -46.62 -8.43 56.98
C TYR B 5 -45.19 -8.83 57.29
N THR B 6 -45.00 -9.54 58.41
CA THR B 6 -43.66 -9.93 58.82
C THR B 6 -43.16 -11.19 58.14
N LEU B 7 -41.89 -11.50 58.40
CA LEU B 7 -41.29 -12.69 57.84
C LEU B 7 -41.99 -13.94 58.40
N THR B 8 -42.29 -13.89 59.71
CA THR B 8 -42.97 -15.00 60.38
C THR B 8 -44.35 -15.21 59.76
N ASP B 9 -44.98 -14.12 59.33
CA ASP B 9 -46.29 -14.26 58.69
C ASP B 9 -46.16 -15.05 57.42
N TYR B 10 -45.09 -14.81 56.68
CA TYR B 10 -44.84 -15.52 55.44
C TYR B 10 -44.46 -16.98 55.67
N LEU B 11 -43.55 -17.20 56.61
CA LEU B 11 -43.10 -18.54 56.90
C LEU B 11 -44.13 -19.38 57.65
N LYS B 12 -44.85 -18.75 58.57
CA LYS B 12 -45.85 -19.47 59.35
C LYS B 12 -47.25 -19.44 58.76
N ASN B 13 -47.38 -18.76 57.63
CA ASN B 13 -48.64 -18.71 56.92
C ASN B 13 -49.84 -18.31 57.77
N THR B 14 -49.70 -17.20 58.51
CA THR B 14 -50.76 -16.71 59.37
C THR B 14 -51.93 -16.11 58.59
N TYR B 15 -51.66 -15.68 57.36
CA TYR B 15 -52.72 -15.13 56.50
C TYR B 15 -52.91 -16.11 55.36
N ARG B 16 -53.90 -17.00 55.50
CA ARG B 16 -54.16 -18.06 54.55
C ARG B 16 -55.09 -17.74 53.35
N LEU B 17 -54.60 -17.90 52.13
CA LEU B 17 -55.44 -17.66 50.97
C LEU B 17 -56.45 -18.81 50.84
N LYS B 18 -57.72 -18.49 50.59
CA LYS B 18 -58.71 -19.55 50.41
C LYS B 18 -58.85 -19.92 48.94
N LEU B 19 -59.08 -21.20 48.69
CA LEU B 19 -59.22 -21.66 47.33
C LEU B 19 -60.60 -22.29 47.21
N TYR B 20 -60.85 -22.88 46.05
CA TYR B 20 -62.09 -23.57 45.81
C TYR B 20 -61.73 -24.55 44.73
N SER B 21 -61.24 -25.70 45.18
CA SER B 21 -60.84 -26.78 44.30
C SER B 21 -61.98 -27.76 44.11
N LEU B 22 -62.55 -27.77 42.92
CA LEU B 22 -63.65 -28.66 42.61
C LEU B 22 -63.19 -29.64 41.52
N ARG B 23 -63.92 -30.73 41.34
CA ARG B 23 -63.58 -31.72 40.33
C ARG B 23 -64.81 -32.11 39.52
N TRP B 24 -64.95 -31.55 38.33
CA TRP B 24 -66.10 -31.87 37.49
C TRP B 24 -66.18 -33.38 37.22
N ILE B 25 -67.30 -34.00 37.58
CA ILE B 25 -67.48 -35.43 37.32
C ILE B 25 -68.56 -35.63 36.27
N SER B 26 -69.07 -34.52 35.73
CA SER B 26 -70.10 -34.62 34.72
C SER B 26 -70.24 -33.26 34.10
N ASP B 27 -71.36 -33.03 33.44
CA ASP B 27 -71.58 -31.74 32.82
C ASP B 27 -72.58 -30.97 33.68
N HIS B 28 -72.88 -31.53 34.85
CA HIS B 28 -73.85 -30.94 35.77
C HIS B 28 -73.42 -30.96 37.23
N GLU B 29 -72.49 -31.86 37.55
CA GLU B 29 -72.04 -31.93 38.92
C GLU B 29 -70.54 -31.95 39.05
N TYR B 30 -70.05 -31.43 40.17
CA TYR B 30 -68.63 -31.41 40.45
C TYR B 30 -68.48 -31.80 41.90
N LEU B 31 -67.31 -32.29 42.25
CA LEU B 31 -67.05 -32.74 43.61
C LEU B 31 -66.28 -31.68 44.37
N TYR B 32 -66.76 -31.35 45.56
CA TYR B 32 -66.04 -30.36 46.33
C TYR B 32 -65.49 -30.98 47.58
N LYS B 33 -64.21 -31.32 47.51
CA LYS B 33 -63.51 -31.93 48.63
C LYS B 33 -63.38 -30.92 49.78
N GLN B 34 -63.78 -31.35 50.97
CA GLN B 34 -63.62 -30.49 52.13
C GLN B 34 -62.55 -31.23 52.94
N GLU B 35 -62.11 -30.64 54.07
CA GLU B 35 -61.07 -31.25 54.89
C GLU B 35 -61.50 -32.64 55.36
N ASN B 36 -62.68 -32.73 55.96
CA ASN B 36 -63.16 -34.02 56.43
C ASN B 36 -63.74 -34.89 55.30
N ASN B 37 -64.91 -34.52 54.79
CA ASN B 37 -65.58 -35.29 53.75
C ASN B 37 -65.60 -34.67 52.35
N ILE B 38 -66.18 -35.40 51.41
CA ILE B 38 -66.27 -34.96 50.03
C ILE B 38 -67.72 -34.71 49.66
N LEU B 39 -68.03 -33.51 49.18
CA LEU B 39 -69.39 -33.24 48.78
C LEU B 39 -69.58 -33.38 47.28
N VAL B 40 -70.83 -33.27 46.85
CA VAL B 40 -71.16 -33.32 45.42
C VAL B 40 -72.11 -32.13 45.24
N PHE B 41 -71.82 -31.28 44.27
CA PHE B 41 -72.61 -30.09 44.02
C PHE B 41 -73.38 -30.04 42.70
N ASN B 42 -74.56 -29.43 42.74
CA ASN B 42 -75.39 -29.29 41.53
C ASN B 42 -75.17 -27.89 40.94
N ALA B 43 -74.25 -27.81 39.99
CA ALA B 43 -73.91 -26.55 39.35
C ALA B 43 -75.08 -25.59 39.12
N GLU B 44 -76.24 -26.14 38.75
CA GLU B 44 -77.41 -25.31 38.47
C GLU B 44 -77.94 -24.60 39.72
N TYR B 45 -78.39 -25.40 40.69
CA TYR B 45 -78.96 -24.83 41.91
C TYR B 45 -77.96 -24.64 43.02
N GLY B 46 -76.98 -25.53 43.08
CA GLY B 46 -76.00 -25.44 44.13
C GLY B 46 -76.25 -26.42 45.26
N ASN B 47 -77.45 -27.00 45.30
CA ASN B 47 -77.74 -27.97 46.35
C ASN B 47 -76.58 -28.93 46.30
N SER B 48 -76.28 -29.52 47.45
CA SER B 48 -75.19 -30.46 47.58
C SER B 48 -75.54 -31.62 48.49
N SER B 49 -74.76 -32.69 48.34
CA SER B 49 -74.96 -33.89 49.14
C SER B 49 -73.59 -34.47 49.42
N VAL B 50 -73.45 -35.14 50.56
CA VAL B 50 -72.18 -35.77 50.90
C VAL B 50 -71.93 -36.96 49.97
N PHE B 51 -70.82 -36.94 49.25
CA PHE B 51 -70.49 -38.04 48.35
C PHE B 51 -69.97 -39.22 49.16
N LEU B 52 -69.12 -38.93 50.15
CA LEU B 52 -68.60 -39.96 51.04
C LEU B 52 -68.10 -39.32 52.34
N GLU B 53 -68.59 -39.87 53.45
CA GLU B 53 -68.29 -39.40 54.81
C GLU B 53 -66.81 -39.41 55.18
N ASN B 54 -66.39 -38.35 55.89
CA ASN B 54 -65.00 -38.22 56.33
C ASN B 54 -64.57 -39.41 57.20
N SER B 55 -65.54 -39.94 57.96
CA SER B 55 -65.28 -41.10 58.83
C SER B 55 -65.15 -42.43 58.05
N THR B 56 -65.78 -42.50 56.88
CA THR B 56 -65.74 -43.71 56.05
C THR B 56 -64.43 -44.51 56.12
N PHE B 57 -63.30 -43.82 56.21
CA PHE B 57 -62.03 -44.53 56.27
C PHE B 57 -61.26 -44.39 57.56
N ASP B 58 -61.98 -44.15 58.65
CA ASP B 58 -61.31 -43.98 59.94
C ASP B 58 -60.32 -45.10 60.22
N GLU B 59 -60.75 -46.35 60.10
CA GLU B 59 -59.84 -47.46 60.38
C GLU B 59 -59.25 -48.17 59.16
N PHE B 60 -58.83 -47.37 58.19
CA PHE B 60 -58.22 -47.89 56.97
C PHE B 60 -56.78 -48.30 57.29
N GLY B 61 -56.30 -47.85 58.45
CA GLY B 61 -54.96 -48.18 58.92
C GLY B 61 -53.84 -47.62 58.07
N HIS B 62 -54.12 -46.51 57.39
CA HIS B 62 -53.15 -45.87 56.53
C HIS B 62 -53.59 -44.45 56.22
N SER B 63 -52.66 -43.52 56.24
CA SER B 63 -52.98 -42.16 55.91
C SER B 63 -53.19 -42.11 54.37
N ILE B 64 -54.28 -41.49 53.96
CA ILE B 64 -54.61 -41.37 52.54
C ILE B 64 -54.34 -39.95 52.07
N ASN B 65 -53.32 -39.74 51.25
CA ASN B 65 -53.08 -38.38 50.81
C ASN B 65 -53.85 -38.05 49.55
N ASP B 66 -54.49 -39.04 48.94
CA ASP B 66 -55.26 -38.73 47.74
C ASP B 66 -56.25 -39.79 47.26
N TYR B 67 -57.37 -39.28 46.76
CA TYR B 67 -58.45 -40.09 46.24
C TYR B 67 -58.54 -39.85 44.73
N SER B 68 -59.21 -40.75 44.04
CA SER B 68 -59.40 -40.64 42.59
C SER B 68 -60.66 -41.43 42.29
N ILE B 69 -61.73 -40.74 41.91
CA ILE B 69 -63.02 -41.37 41.63
C ILE B 69 -63.23 -41.78 40.19
N SER B 70 -63.59 -43.04 39.96
CA SER B 70 -63.81 -43.52 38.59
C SER B 70 -64.82 -42.64 37.87
N PRO B 71 -64.66 -42.51 36.53
CA PRO B 71 -65.58 -41.70 35.72
C PRO B 71 -66.91 -42.43 35.72
N ASP B 72 -66.98 -43.43 36.60
CA ASP B 72 -68.16 -44.26 36.81
C ASP B 72 -68.93 -43.78 38.03
N GLY B 73 -68.20 -43.21 38.99
CA GLY B 73 -68.82 -42.78 40.21
C GLY B 73 -68.90 -44.06 41.04
N GLN B 74 -68.63 -45.18 40.36
CA GLN B 74 -68.68 -46.49 40.97
C GLN B 74 -67.51 -46.88 41.87
N PHE B 75 -66.36 -46.24 41.67
CA PHE B 75 -65.18 -46.60 42.46
C PHE B 75 -64.27 -45.44 42.90
N ILE B 76 -63.51 -45.68 43.96
CA ILE B 76 -62.59 -44.69 44.50
C ILE B 76 -61.19 -45.32 44.65
N LEU B 77 -60.22 -44.75 43.94
CA LEU B 77 -58.86 -45.23 44.03
C LEU B 77 -58.30 -44.51 45.27
N LEU B 78 -57.68 -45.25 46.18
CA LEU B 78 -57.13 -44.64 47.39
C LEU B 78 -55.62 -44.67 47.37
N GLU B 79 -55.01 -43.49 47.42
CA GLU B 79 -53.57 -43.43 47.40
C GLU B 79 -52.93 -43.23 48.78
N TYR B 80 -51.96 -44.07 49.11
CA TYR B 80 -51.22 -43.96 50.38
C TYR B 80 -49.77 -44.41 50.18
N ASN B 81 -48.94 -44.23 51.21
CA ASN B 81 -47.52 -44.59 51.15
C ASN B 81 -46.84 -43.80 50.04
N TYR B 82 -47.28 -42.56 49.88
CA TYR B 82 -46.75 -41.66 48.88
C TYR B 82 -45.27 -41.45 49.15
N VAL B 83 -44.46 -41.64 48.12
CA VAL B 83 -43.02 -41.47 48.23
C VAL B 83 -42.58 -40.68 47.02
N LYS B 84 -42.46 -39.36 47.20
CA LYS B 84 -42.07 -38.49 46.12
C LYS B 84 -40.73 -38.80 45.45
N GLN B 85 -40.66 -38.52 44.16
CA GLN B 85 -39.44 -38.72 43.42
C GLN B 85 -39.03 -37.36 42.86
N TRP B 86 -39.21 -37.19 41.55
CA TRP B 86 -38.84 -35.94 40.87
C TRP B 86 -39.99 -34.94 40.91
N ARG B 87 -39.95 -33.95 40.03
CA ARG B 87 -40.98 -32.91 40.02
C ARG B 87 -42.41 -33.41 39.91
N HIS B 88 -42.62 -34.49 39.17
CA HIS B 88 -43.96 -35.02 38.96
C HIS B 88 -44.13 -36.48 39.39
N SER B 89 -43.07 -37.26 39.17
CA SER B 89 -43.08 -38.67 39.50
C SER B 89 -43.07 -38.98 40.99
N TYR B 90 -43.60 -40.17 41.32
CA TYR B 90 -43.65 -40.65 42.69
C TYR B 90 -44.33 -42.00 42.66
N THR B 91 -44.17 -42.75 43.74
CA THR B 91 -44.78 -44.07 43.84
C THR B 91 -45.71 -44.10 45.02
N ALA B 92 -46.66 -45.03 45.00
CA ALA B 92 -47.60 -45.17 46.10
C ALA B 92 -48.28 -46.54 46.14
N SER B 93 -49.08 -46.75 47.17
CA SER B 93 -49.82 -47.99 47.30
C SER B 93 -51.24 -47.58 46.96
N TYR B 94 -52.02 -48.51 46.43
CA TYR B 94 -53.40 -48.20 46.09
C TYR B 94 -54.39 -49.32 46.46
N ASP B 95 -55.56 -48.89 46.94
CA ASP B 95 -56.64 -49.78 47.30
C ASP B 95 -57.85 -49.18 46.61
N ILE B 96 -58.71 -50.03 46.08
CA ILE B 96 -59.90 -49.56 45.43
C ILE B 96 -61.11 -49.86 46.30
N TYR B 97 -61.91 -48.84 46.54
CA TYR B 97 -63.09 -48.97 47.38
C TYR B 97 -64.33 -48.94 46.48
N ASP B 98 -65.21 -49.92 46.66
CA ASP B 98 -66.44 -50.05 45.88
C ASP B 98 -67.57 -49.18 46.49
N LEU B 99 -68.05 -48.20 45.75
CA LEU B 99 -69.11 -47.35 46.27
C LEU B 99 -70.45 -48.04 46.19
N ASN B 100 -70.50 -49.12 45.42
CA ASN B 100 -71.75 -49.88 45.27
C ASN B 100 -71.98 -50.62 46.59
N LYS B 101 -71.22 -51.70 46.78
CA LYS B 101 -71.30 -52.52 47.97
C LYS B 101 -70.56 -51.92 49.17
N ARG B 102 -70.00 -50.71 49.01
CA ARG B 102 -69.24 -50.02 50.07
C ARG B 102 -68.28 -51.00 50.74
N GLN B 103 -67.52 -51.71 49.93
CA GLN B 103 -66.59 -52.72 50.42
C GLN B 103 -65.20 -52.41 49.88
N LEU B 104 -64.17 -52.68 50.68
CA LEU B 104 -62.83 -52.45 50.21
C LEU B 104 -62.53 -53.70 49.40
N ILE B 105 -62.20 -53.53 48.13
CA ILE B 105 -61.87 -54.68 47.29
C ILE B 105 -60.53 -55.18 47.78
N THR B 106 -60.45 -56.49 48.04
CA THR B 106 -59.21 -57.06 48.57
C THR B 106 -58.49 -58.04 47.65
N GLU B 107 -59.17 -58.53 46.63
CA GLU B 107 -58.50 -59.46 45.73
C GLU B 107 -57.83 -58.74 44.60
N GLU B 108 -56.84 -59.41 44.02
CA GLU B 108 -56.08 -58.87 42.92
C GLU B 108 -55.86 -57.37 43.06
N ARG B 109 -55.38 -56.92 44.22
CA ARG B 109 -55.15 -55.48 44.41
C ARG B 109 -53.91 -55.00 43.63
N ILE B 110 -53.80 -53.68 43.48
CA ILE B 110 -52.68 -53.07 42.78
C ILE B 110 -51.41 -53.23 43.63
N PRO B 111 -50.26 -53.47 42.98
CA PRO B 111 -48.98 -53.66 43.67
C PRO B 111 -48.54 -52.43 44.44
N ASN B 112 -47.65 -52.61 45.40
CA ASN B 112 -47.13 -51.47 46.14
C ASN B 112 -46.06 -50.92 45.20
N ASN B 113 -45.60 -49.70 45.44
CA ASN B 113 -44.56 -49.09 44.62
C ASN B 113 -45.02 -48.90 43.18
N THR B 114 -46.32 -48.72 43.00
CA THR B 114 -46.87 -48.50 41.69
C THR B 114 -46.47 -47.08 41.30
N GLN B 115 -45.97 -46.93 40.09
CA GLN B 115 -45.49 -45.64 39.62
C GLN B 115 -46.61 -44.72 39.13
N TRP B 116 -47.59 -45.30 38.46
CA TRP B 116 -48.71 -44.54 37.94
C TRP B 116 -49.98 -45.37 37.73
N VAL B 117 -51.11 -44.79 38.13
CA VAL B 117 -52.40 -45.45 37.97
C VAL B 117 -53.34 -44.45 37.35
N THR B 118 -54.26 -44.94 36.51
CA THR B 118 -55.23 -44.06 35.88
C THR B 118 -56.44 -44.81 35.33
N TRP B 119 -57.62 -44.23 35.58
CA TRP B 119 -58.88 -44.80 35.11
C TRP B 119 -58.99 -44.51 33.64
N SER B 120 -59.92 -45.20 32.99
CA SER B 120 -60.17 -44.96 31.58
C SER B 120 -61.06 -43.72 31.62
N PRO B 121 -61.26 -43.07 30.47
CA PRO B 121 -62.09 -41.85 30.42
C PRO B 121 -63.59 -42.05 30.72
N VAL B 122 -64.08 -43.28 30.57
CA VAL B 122 -65.51 -43.51 30.80
C VAL B 122 -65.97 -44.54 31.82
N GLY B 123 -65.47 -45.76 31.74
CA GLY B 123 -65.93 -46.77 32.68
C GLY B 123 -65.28 -46.73 34.04
N HIS B 124 -64.67 -47.87 34.37
CA HIS B 124 -63.94 -48.05 35.62
C HIS B 124 -62.77 -48.99 35.35
N LYS B 125 -62.16 -48.83 34.17
CA LYS B 125 -60.98 -49.60 33.79
C LYS B 125 -59.76 -48.97 34.48
N LEU B 126 -58.70 -49.74 34.63
CA LEU B 126 -57.47 -49.28 35.26
C LEU B 126 -56.24 -49.69 34.47
N ALA B 127 -55.27 -48.79 34.41
CA ALA B 127 -54.02 -49.03 33.72
C ALA B 127 -52.99 -48.52 34.72
N TYR B 128 -52.02 -49.35 35.07
CA TYR B 128 -51.02 -48.88 36.01
C TYR B 128 -49.63 -49.34 35.58
N VAL B 129 -48.60 -48.67 36.09
CA VAL B 129 -47.24 -49.02 35.77
C VAL B 129 -46.57 -49.45 37.07
N TRP B 130 -45.84 -50.56 37.02
CA TRP B 130 -45.18 -51.10 38.19
C TRP B 130 -43.94 -51.80 37.66
N ASN B 131 -42.77 -51.34 38.10
CA ASN B 131 -41.52 -51.91 37.62
C ASN B 131 -41.38 -51.59 36.14
N ASN B 132 -41.72 -50.36 35.78
CA ASN B 132 -41.63 -49.90 34.39
C ASN B 132 -42.47 -50.67 33.37
N ASP B 133 -43.42 -51.46 33.85
CA ASP B 133 -44.30 -52.18 32.94
C ASP B 133 -45.73 -51.72 33.07
N ILE B 134 -46.49 -51.91 31.99
CA ILE B 134 -47.88 -51.50 31.94
C ILE B 134 -48.85 -52.64 32.17
N TYR B 135 -49.79 -52.42 33.07
CA TYR B 135 -50.79 -53.43 33.38
C TYR B 135 -52.17 -52.81 33.20
N VAL B 136 -53.14 -53.63 32.80
CA VAL B 136 -54.50 -53.15 32.63
C VAL B 136 -55.48 -53.98 33.47
N LYS B 137 -56.43 -53.30 34.10
CA LYS B 137 -57.40 -53.97 34.94
C LYS B 137 -58.83 -53.63 34.51
N ILE B 138 -59.39 -54.47 33.65
CA ILE B 138 -60.73 -54.25 33.17
C ILE B 138 -61.78 -54.21 34.29
N GLU B 139 -61.49 -54.82 35.44
CA GLU B 139 -62.41 -54.75 36.58
C GLU B 139 -61.62 -54.56 37.89
N PRO B 140 -62.06 -53.63 38.74
CA PRO B 140 -61.40 -53.35 40.02
C PRO B 140 -61.00 -54.58 40.81
N ASN B 141 -61.79 -55.63 40.70
CA ASN B 141 -61.49 -56.87 41.43
C ASN B 141 -60.94 -58.02 40.59
N LEU B 142 -60.73 -57.81 39.29
CA LEU B 142 -60.21 -58.89 38.46
C LEU B 142 -58.69 -58.92 38.26
N PRO B 143 -58.15 -60.09 37.90
CA PRO B 143 -56.70 -60.23 37.69
C PRO B 143 -56.25 -59.19 36.70
N SER B 144 -55.01 -58.77 36.85
CA SER B 144 -54.42 -57.76 36.00
C SER B 144 -53.96 -58.33 34.64
N TYR B 145 -53.67 -57.44 33.68
CA TYR B 145 -53.19 -57.83 32.35
C TYR B 145 -51.85 -57.18 32.01
N ARG B 146 -50.83 -58.00 31.79
CA ARG B 146 -49.50 -57.47 31.45
C ARG B 146 -49.50 -57.02 30.01
N ILE B 147 -49.26 -55.74 29.82
CA ILE B 147 -49.24 -55.21 28.49
C ILE B 147 -47.84 -55.21 27.93
N THR B 148 -46.89 -54.90 28.81
CA THR B 148 -45.50 -54.78 28.43
C THR B 148 -44.62 -55.71 29.26
N TRP B 149 -43.50 -56.14 28.69
CA TRP B 149 -42.57 -57.06 29.37
C TRP B 149 -41.10 -56.62 29.32
N THR B 150 -40.85 -55.48 28.68
CA THR B 150 -39.50 -54.98 28.53
C THR B 150 -39.01 -54.02 29.61
N GLY B 151 -39.83 -53.75 30.62
CA GLY B 151 -39.43 -52.84 31.67
C GLY B 151 -38.16 -53.22 32.42
N LYS B 152 -37.27 -52.25 32.60
CA LYS B 152 -36.02 -52.47 33.32
C LYS B 152 -35.62 -51.16 33.97
N GLU B 153 -35.60 -51.14 35.30
CA GLU B 153 -35.27 -49.94 36.05
C GLU B 153 -34.11 -49.17 35.45
N ASP B 154 -34.33 -47.86 35.32
CA ASP B 154 -33.34 -46.94 34.78
C ASP B 154 -32.93 -47.18 33.34
N ILE B 155 -33.48 -48.19 32.70
CA ILE B 155 -33.09 -48.43 31.32
C ILE B 155 -34.29 -48.31 30.38
N ILE B 156 -35.31 -49.12 30.63
CA ILE B 156 -36.47 -49.13 29.79
C ILE B 156 -37.74 -48.76 30.53
N TYR B 157 -38.36 -47.66 30.09
CA TYR B 157 -39.59 -47.14 30.68
C TYR B 157 -40.81 -47.39 29.79
N ASN B 158 -41.83 -48.00 30.36
CA ASN B 158 -43.06 -48.29 29.65
C ASN B 158 -44.24 -47.58 30.29
N GLY B 159 -44.86 -46.66 29.56
CA GLY B 159 -46.01 -45.97 30.10
C GLY B 159 -45.68 -44.84 31.04
N ILE B 160 -44.40 -44.70 31.41
CA ILE B 160 -43.96 -43.61 32.28
C ILE B 160 -42.74 -43.02 31.62
N THR B 161 -42.51 -41.73 31.84
CA THR B 161 -41.37 -41.01 31.27
C THR B 161 -40.09 -41.13 32.08
N ASP B 162 -38.96 -40.84 31.44
CA ASP B 162 -37.68 -40.89 32.15
C ASP B 162 -37.45 -39.47 32.71
N TRP B 163 -36.31 -39.21 33.33
CA TRP B 163 -36.11 -37.90 33.92
C TRP B 163 -36.36 -36.70 33.02
N VAL B 164 -35.73 -36.67 31.87
CA VAL B 164 -35.87 -35.53 30.99
C VAL B 164 -37.26 -35.40 30.34
N TYR B 165 -37.86 -36.49 29.90
CA TYR B 165 -39.18 -36.36 29.29
C TYR B 165 -40.17 -35.87 30.32
N GLU B 166 -40.00 -36.29 31.57
CA GLU B 166 -40.89 -35.87 32.65
C GLU B 166 -40.81 -34.38 32.91
N GLU B 167 -39.58 -33.92 33.16
CA GLU B 167 -39.29 -32.54 33.47
C GLU B 167 -39.39 -31.59 32.30
N GLU B 168 -38.92 -32.02 31.13
CA GLU B 168 -38.88 -31.15 29.97
C GLU B 168 -39.98 -31.14 28.92
N VAL B 169 -40.41 -32.31 28.47
CA VAL B 169 -41.43 -32.34 27.43
C VAL B 169 -42.85 -32.65 27.82
N PHE B 170 -43.09 -33.64 28.69
CA PHE B 170 -44.46 -33.94 29.08
C PHE B 170 -44.92 -33.28 30.35
N SER B 171 -43.96 -32.90 31.19
CA SER B 171 -44.25 -32.26 32.46
C SER B 171 -45.17 -33.15 33.27
N ALA B 172 -44.96 -34.46 33.12
CA ALA B 172 -45.73 -35.47 33.80
C ALA B 172 -44.91 -36.75 33.86
N TYR B 173 -45.27 -37.65 34.77
CA TYR B 173 -44.57 -38.90 34.92
C TYR B 173 -45.21 -39.88 33.95
N SER B 174 -46.52 -39.75 33.83
CA SER B 174 -47.32 -40.61 32.97
C SER B 174 -47.06 -40.46 31.48
N ALA B 175 -46.91 -41.60 30.81
CA ALA B 175 -46.67 -41.65 29.37
C ALA B 175 -47.64 -42.63 28.73
N LEU B 176 -48.89 -42.60 29.20
CA LEU B 176 -49.93 -43.45 28.63
C LEU B 176 -51.18 -42.60 28.40
N TRP B 177 -51.89 -42.89 27.31
CA TRP B 177 -53.05 -42.12 26.91
C TRP B 177 -54.23 -42.98 26.45
N TRP B 178 -55.28 -43.04 27.27
CA TRP B 178 -56.49 -43.81 26.92
C TRP B 178 -57.21 -43.10 25.77
N SER B 179 -57.99 -43.85 25.00
CA SER B 179 -58.76 -43.26 23.90
C SER B 179 -60.08 -42.77 24.48
N PRO B 180 -60.81 -41.90 23.76
CA PRO B 180 -62.08 -41.39 24.28
C PRO B 180 -62.98 -42.37 25.05
N ASN B 181 -63.26 -43.54 24.48
CA ASN B 181 -64.15 -44.51 25.14
C ASN B 181 -63.48 -45.69 25.87
N GLY B 182 -62.20 -45.51 26.19
CA GLY B 182 -61.46 -46.53 26.91
C GLY B 182 -61.10 -47.77 26.11
N THR B 183 -61.55 -47.84 24.87
CA THR B 183 -61.23 -49.02 24.07
C THR B 183 -59.73 -49.23 23.87
N PHE B 184 -59.05 -48.19 23.39
CA PHE B 184 -57.60 -48.25 23.14
C PHE B 184 -56.76 -47.57 24.22
N LEU B 185 -55.53 -48.07 24.39
CA LEU B 185 -54.59 -47.51 25.35
C LEU B 185 -53.28 -47.32 24.62
N ALA B 186 -52.92 -46.06 24.41
CA ALA B 186 -51.67 -45.71 23.73
C ALA B 186 -50.64 -45.46 24.81
N TYR B 187 -49.38 -45.72 24.51
CA TYR B 187 -48.34 -45.48 25.47
C TYR B 187 -47.03 -45.27 24.78
N ALA B 188 -46.10 -44.63 25.48
CA ALA B 188 -44.77 -44.40 24.94
C ALA B 188 -43.80 -45.30 25.69
N GLN B 189 -42.67 -45.60 25.05
CA GLN B 189 -41.62 -46.42 25.65
C GLN B 189 -40.33 -45.67 25.45
N PHE B 190 -39.63 -45.44 26.55
CA PHE B 190 -38.37 -44.73 26.52
C PHE B 190 -37.24 -45.71 26.84
N ASN B 191 -36.11 -45.52 26.15
CA ASN B 191 -34.93 -46.35 26.34
C ASN B 191 -33.78 -45.46 26.75
N ASP B 192 -33.32 -45.60 27.98
CA ASP B 192 -32.21 -44.80 28.47
C ASP B 192 -30.88 -45.53 28.50
N THR B 193 -30.84 -46.67 27.84
CA THR B 193 -29.65 -47.50 27.78
C THR B 193 -28.33 -46.71 27.69
N GLU B 194 -28.19 -45.83 26.72
CA GLU B 194 -26.94 -45.10 26.57
C GLU B 194 -26.90 -43.66 27.07
N VAL B 195 -27.79 -43.35 27.99
CA VAL B 195 -27.85 -42.02 28.55
C VAL B 195 -26.89 -41.97 29.73
N PRO B 196 -25.97 -41.00 29.75
CA PRO B 196 -25.02 -40.92 30.86
C PRO B 196 -25.77 -40.71 32.15
N LEU B 197 -25.15 -41.09 33.26
CA LEU B 197 -25.77 -40.95 34.57
C LEU B 197 -25.21 -39.77 35.37
N ILE B 198 -26.08 -39.15 36.17
CA ILE B 198 -25.64 -38.09 37.04
C ILE B 198 -25.58 -38.76 38.41
N GLU B 199 -24.50 -38.56 39.13
CA GLU B 199 -24.37 -39.18 40.43
C GLU B 199 -24.09 -38.16 41.53
N TYR B 200 -24.80 -38.27 42.63
CA TYR B 200 -24.52 -37.37 43.74
C TYR B 200 -24.87 -38.08 45.04
N SER B 201 -24.30 -37.59 46.14
CA SER B 201 -24.53 -38.19 47.43
C SER B 201 -25.84 -37.77 48.06
N PHE B 202 -26.41 -38.70 48.81
CA PHE B 202 -27.63 -38.46 49.56
C PHE B 202 -27.26 -38.94 50.94
N TYR B 203 -27.25 -38.04 51.90
CA TYR B 203 -26.82 -38.42 53.25
C TYR B 203 -27.88 -39.06 54.15
N SER B 204 -29.15 -38.78 53.85
CA SER B 204 -30.27 -39.35 54.58
C SER B 204 -30.20 -39.10 56.08
N ASP B 205 -30.88 -39.94 56.85
CA ASP B 205 -30.90 -39.79 58.29
C ASP B 205 -29.54 -39.95 58.92
N GLU B 206 -29.35 -39.22 60.01
CA GLU B 206 -28.13 -39.24 60.78
C GLU B 206 -27.62 -40.67 60.97
N SER B 207 -28.53 -41.62 61.19
CA SER B 207 -28.16 -43.00 61.41
C SER B 207 -27.53 -43.71 60.20
N LEU B 208 -27.67 -43.12 59.02
CA LEU B 208 -27.09 -43.70 57.81
C LEU B 208 -25.58 -43.53 57.93
N GLN B 209 -24.87 -44.62 58.13
CA GLN B 209 -23.42 -44.58 58.29
C GLN B 209 -22.66 -44.16 57.03
N TYR B 210 -23.01 -44.77 55.91
CA TYR B 210 -22.36 -44.42 54.66
C TYR B 210 -23.35 -43.74 53.75
N PRO B 211 -22.98 -42.56 53.22
CA PRO B 211 -23.88 -41.84 52.31
C PRO B 211 -24.14 -42.72 51.10
N LYS B 212 -25.31 -42.59 50.49
CA LYS B 212 -25.60 -43.38 49.32
C LYS B 212 -25.40 -42.53 48.08
N THR B 213 -25.06 -43.18 46.99
CA THR B 213 -24.86 -42.47 45.74
C THR B 213 -26.09 -42.64 44.88
N VAL B 214 -26.79 -41.54 44.63
CA VAL B 214 -27.97 -41.58 43.79
C VAL B 214 -27.48 -41.40 42.35
N ARG B 215 -27.97 -42.24 41.45
CA ARG B 215 -27.58 -42.12 40.07
C ARG B 215 -28.79 -42.24 39.18
N VAL B 216 -28.98 -41.24 38.33
CA VAL B 216 -30.13 -41.23 37.44
C VAL B 216 -29.72 -40.89 36.03
N PRO B 217 -30.37 -41.53 35.03
CA PRO B 217 -30.07 -41.29 33.61
C PRO B 217 -30.46 -39.84 33.29
N TYR B 218 -29.47 -39.03 32.96
CA TYR B 218 -29.71 -37.62 32.70
C TYR B 218 -28.81 -37.13 31.57
N PRO B 219 -29.39 -36.79 30.41
CA PRO B 219 -28.58 -36.31 29.30
C PRO B 219 -28.31 -34.82 29.40
N LYS B 220 -27.04 -34.45 29.51
CA LYS B 220 -26.67 -33.04 29.61
C LYS B 220 -26.50 -32.55 28.19
N ALA B 221 -26.44 -31.24 27.98
CA ALA B 221 -26.32 -30.72 26.64
C ALA B 221 -25.32 -31.44 25.73
N GLY B 222 -25.83 -31.95 24.62
CA GLY B 222 -24.98 -32.62 23.65
C GLY B 222 -24.79 -34.11 23.88
N ALA B 223 -25.18 -34.59 25.05
CA ALA B 223 -25.03 -35.99 25.39
C ALA B 223 -26.03 -36.83 24.61
N VAL B 224 -25.93 -38.14 24.80
CA VAL B 224 -26.80 -39.11 24.13
C VAL B 224 -28.18 -39.09 24.75
N ASN B 225 -29.19 -38.89 23.93
CA ASN B 225 -30.55 -38.85 24.44
C ASN B 225 -31.26 -40.18 24.51
N PRO B 226 -32.38 -40.23 25.26
CA PRO B 226 -33.09 -41.49 25.32
C PRO B 226 -33.79 -41.62 23.98
N THR B 227 -34.21 -42.81 23.61
CA THR B 227 -34.91 -42.97 22.36
C THR B 227 -36.34 -43.30 22.74
N VAL B 228 -37.26 -43.06 21.80
CA VAL B 228 -38.67 -43.29 22.08
C VAL B 228 -39.40 -44.14 21.05
N LYS B 229 -40.45 -44.83 21.50
CA LYS B 229 -41.28 -45.66 20.64
C LYS B 229 -42.74 -45.49 21.08
N PHE B 230 -43.67 -45.58 20.14
CA PHE B 230 -45.09 -45.43 20.47
C PHE B 230 -45.87 -46.70 20.17
N PHE B 231 -46.82 -47.03 21.05
CA PHE B 231 -47.63 -48.22 20.88
C PHE B 231 -49.08 -47.97 21.25
N VAL B 232 -49.98 -48.70 20.59
CA VAL B 232 -51.42 -48.61 20.83
C VAL B 232 -51.94 -50.03 20.94
N VAL B 233 -52.47 -50.37 22.11
CA VAL B 233 -53.01 -51.69 22.35
C VAL B 233 -54.53 -51.59 22.49
N ASN B 234 -55.21 -52.70 22.25
CA ASN B 234 -56.66 -52.76 22.33
C ASN B 234 -57.09 -53.45 23.63
N THR B 235 -57.47 -52.65 24.61
CA THR B 235 -57.87 -53.22 25.89
C THR B 235 -59.16 -53.99 25.84
N ASP B 236 -59.60 -54.36 24.65
CA ASP B 236 -60.83 -55.14 24.52
C ASP B 236 -60.54 -56.51 23.94
N SER B 237 -59.43 -56.63 23.23
CA SER B 237 -59.04 -57.91 22.63
C SER B 237 -57.89 -58.51 23.42
N LEU B 238 -58.03 -58.58 24.74
CA LEU B 238 -56.96 -59.11 25.55
C LEU B 238 -57.45 -60.24 26.41
N SER B 239 -56.87 -61.40 26.15
CA SER B 239 -57.21 -62.68 26.79
C SER B 239 -57.01 -62.85 28.29
N SER B 240 -55.91 -63.52 28.65
CA SER B 240 -55.53 -63.83 30.04
C SER B 240 -54.60 -65.04 29.91
N VAL B 241 -54.28 -65.36 28.66
CA VAL B 241 -53.43 -66.49 28.34
C VAL B 241 -52.43 -66.00 27.29
N THR B 242 -52.91 -65.09 26.44
CA THR B 242 -52.11 -64.50 25.37
C THR B 242 -51.37 -63.25 25.89
N ASN B 243 -50.32 -62.87 25.17
CA ASN B 243 -49.58 -61.69 25.53
C ASN B 243 -50.22 -60.61 24.66
N ALA B 244 -50.81 -59.60 25.30
CA ALA B 244 -51.46 -58.51 24.58
C ALA B 244 -50.57 -57.99 23.47
N THR B 245 -51.14 -57.78 22.29
CA THR B 245 -50.34 -57.26 21.19
C THR B 245 -50.44 -55.76 21.07
N SER B 246 -49.29 -55.11 21.18
CA SER B 246 -49.19 -53.67 21.10
C SER B 246 -48.74 -53.30 19.71
N ILE B 247 -49.59 -52.59 18.98
CA ILE B 247 -49.26 -52.15 17.63
C ILE B 247 -48.43 -50.88 17.69
N GLN B 248 -47.25 -50.90 17.09
CA GLN B 248 -46.35 -49.76 17.08
C GLN B 248 -46.65 -48.79 15.94
N ILE B 249 -46.58 -47.51 16.26
CA ILE B 249 -46.78 -46.43 15.29
C ILE B 249 -45.39 -45.81 15.25
N THR B 250 -44.74 -45.87 14.10
CA THR B 250 -43.39 -45.36 13.99
C THR B 250 -43.31 -44.03 13.25
N ALA B 251 -42.18 -43.88 12.56
CA ALA B 251 -41.88 -42.73 11.73
C ALA B 251 -42.16 -41.43 12.45
N PRO B 252 -42.31 -40.31 11.72
CA PRO B 252 -42.26 -40.07 10.26
C PRO B 252 -40.84 -40.20 9.76
N ALA B 253 -40.66 -40.26 8.45
CA ALA B 253 -39.33 -40.38 7.89
C ALA B 253 -38.52 -39.13 8.17
N SER B 254 -39.14 -37.96 8.00
CA SER B 254 -38.45 -36.70 8.24
C SER B 254 -37.97 -36.55 9.68
N MET B 255 -38.32 -37.51 10.53
CA MET B 255 -37.92 -37.49 11.93
C MET B 255 -36.95 -38.65 12.25
N LEU B 256 -37.14 -39.78 11.57
CA LEU B 256 -36.30 -40.95 11.78
C LEU B 256 -34.90 -40.71 11.25
N ILE B 257 -34.73 -39.73 10.38
CA ILE B 257 -33.40 -39.48 9.85
C ILE B 257 -32.39 -39.22 10.95
N GLY B 258 -32.82 -38.69 12.09
CA GLY B 258 -31.87 -38.45 13.15
C GLY B 258 -32.49 -38.41 14.53
N ASP B 259 -31.78 -37.81 15.48
CA ASP B 259 -32.29 -37.70 16.84
C ASP B 259 -33.60 -36.90 16.87
N HIS B 260 -34.63 -37.48 17.48
CA HIS B 260 -35.94 -36.83 17.57
C HIS B 260 -36.60 -37.06 18.93
N TYR B 261 -37.73 -36.40 19.17
CA TYR B 261 -38.49 -36.53 20.42
C TYR B 261 -39.97 -36.75 20.08
N LEU B 262 -40.71 -37.26 21.06
CA LEU B 262 -42.17 -37.44 20.94
C LEU B 262 -42.64 -36.32 21.85
N CYS B 263 -43.24 -35.29 21.29
CA CYS B 263 -43.65 -34.14 22.10
C CYS B 263 -45.12 -33.92 22.35
N ASP B 264 -45.97 -34.83 21.89
CA ASP B 264 -47.40 -34.65 22.10
C ASP B 264 -48.24 -35.80 21.54
N VAL B 265 -49.27 -36.19 22.27
CA VAL B 265 -50.17 -37.23 21.78
C VAL B 265 -51.56 -36.82 22.21
N THR B 266 -52.44 -36.67 21.24
CA THR B 266 -53.79 -36.27 21.53
C THR B 266 -54.72 -37.08 20.64
N TRP B 267 -55.69 -37.77 21.26
CA TRP B 267 -56.66 -38.57 20.51
C TRP B 267 -57.64 -37.68 19.76
N ALA B 268 -57.94 -38.03 18.52
CA ALA B 268 -58.88 -37.26 17.72
C ALA B 268 -60.27 -37.82 17.94
N THR B 269 -60.44 -39.11 17.63
CA THR B 269 -61.72 -39.79 17.80
C THR B 269 -61.56 -41.16 18.46
N GLN B 270 -62.61 -41.97 18.40
CA GLN B 270 -62.58 -43.31 19.01
C GLN B 270 -61.54 -44.21 18.36
N GLU B 271 -61.21 -43.87 17.13
CA GLU B 271 -60.25 -44.64 16.35
C GLU B 271 -59.17 -43.82 15.68
N ARG B 272 -59.11 -42.53 15.96
CA ARG B 272 -58.08 -41.68 15.37
C ARG B 272 -57.26 -40.97 16.43
N ILE B 273 -55.94 -40.99 16.28
CA ILE B 273 -55.06 -40.36 17.25
C ILE B 273 -53.95 -39.57 16.56
N SER B 274 -53.57 -38.46 17.17
CA SER B 274 -52.53 -37.62 16.58
C SER B 274 -51.31 -37.57 17.48
N LEU B 275 -50.15 -37.60 16.84
CA LEU B 275 -48.87 -37.55 17.50
C LEU B 275 -48.12 -36.37 16.94
N GLN B 276 -47.29 -35.75 17.75
CA GLN B 276 -46.47 -34.64 17.30
C GLN B 276 -45.02 -35.00 17.59
N TRP B 277 -44.18 -34.98 16.55
CA TRP B 277 -42.78 -35.31 16.74
C TRP B 277 -41.92 -34.08 16.57
N LEU B 278 -40.78 -34.05 17.26
CA LEU B 278 -39.87 -32.91 17.20
C LEU B 278 -38.41 -33.36 17.03
N ARG B 279 -37.71 -32.80 16.05
CA ARG B 279 -36.30 -33.14 15.83
C ARG B 279 -35.48 -32.66 17.00
N ARG B 280 -34.30 -33.23 17.20
CA ARG B 280 -33.48 -32.78 18.33
C ARG B 280 -33.20 -31.28 18.17
N ILE B 281 -33.00 -30.82 16.94
CA ILE B 281 -32.83 -29.40 16.70
C ILE B 281 -34.30 -29.00 16.63
N GLN B 282 -34.81 -28.47 17.73
CA GLN B 282 -36.21 -28.10 17.88
C GLN B 282 -36.71 -26.98 17.00
N ASN B 283 -36.24 -27.03 15.75
CA ASN B 283 -36.54 -26.10 14.68
C ASN B 283 -37.77 -26.60 13.90
N TYR B 284 -37.80 -27.91 13.68
CA TYR B 284 -38.79 -28.60 12.85
C TYR B 284 -39.60 -29.68 13.59
N SER B 285 -40.93 -29.56 13.57
CA SER B 285 -41.79 -30.55 14.21
C SER B 285 -42.84 -31.09 13.24
N VAL B 286 -43.13 -32.39 13.33
CA VAL B 286 -44.10 -33.03 12.43
C VAL B 286 -45.24 -33.67 13.20
N MET B 287 -46.47 -33.40 12.77
CA MET B 287 -47.64 -34.00 13.39
C MET B 287 -48.24 -35.03 12.45
N ASP B 288 -48.40 -36.25 12.93
CA ASP B 288 -48.98 -37.33 12.14
C ASP B 288 -50.36 -37.59 12.68
N ILE B 289 -51.26 -38.04 11.82
CA ILE B 289 -52.60 -38.36 12.25
C ILE B 289 -52.88 -39.76 11.76
N CYS B 290 -53.06 -40.67 12.71
CA CYS B 290 -53.28 -42.07 12.41
C CYS B 290 -54.67 -42.59 12.72
N ASP B 291 -55.17 -43.42 11.81
CA ASP B 291 -56.48 -44.07 11.91
C ASP B 291 -56.29 -45.55 12.16
N TYR B 292 -57.21 -46.16 12.88
CA TYR B 292 -57.13 -47.58 13.17
C TYR B 292 -57.78 -48.34 12.04
N ASP B 293 -56.99 -49.19 11.38
CA ASP B 293 -57.49 -49.99 10.26
C ASP B 293 -58.30 -51.23 10.71
N GLU B 294 -59.62 -51.08 10.70
CA GLU B 294 -60.59 -52.10 11.12
C GLU B 294 -60.24 -53.57 10.90
N SER B 295 -59.94 -53.93 9.65
CA SER B 295 -59.63 -55.32 9.30
C SER B 295 -58.16 -55.58 9.06
N SER B 296 -57.33 -55.00 9.93
CA SER B 296 -55.88 -55.17 9.84
C SER B 296 -55.26 -54.95 11.23
N GLY B 297 -56.07 -54.42 12.13
CA GLY B 297 -55.60 -54.18 13.48
C GLY B 297 -54.55 -53.09 13.57
N ARG B 298 -53.74 -52.90 12.52
CA ARG B 298 -52.70 -51.88 12.59
C ARG B 298 -53.20 -50.45 12.51
N TRP B 299 -52.26 -49.51 12.60
CA TRP B 299 -52.61 -48.10 12.53
C TRP B 299 -51.95 -47.46 11.33
N ASN B 300 -52.65 -46.56 10.65
CA ASN B 300 -52.07 -45.91 9.50
C ASN B 300 -52.10 -44.42 9.60
N CYS B 301 -50.91 -43.84 9.52
CA CYS B 301 -50.77 -42.40 9.58
C CYS B 301 -50.54 -42.03 8.17
N LEU B 302 -51.55 -41.46 7.52
CA LEU B 302 -51.40 -41.08 6.14
C LEU B 302 -50.53 -39.84 5.96
N VAL B 303 -49.59 -39.92 5.04
CA VAL B 303 -48.76 -38.76 4.73
C VAL B 303 -49.89 -37.94 4.15
N ALA B 304 -49.72 -36.64 3.95
CA ALA B 304 -50.84 -35.86 3.41
C ALA B 304 -51.77 -35.49 4.54
N ARG B 305 -51.75 -36.27 5.62
CA ARG B 305 -52.61 -35.95 6.72
C ARG B 305 -51.72 -35.42 7.85
N GLN B 306 -50.46 -35.19 7.52
CA GLN B 306 -49.51 -34.69 8.49
C GLN B 306 -49.16 -33.25 8.26
N HIS B 307 -48.89 -32.52 9.35
CA HIS B 307 -48.59 -31.10 9.26
C HIS B 307 -47.26 -30.73 9.86
N ILE B 308 -46.48 -29.98 9.11
CA ILE B 308 -45.17 -29.55 9.55
C ILE B 308 -45.25 -28.19 10.26
N GLU B 309 -44.63 -28.07 11.42
CA GLU B 309 -44.65 -26.81 12.13
C GLU B 309 -43.18 -26.46 12.42
N MET B 310 -42.68 -25.42 11.78
CA MET B 310 -41.30 -25.03 11.98
C MET B 310 -41.15 -23.56 12.31
N SER B 311 -39.91 -23.11 12.40
CA SER B 311 -39.60 -21.73 12.71
C SER B 311 -38.23 -21.32 12.23
N THR B 312 -38.16 -20.15 11.61
CA THR B 312 -36.87 -19.68 11.12
C THR B 312 -36.22 -18.71 12.10
N THR B 313 -37.02 -18.14 13.01
CA THR B 313 -36.51 -17.20 14.00
C THR B 313 -36.11 -17.88 15.29
N GLY B 314 -36.79 -18.96 15.64
CA GLY B 314 -36.47 -19.67 16.86
C GLY B 314 -36.91 -21.12 16.91
N TRP B 315 -37.30 -21.59 18.10
CA TRP B 315 -37.74 -22.97 18.28
C TRP B 315 -39.25 -23.03 18.09
N VAL B 316 -39.83 -24.23 18.08
CA VAL B 316 -41.26 -24.38 17.89
C VAL B 316 -42.00 -24.46 19.22
N GLY B 317 -43.05 -23.66 19.38
CA GLY B 317 -43.82 -23.68 20.61
C GLY B 317 -43.23 -22.85 21.73
N ARG B 318 -44.04 -22.49 22.70
CA ARG B 318 -43.51 -21.73 23.83
C ARG B 318 -42.49 -22.62 24.54
N PHE B 319 -42.89 -23.86 24.80
CA PHE B 319 -42.00 -24.85 25.41
C PHE B 319 -42.03 -26.13 24.56
N ARG B 320 -43.21 -26.55 24.14
CA ARG B 320 -43.33 -27.69 23.25
C ARG B 320 -44.42 -27.26 22.29
N PRO B 321 -44.40 -27.79 21.06
CA PRO B 321 -45.44 -27.39 20.11
C PRO B 321 -46.85 -27.53 20.71
N SER B 322 -47.72 -26.58 20.43
CA SER B 322 -49.07 -26.58 20.98
C SER B 322 -49.85 -27.90 20.84
N GLU B 323 -50.93 -28.01 21.61
CA GLU B 323 -51.83 -29.18 21.58
C GLU B 323 -52.99 -28.92 20.61
N PRO B 324 -53.28 -29.89 19.74
CA PRO B 324 -54.38 -29.75 18.77
C PRO B 324 -55.70 -30.02 19.47
N HIS B 325 -56.76 -29.37 19.00
CA HIS B 325 -58.09 -29.56 19.55
C HIS B 325 -59.01 -29.96 18.40
N PHE B 326 -59.39 -31.24 18.38
CA PHE B 326 -60.23 -31.75 17.30
C PHE B 326 -61.74 -31.53 17.43
N THR B 327 -62.39 -31.32 16.29
CA THR B 327 -63.83 -31.14 16.24
C THR B 327 -64.44 -32.52 16.43
N LEU B 328 -65.70 -32.58 16.86
CA LEU B 328 -66.38 -33.84 17.12
C LEU B 328 -66.08 -34.94 16.13
N ASP B 329 -66.14 -34.62 14.85
CA ASP B 329 -65.89 -35.65 13.83
C ASP B 329 -64.39 -35.92 13.56
N GLY B 330 -63.52 -35.25 14.31
CA GLY B 330 -62.09 -35.43 14.16
C GLY B 330 -61.54 -35.12 12.78
N ASN B 331 -62.35 -34.51 11.92
CA ASN B 331 -61.89 -34.18 10.58
C ASN B 331 -61.29 -32.81 10.47
N SER B 332 -61.02 -32.20 11.62
CA SER B 332 -60.41 -30.87 11.63
C SER B 332 -60.07 -30.51 13.08
N PHE B 333 -59.09 -29.63 13.24
CA PHE B 333 -58.65 -29.26 14.57
C PHE B 333 -58.15 -27.83 14.66
N TYR B 334 -58.21 -27.28 15.86
CA TYR B 334 -57.74 -25.92 16.12
C TYR B 334 -56.49 -25.99 17.00
N LYS B 335 -55.48 -25.20 16.69
CA LYS B 335 -54.30 -25.18 17.54
C LYS B 335 -53.58 -23.85 17.47
N ILE B 336 -52.89 -23.51 18.56
CA ILE B 336 -52.19 -22.24 18.63
C ILE B 336 -50.84 -22.31 17.95
N ILE B 337 -50.65 -21.52 16.92
CA ILE B 337 -49.35 -21.50 16.27
C ILE B 337 -48.89 -20.07 16.14
N SER B 338 -47.65 -19.87 15.76
CA SER B 338 -47.12 -18.54 15.64
C SER B 338 -47.58 -17.81 14.38
N ASN B 339 -47.86 -16.52 14.53
CA ASN B 339 -48.32 -15.64 13.46
C ASN B 339 -47.25 -15.39 12.44
N GLU B 340 -47.68 -14.80 11.33
CA GLU B 340 -46.78 -14.42 10.26
C GLU B 340 -46.14 -13.14 10.78
N GLU B 341 -46.72 -12.60 11.85
CA GLU B 341 -46.23 -11.38 12.47
C GLU B 341 -45.48 -11.79 13.73
N GLY B 342 -45.51 -13.08 14.02
CA GLY B 342 -44.79 -13.58 15.18
C GLY B 342 -45.61 -13.71 16.45
N TYR B 343 -46.92 -13.61 16.34
CA TYR B 343 -47.78 -13.74 17.52
C TYR B 343 -48.57 -15.03 17.53
N ARG B 344 -48.54 -15.73 18.66
CA ARG B 344 -49.24 -17.00 18.79
C ARG B 344 -50.74 -16.81 18.85
N HIS B 345 -51.41 -17.33 17.84
CA HIS B 345 -52.87 -17.25 17.68
C HIS B 345 -53.41 -18.60 17.24
N ILE B 346 -54.74 -18.73 17.26
CA ILE B 346 -55.43 -19.97 16.90
C ILE B 346 -55.58 -20.24 15.40
N CYS B 347 -55.04 -21.35 14.92
CA CYS B 347 -55.18 -21.66 13.51
C CYS B 347 -56.13 -22.86 13.35
N TYR B 348 -57.00 -22.77 12.35
CA TYR B 348 -58.00 -23.80 12.05
C TYR B 348 -57.52 -24.71 10.94
N PHE B 349 -57.38 -26.01 11.26
CA PHE B 349 -56.89 -27.00 10.30
C PHE B 349 -57.89 -28.05 9.83
N GLN B 350 -57.73 -28.47 8.59
CA GLN B 350 -58.54 -29.54 8.02
C GLN B 350 -57.50 -30.67 8.00
N ILE B 351 -57.79 -31.80 8.62
CA ILE B 351 -56.78 -32.84 8.68
C ILE B 351 -56.02 -33.17 7.39
N ASP B 352 -56.65 -32.95 6.24
CA ASP B 352 -55.96 -33.26 4.98
C ASP B 352 -55.72 -32.04 4.11
N LYS B 353 -55.75 -30.86 4.73
CA LYS B 353 -55.49 -29.61 4.01
C LYS B 353 -54.22 -29.05 4.62
N LYS B 354 -53.25 -28.76 3.76
CA LYS B 354 -51.96 -28.24 4.20
C LYS B 354 -52.03 -26.89 4.92
N ASP B 355 -52.74 -25.93 4.35
CA ASP B 355 -52.81 -24.62 4.99
C ASP B 355 -53.94 -24.48 5.98
N CYS B 356 -53.70 -23.75 7.06
CA CYS B 356 -54.72 -23.53 8.07
C CYS B 356 -55.19 -22.08 8.02
N THR B 357 -56.28 -21.77 8.72
CA THR B 357 -56.79 -20.40 8.74
C THR B 357 -56.80 -19.77 10.13
N PHE B 358 -56.06 -18.68 10.28
CA PHE B 358 -56.01 -18.01 11.57
C PHE B 358 -57.33 -17.39 11.93
N ILE B 359 -57.90 -17.79 13.06
CA ILE B 359 -59.18 -17.24 13.48
C ILE B 359 -59.01 -16.04 14.41
N THR B 360 -57.82 -15.85 14.97
CA THR B 360 -57.59 -14.69 15.82
C THR B 360 -56.33 -14.00 15.31
N LYS B 361 -56.15 -12.74 15.68
CA LYS B 361 -54.99 -11.99 15.22
C LYS B 361 -54.84 -10.72 16.02
N GLY B 362 -53.65 -10.14 16.00
CA GLY B 362 -53.44 -8.92 16.75
C GLY B 362 -52.15 -8.96 17.52
N THR B 363 -51.74 -7.82 18.07
CA THR B 363 -50.51 -7.77 18.82
C THR B 363 -50.76 -8.09 20.30
N TRP B 364 -51.13 -9.36 20.50
CA TRP B 364 -51.41 -9.98 21.79
C TRP B 364 -51.38 -11.46 21.45
N GLU B 365 -51.38 -12.33 22.45
CA GLU B 365 -51.34 -13.76 22.15
C GLU B 365 -52.40 -14.58 22.86
N VAL B 366 -52.74 -15.70 22.27
CA VAL B 366 -53.72 -16.61 22.83
C VAL B 366 -52.92 -17.49 23.75
N ILE B 367 -53.22 -17.44 25.03
CA ILE B 367 -52.51 -18.26 26.00
C ILE B 367 -52.90 -19.71 25.78
N GLY B 368 -54.20 -20.01 25.89
CA GLY B 368 -54.62 -21.37 25.69
C GLY B 368 -56.06 -21.64 25.33
N ILE B 369 -56.26 -22.68 24.52
CA ILE B 369 -57.60 -23.12 24.10
C ILE B 369 -58.18 -23.92 25.27
N GLU B 370 -59.14 -23.34 25.97
CA GLU B 370 -59.72 -23.98 27.14
C GLU B 370 -60.81 -25.02 26.90
N ALA B 371 -61.71 -24.75 25.96
CA ALA B 371 -62.79 -25.67 25.66
C ALA B 371 -63.25 -25.48 24.22
N LEU B 372 -63.85 -26.52 23.67
CA LEU B 372 -64.34 -26.47 22.31
C LEU B 372 -65.70 -27.14 22.24
N THR B 373 -66.63 -26.50 21.55
CA THR B 373 -67.96 -27.03 21.42
C THR B 373 -68.22 -26.96 19.93
N SER B 374 -69.37 -27.46 19.48
CA SER B 374 -69.67 -27.38 18.06
C SER B 374 -70.02 -25.93 17.75
N ASP B 375 -70.21 -25.16 18.81
CA ASP B 375 -70.62 -23.76 18.70
C ASP B 375 -69.51 -22.73 18.85
N TYR B 376 -68.78 -22.85 19.94
CA TYR B 376 -67.75 -21.90 20.26
C TYR B 376 -66.41 -22.53 20.62
N LEU B 377 -65.40 -21.68 20.74
CA LEU B 377 -64.05 -22.08 21.09
C LEU B 377 -63.70 -21.11 22.21
N TYR B 378 -63.46 -21.64 23.40
CA TYR B 378 -63.11 -20.81 24.55
C TYR B 378 -61.60 -20.78 24.74
N TYR B 379 -61.06 -19.57 24.80
CA TYR B 379 -59.63 -19.39 24.96
C TYR B 379 -59.30 -18.31 25.98
N ILE B 380 -58.05 -18.30 26.41
CA ILE B 380 -57.59 -17.30 27.36
C ILE B 380 -56.44 -16.54 26.74
N SER B 381 -56.55 -15.22 26.71
CA SER B 381 -55.51 -14.39 26.12
C SER B 381 -55.22 -13.17 26.97
N ASN B 382 -54.20 -12.41 26.57
CA ASN B 382 -53.81 -11.22 27.28
C ASN B 382 -54.06 -10.07 26.32
N GLU B 383 -55.26 -10.03 25.73
CA GLU B 383 -55.58 -8.97 24.79
C GLU B 383 -56.12 -7.72 25.47
N TYR B 384 -57.01 -7.92 26.44
CA TYR B 384 -57.66 -6.83 27.18
C TYR B 384 -56.70 -5.76 27.66
N LYS B 385 -57.15 -4.50 27.57
CA LYS B 385 -56.35 -3.37 27.99
C LYS B 385 -54.95 -3.43 27.39
N GLY B 386 -54.75 -4.32 26.43
CA GLY B 386 -53.44 -4.44 25.81
C GLY B 386 -52.28 -4.69 26.75
N MET B 387 -52.53 -5.36 27.88
CA MET B 387 -51.45 -5.66 28.81
C MET B 387 -51.20 -7.17 28.94
N PRO B 388 -50.05 -7.63 28.45
CA PRO B 388 -49.61 -9.03 28.45
C PRO B 388 -49.51 -9.73 29.81
N GLY B 389 -49.70 -8.98 30.88
CA GLY B 389 -49.61 -9.59 32.20
C GLY B 389 -50.99 -9.86 32.74
N GLY B 390 -51.96 -9.81 31.84
CA GLY B 390 -53.34 -10.05 32.21
C GLY B 390 -53.79 -11.34 31.54
N ARG B 391 -54.93 -11.87 31.99
CA ARG B 391 -55.48 -13.10 31.45
C ARG B 391 -57.00 -13.03 31.56
N ASN B 392 -57.68 -13.26 30.45
CA ASN B 392 -59.14 -13.23 30.39
C ASN B 392 -59.69 -14.35 29.52
N LEU B 393 -60.90 -14.79 29.83
CA LEU B 393 -61.54 -15.85 29.08
C LEU B 393 -62.35 -15.25 27.96
N TYR B 394 -62.16 -15.77 26.76
CA TYR B 394 -62.89 -15.28 25.60
C TYR B 394 -63.56 -16.46 24.93
N LYS B 395 -64.58 -16.19 24.13
CA LYS B 395 -65.23 -17.24 23.35
C LYS B 395 -65.49 -16.65 21.98
N ILE B 396 -65.16 -17.43 20.96
CA ILE B 396 -65.34 -17.02 19.59
C ILE B 396 -66.32 -17.97 18.92
N GLN B 397 -67.20 -17.39 18.11
CA GLN B 397 -68.24 -18.10 17.37
C GLN B 397 -67.58 -18.74 16.17
N LEU B 398 -67.71 -20.06 16.06
CA LEU B 398 -67.10 -20.77 14.95
C LEU B 398 -67.68 -20.45 13.58
N SER B 399 -68.88 -19.85 13.56
CA SER B 399 -69.57 -19.47 12.31
C SER B 399 -69.17 -18.12 11.82
N ASP B 400 -68.71 -17.28 12.73
CA ASP B 400 -68.30 -15.94 12.38
C ASP B 400 -67.20 -15.53 13.33
N TYR B 401 -65.97 -15.55 12.84
CA TYR B 401 -64.81 -15.20 13.64
C TYR B 401 -64.88 -13.75 14.12
N THR B 402 -65.66 -12.96 13.41
CA THR B 402 -65.89 -11.55 13.71
C THR B 402 -66.53 -11.39 15.10
N LYS B 403 -67.21 -12.44 15.52
CA LYS B 403 -67.91 -12.44 16.79
C LYS B 403 -67.17 -13.01 17.99
N VAL B 404 -66.21 -12.25 18.51
CA VAL B 404 -65.46 -12.70 19.68
C VAL B 404 -66.02 -11.98 20.93
N THR B 405 -66.23 -12.72 22.02
CA THR B 405 -66.79 -12.12 23.23
C THR B 405 -65.99 -12.39 24.50
N CYS B 406 -65.56 -11.34 25.19
CA CYS B 406 -64.79 -11.58 26.42
C CYS B 406 -65.78 -11.96 27.54
N LEU B 407 -65.47 -13.01 28.31
CA LEU B 407 -66.37 -13.46 29.37
C LEU B 407 -65.87 -13.16 30.78
N SER B 408 -64.70 -12.57 30.91
CA SER B 408 -64.13 -12.27 32.21
C SER B 408 -63.76 -10.81 32.41
N CYS B 409 -63.34 -10.16 31.31
CA CYS B 409 -62.93 -8.77 31.32
C CYS B 409 -63.66 -7.86 32.30
N GLU B 410 -64.97 -7.70 32.08
CA GLU B 410 -65.79 -6.81 32.90
C GLU B 410 -66.38 -7.34 34.19
N LEU B 411 -66.25 -8.62 34.45
CA LEU B 411 -66.83 -9.14 35.68
C LEU B 411 -66.49 -8.29 36.90
N ASN B 412 -65.25 -7.81 36.94
CA ASN B 412 -64.81 -6.99 38.06
C ASN B 412 -63.43 -6.46 37.73
N PRO B 413 -63.34 -5.59 36.72
CA PRO B 413 -62.10 -4.95 36.22
C PRO B 413 -61.13 -4.51 37.29
N GLU B 414 -61.67 -3.96 38.37
CA GLU B 414 -60.86 -3.46 39.49
C GLU B 414 -60.07 -4.54 40.23
N ARG B 415 -60.75 -5.63 40.54
CA ARG B 415 -60.19 -6.73 41.30
C ARG B 415 -59.63 -7.89 40.49
N CYS B 416 -60.10 -8.08 39.26
CA CYS B 416 -59.67 -9.21 38.45
C CYS B 416 -59.23 -8.94 37.03
N GLN B 417 -57.98 -9.26 36.73
CA GLN B 417 -57.44 -9.06 35.39
C GLN B 417 -56.58 -10.26 35.02
N TYR B 418 -56.70 -11.32 35.82
CA TYR B 418 -55.93 -12.53 35.59
C TYR B 418 -56.78 -13.77 35.92
N TYR B 419 -57.49 -14.30 34.92
CA TYR B 419 -58.33 -15.47 35.13
C TYR B 419 -57.78 -16.77 34.54
N SER B 420 -58.31 -17.87 35.08
CA SER B 420 -58.00 -19.21 34.63
C SER B 420 -59.38 -19.84 34.68
N VAL B 421 -59.66 -20.85 33.86
CA VAL B 421 -61.00 -21.40 33.89
C VAL B 421 -61.05 -22.92 34.00
N SER B 422 -62.20 -23.44 34.40
CA SER B 422 -62.42 -24.87 34.55
C SER B 422 -63.84 -25.28 34.14
N PHE B 423 -63.98 -25.84 32.94
CA PHE B 423 -65.30 -26.25 32.40
C PHE B 423 -65.81 -27.60 32.84
N SER B 424 -67.12 -27.75 32.86
CA SER B 424 -67.71 -29.03 33.17
C SER B 424 -67.49 -29.87 31.90
N LYS B 425 -67.74 -31.17 31.98
CA LYS B 425 -67.55 -32.10 30.88
C LYS B 425 -68.00 -31.69 29.48
N GLU B 426 -69.15 -31.06 29.35
CA GLU B 426 -69.63 -30.65 28.04
C GLU B 426 -69.52 -29.16 27.86
N ALA B 427 -68.90 -28.48 28.82
CA ALA B 427 -68.78 -27.03 28.77
C ALA B 427 -70.17 -26.41 28.92
N LYS B 428 -70.95 -26.94 29.86
CA LYS B 428 -72.29 -26.39 30.12
C LYS B 428 -72.15 -25.41 31.25
N TYR B 429 -71.15 -25.67 32.08
CA TYR B 429 -70.88 -24.85 33.24
C TYR B 429 -69.38 -24.62 33.31
N TYR B 430 -68.98 -23.52 33.95
CA TYR B 430 -67.55 -23.23 34.10
C TYR B 430 -67.27 -22.38 35.33
N GLN B 431 -66.12 -22.66 35.95
CA GLN B 431 -65.70 -21.92 37.13
C GLN B 431 -64.53 -21.00 36.79
N LEU B 432 -64.72 -19.70 37.02
CA LEU B 432 -63.65 -18.73 36.76
C LEU B 432 -62.79 -18.53 37.99
N ARG B 433 -61.49 -18.54 37.79
CA ARG B 433 -60.56 -18.35 38.89
C ARG B 433 -59.75 -17.07 38.70
N CYS B 434 -60.17 -16.04 39.44
CA CYS B 434 -59.56 -14.72 39.47
C CYS B 434 -58.43 -14.78 40.49
N SER B 435 -57.21 -14.45 40.11
CA SER B 435 -56.10 -14.50 41.05
C SER B 435 -55.38 -13.17 41.21
N GLY B 436 -56.07 -12.10 40.86
CA GLY B 436 -55.46 -10.79 40.98
C GLY B 436 -56.06 -9.79 40.02
N PRO B 437 -55.70 -8.52 40.17
CA PRO B 437 -54.77 -8.02 41.18
C PRO B 437 -55.27 -7.98 42.62
N GLY B 438 -56.59 -8.10 42.81
CA GLY B 438 -57.14 -8.09 44.15
C GLY B 438 -57.15 -9.48 44.74
N LEU B 439 -57.92 -9.71 45.80
CA LEU B 439 -57.96 -11.04 46.41
C LEU B 439 -58.61 -12.06 45.49
N PRO B 440 -58.08 -13.28 45.45
CA PRO B 440 -58.62 -14.35 44.61
C PRO B 440 -60.13 -14.48 44.74
N LEU B 441 -60.79 -14.63 43.60
CA LEU B 441 -62.23 -14.74 43.56
C LEU B 441 -62.68 -15.93 42.71
N TYR B 442 -63.49 -16.81 43.30
CA TYR B 442 -64.00 -17.99 42.59
C TYR B 442 -65.51 -17.94 42.38
N THR B 443 -65.94 -18.05 41.11
CA THR B 443 -67.36 -18.00 40.77
C THR B 443 -67.77 -19.07 39.77
N LEU B 444 -69.07 -19.33 39.68
CA LEU B 444 -69.60 -20.34 38.75
C LEU B 444 -70.56 -19.74 37.73
N HIS B 445 -70.42 -20.14 36.47
CA HIS B 445 -71.27 -19.64 35.41
C HIS B 445 -71.79 -20.77 34.53
N SER B 446 -72.71 -20.44 33.62
CA SER B 446 -73.26 -21.43 32.70
C SER B 446 -73.05 -20.90 31.28
N SER B 447 -72.52 -21.78 30.43
CA SER B 447 -72.17 -21.47 29.04
C SER B 447 -73.30 -21.05 28.09
N VAL B 448 -74.53 -21.49 28.38
CA VAL B 448 -75.66 -21.14 27.52
C VAL B 448 -75.90 -19.64 27.43
N ASN B 449 -75.66 -18.93 28.54
CA ASN B 449 -75.85 -17.49 28.60
C ASN B 449 -74.68 -16.73 29.21
N ASP B 450 -73.74 -17.48 29.78
CA ASP B 450 -72.59 -16.87 30.42
C ASP B 450 -73.19 -16.07 31.59
N LYS B 451 -74.27 -16.60 32.15
CA LYS B 451 -74.91 -15.98 33.30
C LYS B 451 -74.07 -16.32 34.53
N GLY B 452 -73.99 -15.39 35.48
CA GLY B 452 -73.25 -15.67 36.69
C GLY B 452 -74.24 -16.39 37.59
N LEU B 453 -73.85 -17.58 38.04
CA LEU B 453 -74.71 -18.37 38.91
C LEU B 453 -74.51 -18.03 40.38
N ARG B 454 -73.25 -17.92 40.79
CA ARG B 454 -72.95 -17.60 42.19
C ARG B 454 -71.46 -17.58 42.52
N VAL B 455 -71.13 -16.91 43.62
CA VAL B 455 -69.75 -16.82 44.05
C VAL B 455 -69.40 -18.04 44.90
N LEU B 456 -68.34 -18.74 44.50
CA LEU B 456 -67.89 -19.93 45.21
C LEU B 456 -66.95 -19.60 46.37
N GLU B 457 -66.16 -18.54 46.22
CA GLU B 457 -65.25 -18.09 47.30
C GLU B 457 -64.71 -16.69 46.97
N ASP B 458 -64.83 -15.79 47.92
CA ASP B 458 -64.40 -14.41 47.75
C ASP B 458 -63.31 -13.97 48.71
N ASN B 459 -62.77 -14.94 49.44
CA ASN B 459 -61.70 -14.66 50.39
C ASN B 459 -62.04 -13.50 51.33
N SER B 460 -63.32 -13.32 51.63
CA SER B 460 -63.74 -12.26 52.53
C SER B 460 -63.00 -12.37 53.88
N ALA B 461 -62.90 -13.59 54.38
CA ALA B 461 -62.22 -13.86 55.64
C ALA B 461 -60.79 -13.32 55.60
N LEU B 462 -60.05 -13.63 54.54
CA LEU B 462 -58.68 -13.13 54.44
C LEU B 462 -58.66 -11.61 54.39
N ASP B 463 -59.64 -11.05 53.69
CA ASP B 463 -59.74 -9.61 53.54
C ASP B 463 -59.94 -8.92 54.86
N LYS B 464 -60.87 -9.44 55.67
CA LYS B 464 -61.14 -8.85 56.98
C LYS B 464 -59.85 -8.73 57.76
N MET B 465 -59.05 -9.80 57.70
CA MET B 465 -57.79 -9.84 58.41
C MET B 465 -56.78 -8.84 57.86
N LEU B 466 -56.53 -8.88 56.55
CA LEU B 466 -55.56 -7.99 55.93
C LEU B 466 -55.78 -6.50 56.11
N GLN B 467 -56.93 -6.07 56.59
CA GLN B 467 -57.11 -4.63 56.75
C GLN B 467 -56.48 -4.14 58.06
N ASN B 468 -56.11 -5.07 58.93
CA ASN B 468 -55.47 -4.72 60.20
C ASN B 468 -53.94 -4.76 60.02
N VAL B 469 -53.48 -4.65 58.77
CA VAL B 469 -52.04 -4.69 58.51
C VAL B 469 -51.63 -3.82 57.33
N GLN B 470 -50.49 -3.15 57.46
CA GLN B 470 -49.96 -2.28 56.42
C GLN B 470 -49.37 -3.06 55.25
N MET B 471 -50.21 -3.37 54.27
CA MET B 471 -49.78 -4.15 53.12
C MET B 471 -49.07 -3.33 52.07
N PRO B 472 -48.21 -3.99 51.30
CA PRO B 472 -47.46 -3.33 50.23
C PRO B 472 -48.37 -3.18 49.02
N SER B 473 -48.05 -2.24 48.13
CA SER B 473 -48.86 -2.04 46.93
C SER B 473 -48.08 -2.51 45.71
N LYS B 474 -48.79 -2.92 44.65
CA LYS B 474 -48.11 -3.38 43.44
C LYS B 474 -48.37 -2.49 42.24
N LYS B 475 -47.30 -2.11 41.56
CA LYS B 475 -47.42 -1.26 40.38
C LYS B 475 -46.98 -2.03 39.13
N LEU B 476 -47.89 -2.18 38.18
CA LEU B 476 -47.61 -2.86 36.91
C LEU B 476 -47.60 -1.79 35.83
N ASP B 477 -46.46 -1.64 35.17
CA ASP B 477 -46.33 -0.62 34.15
C ASP B 477 -45.16 -0.99 33.23
N PHE B 478 -44.93 -0.17 32.20
CA PHE B 478 -43.85 -0.45 31.26
C PHE B 478 -42.91 0.74 31.04
N ILE B 479 -41.79 0.46 30.37
CA ILE B 479 -40.79 1.47 30.02
C ILE B 479 -40.54 1.21 28.55
N ILE B 480 -39.75 2.07 27.91
CA ILE B 480 -39.49 1.90 26.49
C ILE B 480 -38.04 1.79 26.07
N LEU B 481 -37.63 0.61 25.62
CA LEU B 481 -36.27 0.40 25.16
C LEU B 481 -36.34 0.46 23.63
N ASN B 482 -35.58 1.39 23.03
CA ASN B 482 -35.58 1.62 21.58
C ASN B 482 -36.74 1.03 20.80
N GLU B 483 -37.83 1.79 20.79
CA GLU B 483 -39.07 1.42 20.09
C GLU B 483 -40.02 0.53 20.89
N THR B 484 -39.53 -0.64 21.30
CA THR B 484 -40.34 -1.61 22.03
C THR B 484 -40.63 -1.28 23.49
N LYS B 485 -41.76 -1.75 23.99
CA LYS B 485 -42.07 -1.49 25.38
C LYS B 485 -41.97 -2.78 26.17
N PHE B 486 -41.31 -2.69 27.32
CA PHE B 486 -41.13 -3.83 28.18
C PHE B 486 -41.75 -3.53 29.53
N TRP B 487 -42.50 -4.49 30.05
CA TRP B 487 -43.19 -4.34 31.31
C TRP B 487 -42.36 -4.69 32.51
N TYR B 488 -42.72 -4.08 33.63
CA TYR B 488 -42.05 -4.29 34.91
C TYR B 488 -43.12 -4.19 35.97
N GLN B 489 -42.81 -4.60 37.19
CA GLN B 489 -43.76 -4.48 38.28
C GLN B 489 -42.96 -4.24 39.53
N MET B 490 -43.48 -3.43 40.43
CA MET B 490 -42.78 -3.13 41.66
C MET B 490 -43.67 -3.36 42.87
N ILE B 491 -43.13 -4.04 43.87
CA ILE B 491 -43.89 -4.27 45.08
C ILE B 491 -43.48 -3.12 45.97
N LEU B 492 -44.39 -2.17 46.14
CA LEU B 492 -44.15 -0.97 46.95
C LEU B 492 -44.54 -1.04 48.41
N PRO B 493 -43.73 -0.43 49.27
CA PRO B 493 -43.99 -0.42 50.72
C PRO B 493 -45.23 0.37 51.10
N PRO B 494 -45.81 0.06 52.28
CA PRO B 494 -47.00 0.76 52.75
C PRO B 494 -46.62 2.22 52.89
N HIS B 495 -47.53 3.12 52.54
CA HIS B 495 -47.25 4.54 52.67
C HIS B 495 -46.07 4.93 51.81
N PHE B 496 -45.95 4.29 50.66
CA PHE B 496 -44.88 4.60 49.74
C PHE B 496 -44.85 6.10 49.45
N ASP B 497 -43.66 6.69 49.40
CA ASP B 497 -43.49 8.11 49.11
C ASP B 497 -42.44 8.33 48.03
N LYS B 498 -42.90 8.70 46.83
CA LYS B 498 -42.02 8.92 45.67
C LYS B 498 -40.98 9.99 45.94
N SER B 499 -41.13 10.68 47.06
CA SER B 499 -40.18 11.72 47.44
C SER B 499 -38.93 11.08 48.08
N LYS B 500 -39.16 10.10 48.95
CA LYS B 500 -38.13 9.33 49.66
C LYS B 500 -37.32 8.44 48.69
N LYS B 501 -36.15 7.98 49.11
CA LYS B 501 -35.35 7.10 48.24
C LYS B 501 -35.15 5.72 48.85
N TYR B 502 -35.90 4.75 48.33
CA TYR B 502 -35.86 3.39 48.85
C TYR B 502 -34.78 2.47 48.27
N PRO B 503 -34.37 1.47 49.05
CA PRO B 503 -33.36 0.55 48.57
C PRO B 503 -34.16 -0.36 47.63
N LEU B 504 -33.53 -0.97 46.64
CA LEU B 504 -34.28 -1.80 45.70
C LEU B 504 -33.73 -3.20 45.45
N LEU B 505 -34.63 -4.18 45.44
CA LEU B 505 -34.27 -5.57 45.19
C LEU B 505 -34.89 -5.96 43.86
N LEU B 506 -34.06 -6.44 42.93
CA LEU B 506 -34.56 -6.85 41.64
C LEU B 506 -34.79 -8.35 41.68
N ASP B 507 -36.05 -8.76 41.75
CA ASP B 507 -36.46 -10.16 41.77
C ASP B 507 -36.38 -10.57 40.30
N VAL B 508 -35.51 -11.51 39.98
CA VAL B 508 -35.35 -11.89 38.58
C VAL B 508 -35.46 -13.37 38.24
N TYR B 509 -36.02 -13.66 37.07
CA TYR B 509 -36.10 -15.02 36.56
C TYR B 509 -35.58 -14.94 35.11
N ALA B 510 -36.24 -14.16 34.28
CA ALA B 510 -35.84 -13.94 32.89
C ALA B 510 -35.60 -15.13 31.97
N GLY B 511 -36.17 -16.29 32.28
CA GLY B 511 -35.96 -17.44 31.42
C GLY B 511 -36.71 -17.24 30.10
N PRO B 512 -36.40 -18.02 29.06
CA PRO B 512 -37.12 -17.82 27.79
C PRO B 512 -38.61 -18.10 27.94
N CYS B 513 -39.43 -17.15 27.50
CA CYS B 513 -40.88 -17.22 27.58
C CYS B 513 -41.40 -17.10 29.03
N SER B 514 -40.65 -16.39 29.87
CA SER B 514 -41.05 -16.21 31.25
C SER B 514 -41.80 -14.90 31.40
N GLN B 515 -42.44 -14.71 32.54
CA GLN B 515 -43.19 -13.49 32.79
C GLN B 515 -43.28 -13.17 34.27
N LYS B 516 -42.41 -12.26 34.73
CA LYS B 516 -42.38 -11.87 36.12
C LYS B 516 -43.22 -10.64 36.43
N ALA B 517 -43.70 -9.97 35.39
CA ALA B 517 -44.53 -8.80 35.59
C ALA B 517 -45.96 -9.16 35.21
N ASP B 518 -46.81 -9.37 36.20
CA ASP B 518 -48.19 -9.72 35.93
C ASP B 518 -49.12 -9.07 36.94
N THR B 519 -50.39 -9.40 36.85
CA THR B 519 -51.40 -8.83 37.74
C THR B 519 -51.87 -9.79 38.83
N VAL B 520 -51.09 -10.82 39.11
CA VAL B 520 -51.43 -11.82 40.11
C VAL B 520 -51.16 -11.35 41.53
N PHE B 521 -52.06 -11.69 42.45
CA PHE B 521 -51.91 -11.33 43.84
C PHE B 521 -51.07 -12.39 44.56
N ARG B 522 -50.03 -11.96 45.25
CA ARG B 522 -49.16 -12.89 45.95
C ARG B 522 -48.75 -12.45 47.35
N LEU B 523 -48.69 -13.41 48.26
CA LEU B 523 -48.28 -13.19 49.63
C LEU B 523 -47.00 -13.97 49.80
N ASN B 524 -45.88 -13.38 49.38
CA ASN B 524 -44.60 -14.06 49.46
C ASN B 524 -43.53 -13.24 50.17
N TRP B 525 -42.27 -13.64 49.98
CA TRP B 525 -41.12 -12.98 50.59
C TRP B 525 -41.08 -11.49 50.22
N ALA B 526 -41.49 -11.18 48.99
CA ALA B 526 -41.52 -9.80 48.53
C ALA B 526 -42.49 -9.00 49.37
N THR B 527 -43.63 -9.60 49.68
CA THR B 527 -44.64 -8.95 50.49
C THR B 527 -43.97 -8.45 51.77
N TYR B 528 -43.25 -9.33 52.44
CA TYR B 528 -42.54 -9.00 53.67
C TYR B 528 -41.46 -7.94 53.47
N LEU B 529 -40.56 -8.17 52.51
CA LEU B 529 -39.48 -7.23 52.24
C LEU B 529 -39.99 -5.81 52.05
N ALA B 530 -41.18 -5.69 51.50
CA ALA B 530 -41.76 -4.37 51.27
C ALA B 530 -42.58 -3.91 52.48
N SER B 531 -43.47 -4.78 52.97
CA SER B 531 -44.32 -4.42 54.10
C SER B 531 -43.54 -4.07 55.37
N THR B 532 -42.54 -4.86 55.72
CA THR B 532 -41.77 -4.63 56.94
C THR B 532 -40.40 -3.98 56.76
N GLU B 533 -39.72 -4.30 55.68
CA GLU B 533 -38.39 -3.75 55.47
C GLU B 533 -38.36 -2.51 54.59
N ASN B 534 -39.51 -2.13 54.08
CA ASN B 534 -39.60 -0.97 53.21
C ASN B 534 -38.59 -1.06 52.09
N ILE B 535 -38.60 -2.17 51.37
CA ILE B 535 -37.69 -2.34 50.24
C ILE B 535 -38.59 -2.54 49.03
N ILE B 536 -38.27 -1.89 47.93
CA ILE B 536 -39.06 -2.06 46.70
C ILE B 536 -38.55 -3.31 45.99
N VAL B 537 -39.45 -4.25 45.69
CA VAL B 537 -39.07 -5.47 45.01
C VAL B 537 -39.61 -5.43 43.59
N ALA B 538 -38.73 -5.16 42.63
CA ALA B 538 -39.13 -5.06 41.23
C ALA B 538 -38.88 -6.33 40.42
N SER B 539 -39.41 -6.34 39.20
CA SER B 539 -39.24 -7.45 38.27
C SER B 539 -39.44 -6.87 36.89
N PHE B 540 -38.56 -7.24 35.97
CA PHE B 540 -38.63 -6.70 34.62
C PHE B 540 -38.59 -7.81 33.59
N ASP B 541 -39.49 -7.75 32.61
CA ASP B 541 -39.55 -8.76 31.56
C ASP B 541 -39.00 -8.17 30.27
N GLY B 542 -37.73 -8.46 29.97
CA GLY B 542 -37.08 -7.95 28.77
C GLY B 542 -36.99 -8.93 27.61
N ARG B 543 -35.93 -8.82 26.81
CA ARG B 543 -35.77 -9.73 25.68
C ARG B 543 -35.83 -11.13 26.22
N GLY B 544 -36.49 -12.03 25.50
CA GLY B 544 -36.60 -13.41 25.96
C GLY B 544 -37.95 -13.67 26.57
N SER B 545 -38.56 -12.64 27.18
CA SER B 545 -39.88 -12.73 27.78
C SER B 545 -40.86 -13.46 26.89
N GLY B 546 -41.98 -13.91 27.44
CA GLY B 546 -42.95 -14.58 26.62
C GLY B 546 -44.30 -13.86 26.57
N TYR B 547 -45.21 -14.39 25.75
CA TYR B 547 -46.56 -13.86 25.62
C TYR B 547 -46.63 -12.50 24.97
N GLN B 548 -45.55 -12.11 24.29
CA GLN B 548 -45.51 -10.83 23.61
C GLN B 548 -45.09 -10.95 22.15
N GLY B 549 -45.08 -12.17 21.62
CA GLY B 549 -44.70 -12.35 20.24
C GLY B 549 -43.23 -12.72 20.12
N ASP B 550 -42.92 -13.55 19.13
CA ASP B 550 -41.56 -14.02 18.92
C ASP B 550 -40.46 -13.00 18.70
N LYS B 551 -40.79 -11.82 18.22
CA LYS B 551 -39.74 -10.84 18.01
C LYS B 551 -39.03 -10.57 19.35
N ILE B 552 -39.78 -10.61 20.44
CA ILE B 552 -39.17 -10.40 21.75
C ILE B 552 -38.61 -11.70 22.31
N MET B 553 -39.43 -12.73 22.30
CA MET B 553 -39.06 -14.03 22.84
C MET B 553 -37.89 -14.75 22.18
N HIS B 554 -37.86 -14.75 20.85
CA HIS B 554 -36.78 -15.41 20.13
C HIS B 554 -35.55 -14.51 20.07
N ALA B 555 -35.61 -13.34 20.68
CA ALA B 555 -34.47 -12.43 20.66
C ALA B 555 -33.21 -13.10 21.20
N ILE B 556 -33.39 -13.99 22.15
CA ILE B 556 -32.26 -14.67 22.77
C ILE B 556 -31.94 -16.05 22.17
N ASN B 557 -32.45 -16.29 20.97
CA ASN B 557 -32.22 -17.57 20.31
C ASN B 557 -30.74 -17.86 20.11
N ARG B 558 -30.31 -19.07 20.48
CA ARG B 558 -28.91 -19.52 20.36
C ARG B 558 -28.00 -18.53 21.03
N ARG B 559 -28.58 -17.70 21.89
CA ARG B 559 -27.82 -16.65 22.54
C ARG B 559 -28.19 -16.41 24.00
N LEU B 560 -28.41 -17.48 24.76
CA LEU B 560 -28.75 -17.32 26.16
C LEU B 560 -27.62 -16.62 26.90
N GLY B 561 -27.93 -15.98 28.00
CA GLY B 561 -26.91 -15.28 28.76
C GLY B 561 -26.48 -13.97 28.15
N THR B 562 -27.27 -13.44 27.21
CA THR B 562 -26.91 -12.18 26.59
C THR B 562 -27.90 -11.07 26.86
N PHE B 563 -28.83 -10.85 25.93
CA PHE B 563 -29.82 -9.78 26.09
C PHE B 563 -30.68 -9.85 27.35
N GLU B 564 -31.13 -11.05 27.74
CA GLU B 564 -32.00 -11.15 28.90
C GLU B 564 -31.36 -10.70 30.21
N VAL B 565 -30.05 -10.84 30.31
CA VAL B 565 -29.38 -10.40 31.51
C VAL B 565 -29.08 -8.92 31.29
N GLU B 566 -28.64 -8.57 30.08
CA GLU B 566 -28.35 -7.17 29.73
C GLU B 566 -29.50 -6.25 30.04
N ASP B 567 -30.71 -6.69 29.73
CA ASP B 567 -31.88 -5.85 29.97
C ASP B 567 -32.26 -5.76 31.43
N GLN B 568 -31.83 -6.74 32.21
CA GLN B 568 -32.15 -6.72 33.62
C GLN B 568 -31.38 -5.58 34.27
N ILE B 569 -30.14 -5.40 33.81
CA ILE B 569 -29.25 -4.35 34.28
C ILE B 569 -29.84 -3.03 33.80
N GLU B 570 -30.30 -3.01 32.55
CA GLU B 570 -30.88 -1.83 31.96
C GLU B 570 -32.10 -1.35 32.75
N ALA B 571 -32.94 -2.30 33.17
CA ALA B 571 -34.14 -1.98 33.92
C ALA B 571 -33.79 -1.32 35.25
N ALA B 572 -32.83 -1.91 35.95
CA ALA B 572 -32.39 -1.37 37.23
C ALA B 572 -31.82 0.02 37.02
N ARG B 573 -30.98 0.13 36.00
CA ARG B 573 -30.34 1.38 35.66
C ARG B 573 -31.37 2.48 35.41
N GLN B 574 -32.58 2.11 35.03
CA GLN B 574 -33.63 3.09 34.82
C GLN B 574 -34.39 3.30 36.10
N PHE B 575 -34.68 2.19 36.78
CA PHE B 575 -35.39 2.26 38.04
C PHE B 575 -34.70 3.26 38.94
N SER B 576 -33.37 3.20 38.98
CA SER B 576 -32.65 4.11 39.86
C SER B 576 -32.91 5.55 39.44
N LYS B 577 -33.04 5.77 38.13
CA LYS B 577 -33.29 7.11 37.60
C LYS B 577 -34.73 7.61 37.78
N MET B 578 -35.52 6.92 38.59
CA MET B 578 -36.92 7.32 38.83
C MET B 578 -37.11 8.12 40.13
N GLY B 579 -36.01 8.55 40.75
CA GLY B 579 -36.11 9.37 41.95
C GLY B 579 -36.52 8.80 43.29
N PHE B 580 -37.04 7.58 43.34
CA PHE B 580 -37.42 7.05 44.64
C PHE B 580 -36.61 5.81 44.95
N VAL B 581 -35.50 5.69 44.23
CA VAL B 581 -34.58 4.59 44.37
C VAL B 581 -33.24 5.09 44.84
N ASP B 582 -32.70 4.49 45.89
CA ASP B 582 -31.38 4.85 46.41
C ASP B 582 -30.43 3.97 45.57
N ASN B 583 -29.93 4.55 44.48
CA ASN B 583 -29.05 3.81 43.58
C ASN B 583 -27.76 3.37 44.23
N LYS B 584 -27.64 3.60 45.54
CA LYS B 584 -26.47 3.16 46.27
C LYS B 584 -26.78 1.81 46.92
N ARG B 585 -28.07 1.47 47.02
CA ARG B 585 -28.48 0.21 47.60
C ARG B 585 -29.44 -0.53 46.68
N ILE B 586 -28.89 -1.11 45.61
CA ILE B 586 -29.68 -1.86 44.63
C ILE B 586 -29.19 -3.30 44.59
N ALA B 587 -30.06 -4.25 44.92
CA ALA B 587 -29.64 -5.66 44.93
C ALA B 587 -30.45 -6.49 43.92
N ILE B 588 -30.00 -7.72 43.67
CA ILE B 588 -30.66 -8.62 42.72
C ILE B 588 -30.60 -10.08 43.16
N TRP B 589 -31.69 -10.82 42.98
CA TRP B 589 -31.71 -12.24 43.35
C TRP B 589 -32.68 -13.06 42.49
N GLY B 590 -32.37 -14.33 42.35
CA GLY B 590 -33.20 -15.20 41.55
C GLY B 590 -32.89 -16.64 41.86
N TRP B 591 -33.82 -17.51 41.49
CA TRP B 591 -33.74 -18.95 41.71
C TRP B 591 -33.72 -19.60 40.31
N SER B 592 -33.12 -20.79 40.19
CA SER B 592 -33.01 -21.52 38.92
C SER B 592 -32.42 -20.62 37.90
N TYR B 593 -33.14 -20.49 36.80
CA TYR B 593 -32.71 -19.64 35.71
C TYR B 593 -32.45 -18.24 36.23
N GLY B 594 -33.28 -17.77 37.15
CA GLY B 594 -33.08 -16.45 37.72
C GLY B 594 -31.76 -16.39 38.48
N GLY B 595 -31.31 -17.54 38.96
CA GLY B 595 -30.05 -17.57 39.68
C GLY B 595 -28.91 -17.42 38.69
N TYR B 596 -29.07 -18.02 37.52
CA TYR B 596 -28.08 -17.94 36.47
C TYR B 596 -27.91 -16.51 36.03
N VAL B 597 -29.05 -15.83 35.84
CA VAL B 597 -29.05 -14.44 35.42
C VAL B 597 -28.49 -13.54 36.53
N THR B 598 -28.85 -13.83 37.77
CA THR B 598 -28.37 -13.01 38.87
C THR B 598 -26.84 -13.05 38.85
N SER B 599 -26.30 -14.24 38.68
CA SER B 599 -24.87 -14.41 38.64
C SER B 599 -24.27 -13.71 37.43
N MET B 600 -24.90 -13.89 36.27
CA MET B 600 -24.36 -13.25 35.09
C MET B 600 -24.37 -11.75 35.24
N VAL B 601 -25.44 -11.23 35.81
CA VAL B 601 -25.57 -9.80 36.06
C VAL B 601 -24.57 -9.30 37.09
N LEU B 602 -24.33 -10.08 38.14
CA LEU B 602 -23.37 -9.65 39.14
C LEU B 602 -21.96 -9.75 38.57
N GLY B 603 -21.78 -10.56 37.53
CA GLY B 603 -20.45 -10.70 36.94
C GLY B 603 -20.24 -9.87 35.69
N SER B 604 -21.20 -8.99 35.41
CA SER B 604 -21.13 -8.14 34.25
C SER B 604 -20.25 -6.91 34.46
N GLY B 605 -19.95 -6.61 35.71
CA GLY B 605 -19.13 -5.45 36.01
C GLY B 605 -19.89 -4.16 35.75
N SER B 606 -21.21 -4.23 35.78
CA SER B 606 -22.05 -3.06 35.55
C SER B 606 -21.96 -2.01 36.63
N GLY B 607 -21.63 -2.46 37.85
CA GLY B 607 -21.53 -1.60 39.00
C GLY B 607 -22.87 -1.17 39.59
N VAL B 608 -23.93 -1.48 38.86
CA VAL B 608 -25.27 -1.11 39.26
C VAL B 608 -25.73 -1.79 40.53
N PHE B 609 -25.35 -3.05 40.69
CA PHE B 609 -25.77 -3.80 41.87
C PHE B 609 -24.69 -3.95 42.92
N LYS B 610 -25.08 -3.76 44.17
CA LYS B 610 -24.19 -3.83 45.30
C LYS B 610 -24.02 -5.25 45.77
N CYS B 611 -25.13 -5.96 45.91
CA CYS B 611 -25.10 -7.33 46.39
C CYS B 611 -26.10 -8.18 45.63
N GLY B 612 -26.08 -9.48 45.88
CA GLY B 612 -27.00 -10.36 45.19
C GLY B 612 -27.04 -11.76 45.75
N ILE B 613 -28.08 -12.51 45.41
CA ILE B 613 -28.27 -13.88 45.87
C ILE B 613 -28.65 -14.81 44.73
N ALA B 614 -27.89 -15.88 44.53
CA ALA B 614 -28.22 -16.86 43.49
C ALA B 614 -28.62 -18.13 44.22
N VAL B 615 -29.80 -18.67 43.92
CA VAL B 615 -30.24 -19.89 44.58
C VAL B 615 -30.32 -20.97 43.51
N ALA B 616 -29.57 -22.05 43.71
CA ALA B 616 -29.53 -23.17 42.76
C ALA B 616 -29.47 -22.74 41.30
N PRO B 617 -28.50 -21.89 40.94
CA PRO B 617 -28.34 -21.40 39.58
C PRO B 617 -27.64 -22.36 38.63
N VAL B 618 -27.67 -22.00 37.36
CA VAL B 618 -26.99 -22.75 36.33
C VAL B 618 -25.75 -21.91 36.07
N SER B 619 -24.59 -22.56 35.98
CA SER B 619 -23.35 -21.85 35.73
C SER B 619 -22.90 -21.95 34.27
N ARG B 620 -23.07 -23.12 33.66
CA ARG B 620 -22.74 -23.28 32.26
C ARG B 620 -23.68 -24.31 31.65
N TRP B 621 -24.23 -23.94 30.50
CA TRP B 621 -25.20 -24.76 29.81
C TRP B 621 -24.83 -26.18 29.48
N GLU B 622 -23.55 -26.53 29.44
CA GLU B 622 -23.22 -27.91 29.13
C GLU B 622 -23.57 -28.79 30.31
N TYR B 623 -24.01 -28.18 31.41
CA TYR B 623 -24.36 -28.92 32.61
C TYR B 623 -25.85 -29.24 32.72
N TYR B 624 -26.70 -28.44 32.06
CA TYR B 624 -28.14 -28.66 32.12
C TYR B 624 -28.63 -29.75 31.16
N ASP B 625 -29.88 -30.17 31.26
CA ASP B 625 -30.34 -31.23 30.38
C ASP B 625 -30.36 -30.85 28.90
N SER B 626 -30.32 -31.86 28.04
CA SER B 626 -30.31 -31.67 26.60
C SER B 626 -31.56 -30.98 26.08
N VAL B 627 -32.72 -31.59 26.32
CA VAL B 627 -33.99 -31.05 25.85
C VAL B 627 -34.22 -29.56 26.11
N TYR B 628 -33.90 -29.08 27.30
CA TYR B 628 -34.09 -27.66 27.60
C TYR B 628 -33.01 -26.79 26.97
N THR B 629 -31.77 -27.07 27.32
CA THR B 629 -30.64 -26.30 26.82
C THR B 629 -30.55 -26.24 25.29
N GLU B 630 -30.78 -27.36 24.62
CA GLU B 630 -30.68 -27.39 23.17
C GLU B 630 -31.80 -26.66 22.43
N ARG B 631 -32.94 -26.51 23.10
CA ARG B 631 -34.06 -25.82 22.49
C ARG B 631 -33.66 -24.38 22.25
N TYR B 632 -32.85 -23.84 23.14
CA TYR B 632 -32.45 -22.45 23.04
C TYR B 632 -31.03 -22.24 22.56
N MET B 633 -30.16 -23.20 22.85
CA MET B 633 -28.75 -23.06 22.50
C MET B 633 -28.22 -23.93 21.36
N GLY B 634 -29.03 -24.84 20.85
CA GLY B 634 -28.53 -25.69 19.78
C GLY B 634 -27.55 -26.65 20.41
N LEU B 635 -26.73 -27.29 19.58
CA LEU B 635 -25.74 -28.25 20.07
C LEU B 635 -24.38 -27.62 20.34
N PRO B 636 -23.71 -28.06 21.41
CA PRO B 636 -22.40 -27.61 21.89
C PRO B 636 -21.23 -28.18 21.11
N THR B 637 -21.34 -28.19 19.79
CA THR B 637 -20.28 -28.69 18.93
C THR B 637 -19.72 -27.51 18.19
N PRO B 638 -18.45 -27.59 17.77
CA PRO B 638 -17.87 -26.45 17.04
C PRO B 638 -18.58 -26.15 15.69
N GLU B 639 -19.39 -27.09 15.19
CA GLU B 639 -20.11 -26.86 13.92
C GLU B 639 -21.41 -26.15 14.17
N ASP B 640 -21.86 -26.15 15.42
CA ASP B 640 -23.13 -25.51 15.77
C ASP B 640 -22.98 -24.27 16.65
N ASN B 641 -23.05 -24.45 17.98
CA ASN B 641 -22.97 -23.30 18.87
C ASN B 641 -22.07 -23.43 20.10
N LEU B 642 -21.02 -24.22 19.99
CA LEU B 642 -20.09 -24.40 21.11
C LEU B 642 -19.46 -23.07 21.56
N ASP B 643 -19.05 -22.22 20.61
CA ASP B 643 -18.43 -20.96 20.99
C ASP B 643 -19.25 -20.18 21.98
N HIS B 644 -20.55 -20.03 21.74
CA HIS B 644 -21.37 -19.29 22.69
C HIS B 644 -21.62 -20.12 23.95
N TYR B 645 -21.63 -21.43 23.84
CA TYR B 645 -21.83 -22.24 25.04
C TYR B 645 -20.72 -21.84 26.02
N ARG B 646 -19.53 -21.67 25.48
CA ARG B 646 -18.37 -21.29 26.28
C ARG B 646 -18.36 -19.82 26.73
N ASN B 647 -18.83 -18.89 25.89
CA ASN B 647 -18.85 -17.48 26.28
C ASN B 647 -19.86 -17.13 27.37
N SER B 648 -20.81 -18.01 27.67
CA SER B 648 -21.82 -17.65 28.65
C SER B 648 -21.83 -18.39 29.97
N THR B 649 -20.65 -18.68 30.51
CA THR B 649 -20.58 -19.37 31.78
C THR B 649 -20.52 -18.33 32.90
N VAL B 650 -20.65 -18.74 34.15
CA VAL B 650 -20.55 -17.77 35.23
C VAL B 650 -19.10 -17.67 35.66
N MET B 651 -18.40 -18.80 35.66
CA MET B 651 -17.01 -18.80 36.09
C MET B 651 -16.12 -17.88 35.30
N SER B 652 -16.39 -17.75 34.01
CA SER B 652 -15.60 -16.88 33.15
C SER B 652 -15.69 -15.42 33.56
N ARG B 653 -16.66 -15.10 34.40
CA ARG B 653 -16.86 -13.75 34.88
C ARG B 653 -16.40 -13.60 36.32
N ALA B 654 -16.00 -14.70 36.95
CA ALA B 654 -15.57 -14.68 38.35
C ALA B 654 -14.82 -13.42 38.79
N GLU B 655 -13.87 -13.00 37.98
CA GLU B 655 -13.08 -11.83 38.31
C GLU B 655 -13.89 -10.61 38.74
N ASN B 656 -14.98 -10.34 38.04
CA ASN B 656 -15.82 -9.18 38.32
C ASN B 656 -16.66 -9.22 39.58
N PHE B 657 -16.50 -10.26 40.38
CA PHE B 657 -17.27 -10.36 41.60
C PHE B 657 -16.57 -9.60 42.69
N LYS B 658 -15.33 -9.20 42.43
CA LYS B 658 -14.58 -8.43 43.42
C LYS B 658 -15.39 -7.22 43.82
N GLN B 659 -16.18 -6.74 42.87
CA GLN B 659 -17.01 -5.56 43.04
C GLN B 659 -18.35 -5.74 43.76
N VAL B 660 -18.73 -6.98 44.09
CA VAL B 660 -20.03 -7.20 44.71
C VAL B 660 -20.05 -8.17 45.88
N GLU B 661 -21.14 -8.13 46.63
CA GLU B 661 -21.35 -9.03 47.75
C GLU B 661 -22.27 -10.14 47.23
N TYR B 662 -21.80 -11.37 47.26
CA TYR B 662 -22.56 -12.47 46.69
C TYR B 662 -22.89 -13.60 47.67
N LEU B 663 -24.09 -14.15 47.53
CA LEU B 663 -24.53 -15.26 48.36
C LEU B 663 -24.95 -16.42 47.43
N LEU B 664 -24.24 -17.55 47.52
CA LEU B 664 -24.53 -18.71 46.69
C LEU B 664 -25.24 -19.79 47.51
N ILE B 665 -26.45 -20.16 47.11
CA ILE B 665 -27.21 -21.15 47.85
C ILE B 665 -27.59 -22.30 46.92
N HIS B 666 -27.38 -23.53 47.36
CA HIS B 666 -27.73 -24.67 46.52
C HIS B 666 -28.02 -25.92 47.37
N GLY B 667 -29.04 -26.70 46.98
CA GLY B 667 -29.37 -27.92 47.69
C GLY B 667 -28.47 -29.03 47.18
N THR B 668 -27.96 -29.87 48.08
CA THR B 668 -27.05 -30.92 47.66
C THR B 668 -27.66 -32.06 46.87
N ALA B 669 -28.96 -32.28 47.04
CA ALA B 669 -29.65 -33.35 46.36
C ALA B 669 -30.43 -32.87 45.13
N ASP B 670 -30.07 -31.72 44.61
CA ASP B 670 -30.75 -31.16 43.43
C ASP B 670 -30.50 -32.05 42.20
N ASP B 671 -31.56 -32.71 41.71
CA ASP B 671 -31.42 -33.58 40.56
C ASP B 671 -31.58 -32.84 39.25
N ASN B 672 -32.17 -31.66 39.33
CA ASN B 672 -32.45 -30.80 38.19
C ASN B 672 -31.24 -29.97 37.80
N VAL B 673 -30.91 -29.02 38.64
CA VAL B 673 -29.73 -28.19 38.43
C VAL B 673 -28.83 -28.77 39.49
N HIS B 674 -27.90 -29.61 39.06
CA HIS B 674 -26.99 -30.30 39.96
C HIS B 674 -26.08 -29.42 40.82
N PHE B 675 -25.81 -29.87 42.04
CA PHE B 675 -24.98 -29.09 42.91
C PHE B 675 -23.70 -28.72 42.20
N GLN B 676 -23.33 -29.55 41.23
CA GLN B 676 -22.11 -29.35 40.46
C GLN B 676 -21.98 -27.96 39.91
N GLN B 677 -23.09 -27.42 39.42
CA GLN B 677 -23.08 -26.09 38.84
C GLN B 677 -22.65 -25.00 39.81
N SER B 678 -22.94 -25.15 41.09
CA SER B 678 -22.52 -24.15 42.05
C SER B 678 -21.14 -24.49 42.58
N ALA B 679 -20.79 -25.76 42.52
CA ALA B 679 -19.48 -26.19 42.97
C ALA B 679 -18.46 -25.61 42.00
N GLN B 680 -18.86 -25.39 40.75
CA GLN B 680 -17.95 -24.82 39.77
C GLN B 680 -17.91 -23.30 39.85
N ILE B 681 -18.97 -22.72 40.42
CA ILE B 681 -19.04 -21.28 40.59
C ILE B 681 -18.15 -20.84 41.75
N SER B 682 -18.18 -21.60 42.83
CA SER B 682 -17.37 -21.26 43.99
C SER B 682 -15.90 -21.50 43.70
N LYS B 683 -15.60 -22.59 43.01
CA LYS B 683 -14.23 -22.90 42.69
C LYS B 683 -13.60 -21.77 41.89
N ALA B 684 -14.33 -21.25 40.91
CA ALA B 684 -13.82 -20.15 40.08
C ALA B 684 -13.57 -18.90 40.91
N LEU B 685 -14.47 -18.60 41.85
CA LEU B 685 -14.33 -17.44 42.71
C LEU B 685 -13.12 -17.60 43.62
N VAL B 686 -12.93 -18.79 44.17
CA VAL B 686 -11.79 -19.03 45.05
C VAL B 686 -10.46 -18.89 44.29
N ASP B 687 -10.43 -19.38 43.05
CA ASP B 687 -9.23 -19.31 42.23
C ASP B 687 -8.91 -17.89 41.82
N VAL B 688 -9.88 -17.01 41.97
CA VAL B 688 -9.70 -15.62 41.57
C VAL B 688 -9.54 -14.70 42.77
N GLY B 689 -9.67 -15.28 43.96
CA GLY B 689 -9.52 -14.51 45.18
C GLY B 689 -10.69 -13.66 45.59
N VAL B 690 -11.90 -14.09 45.26
CA VAL B 690 -13.11 -13.36 45.61
C VAL B 690 -13.82 -13.95 46.81
N ASP B 691 -14.10 -13.11 47.81
CA ASP B 691 -14.80 -13.55 49.01
C ASP B 691 -16.30 -13.45 48.80
N PHE B 692 -17.03 -14.42 49.31
CA PHE B 692 -18.48 -14.42 49.16
C PHE B 692 -19.08 -15.31 50.22
N GLN B 693 -20.40 -15.23 50.36
CA GLN B 693 -21.11 -16.04 51.33
C GLN B 693 -21.61 -17.31 50.62
N ALA B 694 -21.82 -18.36 51.38
CA ALA B 694 -22.31 -19.59 50.78
C ALA B 694 -23.25 -20.28 51.73
N MET B 695 -23.97 -21.26 51.21
CA MET B 695 -24.91 -22.02 52.01
C MET B 695 -25.46 -23.19 51.21
N TRP B 696 -25.13 -24.39 51.66
CA TRP B 696 -25.63 -25.58 51.01
C TRP B 696 -26.80 -26.11 51.82
N TYR B 697 -27.71 -26.80 51.17
CA TYR B 697 -28.84 -27.37 51.86
C TYR B 697 -28.90 -28.87 51.64
N THR B 698 -28.26 -29.56 52.57
CA THR B 698 -28.13 -31.00 52.56
C THR B 698 -29.42 -31.80 52.38
N ASP B 699 -29.45 -32.60 51.33
CA ASP B 699 -30.56 -33.47 50.95
C ASP B 699 -31.77 -32.77 50.32
N GLU B 700 -31.64 -31.46 50.06
CA GLU B 700 -32.72 -30.70 49.45
C GLU B 700 -32.52 -30.60 47.96
N ASP B 701 -33.59 -30.62 47.19
CA ASP B 701 -33.40 -30.53 45.76
C ASP B 701 -33.67 -29.12 45.25
N HIS B 702 -33.88 -29.05 43.95
CA HIS B 702 -34.12 -27.78 43.31
C HIS B 702 -35.18 -26.93 43.97
N GLY B 703 -35.99 -27.53 44.82
CA GLY B 703 -37.04 -26.77 45.46
C GLY B 703 -36.72 -26.21 46.83
N ILE B 704 -35.90 -26.93 47.60
CA ILE B 704 -35.56 -26.46 48.96
C ILE B 704 -36.92 -26.14 49.55
N ALA B 705 -37.86 -27.05 49.33
CA ALA B 705 -39.23 -26.88 49.77
C ALA B 705 -39.59 -27.54 51.09
N SER B 706 -38.77 -28.44 51.61
CA SER B 706 -39.13 -29.06 52.87
C SER B 706 -39.36 -27.95 53.89
N SER B 707 -40.29 -28.20 54.81
CA SER B 707 -40.63 -27.21 55.82
C SER B 707 -39.47 -26.46 56.46
N THR B 708 -38.56 -27.20 57.08
CA THR B 708 -37.41 -26.60 57.76
C THR B 708 -36.43 -25.92 56.82
N ALA B 709 -36.21 -26.49 55.64
CA ALA B 709 -35.26 -25.91 54.70
C ALA B 709 -35.82 -24.61 54.13
N HIS B 710 -37.12 -24.60 53.88
CA HIS B 710 -37.80 -23.43 53.33
C HIS B 710 -37.73 -22.25 54.27
N GLN B 711 -38.04 -22.48 55.54
CA GLN B 711 -38.01 -21.41 56.51
C GLN B 711 -36.56 -21.01 56.73
N HIS B 712 -35.66 -21.97 56.68
CA HIS B 712 -34.27 -21.66 56.90
C HIS B 712 -33.65 -20.79 55.82
N ILE B 713 -33.91 -21.13 54.56
CA ILE B 713 -33.33 -20.39 53.45
C ILE B 713 -33.84 -18.97 53.25
N TYR B 714 -35.07 -18.69 53.68
CA TYR B 714 -35.55 -17.33 53.54
C TYR B 714 -35.06 -16.48 54.70
N THR B 715 -34.88 -17.11 55.85
CA THR B 715 -34.39 -16.39 57.00
C THR B 715 -32.96 -15.94 56.72
N HIS B 716 -32.16 -16.87 56.20
CA HIS B 716 -30.76 -16.58 55.87
C HIS B 716 -30.67 -15.45 54.86
N MET B 717 -31.49 -15.53 53.81
CA MET B 717 -31.49 -14.51 52.77
C MET B 717 -31.98 -13.17 53.34
N SER B 718 -33.00 -13.20 54.18
CA SER B 718 -33.52 -11.97 54.75
C SER B 718 -32.41 -11.24 55.49
N HIS B 719 -31.65 -11.98 56.29
CA HIS B 719 -30.54 -11.36 57.01
C HIS B 719 -29.58 -10.72 56.02
N PHE B 720 -29.26 -11.45 54.95
CA PHE B 720 -28.32 -11.00 53.93
C PHE B 720 -28.72 -9.66 53.29
N ILE B 721 -29.96 -9.57 52.88
CA ILE B 721 -30.41 -8.34 52.27
C ILE B 721 -30.41 -7.20 53.28
N LYS B 722 -30.83 -7.47 54.52
CA LYS B 722 -30.85 -6.45 55.56
C LYS B 722 -29.43 -5.94 55.78
N GLN B 723 -28.48 -6.87 55.92
CA GLN B 723 -27.08 -6.51 56.13
C GLN B 723 -26.62 -5.61 54.98
N CYS B 724 -26.86 -6.05 53.75
CA CYS B 724 -26.45 -5.29 52.58
C CYS B 724 -27.14 -3.93 52.46
N PHE B 725 -28.34 -3.79 53.03
CA PHE B 725 -29.08 -2.54 52.94
C PHE B 725 -29.01 -1.65 54.17
N SER B 726 -29.45 -2.13 55.34
CA SER B 726 -29.37 -1.32 56.56
C SER B 726 -27.84 -1.22 56.75
N SER C 1 54.71 62.86 -36.01
CA SER C 1 55.72 61.75 -36.09
C SER C 1 55.28 60.64 -37.05
N ARG C 2 56.09 60.38 -38.07
CA ARG C 2 55.81 59.32 -39.07
C ARG C 2 54.32 58.94 -39.30
N LYS C 3 54.07 57.80 -39.93
CA LYS C 3 52.68 57.43 -40.19
C LYS C 3 52.16 56.47 -39.15
N THR C 4 50.89 56.13 -39.24
CA THR C 4 50.26 55.21 -38.29
C THR C 4 50.01 53.84 -38.89
N TYR C 5 49.65 52.87 -38.04
CA TYR C 5 49.36 51.51 -38.49
C TYR C 5 48.00 51.64 -39.15
N THR C 6 47.99 51.49 -40.47
CA THR C 6 46.75 51.64 -41.23
C THR C 6 46.02 50.34 -41.54
N LEU C 7 44.81 50.46 -42.06
CA LEU C 7 44.04 49.27 -42.40
C LEU C 7 44.82 48.41 -43.37
N THR C 8 45.39 49.02 -44.42
CA THR C 8 46.18 48.28 -45.41
C THR C 8 47.34 47.56 -44.76
N ASP C 9 48.00 48.20 -43.79
CA ASP C 9 49.13 47.57 -43.11
C ASP C 9 48.70 46.25 -42.49
N TYR C 10 47.47 46.23 -41.98
CA TYR C 10 46.92 45.03 -41.39
C TYR C 10 46.48 44.06 -42.47
N LEU C 11 45.74 44.57 -43.46
CA LEU C 11 45.23 43.75 -44.54
C LEU C 11 46.27 43.21 -45.52
N LYS C 12 47.21 44.06 -45.87
CA LYS C 12 48.26 43.67 -46.79
C LYS C 12 49.45 43.10 -46.04
N ASN C 13 49.23 42.92 -44.73
CA ASN C 13 50.24 42.35 -43.84
C ASN C 13 51.63 42.91 -44.05
N THR C 14 51.77 44.23 -44.09
CA THR C 14 53.09 44.84 -44.30
C THR C 14 54.05 44.67 -43.12
N TYR C 15 53.54 44.54 -41.91
CA TYR C 15 54.43 44.36 -40.77
C TYR C 15 54.42 42.91 -40.30
N ARG C 16 55.34 42.13 -40.86
CA ARG C 16 55.48 40.71 -40.57
C ARG C 16 56.07 40.40 -39.19
N LEU C 17 55.71 39.24 -38.65
CA LEU C 17 56.23 38.77 -37.37
C LEU C 17 57.01 37.54 -37.83
N LYS C 18 58.14 37.28 -37.21
CA LYS C 18 58.90 36.09 -37.60
C LYS C 18 58.70 35.07 -36.49
N LEU C 19 58.73 33.80 -36.84
CA LEU C 19 58.56 32.76 -35.84
C LEU C 19 59.77 31.87 -35.96
N TYR C 20 59.75 30.75 -35.25
CA TYR C 20 60.84 29.79 -35.34
C TYR C 20 60.18 28.43 -35.10
N SER C 21 59.73 27.84 -36.20
CA SER C 21 59.05 26.56 -36.14
C SER C 21 60.02 25.44 -36.42
N LEU C 22 60.34 24.68 -35.37
CA LEU C 22 61.25 23.57 -35.48
C LEU C 22 60.54 22.30 -35.03
N ARG C 23 60.92 21.17 -35.59
CA ARG C 23 60.29 19.90 -35.19
C ARG C 23 61.39 18.96 -34.72
N TRP C 24 61.40 18.69 -33.42
CA TRP C 24 62.40 17.81 -32.85
C TRP C 24 62.36 16.43 -33.50
N ILE C 25 63.51 15.94 -33.93
CA ILE C 25 63.54 14.63 -34.55
C ILE C 25 64.26 13.64 -33.63
N SER C 26 64.89 14.20 -32.60
CA SER C 26 65.60 13.40 -31.61
C SER C 26 65.60 14.19 -30.31
N ASP C 27 66.49 13.82 -29.41
CA ASP C 27 66.59 14.52 -28.15
C ASP C 27 67.80 15.46 -28.23
N HIS C 28 68.45 15.47 -29.41
CA HIS C 28 69.67 16.26 -29.68
C HIS C 28 69.59 17.15 -30.92
N GLU C 29 68.67 16.82 -31.81
CA GLU C 29 68.50 17.59 -33.06
C GLU C 29 67.05 17.90 -33.40
N TYR C 30 66.88 18.95 -34.19
CA TYR C 30 65.57 19.38 -34.66
C TYR C 30 65.70 19.83 -36.10
N LEU C 31 64.62 19.71 -36.85
CA LEU C 31 64.61 20.12 -38.25
C LEU C 31 64.05 21.53 -38.27
N TYR C 32 64.59 22.36 -39.15
CA TYR C 32 64.12 23.74 -39.25
C TYR C 32 63.80 24.09 -40.67
N LYS C 33 62.58 23.76 -41.08
CA LYS C 33 62.08 24.03 -42.43
C LYS C 33 62.34 25.48 -42.82
N GLN C 34 62.80 25.68 -44.04
CA GLN C 34 63.03 27.03 -44.51
C GLN C 34 62.31 27.20 -45.86
N GLU C 35 62.30 28.43 -46.39
CA GLU C 35 61.59 28.72 -47.65
C GLU C 35 62.00 27.88 -48.85
N ASN C 36 63.15 27.22 -48.73
CA ASN C 36 63.62 26.40 -49.82
C ASN C 36 63.97 25.00 -49.34
N ASN C 37 64.70 24.90 -48.24
CA ASN C 37 65.12 23.58 -47.78
C ASN C 37 65.07 23.36 -46.30
N ILE C 38 64.79 22.10 -45.94
CA ILE C 38 64.72 21.70 -44.56
C ILE C 38 66.14 21.50 -44.05
N LEU C 39 66.50 22.26 -43.02
CA LEU C 39 67.82 22.13 -42.41
C LEU C 39 67.65 21.31 -41.14
N VAL C 40 68.72 20.66 -40.72
CA VAL C 40 68.70 19.89 -39.48
C VAL C 40 69.65 20.67 -38.59
N PHE C 41 69.26 20.85 -37.33
CA PHE C 41 70.05 21.62 -36.37
C PHE C 41 70.51 20.83 -35.16
N ASN C 42 71.68 21.18 -34.63
CA ASN C 42 72.15 20.51 -33.44
C ASN C 42 72.01 21.46 -32.27
N ALA C 43 71.11 21.12 -31.35
CA ALA C 43 70.85 21.94 -30.17
C ALA C 43 72.11 22.34 -29.39
N GLU C 44 72.82 21.34 -28.85
CA GLU C 44 74.01 21.62 -28.05
C GLU C 44 74.93 22.69 -28.66
N TYR C 45 75.19 22.60 -29.96
CA TYR C 45 76.11 23.54 -30.55
C TYR C 45 75.50 24.64 -31.41
N GLY C 46 74.46 24.30 -32.17
CA GLY C 46 73.82 25.30 -33.02
C GLY C 46 74.13 25.07 -34.48
N ASN C 47 75.12 24.22 -34.78
CA ASN C 47 75.52 23.90 -36.15
C ASN C 47 74.40 23.18 -36.91
N SER C 48 74.27 23.52 -38.18
CA SER C 48 73.23 22.92 -39.00
C SER C 48 73.80 22.32 -40.28
N SER C 49 72.95 21.61 -41.01
CA SER C 49 73.33 20.96 -42.26
C SER C 49 72.05 20.77 -43.06
N VAL C 50 72.13 20.91 -44.39
CA VAL C 50 70.94 20.74 -45.22
C VAL C 50 70.42 19.31 -45.09
N PHE C 51 69.17 19.15 -44.66
CA PHE C 51 68.60 17.81 -44.53
C PHE C 51 68.13 17.31 -45.89
N LEU C 52 67.61 18.24 -46.70
CA LEU C 52 67.18 17.93 -48.05
C LEU C 52 66.89 19.22 -48.81
N GLU C 53 67.49 19.30 -49.99
CA GLU C 53 67.38 20.45 -50.88
C GLU C 53 66.01 20.81 -51.37
N ASN C 54 65.83 22.11 -51.56
CA ASN C 54 64.58 22.63 -52.12
C ASN C 54 64.42 21.87 -53.42
N SER C 55 65.42 22.07 -54.29
CA SER C 55 65.48 21.45 -55.61
C SER C 55 65.19 19.95 -55.64
N THR C 56 65.46 19.27 -54.52
CA THR C 56 65.26 17.82 -54.48
C THR C 56 63.99 17.35 -55.23
N PHE C 57 62.95 18.17 -55.26
CA PHE C 57 61.72 17.77 -55.96
C PHE C 57 61.23 18.72 -57.05
N ASP C 58 62.08 19.66 -57.46
CA ASP C 58 61.71 20.60 -58.52
C ASP C 58 60.78 19.99 -59.57
N GLU C 59 61.25 18.98 -60.30
CA GLU C 59 60.37 18.41 -61.31
C GLU C 59 59.62 17.20 -60.78
N PHE C 60 58.94 17.42 -59.65
CA PHE C 60 58.12 16.39 -59.00
C PHE C 60 56.72 16.41 -59.64
N GLY C 61 56.45 17.50 -60.37
CA GLY C 61 55.17 17.67 -61.03
C GLY C 61 54.06 18.14 -60.12
N HIS C 62 54.36 18.31 -58.83
CA HIS C 62 53.33 18.75 -57.89
C HIS C 62 53.79 19.71 -56.82
N SER C 63 52.96 20.71 -56.58
CA SER C 63 53.22 21.69 -55.56
C SER C 63 53.03 20.92 -54.23
N ILE C 64 54.06 20.92 -53.41
CA ILE C 64 54.01 20.22 -52.14
C ILE C 64 53.70 21.20 -51.01
N ASN C 65 52.70 20.92 -50.19
CA ASN C 65 52.38 21.87 -49.13
C ASN C 65 52.91 21.40 -47.79
N ASP C 66 53.41 20.16 -47.75
CA ASP C 66 53.93 19.62 -46.50
C ASP C 66 54.76 18.36 -46.66
N TYR C 67 55.69 18.19 -45.73
CA TYR C 67 56.59 17.04 -45.68
C TYR C 67 56.31 16.34 -44.34
N SER C 68 56.87 15.15 -44.16
CA SER C 68 56.70 14.42 -42.92
C SER C 68 57.74 13.31 -42.92
N ILE C 69 58.73 13.50 -42.08
CA ILE C 69 59.84 12.56 -41.97
C ILE C 69 59.62 11.50 -40.93
N SER C 70 59.69 10.25 -41.37
CA SER C 70 59.48 9.12 -40.47
C SER C 70 60.44 9.25 -39.30
N PRO C 71 60.02 8.78 -38.12
CA PRO C 71 60.91 8.87 -36.94
C PRO C 71 62.16 8.01 -37.16
N ASP C 72 62.34 7.56 -38.40
CA ASP C 72 63.46 6.73 -38.81
C ASP C 72 64.62 7.53 -39.33
N GLY C 73 64.28 8.64 -39.97
CA GLY C 73 65.27 9.49 -40.59
C GLY C 73 65.45 8.84 -41.94
N GLN C 74 64.75 7.70 -42.11
CA GLN C 74 64.79 6.89 -43.32
C GLN C 74 63.83 7.23 -44.47
N PHE C 75 62.75 7.96 -44.18
CA PHE C 75 61.76 8.27 -45.23
C PHE C 75 61.08 9.63 -45.03
N ILE C 76 60.56 10.18 -46.13
CA ILE C 76 59.85 11.44 -46.07
C ILE C 76 58.49 11.24 -46.72
N LEU C 77 57.46 11.78 -46.08
CA LEU C 77 56.13 11.67 -46.63
C LEU C 77 55.95 12.99 -47.32
N LEU C 78 55.41 12.99 -48.53
CA LEU C 78 55.19 14.24 -49.27
C LEU C 78 53.71 14.47 -49.47
N GLU C 79 53.21 15.58 -48.93
CA GLU C 79 51.79 15.91 -49.05
C GLU C 79 51.50 16.93 -50.14
N TYR C 80 50.58 16.59 -51.03
CA TYR C 80 50.20 17.49 -52.12
C TYR C 80 48.74 17.26 -52.47
N ASN C 81 48.20 18.02 -53.42
CA ASN C 81 46.77 17.91 -53.76
C ASN C 81 45.93 18.05 -52.50
N TYR C 82 46.33 19.01 -51.67
CA TYR C 82 45.68 19.33 -50.41
C TYR C 82 44.32 19.96 -50.63
N VAL C 83 43.32 19.41 -49.97
CA VAL C 83 41.97 19.92 -50.08
C VAL C 83 41.38 20.01 -48.68
N LYS C 84 41.25 21.22 -48.19
CA LYS C 84 40.72 21.42 -46.87
C LYS C 84 39.27 20.99 -46.72
N GLN C 85 38.93 20.48 -45.56
CA GLN C 85 37.55 20.17 -45.30
C GLN C 85 37.06 21.11 -44.21
N TRP C 86 37.04 20.60 -42.98
CA TRP C 86 36.58 21.39 -41.84
C TRP C 86 37.70 22.17 -41.14
N ARG C 87 37.64 22.25 -39.82
CA ARG C 87 38.65 22.97 -39.04
C ARG C 87 40.00 22.22 -39.04
N HIS C 88 39.96 20.89 -38.92
CA HIS C 88 41.20 20.12 -38.90
C HIS C 88 41.26 19.10 -40.03
N SER C 89 40.11 18.59 -40.44
CA SER C 89 40.06 17.59 -41.51
C SER C 89 40.47 18.13 -42.89
N TYR C 90 40.81 17.21 -43.77
CA TYR C 90 41.22 17.53 -45.14
C TYR C 90 41.73 16.25 -45.80
N THR C 91 41.93 16.31 -47.13
CA THR C 91 42.43 15.16 -47.86
C THR C 91 43.56 15.59 -48.78
N ALA C 92 44.43 14.66 -49.13
CA ALA C 92 45.55 14.98 -49.99
C ALA C 92 46.11 13.73 -50.66
N SER C 93 47.19 13.90 -51.40
CA SER C 93 47.84 12.78 -52.07
C SER C 93 49.19 12.61 -51.38
N TYR C 94 49.71 11.39 -51.33
CA TYR C 94 50.98 11.18 -50.68
C TYR C 94 51.99 10.37 -51.49
N ASP C 95 53.25 10.76 -51.33
CA ASP C 95 54.37 10.08 -51.98
C ASP C 95 55.45 9.89 -50.91
N ILE C 96 56.08 8.71 -50.93
CA ILE C 96 57.10 8.40 -49.94
C ILE C 96 58.49 8.32 -50.58
N TYR C 97 59.34 9.25 -50.15
CA TYR C 97 60.71 9.37 -50.65
C TYR C 97 61.62 8.50 -49.77
N ASP C 98 62.60 7.85 -50.41
CA ASP C 98 63.54 7.01 -49.70
C ASP C 98 64.85 7.75 -49.53
N LEU C 99 65.08 8.24 -48.31
CA LEU C 99 66.30 8.98 -47.98
C LEU C 99 67.53 8.13 -48.23
N ASN C 100 67.37 6.81 -48.10
CA ASN C 100 68.47 5.90 -48.33
C ASN C 100 68.77 5.98 -49.84
N LYS C 101 68.06 5.19 -50.65
CA LYS C 101 68.31 5.22 -52.09
C LYS C 101 67.87 6.50 -52.84
N ARG C 102 67.55 7.58 -52.11
CA ARG C 102 67.14 8.87 -52.72
C ARG C 102 66.19 8.68 -53.91
N GLN C 103 65.04 8.06 -53.66
CA GLN C 103 64.12 7.71 -54.71
C GLN C 103 62.67 7.81 -54.26
N LEU C 104 61.78 8.16 -55.17
CA LEU C 104 60.36 8.18 -54.85
C LEU C 104 59.99 6.69 -54.90
N ILE C 105 59.11 6.24 -54.03
CA ILE C 105 58.73 4.84 -54.08
C ILE C 105 57.54 4.81 -55.02
N THR C 106 57.66 4.04 -56.09
CA THR C 106 56.60 4.01 -57.09
C THR C 106 55.58 2.88 -57.06
N GLU C 107 55.78 1.87 -56.23
CA GLU C 107 54.82 0.78 -56.18
C GLU C 107 54.05 0.77 -54.87
N GLU C 108 52.83 0.25 -54.89
CA GLU C 108 52.00 0.19 -53.69
C GLU C 108 51.87 1.58 -53.04
N ARG C 109 51.77 2.63 -53.86
CA ARG C 109 51.67 3.98 -53.28
C ARG C 109 50.34 4.22 -52.58
N ILE C 110 50.38 5.14 -51.62
CA ILE C 110 49.18 5.50 -50.84
C ILE C 110 48.21 6.12 -51.84
N PRO C 111 46.91 5.81 -51.70
CA PRO C 111 45.84 6.30 -52.58
C PRO C 111 45.72 7.79 -52.56
N ASN C 112 44.93 8.34 -53.48
CA ASN C 112 44.69 9.76 -53.51
C ASN C 112 43.50 9.94 -52.56
N ASN C 113 43.14 11.19 -52.26
CA ASN C 113 42.00 11.43 -51.37
C ASN C 113 42.10 10.70 -50.04
N THR C 114 43.32 10.62 -49.52
CA THR C 114 43.53 9.97 -48.24
C THR C 114 43.15 11.02 -47.19
N GLN C 115 42.42 10.58 -46.17
CA GLN C 115 41.95 11.48 -45.12
C GLN C 115 42.93 11.66 -43.96
N TRP C 116 43.75 10.64 -43.71
CA TRP C 116 44.73 10.73 -42.63
C TRP C 116 45.88 9.76 -42.77
N VAL C 117 47.10 10.27 -42.58
CA VAL C 117 48.32 9.47 -42.68
C VAL C 117 49.18 9.70 -41.45
N THR C 118 49.81 8.64 -40.94
CA THR C 118 50.64 8.78 -39.75
C THR C 118 51.70 7.69 -39.53
N TRP C 119 52.96 8.11 -39.45
CA TRP C 119 54.05 7.16 -39.21
C TRP C 119 53.86 6.54 -37.83
N SER C 120 54.65 5.50 -37.56
CA SER C 120 54.61 4.85 -36.26
C SER C 120 55.52 5.72 -35.38
N PRO C 121 55.37 5.60 -34.05
CA PRO C 121 56.20 6.39 -33.12
C PRO C 121 57.71 6.14 -33.22
N VAL C 122 58.12 5.03 -33.81
CA VAL C 122 59.55 4.72 -33.88
C VAL C 122 60.13 4.23 -35.21
N GLY C 123 59.54 3.20 -35.79
CA GLY C 123 60.08 2.70 -37.03
C GLY C 123 59.76 3.57 -38.24
N HIS C 124 58.98 2.98 -39.14
CA HIS C 124 58.57 3.68 -40.34
C HIS C 124 57.29 3.03 -40.87
N LYS C 125 56.51 2.49 -39.94
CA LYS C 125 55.23 1.89 -40.29
C LYS C 125 54.31 3.04 -40.68
N LEU C 126 53.25 2.71 -41.40
CA LEU C 126 52.28 3.70 -41.84
C LEU C 126 50.85 3.24 -41.61
N ALA C 127 50.03 4.17 -41.14
CA ALA C 127 48.62 3.89 -40.91
C ALA C 127 47.93 5.04 -41.62
N TYR C 128 46.91 4.75 -42.41
CA TYR C 128 46.20 5.81 -43.09
C TYR C 128 44.75 5.46 -43.25
N VAL C 129 43.91 6.48 -43.44
CA VAL C 129 42.49 6.25 -43.63
C VAL C 129 42.19 6.67 -45.05
N TRP C 130 41.32 5.91 -45.69
CA TRP C 130 40.93 6.19 -47.07
C TRP C 130 39.54 5.58 -47.22
N ASN C 131 38.58 6.41 -47.59
CA ASN C 131 37.21 5.94 -47.72
C ASN C 131 36.77 5.46 -46.36
N ASN C 132 37.15 6.21 -45.34
CA ASN C 132 36.79 5.89 -43.96
C ASN C 132 37.29 4.55 -43.43
N ASP C 133 38.23 3.92 -44.12
CA ASP C 133 38.79 2.66 -43.65
C ASP C 133 40.29 2.77 -43.34
N ILE C 134 40.74 1.99 -42.36
CA ILE C 134 42.13 2.00 -41.94
C ILE C 134 43.01 1.01 -42.66
N TYR C 135 44.16 1.49 -43.11
CA TYR C 135 45.13 0.64 -43.82
C TYR C 135 46.50 0.77 -43.13
N VAL C 136 47.22 -0.35 -43.02
CA VAL C 136 48.53 -0.34 -42.41
C VAL C 136 49.55 -0.77 -43.43
N LYS C 137 50.66 -0.03 -43.47
CA LYS C 137 51.79 -0.30 -44.36
C LYS C 137 53.04 -0.44 -43.52
N ILE C 138 53.43 -1.69 -43.27
CA ILE C 138 54.61 -2.00 -42.47
C ILE C 138 55.90 -1.59 -43.17
N GLU C 139 55.80 -1.42 -44.48
CA GLU C 139 56.94 -1.00 -45.29
C GLU C 139 56.45 -0.04 -46.35
N PRO C 140 57.15 1.10 -46.48
CA PRO C 140 56.82 2.13 -47.46
C PRO C 140 56.50 1.60 -48.86
N ASN C 141 57.12 0.47 -49.23
CA ASN C 141 56.90 -0.05 -50.59
C ASN C 141 56.19 -1.40 -50.66
N LEU C 142 55.60 -1.83 -49.56
CA LEU C 142 54.89 -3.11 -49.59
C LEU C 142 53.39 -2.92 -49.63
N PRO C 143 52.67 -3.98 -50.02
CA PRO C 143 51.20 -3.90 -50.09
C PRO C 143 50.60 -3.55 -48.73
N SER C 144 49.62 -2.66 -48.77
CA SER C 144 48.91 -2.18 -47.61
C SER C 144 47.95 -3.21 -47.00
N TYR C 145 47.95 -3.35 -45.68
CA TYR C 145 47.03 -4.29 -45.03
C TYR C 145 45.73 -3.53 -44.74
N ARG C 146 44.60 -4.19 -44.96
CA ARG C 146 43.30 -3.57 -44.68
C ARG C 146 42.90 -3.90 -43.24
N ILE C 147 42.73 -2.87 -42.39
CA ILE C 147 42.32 -3.14 -41.02
C ILE C 147 40.81 -3.16 -40.87
N THR C 148 40.15 -2.17 -41.46
CA THR C 148 38.69 -2.08 -41.39
C THR C 148 38.02 -2.22 -42.76
N TRP C 149 36.77 -2.71 -42.75
CA TRP C 149 36.02 -2.93 -44.00
C TRP C 149 34.61 -2.35 -43.94
N THR C 150 34.28 -1.68 -42.84
CA THR C 150 32.95 -1.11 -42.67
C THR C 150 32.78 0.36 -43.06
N GLY C 151 33.86 1.01 -43.44
CA GLY C 151 33.78 2.41 -43.80
C GLY C 151 32.75 2.79 -44.84
N LYS C 152 31.95 3.80 -44.53
CA LYS C 152 30.95 4.32 -45.46
C LYS C 152 30.75 5.80 -45.20
N GLU C 153 30.85 6.57 -46.28
CA GLU C 153 30.73 8.02 -46.24
C GLU C 153 29.57 8.54 -45.40
N ASP C 154 29.88 9.54 -44.57
CA ASP C 154 28.91 10.19 -43.70
C ASP C 154 28.12 9.22 -42.85
N ILE C 155 28.66 8.03 -42.60
CA ILE C 155 27.94 7.04 -41.79
C ILE C 155 28.86 6.29 -40.82
N ILE C 156 29.93 5.70 -41.35
CA ILE C 156 30.86 4.95 -40.51
C ILE C 156 32.29 5.40 -40.70
N TYR C 157 32.83 5.96 -39.62
CA TYR C 157 34.19 6.50 -39.59
C TYR C 157 35.13 5.60 -38.82
N ASN C 158 36.19 5.17 -39.49
CA ASN C 158 37.20 4.33 -38.87
C ASN C 158 38.54 5.04 -38.92
N GLY C 159 39.09 5.40 -37.76
CA GLY C 159 40.38 6.06 -37.74
C GLY C 159 40.34 7.55 -37.97
N ILE C 160 39.14 8.07 -38.24
CA ILE C 160 38.95 9.50 -38.43
C ILE C 160 37.69 9.88 -37.66
N THR C 161 37.63 11.13 -37.22
CA THR C 161 36.48 11.61 -36.45
C THR C 161 35.41 12.18 -37.37
N ASP C 162 34.19 12.29 -36.85
CA ASP C 162 33.08 12.86 -37.60
C ASP C 162 33.00 14.35 -37.22
N TRP C 163 32.30 15.16 -38.01
CA TRP C 163 32.23 16.59 -37.74
C TRP C 163 32.32 17.02 -36.28
N VAL C 164 31.38 16.57 -35.44
CA VAL C 164 31.38 16.97 -34.04
C VAL C 164 32.59 16.50 -33.23
N TYR C 165 33.00 15.24 -33.35
CA TYR C 165 34.15 14.78 -32.60
C TYR C 165 35.42 15.52 -33.06
N GLU C 166 35.42 15.93 -34.32
CA GLU C 166 36.55 16.64 -34.88
C GLU C 166 36.64 18.07 -34.37
N GLU C 167 35.48 18.67 -34.16
CA GLU C 167 35.38 20.05 -33.70
C GLU C 167 35.27 20.23 -32.20
N GLU C 168 34.46 19.40 -31.56
CA GLU C 168 34.21 19.55 -30.15
C GLU C 168 34.99 18.74 -29.13
N VAL C 169 35.41 17.53 -29.47
CA VAL C 169 36.16 16.76 -28.49
C VAL C 169 37.62 16.50 -28.83
N PHE C 170 37.92 16.05 -30.03
CA PHE C 170 39.31 15.76 -30.36
C PHE C 170 40.08 16.87 -31.06
N SER C 171 39.37 17.88 -31.55
CA SER C 171 40.02 18.98 -32.23
C SER C 171 41.04 18.46 -33.24
N ALA C 172 40.68 17.35 -33.89
CA ALA C 172 41.54 16.73 -34.89
C ALA C 172 40.67 15.86 -35.77
N TYR C 173 41.20 15.49 -36.92
CA TYR C 173 40.46 14.63 -37.83
C TYR C 173 40.83 13.18 -37.50
N SER C 174 42.04 13.01 -37.00
CA SER C 174 42.58 11.69 -36.65
C SER C 174 42.00 11.00 -35.41
N ALA C 175 41.52 9.77 -35.62
CA ALA C 175 40.97 9.00 -34.51
C ALA C 175 41.76 7.72 -34.32
N LEU C 176 43.08 7.83 -34.40
CA LEU C 176 43.91 6.66 -34.17
C LEU C 176 45.17 7.00 -33.38
N TRP C 177 45.66 6.02 -32.63
CA TRP C 177 46.81 6.19 -31.77
C TRP C 177 47.68 4.93 -31.68
N TRP C 178 48.91 5.01 -32.20
CA TRP C 178 49.82 3.87 -32.11
C TRP C 178 50.23 3.67 -30.65
N SER C 179 50.74 2.49 -30.31
CA SER C 179 51.21 2.22 -28.95
C SER C 179 52.65 2.73 -28.99
N PRO C 180 53.20 3.13 -27.84
CA PRO C 180 54.57 3.65 -27.79
C PRO C 180 55.55 3.12 -28.84
N ASN C 181 55.90 1.83 -28.77
CA ASN C 181 56.84 1.21 -29.73
C ASN C 181 56.28 0.92 -31.14
N GLY C 182 54.97 1.07 -31.31
CA GLY C 182 54.39 0.84 -32.63
C GLY C 182 53.95 -0.58 -32.93
N THR C 183 53.72 -1.36 -31.89
CA THR C 183 53.28 -2.74 -32.06
C THR C 183 51.79 -2.75 -32.28
N PHE C 184 51.09 -1.95 -31.47
CA PHE C 184 49.65 -1.85 -31.52
C PHE C 184 49.19 -0.56 -32.19
N LEU C 185 47.97 -0.61 -32.73
CA LEU C 185 47.32 0.53 -33.36
C LEU C 185 45.90 0.55 -32.84
N ALA C 186 45.59 1.57 -32.03
CA ALA C 186 44.27 1.73 -31.47
C ALA C 186 43.53 2.72 -32.36
N TYR C 187 42.22 2.57 -32.43
CA TYR C 187 41.41 3.47 -33.23
C TYR C 187 39.98 3.46 -32.75
N ALA C 188 39.27 4.56 -33.02
CA ALA C 188 37.87 4.67 -32.65
C ALA C 188 37.06 4.56 -33.95
N GLN C 189 35.80 4.20 -33.80
CA GLN C 189 34.90 4.08 -34.93
C GLN C 189 33.64 4.83 -34.58
N PHE C 190 33.25 5.75 -35.45
CA PHE C 190 32.06 6.55 -35.20
C PHE C 190 30.95 6.12 -36.13
N ASN C 191 29.75 6.08 -35.58
CA ASN C 191 28.55 5.71 -36.32
C ASN C 191 27.63 6.94 -36.36
N ASP C 192 27.50 7.55 -37.52
CA ASP C 192 26.66 8.73 -37.65
C ASP C 192 25.37 8.35 -38.34
N THR C 193 25.09 7.06 -38.34
CA THR C 193 23.91 6.52 -39.00
C THR C 193 22.64 7.33 -38.73
N GLU C 194 22.31 7.56 -37.47
CA GLU C 194 21.08 8.27 -37.26
C GLU C 194 21.17 9.73 -36.83
N VAL C 195 22.26 10.37 -37.21
CA VAL C 195 22.49 11.78 -36.93
C VAL C 195 21.85 12.59 -38.08
N PRO C 196 21.02 13.59 -37.74
CA PRO C 196 20.38 14.42 -38.75
C PRO C 196 21.42 15.12 -39.61
N LEU C 197 20.98 15.64 -40.76
CA LEU C 197 21.90 16.32 -41.65
C LEU C 197 21.63 17.81 -41.76
N ILE C 198 22.68 18.61 -41.68
CA ILE C 198 22.53 20.04 -41.84
C ILE C 198 22.75 20.21 -43.32
N GLU C 199 21.93 21.02 -43.97
CA GLU C 199 22.08 21.22 -45.39
C GLU C 199 22.18 22.69 -45.78
N TYR C 200 23.01 22.98 -46.76
CA TYR C 200 23.16 24.35 -47.22
C TYR C 200 23.76 24.38 -48.61
N SER C 201 23.50 25.46 -49.34
CA SER C 201 24.00 25.63 -50.69
C SER C 201 25.41 26.17 -50.80
N PHE C 202 26.12 25.66 -51.78
CA PHE C 202 27.46 26.11 -52.07
C PHE C 202 27.34 26.55 -53.52
N TYR C 203 27.73 27.79 -53.81
CA TYR C 203 27.56 28.27 -55.18
C TYR C 203 28.73 28.10 -56.11
N SER C 204 29.92 27.87 -55.57
CA SER C 204 31.12 27.66 -56.40
C SER C 204 31.42 28.72 -57.45
N ASP C 205 32.28 28.41 -58.42
CA ASP C 205 32.60 29.39 -59.45
C ASP C 205 31.39 29.76 -60.25
N GLU C 206 31.39 30.99 -60.75
CA GLU C 206 30.34 31.53 -61.57
C GLU C 206 29.83 30.52 -62.62
N SER C 207 30.71 29.61 -63.05
CA SER C 207 30.36 28.62 -64.07
C SER C 207 29.44 27.47 -63.66
N LEU C 208 29.24 27.29 -62.36
CA LEU C 208 28.35 26.23 -61.89
C LEU C 208 26.93 26.70 -62.11
N GLN C 209 26.23 26.10 -63.08
CA GLN C 209 24.85 26.50 -63.37
C GLN C 209 23.90 26.32 -62.20
N TYR C 210 23.91 25.14 -61.61
CA TYR C 210 23.04 24.84 -60.46
C TYR C 210 23.85 24.78 -59.18
N PRO C 211 23.41 25.50 -58.14
CA PRO C 211 24.10 25.50 -56.86
C PRO C 211 24.03 24.08 -56.33
N LYS C 212 25.03 23.64 -55.57
CA LYS C 212 25.00 22.29 -55.01
C LYS C 212 24.71 22.28 -53.52
N THR C 213 23.95 21.29 -53.08
CA THR C 213 23.60 21.15 -51.68
C THR C 213 24.66 20.38 -50.93
N VAL C 214 25.20 21.00 -49.90
CA VAL C 214 26.19 20.34 -49.07
C VAL C 214 25.45 19.83 -47.85
N ARG C 215 25.56 18.54 -47.56
CA ARG C 215 24.89 18.02 -46.38
C ARG C 215 25.83 17.21 -45.51
N VAL C 216 25.92 17.56 -44.25
CA VAL C 216 26.80 16.85 -43.35
C VAL C 216 26.09 16.44 -42.06
N PRO C 217 26.48 15.30 -41.47
CA PRO C 217 25.92 14.78 -40.22
C PRO C 217 26.31 15.75 -39.12
N TYR C 218 25.31 16.40 -38.54
CA TYR C 218 25.55 17.39 -37.51
C TYR C 218 24.45 17.29 -36.45
N PRO C 219 24.83 16.93 -35.21
CA PRO C 219 23.82 16.82 -34.16
C PRO C 219 23.62 18.13 -33.40
N LYS C 220 22.50 18.77 -33.64
CA LYS C 220 22.21 20.02 -32.95
C LYS C 220 21.82 19.67 -31.51
N ALA C 221 21.68 20.67 -30.65
CA ALA C 221 21.33 20.44 -29.24
C ALA C 221 20.15 19.48 -29.02
N GLY C 222 20.40 18.40 -28.28
CA GLY C 222 19.35 17.43 -28.00
C GLY C 222 18.97 16.42 -29.08
N ALA C 223 19.57 16.50 -30.26
CA ALA C 223 19.26 15.56 -31.35
C ALA C 223 20.09 14.29 -31.15
N VAL C 224 19.98 13.34 -32.07
CA VAL C 224 20.73 12.09 -31.95
C VAL C 224 22.23 12.28 -32.16
N ASN C 225 23.00 11.83 -31.18
CA ASN C 225 24.46 11.93 -31.26
C ASN C 225 25.02 10.70 -31.94
N PRO C 226 26.22 10.81 -32.48
CA PRO C 226 26.76 9.61 -33.12
C PRO C 226 27.19 8.67 -32.01
N THR C 227 27.49 7.43 -32.34
CA THR C 227 27.90 6.49 -31.32
C THR C 227 29.36 6.16 -31.55
N VAL C 228 29.98 5.52 -30.56
CA VAL C 228 31.39 5.20 -30.68
C VAL C 228 31.82 3.84 -30.12
N LYS C 229 32.89 3.29 -30.69
CA LYS C 229 33.46 2.03 -30.29
C LYS C 229 34.97 2.16 -30.35
N PHE C 230 35.67 1.48 -29.44
CA PHE C 230 37.14 1.54 -29.42
C PHE C 230 37.75 0.16 -29.75
N PHE C 231 38.81 0.16 -30.54
CA PHE C 231 39.47 -1.09 -30.91
C PHE C 231 40.98 -0.97 -30.86
N VAL C 232 41.65 -2.12 -30.82
CA VAL C 232 43.10 -2.18 -30.80
C VAL C 232 43.51 -3.38 -31.66
N VAL C 233 44.34 -3.12 -32.66
CA VAL C 233 44.82 -4.14 -33.57
C VAL C 233 46.33 -4.29 -33.40
N ASN C 234 46.82 -5.51 -33.67
CA ASN C 234 48.24 -5.79 -33.53
C ASN C 234 48.91 -5.74 -34.88
N THR C 235 49.61 -4.64 -35.15
CA THR C 235 50.29 -4.48 -36.42
C THR C 235 51.46 -5.44 -36.63
N ASP C 236 51.63 -6.41 -35.75
CA ASP C 236 52.75 -7.36 -35.92
C ASP C 236 52.21 -8.74 -36.25
N SER C 237 50.89 -8.86 -36.34
CA SER C 237 50.30 -10.17 -36.60
C SER C 237 49.53 -10.22 -37.92
N LEU C 238 49.44 -9.08 -38.59
CA LEU C 238 48.71 -9.01 -39.83
C LEU C 238 49.36 -9.83 -40.95
N SER C 239 48.56 -10.68 -41.59
CA SER C 239 49.04 -11.55 -42.66
C SER C 239 49.00 -10.93 -44.06
N SER C 240 47.89 -11.09 -44.77
CA SER C 240 47.74 -10.56 -46.13
C SER C 240 46.79 -11.53 -46.83
N VAL C 241 46.54 -12.63 -46.13
CA VAL C 241 45.65 -13.69 -46.59
C VAL C 241 44.45 -13.72 -45.63
N THR C 242 44.75 -13.58 -44.34
CA THR C 242 43.76 -13.56 -43.26
C THR C 242 43.39 -12.09 -42.95
N ASN C 243 42.15 -11.84 -42.57
CA ASN C 243 41.74 -10.47 -42.25
C ASN C 243 42.08 -10.10 -40.81
N ALA C 244 42.88 -9.04 -40.64
CA ALA C 244 43.29 -8.59 -39.30
C ALA C 244 42.18 -8.70 -38.25
N THR C 245 42.56 -8.87 -36.99
CA THR C 245 41.57 -8.97 -35.92
C THR C 245 41.64 -7.72 -35.03
N SER C 246 40.50 -7.07 -34.83
CA SER C 246 40.48 -5.87 -34.00
C SER C 246 39.81 -6.19 -32.67
N ILE C 247 40.59 -6.24 -31.59
CA ILE C 247 40.00 -6.52 -30.29
C ILE C 247 39.32 -5.25 -29.78
N GLN C 248 38.03 -5.33 -29.52
CA GLN C 248 37.26 -4.16 -29.08
C GLN C 248 37.19 -3.96 -27.58
N ILE C 249 37.70 -2.83 -27.11
CA ILE C 249 37.65 -2.45 -25.70
C ILE C 249 36.29 -1.75 -25.57
N THR C 250 35.52 -2.08 -24.55
CA THR C 250 34.21 -1.48 -24.45
C THR C 250 33.96 -0.78 -23.13
N ALA C 251 32.68 -0.74 -22.77
CA ALA C 251 32.20 -0.18 -21.52
C ALA C 251 32.78 1.22 -21.30
N PRO C 252 32.86 1.69 -20.04
CA PRO C 252 32.51 1.13 -18.73
C PRO C 252 31.01 0.98 -18.56
N ALA C 253 30.58 0.36 -17.47
CA ALA C 253 29.15 0.17 -17.26
C ALA C 253 28.45 1.49 -16.98
N SER C 254 29.06 2.31 -16.12
CA SER C 254 28.49 3.60 -15.75
C SER C 254 28.30 4.53 -16.94
N MET C 255 28.94 4.19 -18.06
CA MET C 255 28.81 5.01 -19.26
C MET C 255 27.84 4.38 -20.25
N LEU C 256 27.95 3.07 -20.44
CA LEU C 256 27.08 2.33 -21.37
C LEU C 256 25.58 2.50 -21.11
N ILE C 257 25.18 2.75 -19.87
CA ILE C 257 23.77 2.92 -19.59
C ILE C 257 23.07 4.03 -20.36
N GLY C 258 23.82 4.84 -21.10
CA GLY C 258 23.20 5.92 -21.87
C GLY C 258 24.16 6.56 -22.84
N ASP C 259 23.73 7.66 -23.45
CA ASP C 259 24.57 8.36 -24.40
C ASP C 259 25.86 8.81 -23.73
N HIS C 260 26.98 8.58 -24.40
CA HIS C 260 28.27 8.96 -23.84
C HIS C 260 29.21 9.30 -24.99
N TYR C 261 30.42 9.71 -24.66
CA TYR C 261 31.42 10.09 -25.65
C TYR C 261 32.78 9.51 -25.24
N LEU C 262 33.67 9.32 -26.21
CA LEU C 262 35.04 8.89 -25.94
C LEU C 262 35.81 10.21 -25.97
N CYS C 263 36.36 10.66 -24.83
CA CYS C 263 37.06 11.94 -24.82
C CYS C 263 38.56 11.96 -24.76
N ASP C 264 39.19 10.82 -24.51
CA ASP C 264 40.64 10.81 -24.46
C ASP C 264 41.24 9.42 -24.50
N VAL C 265 42.29 9.25 -25.30
CA VAL C 265 42.95 7.96 -25.33
C VAL C 265 44.44 8.23 -25.21
N THR C 266 45.02 7.70 -24.14
CA THR C 266 46.44 7.89 -23.86
C THR C 266 47.09 6.58 -23.51
N TRP C 267 48.11 6.22 -24.29
CA TRP C 267 48.85 4.99 -24.06
C TRP C 267 49.76 5.15 -22.85
N ALA C 268 49.74 4.16 -21.96
CA ALA C 268 50.58 4.22 -20.77
C ALA C 268 51.91 3.53 -21.02
N THR C 269 51.86 2.36 -21.68
CA THR C 269 53.07 1.59 -21.96
C THR C 269 52.87 0.75 -23.20
N GLN C 270 53.86 -0.09 -23.49
CA GLN C 270 53.81 -0.99 -24.65
C GLN C 270 52.61 -1.93 -24.61
N GLU C 271 52.06 -2.11 -23.42
CA GLU C 271 50.92 -3.01 -23.22
C GLU C 271 49.86 -2.48 -22.26
N ARG C 272 49.72 -1.16 -22.20
CA ARG C 272 48.69 -0.58 -21.34
C ARG C 272 48.19 0.70 -21.97
N ILE C 273 46.88 0.88 -21.96
CA ILE C 273 46.29 2.07 -22.56
C ILE C 273 45.14 2.57 -21.69
N SER C 274 45.09 3.89 -21.52
CA SER C 274 44.04 4.50 -20.73
C SER C 274 43.01 5.10 -21.67
N LEU C 275 41.77 5.07 -21.21
CA LEU C 275 40.64 5.57 -21.98
C LEU C 275 39.80 6.44 -21.05
N GLN C 276 39.37 7.60 -21.52
CA GLN C 276 38.52 8.47 -20.72
C GLN C 276 37.16 8.66 -21.39
N TRP C 277 36.10 8.31 -20.68
CA TRP C 277 34.75 8.42 -21.24
C TRP C 277 33.90 9.47 -20.51
N LEU C 278 33.11 10.22 -21.28
CA LEU C 278 32.25 11.25 -20.73
C LEU C 278 30.78 11.04 -21.10
N ARG C 279 29.89 11.16 -20.12
CA ARG C 279 28.45 11.00 -20.35
C ARG C 279 27.96 12.18 -21.16
N ARG C 280 26.81 12.02 -21.81
CA ARG C 280 26.25 13.11 -22.60
C ARG C 280 26.04 14.30 -21.67
N ILE C 281 25.68 14.02 -20.43
CA ILE C 281 25.55 15.05 -19.43
C ILE C 281 26.98 15.09 -18.94
N GLN C 282 27.80 15.97 -19.49
CA GLN C 282 29.21 16.08 -19.16
C GLN C 282 29.62 16.37 -17.71
N ASN C 283 28.79 15.88 -16.80
CA ASN C 283 28.94 15.97 -15.34
C ASN C 283 29.97 14.97 -14.79
N TYR C 284 29.87 13.76 -15.34
CA TYR C 284 30.62 12.59 -14.92
C TYR C 284 31.44 11.96 -16.04
N SER C 285 32.72 11.68 -15.75
CA SER C 285 33.62 11.05 -16.72
C SER C 285 34.41 9.95 -16.02
N VAL C 286 34.65 8.85 -16.73
CA VAL C 286 35.40 7.74 -16.15
C VAL C 286 36.66 7.42 -16.92
N MET C 287 37.72 7.10 -16.19
CA MET C 287 38.95 6.71 -16.86
C MET C 287 39.18 5.23 -16.65
N ASP C 288 39.54 4.53 -17.72
CA ASP C 288 39.83 3.10 -17.64
C ASP C 288 41.31 2.86 -17.98
N ILE C 289 41.90 1.91 -17.28
CA ILE C 289 43.29 1.55 -17.51
C ILE C 289 43.34 0.11 -18.01
N CYS C 290 43.54 -0.06 -19.31
CA CYS C 290 43.53 -1.40 -19.87
C CYS C 290 44.86 -2.05 -20.25
N ASP C 291 45.05 -3.28 -19.78
CA ASP C 291 46.27 -4.02 -20.08
C ASP C 291 45.99 -5.14 -21.08
N TYR C 292 47.02 -5.49 -21.83
CA TYR C 292 46.92 -6.55 -22.80
C TYR C 292 47.02 -7.89 -22.06
N ASP C 293 46.35 -8.90 -22.59
CA ASP C 293 46.42 -10.22 -21.98
C ASP C 293 47.28 -11.13 -22.85
N GLU C 294 48.56 -11.14 -22.52
CA GLU C 294 49.58 -11.94 -23.21
C GLU C 294 49.00 -13.22 -23.79
N SER C 295 48.42 -14.04 -22.92
CA SER C 295 47.84 -15.32 -23.33
C SER C 295 46.31 -15.32 -23.38
N SER C 296 45.76 -14.44 -24.22
CA SER C 296 44.32 -14.32 -24.38
C SER C 296 44.00 -13.51 -25.64
N GLY C 297 44.91 -12.60 -25.99
CA GLY C 297 44.75 -11.76 -27.17
C GLY C 297 43.97 -10.50 -26.87
N ARG C 298 43.11 -10.52 -25.85
CA ARG C 298 42.31 -9.35 -25.53
C ARG C 298 42.83 -8.37 -24.47
N TRP C 299 42.09 -7.29 -24.26
CA TRP C 299 42.47 -6.25 -23.31
C TRP C 299 41.49 -6.13 -22.16
N ASN C 300 42.00 -6.22 -20.94
CA ASN C 300 41.13 -6.13 -19.78
C ASN C 300 41.40 -4.85 -19.00
N CYS C 301 40.33 -4.19 -18.60
CA CYS C 301 40.48 -2.96 -17.87
C CYS C 301 39.93 -3.25 -16.50
N LEU C 302 40.81 -3.58 -15.57
CA LEU C 302 40.34 -3.87 -14.22
C LEU C 302 39.59 -2.68 -13.63
N VAL C 303 38.40 -2.95 -13.11
CA VAL C 303 37.61 -1.92 -12.45
C VAL C 303 38.44 -1.59 -11.21
N ALA C 304 38.04 -0.62 -10.39
CA ALA C 304 38.83 -0.32 -9.20
C ALA C 304 40.19 0.25 -9.60
N ARG C 305 40.62 -0.09 -10.81
CA ARG C 305 41.88 0.38 -11.38
C ARG C 305 41.51 1.59 -12.25
N GLN C 306 40.21 1.92 -12.24
CA GLN C 306 39.69 3.04 -13.01
C GLN C 306 39.46 4.21 -12.06
N HIS C 307 39.32 5.41 -12.62
CA HIS C 307 39.13 6.62 -11.83
C HIS C 307 37.97 7.48 -12.30
N ILE C 308 37.17 7.96 -11.35
CA ILE C 308 36.03 8.81 -11.67
C ILE C 308 36.39 10.28 -11.49
N GLU C 309 35.98 11.11 -12.45
CA GLU C 309 36.23 12.54 -12.39
C GLU C 309 34.90 13.25 -12.66
N MET C 310 34.33 13.84 -11.62
CA MET C 310 33.05 14.53 -11.76
C MET C 310 33.07 15.93 -11.17
N SER C 311 32.10 16.74 -11.58
CA SER C 311 32.00 18.09 -11.08
C SER C 311 30.57 18.31 -10.62
N THR C 312 30.36 18.99 -9.51
CA THR C 312 29.00 19.26 -9.07
C THR C 312 28.68 20.70 -9.39
N THR C 313 29.69 21.47 -9.77
CA THR C 313 29.48 22.87 -10.08
C THR C 313 29.38 23.14 -11.57
N GLY C 314 29.88 22.20 -12.39
CA GLY C 314 29.84 22.40 -13.82
C GLY C 314 30.13 21.14 -14.60
N TRP C 315 30.79 21.33 -15.72
CA TRP C 315 31.17 20.23 -16.60
C TRP C 315 32.60 19.83 -16.22
N VAL C 316 33.04 18.68 -16.69
CA VAL C 316 34.38 18.22 -16.37
C VAL C 316 35.40 18.79 -17.36
N GLY C 317 36.54 19.23 -16.83
CA GLY C 317 37.59 19.80 -17.67
C GLY C 317 37.27 21.19 -18.19
N ARG C 318 38.26 21.89 -18.74
CA ARG C 318 38.00 23.22 -19.28
C ARG C 318 37.14 23.07 -20.53
N PHE C 319 37.52 22.13 -21.38
CA PHE C 319 36.73 21.88 -22.58
C PHE C 319 36.41 20.38 -22.67
N ARG C 320 37.39 19.57 -22.29
CA ARG C 320 37.29 18.11 -22.30
C ARG C 320 38.11 17.76 -21.07
N PRO C 321 37.74 16.73 -20.30
CA PRO C 321 38.54 16.37 -19.12
C PRO C 321 40.01 16.22 -19.49
N SER C 322 40.90 16.71 -18.63
CA SER C 322 42.35 16.70 -18.89
C SER C 322 42.99 15.41 -19.36
N GLU C 323 44.22 15.56 -19.83
CA GLU C 323 45.04 14.47 -20.36
C GLU C 323 46.04 13.91 -19.35
N PRO C 324 46.08 12.57 -19.19
CA PRO C 324 46.99 11.91 -18.25
C PRO C 324 48.43 11.81 -18.73
N HIS C 325 49.39 11.96 -17.82
CA HIS C 325 50.81 11.88 -18.15
C HIS C 325 51.44 10.79 -17.29
N PHE C 326 51.61 9.62 -17.88
CA PHE C 326 52.16 8.47 -17.19
C PHE C 326 53.67 8.48 -16.95
N THR C 327 54.05 7.92 -15.81
CA THR C 327 55.45 7.79 -15.46
C THR C 327 55.93 6.65 -16.34
N LEU C 328 57.22 6.62 -16.63
CA LEU C 328 57.80 5.59 -17.48
C LEU C 328 57.22 4.19 -17.30
N ASP C 329 57.19 3.70 -16.07
CA ASP C 329 56.68 2.36 -15.79
C ASP C 329 55.15 2.23 -15.86
N GLY C 330 54.46 3.36 -16.01
CA GLY C 330 53.02 3.33 -16.10
C GLY C 330 52.29 2.69 -14.94
N ASN C 331 52.59 3.12 -13.73
CA ASN C 331 51.91 2.58 -12.55
C ASN C 331 51.31 3.75 -11.79
N SER C 332 51.69 4.95 -12.25
CA SER C 332 51.23 6.21 -11.70
C SER C 332 51.27 7.26 -12.81
N PHE C 333 50.53 8.35 -12.61
CA PHE C 333 50.46 9.40 -13.60
C PHE C 333 50.04 10.74 -12.99
N TYR C 334 50.19 11.80 -13.77
CA TYR C 334 49.81 13.15 -13.33
C TYR C 334 48.78 13.69 -14.31
N LYS C 335 47.85 14.51 -13.80
CA LYS C 335 46.84 15.10 -14.64
C LYS C 335 46.15 16.24 -13.91
N ILE C 336 45.80 17.27 -14.67
CA ILE C 336 45.15 18.46 -14.12
C ILE C 336 43.67 18.27 -13.87
N ILE C 337 43.27 18.39 -12.61
CA ILE C 337 41.87 18.27 -12.26
C ILE C 337 41.53 19.47 -11.42
N SER C 338 40.25 19.77 -11.33
CA SER C 338 39.83 20.92 -10.55
C SER C 338 40.03 20.67 -9.04
N ASN C 339 40.41 21.74 -8.34
CA ASN C 339 40.64 21.71 -6.91
C ASN C 339 39.40 21.42 -6.10
N GLU C 340 39.61 21.39 -4.80
CA GLU C 340 38.53 21.20 -3.86
C GLU C 340 38.09 22.67 -3.72
N GLU C 341 39.09 23.54 -3.83
CA GLU C 341 38.93 24.97 -3.72
C GLU C 341 38.56 25.57 -5.09
N GLY C 342 38.38 24.70 -6.09
CA GLY C 342 37.99 25.16 -7.41
C GLY C 342 39.03 25.49 -8.46
N TYR C 343 40.31 25.44 -8.11
CA TYR C 343 41.36 25.75 -9.08
C TYR C 343 41.99 24.49 -9.65
N ARG C 344 42.37 24.53 -10.92
CA ARG C 344 42.94 23.35 -11.55
C ARG C 344 44.45 23.18 -11.33
N HIS C 345 44.81 22.11 -10.62
CA HIS C 345 46.20 21.80 -10.34
C HIS C 345 46.52 20.36 -10.69
N ILE C 346 47.81 20.06 -10.77
CA ILE C 346 48.31 18.74 -11.11
C ILE C 346 48.07 17.75 -9.97
N CYS C 347 47.50 16.59 -10.29
CA CYS C 347 47.27 15.60 -9.25
C CYS C 347 48.02 14.32 -9.55
N TYR C 348 48.67 13.76 -8.53
CA TYR C 348 49.46 12.53 -8.67
C TYR C 348 48.61 11.27 -8.40
N PHE C 349 48.64 10.33 -9.34
CA PHE C 349 47.84 9.10 -9.20
C PHE C 349 48.61 7.78 -9.21
N GLN C 350 48.10 6.82 -8.45
CA GLN C 350 48.67 5.47 -8.39
C GLN C 350 47.57 4.73 -9.17
N ILE C 351 47.92 4.03 -10.24
CA ILE C 351 46.84 3.41 -11.03
C ILE C 351 45.79 2.65 -10.24
N ASP C 352 46.11 2.13 -9.06
CA ASP C 352 45.06 1.46 -8.30
C ASP C 352 44.61 2.21 -7.04
N LYS C 353 45.22 3.36 -6.76
CA LYS C 353 44.85 4.18 -5.61
C LYS C 353 43.81 5.22 -6.03
N LYS C 354 42.64 5.13 -5.41
CA LYS C 354 41.54 6.02 -5.71
C LYS C 354 41.83 7.49 -5.44
N ASP C 355 42.58 7.80 -4.40
CA ASP C 355 42.84 9.20 -4.12
C ASP C 355 44.21 9.68 -4.61
N CYS C 356 44.21 10.75 -5.41
CA CYS C 356 45.44 11.33 -5.94
C CYS C 356 45.95 12.40 -5.00
N THR C 357 47.16 12.89 -5.25
CA THR C 357 47.75 13.92 -4.40
C THR C 357 48.21 15.16 -5.16
N PHE C 358 47.51 16.26 -4.95
CA PHE C 358 47.88 17.49 -5.61
C PHE C 358 49.33 17.83 -5.32
N ILE C 359 50.05 18.28 -6.34
CA ILE C 359 51.43 18.64 -6.11
C ILE C 359 51.55 20.14 -6.31
N THR C 360 50.44 20.78 -6.63
CA THR C 360 50.40 22.23 -6.79
C THR C 360 49.11 22.72 -6.14
N LYS C 361 49.05 24.01 -5.87
CA LYS C 361 47.84 24.58 -5.28
C LYS C 361 47.98 26.10 -5.13
N GLY C 362 46.89 26.73 -4.73
CA GLY C 362 46.89 28.17 -4.56
C GLY C 362 45.87 28.77 -5.49
N THR C 363 45.77 30.10 -5.49
CA THR C 363 44.80 30.76 -6.34
C THR C 363 45.40 31.16 -7.69
N TRP C 364 45.53 30.15 -8.54
CA TRP C 364 46.03 30.23 -9.92
C TRP C 364 45.85 28.84 -10.50
N GLU C 365 46.10 28.69 -11.79
CA GLU C 365 45.92 27.38 -12.37
C GLU C 365 47.07 26.90 -13.24
N VAL C 366 47.21 25.57 -13.27
CA VAL C 366 48.22 24.91 -14.08
C VAL C 366 47.58 24.79 -15.47
N ILE C 367 48.06 25.57 -16.43
CA ILE C 367 47.51 25.50 -17.78
C ILE C 367 47.68 24.12 -18.42
N GLY C 368 48.90 23.60 -18.45
CA GLY C 368 49.14 22.30 -19.04
C GLY C 368 50.48 21.65 -18.75
N ILE C 369 50.48 20.32 -18.56
CA ILE C 369 51.71 19.58 -18.30
C ILE C 369 52.44 19.45 -19.64
N GLU C 370 53.67 19.96 -19.68
CA GLU C 370 54.43 19.94 -20.92
C GLU C 370 55.49 18.85 -21.05
N ALA C 371 55.97 18.33 -19.92
CA ALA C 371 56.99 17.31 -19.98
C ALA C 371 57.18 16.62 -18.64
N LEU C 372 57.50 15.33 -18.69
CA LEU C 372 57.71 14.54 -17.49
C LEU C 372 58.97 13.70 -17.69
N THR C 373 59.81 13.68 -16.66
CA THR C 373 61.06 12.92 -16.67
C THR C 373 61.16 12.25 -15.30
N SER C 374 61.76 11.07 -15.25
CA SER C 374 61.90 10.35 -13.98
C SER C 374 62.38 11.31 -12.89
N ASP C 375 62.84 12.47 -13.36
CA ASP C 375 63.39 13.52 -12.51
C ASP C 375 62.41 14.67 -12.14
N TYR C 376 62.01 15.43 -13.16
CA TYR C 376 61.12 16.58 -13.00
C TYR C 376 59.83 16.50 -13.80
N LEU C 377 58.90 17.39 -13.46
CA LEU C 377 57.59 17.53 -14.11
C LEU C 377 57.51 18.97 -14.56
N TYR C 378 57.49 19.18 -15.88
CA TYR C 378 57.41 20.53 -16.42
C TYR C 378 55.98 20.91 -16.77
N TYR C 379 55.58 22.10 -16.32
CA TYR C 379 54.22 22.58 -16.57
C TYR C 379 54.17 24.09 -16.84
N ILE C 380 53.02 24.57 -17.27
CA ILE C 380 52.83 25.99 -17.55
C ILE C 380 51.68 26.54 -16.73
N SER C 381 51.91 27.65 -16.04
CA SER C 381 50.86 28.26 -15.25
C SER C 381 50.83 29.78 -15.43
N ASN C 382 49.84 30.39 -14.80
CA ASN C 382 49.64 31.82 -14.86
C ASN C 382 49.83 32.37 -13.45
N GLU C 383 50.64 31.68 -12.67
CA GLU C 383 50.90 32.08 -11.29
C GLU C 383 51.73 33.34 -11.17
N TYR C 384 52.81 33.40 -11.92
CA TYR C 384 53.70 34.54 -11.87
C TYR C 384 52.91 35.84 -11.84
N LYS C 385 53.25 36.68 -10.87
CA LYS C 385 52.61 37.97 -10.68
C LYS C 385 51.12 37.95 -10.45
N GLY C 386 50.58 36.79 -10.16
CA GLY C 386 49.17 36.69 -9.91
C GLY C 386 48.28 37.10 -11.06
N MET C 387 48.84 37.23 -12.26
CA MET C 387 48.02 37.60 -13.41
C MET C 387 47.69 36.42 -14.30
N PRO C 388 46.41 36.03 -14.28
CA PRO C 388 45.80 34.94 -15.03
C PRO C 388 46.09 34.92 -16.53
N GLY C 389 46.22 36.10 -17.13
CA GLY C 389 46.48 36.18 -18.56
C GLY C 389 47.95 36.16 -18.93
N GLY C 390 48.73 35.48 -18.11
CA GLY C 390 50.16 35.36 -18.36
C GLY C 390 50.50 33.90 -18.42
N ARG C 391 51.64 33.58 -19.03
CA ARG C 391 52.06 32.20 -19.15
C ARG C 391 53.55 32.05 -18.90
N ASN C 392 53.90 31.06 -18.10
CA ASN C 392 55.31 30.79 -17.79
C ASN C 392 55.54 29.30 -17.58
N LEU C 393 56.76 28.86 -17.84
CA LEU C 393 57.13 27.47 -17.67
C LEU C 393 57.83 27.27 -16.33
N TYR C 394 57.35 26.28 -15.57
CA TYR C 394 57.92 25.94 -14.28
C TYR C 394 58.28 24.46 -14.30
N LYS C 395 59.14 24.05 -13.37
CA LYS C 395 59.49 22.64 -13.26
C LYS C 395 59.47 22.31 -11.79
N ILE C 396 58.84 21.18 -11.46
CA ILE C 396 58.75 20.76 -10.08
C ILE C 396 59.60 19.51 -9.88
N GLN C 397 60.37 19.51 -8.81
CA GLN C 397 61.22 18.39 -8.47
C GLN C 397 60.32 17.28 -7.91
N LEU C 398 60.26 16.14 -8.61
CA LEU C 398 59.43 15.02 -8.16
C LEU C 398 59.77 14.56 -6.73
N SER C 399 61.05 14.70 -6.36
CA SER C 399 61.55 14.30 -5.03
C SER C 399 60.98 15.18 -3.93
N ASP C 400 60.98 16.50 -4.16
CA ASP C 400 60.45 17.44 -3.18
C ASP C 400 59.50 18.46 -3.85
N TYR C 401 58.20 18.22 -3.69
CA TYR C 401 57.17 19.10 -4.25
C TYR C 401 57.35 20.52 -3.73
N THR C 402 58.04 20.64 -2.60
CA THR C 402 58.26 21.97 -2.06
C THR C 402 59.20 22.76 -2.96
N LYS C 403 59.97 22.03 -3.77
CA LYS C 403 60.91 22.64 -4.68
C LYS C 403 60.37 22.75 -6.11
N VAL C 404 59.97 23.97 -6.45
CA VAL C 404 59.43 24.30 -7.77
C VAL C 404 60.22 25.49 -8.33
N THR C 405 60.77 25.34 -9.52
CA THR C 405 61.57 26.41 -10.13
C THR C 405 60.94 27.04 -11.35
N CYS C 406 60.87 28.36 -11.41
CA CYS C 406 60.32 28.96 -12.61
C CYS C 406 61.46 29.04 -13.63
N LEU C 407 61.22 28.54 -14.85
CA LEU C 407 62.26 28.55 -15.87
C LEU C 407 62.18 29.74 -16.82
N SER C 408 61.12 30.54 -16.73
CA SER C 408 60.97 31.70 -17.62
C SER C 408 60.53 33.04 -17.01
N CYS C 409 59.88 33.02 -15.85
CA CYS C 409 59.41 34.25 -15.18
C CYS C 409 60.41 35.40 -15.20
N GLU C 410 61.69 35.07 -15.13
CA GLU C 410 62.73 36.09 -15.08
C GLU C 410 63.57 36.30 -16.33
N LEU C 411 63.56 35.34 -17.25
CA LEU C 411 64.36 35.49 -18.47
C LEU C 411 64.26 36.91 -19.01
N ASN C 412 63.11 37.54 -18.81
CA ASN C 412 62.92 38.89 -19.30
C ASN C 412 61.50 39.37 -18.99
N PRO C 413 61.24 39.75 -17.74
CA PRO C 413 59.93 40.22 -17.28
C PRO C 413 59.30 41.37 -18.08
N GLU C 414 60.16 42.23 -18.62
CA GLU C 414 59.73 43.40 -19.41
C GLU C 414 58.97 43.07 -20.69
N ARG C 415 59.62 42.26 -21.52
CA ARG C 415 59.09 41.86 -22.82
C ARG C 415 58.36 40.51 -22.86
N CYS C 416 58.66 39.63 -21.91
CA CYS C 416 58.05 38.32 -21.91
C CYS C 416 57.25 37.93 -20.69
N GLN C 417 55.96 37.71 -20.89
CA GLN C 417 55.10 37.34 -19.78
C GLN C 417 54.15 36.23 -20.24
N TYR C 418 54.31 35.82 -21.49
CA TYR C 418 53.49 34.78 -22.07
C TYR C 418 54.40 33.79 -22.82
N TYR C 419 54.56 32.59 -22.27
CA TYR C 419 55.41 31.57 -22.90
C TYR C 419 54.69 30.28 -23.27
N SER C 420 55.23 29.59 -24.27
CA SER C 420 54.74 28.27 -24.71
C SER C 420 56.05 27.50 -24.83
N VAL C 421 56.02 26.18 -24.73
CA VAL C 421 57.30 25.47 -24.80
C VAL C 421 57.33 24.30 -25.76
N SER C 422 58.53 23.90 -26.16
CA SER C 422 58.70 22.78 -27.07
C SER C 422 59.91 21.96 -26.65
N PHE C 423 59.69 20.78 -26.08
CA PHE C 423 60.78 19.90 -25.61
C PHE C 423 61.31 18.88 -26.64
N SER C 424 62.58 18.49 -26.47
CA SER C 424 63.22 17.49 -27.34
C SER C 424 62.80 16.08 -26.84
N LYS C 425 62.98 15.08 -27.70
CA LYS C 425 62.63 13.70 -27.39
C LYS C 425 62.72 13.21 -25.93
N GLU C 426 63.76 13.64 -25.20
CA GLU C 426 63.92 13.22 -23.80
C GLU C 426 63.98 14.40 -22.85
N ALA C 427 63.46 15.54 -23.29
CA ALA C 427 63.48 16.72 -22.44
C ALA C 427 64.92 17.04 -22.08
N LYS C 428 65.80 16.97 -23.07
CA LYS C 428 67.20 17.27 -22.89
C LYS C 428 67.32 18.74 -23.26
N TYR C 429 66.48 19.15 -24.19
CA TYR C 429 66.46 20.54 -24.66
C TYR C 429 65.04 21.10 -24.72
N TYR C 430 64.91 22.41 -24.56
CA TYR C 430 63.60 23.02 -24.63
C TYR C 430 63.59 24.45 -25.16
N GLN C 431 62.84 24.66 -26.24
CA GLN C 431 62.71 25.96 -26.85
C GLN C 431 61.52 26.72 -26.23
N LEU C 432 61.76 27.94 -25.77
CA LEU C 432 60.69 28.74 -25.19
C LEU C 432 60.21 29.71 -26.25
N ARG C 433 58.92 30.02 -26.21
CA ARG C 433 58.33 30.92 -27.18
C ARG C 433 57.50 31.99 -26.50
N CYS C 434 58.13 33.14 -26.36
CA CYS C 434 57.56 34.30 -25.73
C CYS C 434 56.69 35.00 -26.78
N SER C 435 55.44 35.30 -26.44
CA SER C 435 54.56 35.95 -27.38
C SER C 435 54.01 37.29 -26.90
N GLY C 436 54.59 37.84 -25.84
CA GLY C 436 54.13 39.13 -25.36
C GLY C 436 54.48 39.45 -23.92
N PRO C 437 54.30 40.72 -23.50
CA PRO C 437 53.78 41.86 -24.25
C PRO C 437 54.69 42.42 -25.35
N GLY C 438 56.00 42.21 -25.22
CA GLY C 438 56.91 42.72 -26.24
C GLY C 438 56.87 41.86 -27.47
N LEU C 439 57.71 42.16 -28.45
CA LEU C 439 57.75 41.37 -29.68
C LEU C 439 58.19 39.94 -29.37
N PRO C 440 57.60 38.96 -30.08
CA PRO C 440 57.90 37.53 -29.93
C PRO C 440 59.41 37.27 -29.92
N LEU C 441 59.85 36.40 -29.00
CA LEU C 441 61.26 36.08 -28.88
C LEU C 441 61.44 34.58 -28.66
N TYR C 442 62.07 33.92 -29.63
CA TYR C 442 62.29 32.46 -29.55
C TYR C 442 63.70 32.11 -29.12
N THR C 443 63.79 31.28 -28.08
CA THR C 443 65.10 30.88 -27.56
C THR C 443 65.22 29.38 -27.37
N LEU C 444 66.46 28.91 -27.15
CA LEU C 444 66.73 27.49 -26.97
C LEU C 444 67.43 27.32 -25.62
N HIS C 445 67.10 26.25 -24.90
CA HIS C 445 67.71 26.00 -23.58
C HIS C 445 68.11 24.54 -23.39
N SER C 446 68.87 24.28 -22.32
CA SER C 446 69.28 22.93 -22.00
C SER C 446 68.66 22.59 -20.64
N SER C 447 67.89 21.52 -20.60
CA SER C 447 67.24 21.11 -19.37
C SER C 447 68.23 20.92 -18.24
N VAL C 448 69.29 20.14 -18.50
CA VAL C 448 70.30 19.86 -17.50
C VAL C 448 70.43 20.89 -16.40
N ASN C 449 70.82 22.12 -16.74
CA ASN C 449 70.97 23.17 -15.75
C ASN C 449 70.15 24.39 -16.15
N ASP C 450 69.21 24.18 -17.06
CA ASP C 450 68.32 25.22 -17.57
C ASP C 450 69.16 26.34 -18.14
N LYS C 451 70.30 25.99 -18.73
CA LYS C 451 71.16 27.00 -19.31
C LYS C 451 70.54 27.52 -20.60
N GLY C 452 70.71 28.82 -20.85
CA GLY C 452 70.21 29.39 -22.07
C GLY C 452 71.28 29.15 -23.11
N LEU C 453 70.97 28.39 -24.15
CA LEU C 453 71.96 28.12 -25.21
C LEU C 453 72.12 29.30 -26.17
N ARG C 454 71.01 29.95 -26.55
CA ARG C 454 71.10 31.08 -27.49
C ARG C 454 69.72 31.57 -27.96
N VAL C 455 69.71 32.65 -28.74
CA VAL C 455 68.47 33.22 -29.26
C VAL C 455 68.19 32.80 -30.70
N LEU C 456 67.09 32.09 -30.93
CA LEU C 456 66.73 31.62 -32.27
C LEU C 456 66.09 32.65 -33.21
N GLU C 457 65.38 33.63 -32.64
CA GLU C 457 64.71 34.67 -33.43
C GLU C 457 64.08 35.73 -32.52
N ASP C 458 64.64 36.95 -32.55
CA ASP C 458 64.14 38.03 -31.70
C ASP C 458 63.33 39.11 -32.42
N ASN C 459 63.00 38.89 -33.69
CA ASN C 459 62.21 39.86 -34.43
C ASN C 459 62.86 41.25 -34.50
N SER C 460 64.18 41.24 -34.56
CA SER C 460 64.94 42.49 -34.66
C SER C 460 64.44 43.27 -35.88
N ALA C 461 64.24 42.56 -36.99
CA ALA C 461 63.75 43.18 -38.22
C ALA C 461 62.45 43.95 -38.01
N LEU C 462 61.43 43.26 -37.50
CA LEU C 462 60.15 43.90 -37.27
C LEU C 462 60.27 45.09 -36.34
N ASP C 463 61.06 44.94 -35.29
CA ASP C 463 61.23 46.04 -34.34
C ASP C 463 61.76 47.31 -35.01
N LYS C 464 62.87 47.19 -35.73
CA LYS C 464 63.45 48.33 -36.42
C LYS C 464 62.37 49.01 -37.25
N MET C 465 61.61 48.19 -37.95
CA MET C 465 60.53 48.69 -38.80
C MET C 465 59.52 49.52 -38.01
N LEU C 466 58.90 48.89 -37.00
CA LEU C 466 57.89 49.53 -36.17
C LEU C 466 58.30 50.81 -35.43
N GLN C 467 59.57 51.17 -35.44
CA GLN C 467 59.89 52.40 -34.73
C GLN C 467 59.66 53.58 -35.65
N ASN C 468 59.44 53.28 -36.93
CA ASN C 468 59.16 54.33 -37.90
C ASN C 468 57.67 54.61 -37.95
N VAL C 469 56.89 53.94 -37.09
CA VAL C 469 55.43 54.13 -37.08
C VAL C 469 54.81 54.36 -35.69
N GLN C 470 53.71 55.10 -35.64
CA GLN C 470 53.01 55.40 -34.39
C GLN C 470 52.15 54.26 -33.86
N MET C 471 52.72 53.36 -33.09
CA MET C 471 51.97 52.23 -32.55
C MET C 471 51.11 52.58 -31.33
N PRO C 472 50.01 51.83 -31.10
CA PRO C 472 49.13 52.08 -29.96
C PRO C 472 49.70 51.22 -28.83
N SER C 473 49.36 51.54 -27.59
CA SER C 473 49.88 50.77 -26.47
C SER C 473 48.76 49.92 -25.88
N LYS C 474 49.13 48.87 -25.18
CA LYS C 474 48.14 47.98 -24.57
C LYS C 474 48.22 48.08 -23.05
N LYS C 475 47.07 48.08 -22.38
CA LYS C 475 47.07 48.16 -20.92
C LYS C 475 46.24 47.02 -20.36
N LEU C 476 46.91 46.03 -19.77
CA LEU C 476 46.24 44.89 -19.17
C LEU C 476 45.97 45.20 -17.72
N ASP C 477 44.74 45.08 -17.28
CA ASP C 477 44.46 45.34 -15.89
C ASP C 477 43.14 44.72 -15.46
N PHE C 478 42.63 45.14 -14.31
CA PHE C 478 41.38 44.59 -13.83
C PHE C 478 40.69 45.57 -12.93
N ILE C 479 39.42 45.35 -12.71
CA ILE C 479 38.62 46.17 -11.83
C ILE C 479 38.11 45.15 -10.82
N ILE C 480 37.31 45.60 -9.86
CA ILE C 480 36.78 44.68 -8.84
C ILE C 480 35.27 44.75 -8.76
N LEU C 481 34.58 43.68 -9.13
CA LEU C 481 33.13 43.68 -9.03
C LEU C 481 32.82 42.90 -7.75
N ASN C 482 31.97 43.51 -6.90
CA ASN C 482 31.59 42.95 -5.60
C ASN C 482 32.43 41.76 -5.16
N GLU C 483 33.54 42.07 -4.48
CA GLU C 483 34.48 41.08 -3.92
C GLU C 483 35.55 40.53 -4.88
N THR C 484 35.13 40.17 -6.09
CA THR C 484 36.00 39.57 -7.11
C THR C 484 36.64 40.53 -8.11
N LYS C 485 37.80 40.13 -8.63
CA LYS C 485 38.50 40.96 -9.60
C LYS C 485 38.44 40.34 -10.99
N PHE C 486 38.04 41.16 -11.96
CA PHE C 486 37.94 40.71 -13.33
C PHE C 486 38.88 41.55 -14.21
N TRP C 487 39.68 40.86 -15.03
CA TRP C 487 40.64 41.53 -15.89
C TRP C 487 40.09 42.01 -17.22
N TYR C 488 40.73 43.05 -17.74
CA TYR C 488 40.35 43.66 -19.00
C TYR C 488 41.63 44.13 -19.65
N GLN C 489 41.56 44.53 -20.91
CA GLN C 489 42.73 45.04 -21.60
C GLN C 489 42.25 46.12 -22.56
N MET C 490 43.10 47.11 -22.78
CA MET C 490 42.76 48.21 -23.65
C MET C 490 43.88 48.54 -24.63
N ILE C 491 43.53 48.64 -25.91
CA ILE C 491 44.50 48.99 -26.93
C ILE C 491 44.27 50.49 -27.01
N LEU C 492 45.27 51.25 -26.60
CA LEU C 492 45.20 52.71 -26.56
C LEU C 492 45.90 53.41 -27.70
N PRO C 493 45.26 54.46 -28.23
CA PRO C 493 45.78 55.29 -29.33
C PRO C 493 47.14 55.85 -28.94
N PRO C 494 47.92 56.31 -29.92
CA PRO C 494 49.22 56.88 -29.59
C PRO C 494 48.96 58.19 -28.86
N HIS C 495 49.93 58.62 -28.06
CA HIS C 495 49.81 59.87 -27.31
C HIS C 495 48.47 59.91 -26.59
N PHE C 496 48.03 58.75 -26.13
CA PHE C 496 46.78 58.66 -25.42
C PHE C 496 46.76 59.69 -24.28
N ASP C 497 45.75 60.55 -24.26
CA ASP C 497 45.58 61.57 -23.23
C ASP C 497 44.31 61.34 -22.38
N LYS C 498 44.46 60.66 -21.24
CA LYS C 498 43.36 60.36 -20.33
C LYS C 498 42.46 61.55 -19.98
N SER C 499 42.83 62.73 -20.44
CA SER C 499 42.05 63.93 -20.19
C SER C 499 40.98 64.06 -21.27
N LYS C 500 41.35 63.64 -22.48
CA LYS C 500 40.51 63.67 -23.68
C LYS C 500 39.47 62.50 -23.61
N LYS C 501 38.43 62.54 -24.43
CA LYS C 501 37.45 61.46 -24.39
C LYS C 501 37.37 60.68 -25.71
N TYR C 502 37.78 59.42 -25.67
CA TYR C 502 37.81 58.57 -26.85
C TYR C 502 36.60 57.66 -27.10
N PRO C 503 36.23 57.50 -28.38
CA PRO C 503 35.09 56.62 -28.62
C PRO C 503 35.64 55.24 -28.23
N LEU C 504 34.78 54.32 -27.84
CA LEU C 504 35.27 53.02 -27.40
C LEU C 504 34.59 51.82 -28.04
N LEU C 505 35.40 50.89 -28.55
CA LEU C 505 34.88 49.70 -29.18
C LEU C 505 35.17 48.52 -28.26
N LEU C 506 34.11 47.87 -27.80
CA LEU C 506 34.28 46.72 -26.92
C LEU C 506 34.42 45.45 -27.78
N ASP C 507 35.61 44.85 -27.74
CA ASP C 507 35.93 43.62 -28.47
C ASP C 507 35.56 42.48 -27.51
N VAL C 508 34.65 41.61 -27.94
CA VAL C 508 34.22 40.56 -27.07
C VAL C 508 34.07 39.17 -27.67
N TYR C 509 34.26 38.18 -26.81
CA TYR C 509 34.10 36.78 -27.16
C TYR C 509 33.24 36.23 -26.03
N ALA C 510 33.84 36.16 -24.85
CA ALA C 510 33.18 35.72 -23.63
C ALA C 510 32.62 34.31 -23.58
N GLY C 511 33.19 33.38 -24.34
CA GLY C 511 32.70 32.02 -24.30
C GLY C 511 33.20 31.37 -23.04
N PRO C 512 32.52 30.33 -22.52
CA PRO C 512 32.97 29.67 -21.29
C PRO C 512 34.42 29.22 -21.34
N CYS C 513 35.19 29.77 -20.40
CA CYS C 513 36.61 29.49 -20.26
C CYS C 513 37.42 30.20 -21.33
N SER C 514 37.03 31.42 -21.67
CA SER C 514 37.76 32.18 -22.67
C SER C 514 38.66 33.20 -21.99
N GLN C 515 39.55 33.83 -22.75
CA GLN C 515 40.43 34.86 -22.19
C GLN C 515 40.79 35.91 -23.24
N LYS C 516 40.11 37.05 -23.17
CA LYS C 516 40.36 38.14 -24.11
C LYS C 516 41.33 39.18 -23.55
N ALA C 517 41.65 39.06 -22.27
CA ALA C 517 42.55 39.99 -21.62
C ALA C 517 43.80 39.23 -21.26
N ASP C 518 44.82 39.32 -22.10
CA ASP C 518 46.08 38.63 -21.83
C ASP C 518 47.25 39.55 -22.13
N THR C 519 48.47 39.02 -22.09
CA THR C 519 49.66 39.82 -22.35
C THR C 519 50.31 39.52 -23.69
N VAL C 520 49.55 38.94 -24.63
CA VAL C 520 50.06 38.60 -25.94
C VAL C 520 50.15 39.79 -26.91
N PHE C 521 51.29 39.90 -27.57
CA PHE C 521 51.53 40.96 -28.55
C PHE C 521 50.80 40.64 -29.85
N ARG C 522 49.89 41.53 -30.25
CA ARG C 522 49.12 41.33 -31.46
C ARG C 522 49.10 42.57 -32.34
N LEU C 523 49.00 42.31 -33.65
CA LEU C 523 48.96 43.33 -34.68
C LEU C 523 47.71 42.98 -35.47
N ASN C 524 46.57 43.49 -35.06
CA ASN C 524 45.33 43.18 -35.76
C ASN C 524 44.51 44.41 -36.11
N TRP C 525 43.22 44.21 -36.31
CA TRP C 525 42.33 45.28 -36.67
C TRP C 525 42.24 46.35 -35.56
N ALA C 526 42.39 45.92 -34.31
CA ALA C 526 42.33 46.86 -33.18
C ALA C 526 43.53 47.79 -33.25
N THR C 527 44.67 47.25 -33.61
CA THR C 527 45.87 48.07 -33.73
C THR C 527 45.55 49.22 -34.69
N TYR C 528 44.96 48.88 -35.84
CA TYR C 528 44.59 49.88 -36.83
C TYR C 528 43.57 50.85 -36.25
N LEU C 529 42.53 50.34 -35.59
CA LEU C 529 41.51 51.23 -35.03
C LEU C 529 42.05 52.18 -33.95
N ALA C 530 43.01 51.70 -33.15
CA ALA C 530 43.57 52.56 -32.12
C ALA C 530 44.55 53.54 -32.74
N SER C 531 45.57 52.98 -33.41
CA SER C 531 46.63 53.75 -34.06
C SER C 531 46.13 54.86 -34.98
N THR C 532 45.34 54.50 -35.98
CA THR C 532 44.85 55.49 -36.92
C THR C 532 43.57 56.21 -36.50
N GLU C 533 42.50 55.46 -36.30
CA GLU C 533 41.21 56.02 -35.92
C GLU C 533 41.07 56.48 -34.47
N ASN C 534 42.14 56.40 -33.70
CA ASN C 534 42.09 56.80 -32.29
C ASN C 534 40.84 56.36 -31.57
N ILE C 535 40.59 55.05 -31.60
CA ILE C 535 39.44 54.47 -30.93
C ILE C 535 40.10 53.58 -29.87
N ILE C 536 39.46 53.45 -28.72
CA ILE C 536 40.01 52.59 -27.67
C ILE C 536 39.35 51.21 -27.80
N VAL C 537 40.12 50.21 -28.16
CA VAL C 537 39.56 48.87 -28.27
C VAL C 537 39.89 48.10 -27.00
N ALA C 538 38.83 47.75 -26.25
CA ALA C 538 38.97 47.05 -24.98
C ALA C 538 38.23 45.72 -24.91
N SER C 539 38.75 44.80 -24.12
CA SER C 539 38.15 43.50 -23.94
C SER C 539 38.07 43.24 -22.46
N PHE C 540 37.07 42.48 -22.04
CA PHE C 540 36.88 42.19 -20.64
C PHE C 540 36.62 40.71 -20.40
N ASP C 541 37.18 40.15 -19.33
CA ASP C 541 36.94 38.75 -19.03
C ASP C 541 36.08 38.66 -17.77
N GLY C 542 34.77 38.44 -17.94
CA GLY C 542 33.86 38.35 -16.82
C GLY C 542 33.45 36.94 -16.40
N ARG C 543 32.23 36.80 -15.91
CA ARG C 543 31.74 35.49 -15.47
C ARG C 543 31.83 34.52 -16.63
N GLY C 544 32.35 33.32 -16.37
CA GLY C 544 32.48 32.35 -17.43
C GLY C 544 33.94 32.24 -17.83
N SER C 545 34.69 33.32 -17.66
CA SER C 545 36.12 33.36 -17.99
C SER C 545 36.91 32.21 -17.37
N GLY C 546 37.90 31.73 -18.12
CA GLY C 546 38.71 30.63 -17.63
C GLY C 546 40.05 30.99 -17.03
N TYR C 547 40.76 29.96 -16.61
CA TYR C 547 42.09 30.09 -16.02
C TYR C 547 42.05 30.90 -14.72
N GLN C 548 40.87 31.06 -14.14
CA GLN C 548 40.74 31.81 -12.91
C GLN C 548 40.06 31.02 -11.83
N GLY C 549 39.78 29.74 -12.10
CA GLY C 549 39.12 28.95 -11.09
C GLY C 549 37.67 28.73 -11.45
N ASP C 550 37.07 27.69 -10.88
CA ASP C 550 35.70 27.37 -11.19
C ASP C 550 34.64 28.29 -10.61
N LYS C 551 34.97 29.07 -9.59
CA LYS C 551 33.92 29.94 -9.09
C LYS C 551 33.54 30.94 -10.18
N ILE C 552 34.51 31.35 -11.01
CA ILE C 552 34.21 32.30 -12.08
C ILE C 552 33.74 31.59 -13.34
N MET C 553 34.44 30.53 -13.74
CA MET C 553 34.06 29.81 -14.94
C MET C 553 32.72 29.09 -14.92
N HIS C 554 32.41 28.37 -13.85
CA HIS C 554 31.14 27.65 -13.77
C HIS C 554 30.02 28.57 -13.32
N ALA C 555 30.27 29.87 -13.38
CA ALA C 555 29.29 30.85 -12.98
C ALA C 555 28.13 30.93 -13.97
N ILE C 556 28.34 30.50 -15.20
CA ILE C 556 27.29 30.54 -16.19
C ILE C 556 26.77 29.16 -16.53
N ASN C 557 27.09 28.19 -15.68
CA ASN C 557 26.67 26.81 -15.90
C ASN C 557 25.16 26.71 -16.11
N ARG C 558 24.75 26.02 -17.18
CA ARG C 558 23.34 25.85 -17.50
C ARG C 558 22.73 27.21 -17.68
N ARG C 559 23.57 28.24 -17.78
CA ARG C 559 23.05 29.59 -17.87
C ARG C 559 23.79 30.52 -18.84
N LEU C 560 23.92 30.09 -20.10
CA LEU C 560 24.57 30.92 -21.10
C LEU C 560 23.63 32.05 -21.51
N GLY C 561 24.21 33.17 -21.93
CA GLY C 561 23.40 34.29 -22.34
C GLY C 561 22.89 35.08 -21.15
N THR C 562 23.65 35.06 -20.06
CA THR C 562 23.26 35.79 -18.85
C THR C 562 24.43 36.57 -18.28
N PHE C 563 25.05 36.05 -17.22
CA PHE C 563 26.15 36.77 -16.60
C PHE C 563 27.24 37.25 -17.55
N GLU C 564 27.70 36.41 -18.46
CA GLU C 564 28.76 36.82 -19.36
C GLU C 564 28.36 38.03 -20.19
N VAL C 565 27.08 38.13 -20.55
CA VAL C 565 26.65 39.28 -21.31
C VAL C 565 26.51 40.47 -20.34
N GLU C 566 25.79 40.28 -19.23
CA GLU C 566 25.63 41.34 -18.23
C GLU C 566 26.97 41.95 -17.83
N ASP C 567 27.98 41.10 -17.64
CA ASP C 567 29.30 41.57 -17.24
C ASP C 567 29.95 42.42 -18.31
N GLN C 568 29.59 42.13 -19.57
CA GLN C 568 30.16 42.87 -20.69
C GLN C 568 29.57 44.28 -20.73
N ILE C 569 28.35 44.44 -20.23
CA ILE C 569 27.70 45.74 -20.18
C ILE C 569 28.28 46.52 -19.01
N GLU C 570 28.41 45.84 -17.88
CA GLU C 570 28.96 46.42 -16.66
C GLU C 570 30.33 47.03 -16.96
N ALA C 571 31.14 46.29 -17.71
CA ALA C 571 32.50 46.71 -18.09
C ALA C 571 32.55 48.03 -18.86
N ALA C 572 31.70 48.16 -19.88
CA ALA C 572 31.67 49.38 -20.67
C ALA C 572 31.27 50.52 -19.75
N ARG C 573 30.41 50.18 -18.81
CA ARG C 573 29.87 51.11 -17.82
C ARG C 573 30.99 51.55 -16.87
N GLN C 574 31.92 50.65 -16.63
CA GLN C 574 33.06 50.88 -15.76
C GLN C 574 34.14 51.65 -16.46
N PHE C 575 34.23 51.46 -17.77
CA PHE C 575 35.24 52.15 -18.56
C PHE C 575 34.86 53.61 -18.78
N SER C 576 33.60 53.86 -19.16
CA SER C 576 33.17 55.24 -19.39
C SER C 576 33.35 56.02 -18.10
N LYS C 577 32.96 55.39 -16.98
CA LYS C 577 33.11 56.02 -15.68
C LYS C 577 34.56 55.95 -15.21
N MET C 578 35.48 56.10 -16.17
CA MET C 578 36.92 56.13 -15.91
C MET C 578 37.39 57.47 -16.44
N GLY C 579 36.50 58.17 -17.14
CA GLY C 579 36.81 59.49 -17.66
C GLY C 579 37.30 59.68 -19.07
N PHE C 580 38.23 58.87 -19.55
CA PHE C 580 38.74 59.06 -20.91
C PHE C 580 37.86 58.47 -22.01
N VAL C 581 36.65 58.08 -21.63
CA VAL C 581 35.70 57.48 -22.57
C VAL C 581 34.52 58.37 -22.89
N ASP C 582 34.24 58.56 -24.18
CA ASP C 582 33.08 59.35 -24.62
C ASP C 582 31.89 58.38 -24.70
N ASN C 583 30.92 58.55 -23.79
CA ASN C 583 29.78 57.66 -23.75
C ASN C 583 28.66 57.86 -24.77
N LYS C 584 28.94 58.62 -25.81
CA LYS C 584 27.96 58.81 -26.87
C LYS C 584 28.52 57.98 -28.04
N ARG C 585 29.73 57.48 -27.85
CA ARG C 585 30.39 56.67 -28.86
C ARG C 585 30.97 55.38 -28.31
N ILE C 586 30.11 54.49 -27.85
CA ILE C 586 30.56 53.21 -27.32
C ILE C 586 29.99 52.13 -28.24
N ALA C 587 30.87 51.35 -28.86
CA ALA C 587 30.47 50.29 -29.75
C ALA C 587 30.85 48.96 -29.17
N ILE C 588 30.47 47.89 -29.87
CA ILE C 588 30.77 46.54 -29.40
C ILE C 588 30.70 45.56 -30.57
N TRP C 589 31.59 44.58 -30.57
CA TRP C 589 31.59 43.59 -31.63
C TRP C 589 32.22 42.27 -31.24
N GLY C 590 31.77 41.21 -31.90
CA GLY C 590 32.27 39.89 -31.64
C GLY C 590 31.99 38.99 -32.83
N TRP C 591 32.71 37.88 -32.89
CA TRP C 591 32.58 36.92 -33.96
C TRP C 591 32.26 35.62 -33.24
N SER C 592 31.62 34.68 -33.89
CA SER C 592 31.36 33.40 -33.25
C SER C 592 30.57 33.60 -31.93
N TYR C 593 31.09 33.05 -30.82
CA TYR C 593 30.41 33.20 -29.53
C TYR C 593 30.34 34.70 -29.22
N GLY C 594 31.39 35.42 -29.57
CA GLY C 594 31.42 36.85 -29.34
C GLY C 594 30.30 37.51 -30.12
N GLY C 595 29.97 36.94 -31.28
CA GLY C 595 28.92 37.49 -32.10
C GLY C 595 27.58 37.34 -31.42
N TYR C 596 27.42 36.23 -30.68
CA TYR C 596 26.19 35.95 -29.95
C TYR C 596 26.09 36.90 -28.76
N VAL C 597 27.19 37.08 -28.05
CA VAL C 597 27.17 37.96 -26.91
C VAL C 597 26.90 39.39 -27.36
N THR C 598 27.57 39.82 -28.42
CA THR C 598 27.38 41.17 -28.93
C THR C 598 25.91 41.42 -29.20
N SER C 599 25.24 40.45 -29.82
CA SER C 599 23.83 40.57 -30.14
C SER C 599 22.97 40.67 -28.90
N MET C 600 23.21 39.78 -27.94
CA MET C 600 22.45 39.75 -26.70
C MET C 600 22.56 41.10 -26.01
N VAL C 601 23.77 41.64 -25.97
CA VAL C 601 24.01 42.94 -25.36
C VAL C 601 23.25 44.00 -26.12
N LEU C 602 23.40 44.03 -27.45
CA LEU C 602 22.70 45.04 -28.23
C LEU C 602 21.18 44.95 -28.06
N GLY C 603 20.68 43.77 -27.70
CA GLY C 603 19.26 43.60 -27.53
C GLY C 603 18.80 43.71 -26.09
N SER C 604 19.73 44.05 -25.21
CA SER C 604 19.46 44.17 -23.78
C SER C 604 18.67 45.42 -23.37
N GLY C 605 18.76 46.47 -24.17
CA GLY C 605 18.06 47.69 -23.84
C GLY C 605 18.80 48.55 -22.83
N SER C 606 20.07 48.22 -22.56
CA SER C 606 20.89 48.93 -21.59
C SER C 606 21.17 50.38 -21.93
N GLY C 607 21.06 50.77 -23.19
CA GLY C 607 21.33 52.15 -23.56
C GLY C 607 22.80 52.53 -23.51
N VAL C 608 23.67 51.58 -23.17
CA VAL C 608 25.10 51.86 -23.09
C VAL C 608 25.82 51.88 -24.43
N PHE C 609 25.32 51.11 -25.39
CA PHE C 609 25.98 51.04 -26.69
C PHE C 609 25.20 51.64 -27.82
N LYS C 610 25.92 52.37 -28.68
CA LYS C 610 25.32 53.03 -29.82
C LYS C 610 25.07 52.07 -30.98
N CYS C 611 26.14 51.44 -31.45
CA CYS C 611 26.08 50.50 -32.56
C CYS C 611 26.84 49.22 -32.21
N GLY C 612 26.86 48.26 -33.13
CA GLY C 612 27.58 47.03 -32.86
C GLY C 612 27.60 46.07 -34.02
N ILE C 613 28.58 45.19 -34.05
CA ILE C 613 28.70 44.23 -35.13
C ILE C 613 28.80 42.80 -34.62
N ALA C 614 28.00 41.92 -35.22
CA ALA C 614 27.99 40.50 -34.89
C ALA C 614 28.33 39.69 -36.13
N VAL C 615 29.40 38.92 -36.07
CA VAL C 615 29.82 38.11 -37.19
C VAL C 615 29.63 36.61 -36.91
N ALA C 616 28.85 35.94 -37.78
CA ALA C 616 28.56 34.52 -37.65
C ALA C 616 28.14 34.18 -36.23
N PRO C 617 27.20 34.94 -35.69
CA PRO C 617 26.72 34.71 -34.32
C PRO C 617 25.82 33.50 -34.16
N VAL C 618 25.65 33.07 -32.91
CA VAL C 618 24.73 32.00 -32.62
C VAL C 618 23.51 32.80 -32.22
N SER C 619 22.32 32.35 -32.59
CA SER C 619 21.12 33.08 -32.25
C SER C 619 20.25 32.36 -31.22
N ARG C 620 20.35 31.03 -31.20
CA ARG C 620 19.63 30.23 -30.22
C ARG C 620 20.39 28.92 -30.14
N TRP C 621 20.62 28.48 -28.92
CA TRP C 621 21.40 27.28 -28.66
C TRP C 621 20.92 25.98 -29.25
N GLU C 622 19.63 25.88 -29.56
CA GLU C 622 19.12 24.66 -30.16
C GLU C 622 19.63 24.49 -31.58
N TYR C 623 20.34 25.51 -32.09
CA TYR C 623 20.88 25.46 -33.45
C TYR C 623 22.33 24.99 -33.50
N TYR C 624 23.05 25.16 -32.39
CA TYR C 624 24.45 24.74 -32.35
C TYR C 624 24.60 23.27 -31.97
N ASP C 625 25.78 22.69 -32.24
CA ASP C 625 26.00 21.28 -31.94
C ASP C 625 25.89 20.89 -30.47
N SER C 626 25.50 19.65 -30.26
CA SER C 626 25.30 19.06 -28.93
C SER C 626 26.50 18.98 -28.00
N VAL C 627 27.60 18.41 -28.47
CA VAL C 627 28.77 18.25 -27.62
C VAL C 627 29.17 19.57 -26.95
N TYR C 628 29.14 20.66 -27.69
CA TYR C 628 29.50 21.95 -27.12
C TYR C 628 28.33 22.52 -26.34
N THR C 629 27.22 22.73 -27.04
CA THR C 629 26.05 23.32 -26.40
C THR C 629 25.61 22.66 -25.09
N GLU C 630 25.45 21.35 -25.12
CA GLU C 630 25.00 20.64 -23.93
C GLU C 630 26.00 20.73 -22.79
N ARG C 631 27.28 20.69 -23.11
CA ARG C 631 28.30 20.79 -22.06
C ARG C 631 28.00 21.97 -21.14
N TYR C 632 27.28 22.96 -21.65
CA TYR C 632 26.98 24.16 -20.85
C TYR C 632 25.50 24.40 -20.54
N MET C 633 24.63 23.87 -21.38
CA MET C 633 23.19 24.09 -21.23
C MET C 633 22.36 22.91 -20.73
N GLY C 634 22.89 21.71 -20.91
CA GLY C 634 22.14 20.54 -20.51
C GLY C 634 21.33 20.18 -21.73
N LEU C 635 20.27 19.41 -21.56
CA LEU C 635 19.43 19.01 -22.68
C LEU C 635 18.20 19.92 -22.82
N PRO C 636 17.83 20.26 -24.07
CA PRO C 636 16.69 21.13 -24.34
C PRO C 636 15.33 20.42 -24.21
N THR C 637 15.16 19.61 -23.17
CA THR C 637 13.88 18.95 -22.93
C THR C 637 13.26 19.71 -21.77
N PRO C 638 11.92 19.69 -21.66
CA PRO C 638 11.23 20.40 -20.58
C PRO C 638 11.71 19.89 -19.22
N GLU C 639 12.04 18.61 -19.18
CA GLU C 639 12.52 17.99 -17.96
C GLU C 639 13.90 18.54 -17.56
N ASP C 640 14.70 18.95 -18.53
CA ASP C 640 16.03 19.46 -18.21
C ASP C 640 16.13 20.99 -18.16
N ASN C 641 16.57 21.58 -19.26
CA ASN C 641 16.76 23.03 -19.32
C ASN C 641 16.12 23.72 -20.53
N LEU C 642 15.07 23.13 -21.07
CA LEU C 642 14.41 23.71 -22.23
C LEU C 642 13.98 25.15 -22.01
N ASP C 643 13.58 25.48 -20.79
CA ASP C 643 13.12 26.84 -20.51
C ASP C 643 14.18 27.90 -20.75
N HIS C 644 15.39 27.65 -20.28
CA HIS C 644 16.44 28.63 -20.51
C HIS C 644 16.88 28.64 -21.95
N TYR C 645 16.86 27.48 -22.58
CA TYR C 645 17.23 27.38 -23.98
C TYR C 645 16.41 28.44 -24.70
N ARG C 646 15.12 28.47 -24.39
CA ARG C 646 14.16 29.39 -24.97
C ARG C 646 14.36 30.84 -24.54
N ASN C 647 14.82 31.09 -23.32
CA ASN C 647 15.03 32.47 -22.88
C ASN C 647 16.27 33.10 -23.49
N SER C 648 17.31 32.29 -23.64
CA SER C 648 18.58 32.76 -24.16
C SER C 648 18.70 32.96 -25.68
N THR C 649 17.61 33.29 -26.36
CA THR C 649 17.72 33.49 -27.80
C THR C 649 17.87 34.96 -28.16
N VAL C 650 18.56 35.23 -29.27
CA VAL C 650 18.75 36.58 -29.73
C VAL C 650 17.42 37.20 -30.21
N MET C 651 16.60 36.42 -30.92
CA MET C 651 15.34 36.92 -31.45
C MET C 651 14.37 37.37 -30.41
N SER C 652 14.40 36.77 -29.23
CA SER C 652 13.48 37.19 -28.17
C SER C 652 13.74 38.65 -27.78
N ARG C 653 14.86 39.20 -28.24
CA ARG C 653 15.23 40.58 -27.92
C ARG C 653 15.11 41.54 -29.11
N ALA C 654 14.68 41.01 -30.24
CA ALA C 654 14.52 41.78 -31.47
C ALA C 654 13.97 43.20 -31.25
N GLU C 655 12.95 43.31 -30.41
CA GLU C 655 12.33 44.59 -30.13
C GLU C 655 13.30 45.70 -29.78
N ASN C 656 14.20 45.42 -28.84
CA ASN C 656 15.18 46.40 -28.35
C ASN C 656 16.25 46.87 -29.33
N PHE C 657 16.27 46.31 -30.53
CA PHE C 657 17.27 46.73 -31.51
C PHE C 657 16.89 48.06 -32.12
N LYS C 658 15.69 48.52 -31.81
CA LYS C 658 15.23 49.79 -32.30
C LYS C 658 16.18 50.85 -31.75
N GLN C 659 16.77 50.57 -30.60
CA GLN C 659 17.67 51.51 -29.96
C GLN C 659 19.14 51.43 -30.36
N VAL C 660 19.47 50.65 -31.38
CA VAL C 660 20.87 50.57 -31.76
C VAL C 660 21.11 50.39 -33.25
N GLU C 661 22.32 50.71 -33.66
CA GLU C 661 22.72 50.53 -35.04
C GLU C 661 23.41 49.18 -35.10
N TYR C 662 22.74 48.23 -35.75
CA TYR C 662 23.22 46.87 -35.86
C TYR C 662 23.64 46.44 -37.26
N LEU C 663 24.70 45.63 -37.31
CA LEU C 663 25.25 45.09 -38.55
C LEU C 663 25.46 43.59 -38.34
N LEU C 664 24.78 42.79 -39.15
CA LEU C 664 24.84 41.33 -39.07
C LEU C 664 25.65 40.81 -40.24
N ILE C 665 26.61 39.92 -39.99
CA ILE C 665 27.42 39.37 -41.09
C ILE C 665 27.55 37.87 -40.93
N HIS C 666 27.48 37.13 -42.04
CA HIS C 666 27.57 35.67 -41.96
C HIS C 666 28.01 35.02 -43.26
N GLY C 667 28.78 33.93 -43.16
CA GLY C 667 29.20 33.23 -44.36
C GLY C 667 28.10 32.24 -44.78
N THR C 668 27.75 32.19 -46.06
CA THR C 668 26.70 31.27 -46.49
C THR C 668 27.11 29.81 -46.38
N ALA C 669 28.41 29.55 -46.35
CA ALA C 669 28.89 28.18 -46.27
C ALA C 669 29.47 27.79 -44.91
N ASP C 670 29.01 28.48 -43.86
CA ASP C 670 29.44 28.23 -42.49
C ASP C 670 28.87 26.89 -42.03
N ASP C 671 29.73 25.89 -41.93
CA ASP C 671 29.31 24.55 -41.50
C ASP C 671 29.18 24.47 -39.99
N ASN C 672 29.86 25.39 -39.30
CA ASN C 672 29.89 25.45 -37.85
C ASN C 672 28.65 26.10 -37.25
N VAL C 673 28.51 27.41 -37.47
CA VAL C 673 27.36 28.14 -37.02
C VAL C 673 26.65 28.45 -38.33
N HIS C 674 25.66 27.62 -38.62
CA HIS C 674 24.90 27.69 -39.85
C HIS C 674 24.22 29.03 -40.12
N PHE C 675 24.24 29.42 -41.38
CA PHE C 675 23.66 30.68 -41.80
C PHE C 675 22.26 30.79 -41.22
N GLN C 676 21.63 29.65 -41.01
CA GLN C 676 20.28 29.61 -40.45
C GLN C 676 20.18 30.45 -39.20
N GLN C 677 21.26 30.52 -38.44
CA GLN C 677 21.28 31.28 -37.21
C GLN C 677 20.97 32.75 -37.46
N SER C 678 21.68 33.35 -38.41
CA SER C 678 21.47 34.77 -38.72
C SER C 678 20.19 35.02 -39.50
N ALA C 679 19.86 34.07 -40.36
CA ALA C 679 18.64 34.13 -41.15
C ALA C 679 17.44 34.24 -40.22
N GLN C 680 17.59 33.75 -39.00
CA GLN C 680 16.51 33.81 -38.04
C GLN C 680 16.56 35.12 -37.28
N ILE C 681 17.76 35.66 -37.13
CA ILE C 681 17.93 36.93 -36.45
C ILE C 681 17.31 38.02 -37.33
N SER C 682 17.59 37.97 -38.64
CA SER C 682 17.04 38.98 -39.53
C SER C 682 15.53 38.86 -39.62
N LYS C 683 15.04 37.64 -39.74
CA LYS C 683 13.61 37.41 -39.84
C LYS C 683 12.91 37.94 -38.59
N ALA C 684 13.55 37.84 -37.42
CA ALA C 684 12.99 38.35 -36.18
C ALA C 684 12.90 39.87 -36.21
N LEU C 685 13.99 40.49 -36.65
CA LEU C 685 14.09 41.95 -36.75
C LEU C 685 13.10 42.51 -37.77
N VAL C 686 12.92 41.80 -38.88
CA VAL C 686 12.00 42.25 -39.91
C VAL C 686 10.57 42.22 -39.38
N ASP C 687 10.20 41.13 -38.71
CA ASP C 687 8.86 40.97 -38.17
C ASP C 687 8.49 42.02 -37.13
N VAL C 688 9.48 42.60 -36.49
CA VAL C 688 9.21 43.59 -35.48
C VAL C 688 9.49 44.98 -36.01
N GLY C 689 9.99 45.05 -37.24
CA GLY C 689 10.27 46.32 -37.87
C GLY C 689 11.52 47.06 -37.46
N VAL C 690 12.63 46.36 -37.37
CA VAL C 690 13.88 47.01 -36.99
C VAL C 690 14.78 47.10 -38.20
N ASP C 691 15.28 48.29 -38.47
CA ASP C 691 16.17 48.44 -39.60
C ASP C 691 17.57 48.16 -39.12
N PHE C 692 18.31 47.39 -39.90
CA PHE C 692 19.68 47.08 -39.54
C PHE C 692 20.48 46.90 -40.82
N GLN C 693 21.80 46.77 -40.67
CA GLN C 693 22.73 46.57 -41.77
C GLN C 693 23.04 45.10 -41.85
N ALA C 694 23.25 44.61 -43.06
CA ALA C 694 23.55 43.20 -43.24
C ALA C 694 24.66 43.00 -44.25
N MET C 695 25.15 41.77 -44.30
CA MET C 695 26.22 41.42 -45.22
C MET C 695 26.47 39.91 -45.13
N TRP C 696 26.12 39.19 -46.20
CA TRP C 696 26.32 37.75 -46.26
C TRP C 696 27.61 37.56 -47.04
N TYR C 697 28.27 36.43 -46.85
CA TYR C 697 29.51 36.15 -47.57
C TYR C 697 29.39 34.82 -48.24
N THR C 698 28.97 34.86 -49.48
CA THR C 698 28.79 33.68 -50.29
C THR C 698 29.98 32.74 -50.32
N ASP C 699 29.75 31.49 -49.91
CA ASP C 699 30.75 30.43 -49.90
C ASP C 699 31.89 30.49 -48.90
N GLU C 700 31.79 31.37 -47.91
CA GLU C 700 32.80 31.48 -46.86
C GLU C 700 32.27 30.75 -45.64
N ASP C 701 33.13 30.09 -44.88
CA ASP C 701 32.62 29.41 -43.70
C ASP C 701 32.70 30.24 -42.43
N HIS C 702 32.78 29.59 -41.28
CA HIS C 702 32.82 30.32 -40.03
C HIS C 702 34.05 31.20 -39.97
N GLY C 703 35.02 30.92 -40.81
CA GLY C 703 36.25 31.70 -40.78
C GLY C 703 36.31 32.97 -41.63
N ILE C 704 35.56 33.00 -42.71
CA ILE C 704 35.60 34.16 -43.61
C ILE C 704 37.07 34.57 -43.70
N ALA C 705 37.90 33.60 -44.09
CA ALA C 705 39.33 33.78 -44.18
C ALA C 705 39.93 33.77 -45.57
N SER C 706 39.11 33.66 -46.61
CA SER C 706 39.69 33.67 -47.95
C SER C 706 40.28 35.08 -48.10
N SER C 707 41.43 35.17 -48.75
CA SER C 707 42.08 36.46 -48.92
C SER C 707 41.13 37.62 -49.25
N THR C 708 40.35 37.44 -50.31
CA THR C 708 39.42 38.48 -50.71
C THR C 708 38.34 38.79 -49.68
N ALA C 709 37.70 37.76 -49.11
CA ALA C 709 36.65 37.97 -48.13
C ALA C 709 37.20 38.63 -46.88
N HIS C 710 38.35 38.16 -46.44
CA HIS C 710 39.00 38.69 -45.24
C HIS C 710 39.14 40.20 -45.33
N GLN C 711 39.75 40.67 -46.41
CA GLN C 711 39.94 42.09 -46.62
C GLN C 711 38.63 42.81 -46.81
N HIS C 712 37.63 42.10 -47.31
CA HIS C 712 36.36 42.73 -47.57
C HIS C 712 35.52 42.97 -46.31
N ILE C 713 35.49 41.99 -45.41
CA ILE C 713 34.71 42.14 -44.20
C ILE C 713 35.33 43.15 -43.25
N TYR C 714 36.66 43.18 -43.17
CA TYR C 714 37.29 44.15 -42.29
C TYR C 714 37.18 45.56 -42.84
N THR C 715 37.18 45.70 -44.15
CA THR C 715 37.04 47.01 -44.72
C THR C 715 35.60 47.48 -44.46
N HIS C 716 34.66 46.55 -44.62
CA HIS C 716 33.24 46.85 -44.43
C HIS C 716 32.91 47.24 -43.00
N MET C 717 33.48 46.52 -42.04
CA MET C 717 33.23 46.82 -40.62
C MET C 717 33.83 48.19 -40.28
N SER C 718 35.01 48.47 -40.83
CA SER C 718 35.66 49.75 -40.60
C SER C 718 34.72 50.89 -40.99
N HIS C 719 34.15 50.83 -42.20
CA HIS C 719 33.23 51.87 -42.65
C HIS C 719 32.11 52.04 -41.65
N PHE C 720 31.55 50.92 -41.22
CA PHE C 720 30.46 50.92 -40.26
C PHE C 720 30.86 51.58 -38.93
N ILE C 721 32.00 51.18 -38.37
CA ILE C 721 32.40 51.77 -37.10
C ILE C 721 32.74 53.24 -37.19
N LYS C 722 33.60 53.62 -38.15
CA LYS C 722 33.94 55.03 -38.23
C LYS C 722 32.72 55.85 -38.59
N GLN C 723 31.76 55.25 -39.29
CA GLN C 723 30.54 55.96 -39.65
C GLN C 723 29.66 56.15 -38.42
N CYS C 724 29.74 55.21 -37.50
CA CYS C 724 28.97 55.27 -36.27
C CYS C 724 29.66 56.16 -35.25
N PHE C 725 30.95 56.41 -35.46
CA PHE C 725 31.70 57.26 -34.53
C PHE C 725 31.94 58.68 -35.03
N SER C 726 32.58 58.82 -36.20
CA SER C 726 32.85 60.16 -36.74
C SER C 726 31.45 60.68 -37.08
N SER D 1 1.05 74.08 -47.29
CA SER D 1 -0.27 73.39 -47.52
C SER D 1 -0.28 71.93 -47.01
N ARG D 2 -1.19 71.63 -46.09
CA ARG D 2 -1.32 70.27 -45.54
C ARG D 2 -0.06 69.37 -45.56
N LYS D 3 -0.24 68.07 -45.34
CA LYS D 3 0.93 67.22 -45.31
C LYS D 3 1.19 66.54 -46.64
N THR D 4 2.27 65.79 -46.72
CA THR D 4 2.62 65.10 -47.96
C THR D 4 2.37 63.60 -47.89
N TYR D 5 2.47 62.93 -49.04
CA TYR D 5 2.28 61.47 -49.11
C TYR D 5 3.56 60.93 -48.53
N THR D 6 3.47 60.34 -47.34
CA THR D 6 4.64 59.82 -46.64
C THR D 6 4.86 58.33 -46.83
N LEU D 7 6.02 57.86 -46.37
CA LEU D 7 6.33 56.45 -46.50
C LEU D 7 5.25 55.60 -45.85
N THR D 8 4.87 55.95 -44.61
CA THR D 8 3.82 55.23 -43.90
C THR D 8 2.51 55.20 -44.68
N ASP D 9 2.17 56.30 -45.34
CA ASP D 9 0.94 56.36 -46.13
C ASP D 9 0.96 55.26 -47.18
N TYR D 10 2.15 55.03 -47.74
CA TYR D 10 2.32 54.00 -48.72
C TYR D 10 2.36 52.62 -48.05
N LEU D 11 3.18 52.48 -47.02
CA LEU D 11 3.32 51.23 -46.30
C LEU D 11 2.10 50.77 -45.53
N LYS D 12 1.46 51.70 -44.83
CA LYS D 12 0.27 51.37 -44.05
C LYS D 12 -0.98 51.50 -44.88
N ASN D 13 -0.77 51.73 -46.18
CA ASN D 13 -1.84 51.86 -47.15
C ASN D 13 -3.00 52.74 -46.69
N THR D 14 -2.69 53.95 -46.21
CA THR D 14 -3.75 54.82 -45.73
C THR D 14 -4.65 55.39 -46.83
N TYR D 15 -4.13 55.54 -48.03
CA TYR D 15 -4.97 56.05 -49.11
C TYR D 15 -5.40 54.92 -50.06
N ARG D 16 -6.55 54.33 -49.74
CA ARG D 16 -7.10 53.20 -50.49
C ARG D 16 -7.67 53.58 -51.87
N LEU D 17 -7.65 52.63 -52.78
CA LEU D 17 -8.23 52.79 -54.10
C LEU D 17 -9.40 51.83 -54.06
N LYS D 18 -10.52 52.17 -54.68
CA LYS D 18 -11.64 51.26 -54.68
C LYS D 18 -11.71 50.67 -56.08
N LEU D 19 -12.17 49.45 -56.18
CA LEU D 19 -12.29 48.81 -57.48
C LEU D 19 -13.73 48.36 -57.60
N TYR D 20 -14.03 47.61 -58.65
CA TYR D 20 -15.36 47.06 -58.81
C TYR D 20 -15.16 45.74 -59.56
N SER D 21 -14.99 44.69 -58.77
CA SER D 21 -14.77 43.37 -59.31
C SER D 21 -16.06 42.58 -59.36
N LEU D 22 -16.54 42.38 -60.57
CA LEU D 22 -17.78 41.65 -60.80
C LEU D 22 -17.48 40.46 -61.70
N ARG D 23 -18.25 39.39 -61.55
CA ARG D 23 -18.03 38.23 -62.38
C ARG D 23 -19.33 37.91 -63.07
N TRP D 24 -19.35 38.11 -64.39
CA TRP D 24 -20.54 37.85 -65.17
C TRP D 24 -20.98 36.39 -65.03
N ILE D 25 -22.26 36.17 -64.76
CA ILE D 25 -22.74 34.79 -64.62
C ILE D 25 -23.70 34.50 -65.75
N SER D 26 -24.02 35.54 -66.52
CA SER D 26 -24.91 35.41 -67.67
C SER D 26 -24.59 36.55 -68.60
N ASP D 27 -25.49 36.79 -69.55
CA ASP D 27 -25.29 37.88 -70.47
C ASP D 27 -26.16 39.08 -70.01
N HIS D 28 -26.82 38.89 -68.86
CA HIS D 28 -27.74 39.88 -68.25
C HIS D 28 -27.45 40.22 -66.79
N GLU D 29 -26.72 39.34 -66.11
CA GLU D 29 -26.40 39.56 -64.70
C GLU D 29 -24.96 39.25 -64.36
N TYR D 30 -24.48 39.86 -63.28
CA TYR D 30 -23.13 39.64 -62.77
C TYR D 30 -23.22 39.58 -61.26
N LEU D 31 -22.28 38.88 -60.64
CA LEU D 31 -22.23 38.77 -59.20
C LEU D 31 -21.25 39.82 -58.72
N TYR D 32 -21.54 40.43 -57.58
CA TYR D 32 -20.66 41.45 -57.04
C TYR D 32 -20.33 41.16 -55.60
N LYS D 33 -19.28 40.37 -55.41
CA LYS D 33 -18.83 39.99 -54.08
C LYS D 33 -18.63 41.23 -53.18
N GLN D 34 -19.08 41.13 -51.95
CA GLN D 34 -18.89 42.24 -51.02
C GLN D 34 -18.23 41.69 -49.74
N GLU D 35 -17.85 42.60 -48.83
CA GLU D 35 -17.17 42.20 -47.61
C GLU D 35 -17.90 41.17 -46.74
N ASN D 36 -19.19 41.00 -47.00
CA ASN D 36 -19.97 40.06 -46.23
C ASN D 36 -20.73 39.09 -47.14
N ASN D 37 -21.37 39.63 -48.18
CA ASN D 37 -22.15 38.74 -49.03
C ASN D 37 -22.09 39.02 -50.51
N ILE D 38 -22.22 37.96 -51.28
CA ILE D 38 -22.20 38.05 -52.71
C ILE D 38 -23.57 38.51 -53.19
N LEU D 39 -23.59 39.63 -53.90
CA LEU D 39 -24.82 40.16 -54.43
C LEU D 39 -24.87 39.81 -55.91
N VAL D 40 -26.07 39.69 -56.47
CA VAL D 40 -26.24 39.43 -57.89
C VAL D 40 -26.84 40.74 -58.43
N PHE D 41 -26.32 41.21 -59.56
CA PHE D 41 -26.77 42.47 -60.13
C PHE D 41 -27.38 42.34 -61.51
N ASN D 42 -28.34 43.21 -61.82
CA ASN D 42 -28.92 43.19 -63.14
C ASN D 42 -28.41 44.39 -63.92
N ALA D 43 -27.64 44.10 -64.96
CA ALA D 43 -27.06 45.14 -65.80
C ALA D 43 -28.08 46.16 -66.32
N GLU D 44 -29.03 45.69 -67.13
CA GLU D 44 -30.01 46.59 -67.71
C GLU D 44 -30.55 47.64 -66.75
N TYR D 45 -30.89 47.21 -65.55
CA TYR D 45 -31.50 48.13 -64.61
C TYR D 45 -30.62 48.60 -63.46
N GLY D 46 -29.81 47.70 -62.91
CA GLY D 46 -28.93 48.07 -61.81
C GLY D 46 -29.39 47.47 -60.49
N ASN D 47 -30.62 46.94 -60.47
CA ASN D 47 -31.19 46.33 -59.27
C ASN D 47 -30.39 45.10 -58.86
N SER D 48 -30.24 44.91 -57.55
CA SER D 48 -29.50 43.76 -57.05
C SER D 48 -30.31 42.98 -56.03
N SER D 49 -29.76 41.84 -55.61
CA SER D 49 -30.43 40.97 -54.64
C SER D 49 -29.33 40.12 -54.02
N VAL D 50 -29.44 39.82 -52.73
CA VAL D 50 -28.43 38.98 -52.08
C VAL D 50 -28.40 37.58 -52.69
N PHE D 51 -27.25 37.19 -53.25
CA PHE D 51 -27.13 35.87 -53.86
C PHE D 51 -26.91 34.82 -52.77
N LEU D 52 -26.16 35.20 -51.74
CA LEU D 52 -25.96 34.32 -50.59
C LEU D 52 -25.32 35.12 -49.45
N GLU D 53 -25.92 34.96 -48.28
CA GLU D 53 -25.51 35.65 -47.06
C GLU D 53 -24.13 35.35 -46.56
N ASN D 54 -23.54 36.37 -45.94
CA ASN D 54 -22.22 36.25 -45.32
C ASN D 54 -22.39 35.09 -44.36
N SER D 55 -23.31 35.29 -43.41
CA SER D 55 -23.66 34.31 -42.38
C SER D 55 -23.89 32.89 -42.90
N THR D 56 -24.30 32.74 -44.17
CA THR D 56 -24.57 31.41 -44.71
C THR D 56 -23.58 30.33 -44.23
N PHE D 57 -22.32 30.70 -43.99
CA PHE D 57 -21.34 29.71 -43.52
C PHE D 57 -20.64 30.02 -42.21
N ASP D 58 -21.17 30.98 -41.45
CA ASP D 58 -20.59 31.36 -40.17
C ASP D 58 -19.96 30.17 -39.42
N GLU D 59 -20.76 29.18 -39.05
CA GLU D 59 -20.16 28.05 -38.35
C GLU D 59 -19.80 26.90 -39.31
N PHE D 60 -19.03 27.26 -40.34
CA PHE D 60 -18.57 26.30 -41.34
C PHE D 60 -17.30 25.63 -40.81
N GLY D 61 -16.72 26.26 -39.79
CA GLY D 61 -15.49 25.76 -39.18
C GLY D 61 -14.22 26.14 -39.93
N HIS D 62 -14.36 26.85 -41.05
CA HIS D 62 -13.19 27.23 -41.85
C HIS D 62 -13.25 28.59 -42.52
N SER D 63 -12.13 29.29 -42.41
CA SER D 63 -12.01 30.59 -43.05
C SER D 63 -12.00 30.29 -44.56
N ILE D 64 -12.92 30.92 -45.28
CA ILE D 64 -13.03 30.71 -46.72
C ILE D 64 -12.36 31.85 -47.44
N ASN D 65 -11.42 31.55 -48.35
CA ASN D 65 -10.75 32.64 -49.06
C ASN D 65 -11.32 32.84 -50.46
N ASP D 66 -12.18 31.92 -50.88
CA ASP D 66 -12.79 32.05 -52.20
C ASP D 66 -14.00 31.15 -52.42
N TYR D 67 -14.87 31.62 -53.31
CA TYR D 67 -16.09 30.91 -53.69
C TYR D 67 -15.98 30.66 -55.20
N SER D 68 -16.88 29.86 -55.74
CA SER D 68 -16.88 29.58 -57.16
C SER D 68 -18.22 28.95 -57.48
N ILE D 69 -19.05 29.73 -58.16
CA ILE D 69 -20.39 29.29 -58.52
C ILE D 69 -20.44 28.61 -59.89
N SER D 70 -20.95 27.39 -59.89
CA SER D 70 -21.05 26.63 -61.13
C SER D 70 -21.84 27.46 -62.12
N PRO D 71 -21.54 27.31 -63.43
CA PRO D 71 -22.27 28.07 -64.45
C PRO D 71 -23.74 27.64 -64.47
N ASP D 72 -24.12 26.86 -63.46
CA ASP D 72 -25.48 26.35 -63.29
C ASP D 72 -26.37 27.26 -62.46
N GLY D 73 -25.73 27.91 -61.50
CA GLY D 73 -26.42 28.79 -60.59
C GLY D 73 -26.87 27.81 -59.52
N GLN D 74 -26.59 26.53 -59.79
CA GLN D 74 -26.97 25.41 -58.91
C GLN D 74 -26.01 25.01 -57.78
N PHE D 75 -24.74 25.39 -57.86
CA PHE D 75 -23.79 25.01 -56.83
C PHE D 75 -22.70 26.05 -56.57
N ILE D 76 -22.08 25.98 -55.40
CA ILE D 76 -21.01 26.89 -55.07
C ILE D 76 -19.83 26.06 -54.62
N LEU D 77 -18.64 26.42 -55.08
CA LEU D 77 -17.46 25.70 -54.68
C LEU D 77 -16.88 26.58 -53.59
N LEU D 78 -16.48 26.00 -52.46
CA LEU D 78 -15.90 26.76 -51.37
C LEU D 78 -14.43 26.44 -51.19
N GLU D 79 -13.57 27.43 -51.35
CA GLU D 79 -12.13 27.22 -51.20
C GLU D 79 -11.62 27.66 -49.84
N TYR D 80 -10.90 26.77 -49.16
CA TYR D 80 -10.31 27.05 -47.86
C TYR D 80 -9.02 26.27 -47.69
N ASN D 81 -8.32 26.45 -46.57
CA ASN D 81 -7.05 25.78 -46.37
C ASN D 81 -6.12 26.06 -47.56
N TYR D 82 -6.15 27.32 -47.98
CA TYR D 82 -5.35 27.81 -49.09
C TYR D 82 -3.88 27.85 -48.75
N VAL D 83 -3.07 27.26 -49.61
CA VAL D 83 -1.64 27.25 -49.40
C VAL D 83 -0.98 27.62 -50.71
N LYS D 84 -0.43 28.82 -50.77
CA LYS D 84 0.22 29.28 -51.98
C LYS D 84 1.48 28.50 -52.32
N GLN D 85 1.72 28.31 -53.62
CA GLN D 85 2.94 27.66 -54.03
C GLN D 85 3.75 28.72 -54.78
N TRP D 86 3.69 28.68 -56.11
CA TRP D 86 4.43 29.62 -56.94
C TRP D 86 3.67 30.89 -57.27
N ARG D 87 3.85 31.40 -58.48
CA ARG D 87 3.17 32.61 -58.90
C ARG D 87 1.68 32.40 -59.07
N HIS D 88 1.29 31.27 -59.63
CA HIS D 88 -0.13 30.98 -59.86
C HIS D 88 -0.60 29.72 -59.15
N SER D 89 0.29 28.74 -59.00
CA SER D 89 -0.06 27.49 -58.35
C SER D 89 -0.37 27.63 -56.85
N TYR D 90 -1.02 26.61 -56.31
CA TYR D 90 -1.40 26.57 -54.89
C TYR D 90 -2.32 25.40 -54.67
N THR D 91 -2.56 25.05 -53.42
CA THR D 91 -3.46 23.94 -53.10
C THR D 91 -4.44 24.39 -52.01
N ALA D 92 -5.58 23.72 -51.94
CA ALA D 92 -6.60 24.07 -50.97
C ALA D 92 -7.58 22.93 -50.77
N SER D 93 -8.58 23.17 -49.93
CA SER D 93 -9.60 22.17 -49.66
C SER D 93 -10.89 22.68 -50.29
N TYR D 94 -11.76 21.77 -50.71
CA TYR D 94 -12.99 22.21 -51.33
C TYR D 94 -14.26 21.55 -50.81
N ASP D 95 -15.32 22.35 -50.73
CA ASP D 95 -16.63 21.91 -50.29
C ASP D 95 -17.64 22.45 -51.29
N ILE D 96 -18.61 21.62 -51.65
CA ILE D 96 -19.62 22.01 -52.60
C ILE D 96 -21.00 22.18 -51.97
N TYR D 97 -21.47 23.43 -51.99
CA TYR D 97 -22.76 23.79 -51.42
C TYR D 97 -23.85 23.63 -52.48
N ASP D 98 -25.02 23.16 -52.06
CA ASP D 98 -26.13 22.95 -52.97
C ASP D 98 -27.12 24.10 -52.81
N LEU D 99 -27.11 25.01 -53.78
CA LEU D 99 -28.00 26.17 -53.75
C LEU D 99 -29.45 25.73 -53.75
N ASN D 100 -29.69 24.56 -54.32
CA ASN D 100 -31.04 24.01 -54.36
C ASN D 100 -31.41 23.69 -52.91
N LYS D 101 -31.05 22.48 -52.45
CA LYS D 101 -31.37 22.10 -51.09
C LYS D 101 -30.60 22.84 -49.95
N ARG D 102 -29.90 23.94 -50.27
CA ARG D 102 -29.15 24.72 -49.28
C ARG D 102 -28.39 23.83 -48.31
N GLN D 103 -27.48 23.01 -48.82
CA GLN D 103 -26.78 22.02 -47.99
C GLN D 103 -25.36 21.79 -48.46
N LEU D 104 -24.46 21.49 -47.53
CA LEU D 104 -23.09 21.19 -47.90
C LEU D 104 -23.23 19.75 -48.36
N ILE D 105 -22.52 19.34 -49.41
CA ILE D 105 -22.60 17.97 -49.85
C ILE D 105 -21.53 17.25 -49.06
N THR D 106 -21.93 16.25 -48.31
CA THR D 106 -20.99 15.54 -47.44
C THR D 106 -20.40 14.22 -47.91
N GLU D 107 -20.89 13.68 -49.02
CA GLU D 107 -20.31 12.42 -49.49
C GLU D 107 -19.51 12.63 -50.77
N GLU D 108 -18.52 11.76 -51.01
CA GLU D 108 -17.67 11.85 -52.20
C GLU D 108 -17.05 13.25 -52.34
N ARG D 109 -16.69 13.88 -51.22
CA ARG D 109 -16.14 15.22 -51.31
C ARG D 109 -14.77 15.23 -51.96
N ILE D 110 -14.42 16.38 -52.54
CA ILE D 110 -13.14 16.59 -53.21
C ILE D 110 -12.07 16.47 -52.10
N PRO D 111 -10.95 15.81 -52.41
CA PRO D 111 -9.84 15.60 -51.48
C PRO D 111 -9.24 16.91 -50.99
N ASN D 112 -8.36 16.82 -50.01
CA ASN D 112 -7.68 18.00 -49.51
C ASN D 112 -6.44 18.08 -50.40
N ASN D 113 -5.68 19.16 -50.29
CA ASN D 113 -4.47 19.32 -51.10
C ASN D 113 -4.71 19.16 -52.58
N THR D 114 -5.86 19.65 -53.04
CA THR D 114 -6.18 19.59 -54.44
C THR D 114 -5.40 20.73 -55.07
N GLN D 115 -4.81 20.46 -56.24
CA GLN D 115 -4.02 21.47 -56.94
C GLN D 115 -4.82 22.33 -57.91
N TRP D 116 -5.91 21.79 -58.45
CA TRP D 116 -6.73 22.54 -59.37
C TRP D 116 -8.15 22.02 -59.48
N VAL D 117 -9.12 22.93 -59.44
CA VAL D 117 -10.54 22.60 -59.55
C VAL D 117 -11.21 23.50 -60.59
N THR D 118 -12.11 22.93 -61.38
CA THR D 118 -12.77 23.72 -62.41
C THR D 118 -14.11 23.18 -62.93
N TRP D 119 -15.17 23.98 -62.80
CA TRP D 119 -16.48 23.57 -63.30
C TRP D 119 -16.42 23.44 -64.80
N SER D 120 -17.47 22.86 -65.37
CA SER D 120 -17.59 22.71 -66.81
C SER D 120 -18.13 24.06 -67.30
N PRO D 121 -17.93 24.39 -68.57
CA PRO D 121 -18.41 25.66 -69.13
C PRO D 121 -19.93 25.91 -69.03
N VAL D 122 -20.71 24.84 -68.85
CA VAL D 122 -22.15 25.00 -68.79
C VAL D 122 -22.93 24.31 -67.68
N GLY D 123 -22.75 23.01 -67.54
CA GLY D 123 -23.51 22.31 -66.51
C GLY D 123 -22.99 22.56 -65.12
N HIS D 124 -22.49 21.50 -64.51
CA HIS D 124 -21.95 21.58 -63.17
C HIS D 124 -20.99 20.41 -62.97
N LYS D 125 -20.36 19.99 -64.06
CA LYS D 125 -19.37 18.93 -64.00
C LYS D 125 -18.14 19.51 -63.29
N LEU D 126 -17.30 18.63 -62.77
CA LEU D 126 -16.09 19.06 -62.09
C LEU D 126 -14.88 18.27 -62.54
N ALA D 127 -13.78 18.98 -62.70
CA ALA D 127 -12.52 18.37 -63.09
C ALA D 127 -11.55 18.92 -62.07
N TYR D 128 -10.72 18.05 -61.49
CA TYR D 128 -9.74 18.53 -60.52
C TYR D 128 -8.48 17.70 -60.56
N VAL D 129 -7.39 18.27 -60.11
CA VAL D 129 -6.12 17.56 -60.08
C VAL D 129 -5.79 17.33 -58.61
N TRP D 130 -5.24 16.16 -58.33
CA TRP D 130 -4.88 15.81 -56.98
C TRP D 130 -3.78 14.78 -57.12
N ASN D 131 -2.63 15.06 -56.54
CA ASN D 131 -1.49 14.16 -56.65
C ASN D 131 -1.16 14.05 -58.12
N ASN D 132 -1.17 15.19 -58.79
CA ASN D 132 -0.87 15.27 -60.21
C ASN D 132 -1.75 14.44 -61.16
N ASP D 133 -2.88 13.94 -60.66
CA ASP D 133 -3.80 13.16 -61.50
C ASP D 133 -5.15 13.86 -61.66
N ILE D 134 -5.78 13.64 -62.82
CA ILE D 134 -7.06 14.26 -63.15
C ILE D 134 -8.24 13.41 -62.75
N TYR D 135 -9.22 14.04 -62.11
CA TYR D 135 -10.43 13.37 -61.68
C TYR D 135 -11.63 14.15 -62.21
N VAL D 136 -12.66 13.43 -62.65
CA VAL D 136 -13.87 14.07 -63.15
C VAL D 136 -15.07 13.69 -62.30
N LYS D 137 -15.86 14.70 -61.95
CA LYS D 137 -17.05 14.52 -61.14
C LYS D 137 -18.23 15.09 -61.91
N ILE D 138 -19.01 14.20 -62.53
CA ILE D 138 -20.18 14.57 -63.33
C ILE D 138 -21.31 15.10 -62.46
N GLU D 139 -21.23 14.78 -61.18
CA GLU D 139 -22.22 15.24 -60.21
C GLU D 139 -21.50 15.59 -58.91
N PRO D 140 -21.82 16.75 -58.35
CA PRO D 140 -21.23 17.23 -57.10
C PRO D 140 -21.20 16.18 -55.97
N ASN D 141 -22.15 15.26 -55.97
CA ASN D 141 -22.19 14.26 -54.91
C ASN D 141 -21.96 12.83 -55.35
N LEU D 142 -21.47 12.63 -56.56
CA LEU D 142 -21.22 11.27 -57.02
C LEU D 142 -19.76 10.92 -57.00
N PRO D 143 -19.45 9.62 -57.02
CA PRO D 143 -18.03 9.21 -57.00
C PRO D 143 -17.25 9.79 -58.19
N SER D 144 -16.05 10.24 -57.89
CA SER D 144 -15.14 10.82 -58.87
C SER D 144 -14.52 9.79 -59.83
N TYR D 145 -14.49 10.12 -61.11
CA TYR D 145 -13.87 9.21 -62.10
C TYR D 145 -12.39 9.56 -62.20
N ARG D 146 -11.54 8.56 -62.30
CA ARG D 146 -10.10 8.79 -62.41
C ARG D 146 -9.77 8.86 -63.89
N ILE D 147 -9.21 9.96 -64.34
CA ILE D 147 -8.84 10.06 -65.75
C ILE D 147 -7.41 9.58 -65.95
N THR D 148 -6.50 10.06 -65.12
CA THR D 148 -5.08 9.70 -65.23
C THR D 148 -4.58 8.90 -64.03
N TRP D 149 -3.57 8.07 -64.25
CA TRP D 149 -2.98 7.22 -63.23
C TRP D 149 -1.47 7.28 -63.17
N THR D 150 -0.87 8.16 -63.97
CA THR D 150 0.58 8.28 -64.02
C THR D 150 1.19 9.38 -63.18
N GLY D 151 0.35 10.18 -62.52
CA GLY D 151 0.83 11.28 -61.71
C GLY D 151 1.87 10.94 -60.65
N LYS D 152 2.97 11.69 -60.66
CA LYS D 152 4.03 11.51 -59.68
C LYS D 152 4.71 12.83 -59.41
N GLU D 153 4.81 13.18 -58.13
CA GLU D 153 5.41 14.42 -57.69
C GLU D 153 6.71 14.80 -58.37
N ASP D 154 6.78 16.05 -58.78
CA ASP D 154 7.96 16.60 -59.43
C ASP D 154 8.45 15.78 -60.60
N ILE D 155 7.57 14.99 -61.21
CA ILE D 155 7.98 14.18 -62.37
C ILE D 155 6.92 14.14 -63.47
N ILE D 156 5.70 13.77 -63.11
CA ILE D 156 4.63 13.70 -64.09
C ILE D 156 3.42 14.50 -63.67
N TYR D 157 3.14 15.54 -64.46
CA TYR D 157 2.04 16.46 -64.23
C TYR D 157 0.90 16.22 -65.20
N ASN D 158 -0.28 15.95 -64.67
CA ASN D 158 -1.46 15.74 -65.50
C ASN D 158 -2.49 16.79 -65.14
N GLY D 159 -2.84 17.67 -66.09
CA GLY D 159 -3.85 18.68 -65.80
C GLY D 159 -3.32 19.91 -65.08
N ILE D 160 -2.05 19.89 -64.73
CA ILE D 160 -1.42 21.03 -64.08
C ILE D 160 -0.06 21.22 -64.72
N THR D 161 0.43 22.46 -64.72
CA THR D 161 1.72 22.77 -65.34
C THR D 161 2.86 22.63 -64.34
N ASP D 162 4.07 22.48 -64.86
CA ASP D 162 5.27 22.38 -64.02
C ASP D 162 5.84 23.82 -63.85
N TRP D 163 6.73 24.02 -62.90
CA TRP D 163 7.27 25.36 -62.66
C TRP D 163 7.40 26.26 -63.88
N VAL D 164 8.19 25.85 -64.86
CA VAL D 164 8.41 26.68 -66.05
C VAL D 164 7.16 26.93 -66.91
N TYR D 165 6.35 25.90 -67.17
CA TYR D 165 5.17 26.12 -67.99
C TYR D 165 4.19 27.03 -67.25
N GLU D 166 4.23 26.96 -65.92
CA GLU D 166 3.36 27.78 -65.09
C GLU D 166 3.77 29.24 -65.07
N GLU D 167 5.06 29.48 -65.14
CA GLU D 167 5.65 30.80 -65.10
C GLU D 167 5.89 31.45 -66.44
N GLU D 168 6.44 30.67 -67.37
CA GLU D 168 6.79 31.21 -68.67
C GLU D 168 5.84 31.08 -69.83
N VAL D 169 5.05 30.02 -69.91
CA VAL D 169 4.16 29.92 -71.05
C VAL D 169 2.68 30.04 -70.76
N PHE D 170 2.17 29.35 -69.76
CA PHE D 170 0.74 29.42 -69.47
C PHE D 170 0.32 30.40 -68.39
N SER D 171 1.29 30.91 -67.63
CA SER D 171 1.00 31.85 -66.58
C SER D 171 -0.19 31.37 -65.77
N ALA D 172 -0.24 30.07 -65.54
CA ALA D 172 -1.32 29.47 -64.78
C ALA D 172 -0.84 28.12 -64.30
N TYR D 173 -1.53 27.56 -63.32
CA TYR D 173 -1.15 26.25 -62.79
C TYR D 173 -1.94 25.22 -63.58
N SER D 174 -3.12 25.63 -64.04
CA SER D 174 -4.03 24.77 -64.79
C SER D 174 -3.64 24.37 -66.22
N ALA D 175 -3.61 23.07 -66.47
CA ALA D 175 -3.26 22.55 -67.79
C ALA D 175 -4.41 21.77 -68.37
N LEU D 176 -5.63 22.26 -68.15
CA LEU D 176 -6.77 21.58 -68.72
C LEU D 176 -7.80 22.55 -69.28
N TRP D 177 -8.52 22.09 -70.31
CA TRP D 177 -9.51 22.91 -71.00
C TRP D 177 -10.71 22.10 -71.48
N TRP D 178 -11.87 22.40 -70.91
CA TRP D 178 -13.10 21.72 -71.31
C TRP D 178 -13.48 22.20 -72.73
N SER D 179 -14.29 21.40 -73.44
CA SER D 179 -14.77 21.80 -74.76
C SER D 179 -15.96 22.71 -74.45
N PRO D 180 -16.31 23.62 -75.37
CA PRO D 180 -17.43 24.55 -75.15
C PRO D 180 -18.59 24.01 -74.28
N ASN D 181 -19.32 23.02 -74.78
CA ASN D 181 -20.46 22.46 -74.05
C ASN D 181 -20.13 21.55 -72.87
N GLY D 182 -18.85 21.20 -72.72
CA GLY D 182 -18.46 20.36 -71.60
C GLY D 182 -18.52 18.86 -71.83
N THR D 183 -18.48 18.45 -73.08
CA THR D 183 -18.51 17.03 -73.41
C THR D 183 -17.11 16.46 -73.30
N PHE D 184 -16.16 17.22 -73.83
CA PHE D 184 -14.75 16.83 -73.81
C PHE D 184 -13.94 17.59 -72.78
N LEU D 185 -12.86 16.95 -72.33
CA LEU D 185 -11.91 17.54 -71.39
C LEU D 185 -10.52 17.28 -71.96
N ALA D 186 -9.86 18.36 -72.37
CA ALA D 186 -8.52 18.26 -72.93
C ALA D 186 -7.56 18.59 -71.82
N TYR D 187 -6.38 18.00 -71.87
CA TYR D 187 -5.37 18.26 -70.86
C TYR D 187 -3.98 17.95 -71.41
N ALA D 188 -2.98 18.58 -70.80
CA ALA D 188 -1.62 18.38 -71.18
C ALA D 188 -0.99 17.56 -70.06
N GLN D 189 0.13 16.92 -70.38
CA GLN D 189 0.87 16.14 -69.41
C GLN D 189 2.32 16.53 -69.58
N PHE D 190 2.95 16.91 -68.47
CA PHE D 190 4.34 17.30 -68.50
C PHE D 190 5.20 16.25 -67.83
N ASN D 191 6.36 16.00 -68.42
CA ASN D 191 7.31 15.04 -67.91
C ASN D 191 8.58 15.81 -67.50
N ASP D 192 8.82 15.91 -66.21
CA ASP D 192 9.99 16.63 -65.71
C ASP D 192 11.05 15.65 -65.27
N THR D 193 10.89 14.42 -65.72
CA THR D 193 11.81 13.35 -65.37
C THR D 193 13.27 13.74 -65.42
N GLU D 194 13.75 14.26 -66.53
CA GLU D 194 15.15 14.59 -66.55
C GLU D 194 15.58 16.04 -66.44
N VAL D 195 14.72 16.84 -65.81
CA VAL D 195 14.97 18.25 -65.60
C VAL D 195 15.73 18.38 -64.29
N PRO D 196 16.87 19.09 -64.32
CA PRO D 196 17.69 19.28 -63.11
C PRO D 196 16.88 19.95 -62.01
N LEU D 197 17.37 19.86 -60.78
CA LEU D 197 16.66 20.46 -59.67
C LEU D 197 17.41 21.66 -59.08
N ILE D 198 16.68 22.73 -58.82
CA ILE D 198 17.27 23.89 -58.19
C ILE D 198 17.03 23.62 -56.71
N GLU D 199 18.04 23.83 -55.88
CA GLU D 199 17.87 23.57 -54.46
C GLU D 199 18.22 24.79 -53.61
N TYR D 200 17.48 24.97 -52.52
CA TYR D 200 17.75 26.08 -51.62
C TYR D 200 17.09 25.83 -50.28
N SER D 201 17.66 26.44 -49.25
CA SER D 201 17.16 26.29 -47.90
C SER D 201 16.01 27.18 -47.52
N PHE D 202 15.10 26.61 -46.75
CA PHE D 202 13.96 27.35 -46.23
C PHE D 202 14.13 27.21 -44.72
N TYR D 203 14.14 28.32 -44.00
CA TYR D 203 14.37 28.23 -42.58
C TYR D 203 13.15 28.16 -41.68
N SER D 204 11.99 28.52 -42.21
CA SER D 204 10.74 28.45 -41.45
C SER D 204 10.74 29.12 -40.06
N ASP D 205 9.75 28.80 -39.23
CA ASP D 205 9.69 29.41 -37.90
C ASP D 205 10.93 29.07 -37.09
N GLU D 206 11.29 29.99 -36.21
CA GLU D 206 12.42 29.83 -35.30
C GLU D 206 12.48 28.42 -34.68
N SER D 207 11.33 27.76 -34.56
CA SER D 207 11.28 26.44 -33.96
C SER D 207 11.82 25.28 -34.79
N LEU D 208 12.03 25.48 -36.08
CA LEU D 208 12.55 24.42 -36.93
C LEU D 208 14.04 24.30 -36.65
N GLN D 209 14.45 23.21 -35.99
CA GLN D 209 15.86 23.02 -35.65
C GLN D 209 16.77 22.95 -36.87
N TYR D 210 16.43 22.10 -37.82
CA TYR D 210 17.22 21.96 -39.03
C TYR D 210 16.52 22.60 -40.21
N PRO D 211 17.23 23.45 -40.97
CA PRO D 211 16.65 24.12 -42.14
C PRO D 211 16.30 23.03 -43.13
N LYS D 212 15.26 23.23 -43.93
CA LYS D 212 14.88 22.21 -44.91
C LYS D 212 15.24 22.63 -46.33
N THR D 213 15.65 21.64 -47.13
CA THR D 213 16.02 21.88 -48.51
C THR D 213 14.82 21.78 -49.41
N VAL D 214 14.55 22.86 -50.13
CA VAL D 214 13.45 22.86 -51.08
C VAL D 214 14.07 22.59 -52.46
N ARG D 215 13.57 21.59 -53.16
CA ARG D 215 14.13 21.31 -54.48
C ARG D 215 13.04 21.18 -55.52
N VAL D 216 13.15 21.97 -56.57
CA VAL D 216 12.15 21.92 -57.61
C VAL D 216 12.76 21.78 -58.99
N PRO D 217 12.05 21.10 -59.91
CA PRO D 217 12.50 20.89 -61.29
C PRO D 217 12.49 22.24 -61.98
N TYR D 218 13.68 22.69 -62.35
CA TYR D 218 13.84 24.00 -62.98
C TYR D 218 14.89 23.89 -64.07
N PRO D 219 14.50 24.15 -65.33
CA PRO D 219 15.48 24.08 -66.42
C PRO D 219 16.14 25.42 -66.69
N LYS D 220 17.40 25.55 -66.30
CA LYS D 220 18.14 26.78 -66.54
C LYS D 220 18.49 26.84 -68.03
N ALA D 221 18.99 27.98 -68.50
CA ALA D 221 19.32 28.12 -69.92
C ALA D 221 20.12 26.96 -70.52
N GLY D 222 19.58 26.34 -71.55
CA GLY D 222 20.27 25.25 -72.22
C GLY D 222 20.25 23.88 -71.58
N ALA D 223 19.62 23.74 -70.41
CA ALA D 223 19.54 22.44 -69.74
C ALA D 223 18.38 21.64 -70.32
N VAL D 224 18.11 20.47 -69.77
CA VAL D 224 17.02 19.66 -70.27
C VAL D 224 15.65 20.24 -69.92
N ASN D 225 14.83 20.42 -70.95
CA ASN D 225 13.49 20.95 -70.76
C ASN D 225 12.53 19.80 -70.50
N PRO D 226 11.37 20.10 -69.91
CA PRO D 226 10.45 18.99 -69.68
C PRO D 226 9.83 18.69 -71.02
N THR D 227 9.12 17.58 -71.12
CA THR D 227 8.48 17.22 -72.38
C THR D 227 6.97 17.31 -72.20
N VAL D 228 6.24 17.28 -73.31
CA VAL D 228 4.80 17.44 -73.21
C VAL D 228 4.00 16.57 -74.17
N LYS D 229 2.78 16.23 -73.75
CA LYS D 229 1.85 15.43 -74.55
C LYS D 229 0.45 16.01 -74.35
N PHE D 230 -0.38 15.95 -75.40
CA PHE D 230 -1.73 16.48 -75.31
C PHE D 230 -2.75 15.35 -75.44
N PHE D 231 -3.82 15.41 -74.65
CA PHE D 231 -4.86 14.39 -74.69
C PHE D 231 -6.24 15.01 -74.62
N VAL D 232 -7.25 14.22 -75.00
CA VAL D 232 -8.65 14.64 -74.96
C VAL D 232 -9.46 13.42 -74.54
N VAL D 233 -10.26 13.60 -73.50
CA VAL D 233 -11.09 12.55 -72.96
C VAL D 233 -12.55 12.95 -73.08
N ASN D 234 -13.42 11.95 -73.22
CA ASN D 234 -14.85 12.18 -73.35
C ASN D 234 -15.54 11.98 -72.02
N THR D 235 -15.86 13.08 -71.35
CA THR D 235 -16.51 13.01 -70.07
C THR D 235 -17.95 12.48 -70.13
N ASP D 236 -18.37 11.98 -71.28
CA ASP D 236 -19.72 11.46 -71.38
C ASP D 236 -19.70 9.95 -71.58
N SER D 237 -18.50 9.38 -71.62
CA SER D 237 -18.38 7.95 -71.85
C SER D 237 -17.76 7.22 -70.67
N LEU D 238 -17.37 7.98 -69.65
CA LEU D 238 -16.72 7.39 -68.49
C LEU D 238 -17.67 6.48 -67.69
N SER D 239 -17.21 5.26 -67.42
CA SER D 239 -18.02 4.27 -66.71
C SER D 239 -17.88 4.32 -65.19
N SER D 240 -16.90 3.58 -64.65
CA SER D 240 -16.65 3.54 -63.18
C SER D 240 -16.10 2.14 -62.91
N VAL D 241 -16.19 1.33 -63.96
CA VAL D 241 -15.71 -0.05 -63.94
C VAL D 241 -14.54 -0.16 -64.92
N THR D 242 -14.69 0.52 -66.06
CA THR D 242 -13.67 0.59 -67.12
C THR D 242 -12.85 1.86 -66.92
N ASN D 243 -11.57 1.82 -67.28
CA ASN D 243 -10.74 3.00 -67.12
C ASN D 243 -10.86 3.94 -68.32
N ALA D 244 -11.24 5.20 -68.08
CA ALA D 244 -11.40 6.17 -69.16
C ALA D 244 -10.32 6.05 -70.25
N THR D 245 -10.66 6.49 -71.46
CA THR D 245 -9.68 6.43 -72.54
C THR D 245 -9.29 7.84 -72.95
N SER D 246 -7.99 8.11 -72.97
CA SER D 246 -7.54 9.45 -73.36
C SER D 246 -6.93 9.40 -74.76
N ILE D 247 -7.61 10.00 -75.73
CA ILE D 247 -7.07 10.00 -77.07
C ILE D 247 -5.99 11.05 -77.14
N GLN D 248 -4.77 10.65 -77.49
CA GLN D 248 -3.65 11.59 -77.57
C GLN D 248 -3.44 12.26 -78.93
N ILE D 249 -3.50 13.60 -78.95
CA ILE D 249 -3.26 14.38 -80.16
C ILE D 249 -1.76 14.59 -80.11
N THR D 250 -1.08 14.40 -81.23
CA THR D 250 0.37 14.55 -81.19
C THR D 250 0.89 15.53 -82.20
N ALA D 251 2.14 15.28 -82.60
CA ALA D 251 2.86 16.07 -83.61
C ALA D 251 2.78 17.55 -83.29
N PRO D 252 2.94 18.43 -84.30
CA PRO D 252 3.17 18.25 -85.74
C PRO D 252 4.56 17.67 -86.03
N ALA D 253 4.83 17.34 -87.29
CA ALA D 253 6.13 16.79 -87.64
C ALA D 253 7.24 17.84 -87.52
N SER D 254 6.98 19.06 -88.00
CA SER D 254 7.96 20.15 -87.94
C SER D 254 8.37 20.49 -86.52
N MET D 255 7.59 20.03 -85.55
CA MET D 255 7.88 20.30 -84.15
C MET D 255 8.54 19.09 -83.49
N LEU D 256 7.97 17.91 -83.71
CA LEU D 256 8.51 16.67 -83.16
C LEU D 256 10.00 16.45 -83.40
N ILE D 257 10.52 16.92 -84.52
CA ILE D 257 11.95 16.70 -84.82
C ILE D 257 12.93 17.18 -83.73
N GLY D 258 12.43 17.90 -82.72
CA GLY D 258 13.32 18.39 -81.69
C GLY D 258 12.58 18.95 -80.50
N ASP D 259 13.29 19.58 -79.57
CA ASP D 259 12.66 20.15 -78.40
C ASP D 259 11.62 21.18 -78.80
N HIS D 260 10.44 21.11 -78.20
CA HIS D 260 9.39 22.05 -78.52
C HIS D 260 8.54 22.27 -77.28
N TYR D 261 7.55 23.15 -77.39
CA TYR D 261 6.65 23.45 -76.28
C TYR D 261 5.21 23.54 -76.79
N LEU D 262 4.25 23.35 -75.90
CA LEU D 262 2.84 23.50 -76.22
C LEU D 262 2.54 24.90 -75.68
N CYS D 263 2.23 25.85 -76.56
CA CYS D 263 1.99 27.22 -76.08
C CYS D 263 0.57 27.73 -76.05
N ASP D 264 -0.38 27.01 -76.63
CA ASP D 264 -1.76 27.48 -76.60
C ASP D 264 -2.76 26.43 -77.00
N VAL D 265 -3.86 26.36 -76.28
CA VAL D 265 -4.89 25.42 -76.66
C VAL D 265 -6.20 26.17 -76.61
N THR D 266 -6.84 26.27 -77.78
CA THR D 266 -8.10 26.98 -77.88
C THR D 266 -9.13 26.13 -78.60
N TRP D 267 -10.26 25.90 -77.95
CA TRP D 267 -11.34 25.12 -78.54
C TRP D 267 -12.07 25.97 -79.55
N ALA D 268 -12.33 25.39 -80.72
CA ALA D 268 -13.03 26.11 -81.78
C ALA D 268 -14.54 25.86 -81.72
N THR D 269 -14.90 24.60 -81.50
CA THR D 269 -16.30 24.21 -81.44
C THR D 269 -16.46 22.98 -80.56
N GLN D 270 -17.68 22.45 -80.51
CA GLN D 270 -18.00 21.27 -79.73
C GLN D 270 -17.18 20.06 -80.16
N GLU D 271 -16.64 20.13 -81.38
CA GLU D 271 -15.85 19.05 -81.93
C GLU D 271 -14.61 19.48 -82.71
N ARG D 272 -14.05 20.62 -82.34
CA ARG D 272 -12.84 21.08 -82.99
C ARG D 272 -11.98 21.83 -81.99
N ILE D 273 -10.69 21.57 -82.00
CA ILE D 273 -9.79 22.23 -81.07
C ILE D 273 -8.49 22.61 -81.77
N SER D 274 -8.01 23.81 -81.48
CA SER D 274 -6.76 24.30 -82.08
C SER D 274 -5.64 24.18 -81.05
N LEU D 275 -4.45 23.88 -81.56
CA LEU D 275 -3.25 23.71 -80.74
C LEU D 275 -2.11 24.51 -81.36
N GLN D 276 -1.38 25.24 -80.55
CA GLN D 276 -0.25 26.02 -81.05
C GLN D 276 1.03 25.51 -80.41
N TRP D 277 1.98 25.09 -81.25
CA TRP D 277 3.25 24.56 -80.78
C TRP D 277 4.44 25.45 -81.14
N LEU D 278 5.38 25.59 -80.21
CA LEU D 278 6.56 26.42 -80.44
C LEU D 278 7.84 25.62 -80.26
N ARG D 279 8.80 25.80 -81.17
CA ARG D 279 10.09 25.10 -81.08
C ARG D 279 10.89 25.71 -79.96
N ARG D 280 11.87 24.98 -79.46
CA ARG D 280 12.69 25.50 -78.38
C ARG D 280 13.32 26.81 -78.85
N ILE D 281 13.67 26.85 -80.14
CA ILE D 281 14.19 28.07 -80.74
C ILE D 281 12.88 28.75 -81.12
N GLN D 282 12.36 29.59 -80.23
CA GLN D 282 11.07 30.24 -80.44
C GLN D 282 10.86 31.13 -81.67
N ASN D 283 11.53 30.73 -82.76
CA ASN D 283 11.53 31.37 -84.09
C ASN D 283 10.28 31.00 -84.89
N TYR D 284 9.92 29.72 -84.76
CA TYR D 284 8.87 29.09 -85.52
C TYR D 284 7.82 28.40 -84.64
N SER D 285 6.56 28.65 -84.94
CA SER D 285 5.46 28.05 -84.20
C SER D 285 4.41 27.57 -85.19
N VAL D 286 3.77 26.45 -84.89
CA VAL D 286 2.74 25.91 -85.77
C VAL D 286 1.39 25.78 -85.09
N MET D 287 0.33 26.05 -85.83
CA MET D 287 -0.99 25.90 -85.25
C MET D 287 -1.69 24.74 -85.94
N ASP D 288 -2.33 23.87 -85.13
CA ASP D 288 -3.07 22.72 -85.67
C ASP D 288 -4.54 22.87 -85.36
N ILE D 289 -5.37 22.47 -86.32
CA ILE D 289 -6.82 22.53 -86.15
C ILE D 289 -7.34 21.09 -86.19
N CYS D 290 -7.67 20.55 -85.01
CA CYS D 290 -8.12 19.17 -84.93
C CYS D 290 -9.61 18.91 -84.72
N ASP D 291 -10.16 18.04 -85.57
CA ASP D 291 -11.56 17.69 -85.48
C ASP D 291 -11.73 16.28 -84.95
N TYR D 292 -12.86 16.06 -84.30
CA TYR D 292 -13.17 14.74 -83.75
C TYR D 292 -13.66 13.84 -84.88
N ASP D 293 -13.37 12.55 -84.77
CA ASP D 293 -13.82 11.61 -85.78
C ASP D 293 -14.97 10.79 -85.23
N GLU D 294 -16.18 11.30 -85.45
CA GLU D 294 -17.44 10.70 -85.01
C GLU D 294 -17.34 9.18 -84.95
N SER D 295 -16.99 8.58 -86.10
CA SER D 295 -16.88 7.13 -86.21
C SER D 295 -15.45 6.60 -86.24
N SER D 296 -14.70 6.89 -85.18
CA SER D 296 -13.30 6.49 -85.05
C SER D 296 -12.83 6.69 -83.62
N GLY D 297 -13.44 7.66 -82.93
CA GLY D 297 -13.06 7.93 -81.57
C GLY D 297 -11.89 8.91 -81.45
N ARG D 298 -11.03 8.96 -82.46
CA ARG D 298 -9.86 9.86 -82.40
C ARG D 298 -9.99 11.25 -83.01
N TRP D 299 -8.91 12.02 -82.90
CA TRP D 299 -8.91 13.39 -83.42
C TRP D 299 -7.87 13.57 -84.51
N ASN D 300 -8.31 14.07 -85.66
CA ASN D 300 -7.38 14.27 -86.76
C ASN D 300 -7.21 15.76 -87.04
N CYS D 301 -5.96 16.14 -87.24
CA CYS D 301 -5.63 17.52 -87.51
C CYS D 301 -5.11 17.54 -88.92
N LEU D 302 -5.98 17.87 -89.86
CA LEU D 302 -5.57 17.92 -91.26
C LEU D 302 -4.45 18.92 -91.44
N VAL D 303 -3.37 18.48 -92.11
CA VAL D 303 -2.26 19.36 -92.41
C VAL D 303 -2.86 20.33 -93.43
N ALA D 304 -2.12 21.33 -93.88
CA ALA D 304 -2.71 22.25 -94.86
C ALA D 304 -3.83 23.07 -94.20
N ARG D 305 -4.40 22.49 -93.15
CA ARG D 305 -5.46 23.12 -92.38
C ARG D 305 -4.78 23.77 -91.17
N GLN D 306 -3.45 23.65 -91.13
CA GLN D 306 -2.64 24.21 -90.07
C GLN D 306 -2.01 25.49 -90.57
N HIS D 307 -1.52 26.30 -89.64
CA HIS D 307 -0.90 27.58 -90.01
C HIS D 307 0.45 27.79 -89.34
N ILE D 308 1.41 28.29 -90.11
CA ILE D 308 2.75 28.58 -89.57
C ILE D 308 2.88 30.05 -89.21
N GLU D 309 3.49 30.34 -88.05
CA GLU D 309 3.71 31.71 -87.61
C GLU D 309 5.18 31.81 -87.20
N MET D 310 5.97 32.51 -88.00
CA MET D 310 7.40 32.64 -87.71
C MET D 310 7.89 34.08 -87.78
N SER D 311 9.05 34.33 -87.20
CA SER D 311 9.61 35.68 -87.20
C SER D 311 11.05 35.57 -87.62
N THR D 312 11.52 36.48 -88.44
CA THR D 312 12.92 36.43 -88.85
C THR D 312 13.68 37.49 -88.08
N THR D 313 12.94 38.38 -87.42
CA THR D 313 13.55 39.44 -86.63
C THR D 313 13.64 39.13 -85.14
N GLY D 314 12.82 38.20 -84.68
CA GLY D 314 12.85 37.85 -83.26
C GLY D 314 12.13 36.57 -82.93
N TRP D 315 11.47 36.56 -81.78
CA TRP D 315 10.73 35.42 -81.32
C TRP D 315 9.28 35.65 -81.73
N VAL D 316 8.46 34.61 -81.66
CA VAL D 316 7.06 34.75 -82.03
C VAL D 316 6.23 35.26 -80.86
N GLY D 317 5.34 36.21 -81.14
CA GLY D 317 4.47 36.76 -80.11
C GLY D 317 5.19 37.69 -79.16
N ARG D 318 4.45 38.45 -78.36
CA ARG D 318 5.09 39.35 -77.41
C ARG D 318 5.77 38.52 -76.35
N PHE D 319 5.08 37.51 -75.85
CA PHE D 319 5.67 36.62 -74.85
C PHE D 319 5.47 35.18 -75.30
N ARG D 320 4.29 34.90 -75.84
CA ARG D 320 3.90 33.58 -76.34
C ARG D 320 3.08 33.95 -77.58
N PRO D 321 3.17 33.18 -78.68
CA PRO D 321 2.38 33.54 -79.87
C PRO D 321 0.91 33.75 -79.50
N SER D 322 0.28 34.76 -80.09
CA SER D 322 -1.10 35.13 -79.76
C SER D 322 -2.17 34.04 -79.75
N GLU D 323 -3.30 34.39 -79.14
CA GLU D 323 -4.46 33.53 -78.98
C GLU D 323 -5.52 33.69 -80.08
N PRO D 324 -5.96 32.58 -80.68
CA PRO D 324 -6.97 32.63 -81.75
C PRO D 324 -8.42 32.85 -81.24
N HIS D 325 -9.20 33.61 -81.98
CA HIS D 325 -10.61 33.87 -81.62
C HIS D 325 -11.51 33.40 -82.75
N PHE D 326 -12.09 32.22 -82.58
CA PHE D 326 -12.95 31.61 -83.59
C PHE D 326 -14.35 32.18 -83.74
N THR D 327 -14.82 32.21 -84.98
CA THR D 327 -16.16 32.67 -85.28
C THR D 327 -17.03 31.52 -84.81
N LEU D 328 -18.29 31.82 -84.48
CA LEU D 328 -19.22 30.81 -84.00
C LEU D 328 -19.12 29.43 -84.68
N ASP D 329 -19.15 29.41 -86.01
CA ASP D 329 -19.08 28.15 -86.76
C ASP D 329 -17.70 27.53 -86.81
N GLY D 330 -16.69 28.26 -86.34
CA GLY D 330 -15.33 27.73 -86.33
C GLY D 330 -14.78 27.31 -87.67
N ASN D 331 -14.84 28.20 -88.65
CA ASN D 331 -14.30 27.91 -89.98
C ASN D 331 -13.32 29.00 -90.31
N SER D 332 -13.34 30.02 -89.45
CA SER D 332 -12.45 31.17 -89.58
C SER D 332 -12.22 31.74 -88.18
N PHE D 333 -11.15 32.53 -88.04
CA PHE D 333 -10.80 33.12 -86.75
C PHE D 333 -9.94 34.37 -86.89
N TYR D 334 -9.79 35.09 -85.79
CA TYR D 334 -8.97 36.30 -85.76
C TYR D 334 -7.88 36.13 -84.71
N LYS D 335 -6.71 36.70 -84.98
CA LYS D 335 -5.61 36.62 -84.04
C LYS D 335 -4.54 37.64 -84.38
N ILE D 336 -3.93 38.20 -83.34
CA ILE D 336 -2.90 39.21 -83.47
C ILE D 336 -1.54 38.65 -83.87
N ILE D 337 -1.06 39.05 -85.02
CA ILE D 337 0.26 38.60 -85.47
C ILE D 337 1.02 39.87 -85.87
N SER D 338 2.34 39.76 -85.92
CA SER D 338 3.16 40.90 -86.28
C SER D 338 2.99 41.26 -87.76
N ASN D 339 3.01 42.56 -88.03
CA ASN D 339 2.85 43.09 -89.38
C ASN D 339 3.97 42.70 -90.31
N GLU D 340 3.83 43.17 -91.53
CA GLU D 340 4.85 42.97 -92.54
C GLU D 340 5.73 44.16 -92.20
N GLU D 341 5.08 45.22 -91.73
CA GLU D 341 5.71 46.48 -91.35
C GLU D 341 6.16 46.44 -89.89
N GLY D 342 6.00 45.28 -89.26
CA GLY D 342 6.44 45.11 -87.87
C GLY D 342 5.48 45.37 -86.72
N TYR D 343 4.28 45.88 -87.00
CA TYR D 343 3.33 46.15 -85.93
C TYR D 343 2.29 45.04 -85.80
N ARG D 344 1.87 44.76 -84.57
CA ARG D 344 0.90 43.70 -84.34
C ARG D 344 -0.56 44.10 -84.53
N HIS D 345 -1.19 43.52 -85.54
CA HIS D 345 -2.59 43.79 -85.83
C HIS D 345 -3.36 42.50 -85.98
N ILE D 346 -4.69 42.62 -85.93
CA ILE D 346 -5.61 41.50 -86.03
C ILE D 346 -5.65 40.92 -87.45
N CYS D 347 -5.49 39.62 -87.58
CA CYS D 347 -5.55 39.05 -88.90
C CYS D 347 -6.69 38.06 -89.00
N TYR D 348 -7.42 38.10 -90.11
CA TYR D 348 -8.57 37.22 -90.35
C TYR D 348 -8.15 35.94 -91.10
N PHE D 349 -8.52 34.78 -90.54
CA PHE D 349 -8.14 33.49 -91.14
C PHE D 349 -9.30 32.57 -91.53
N GLN D 350 -9.08 31.81 -92.60
CA GLN D 350 -10.05 30.84 -93.07
C GLN D 350 -9.30 29.56 -92.67
N ILE D 351 -9.92 28.69 -91.87
CA ILE D 351 -9.16 27.52 -91.41
C ILE D 351 -8.35 26.78 -92.46
N ASP D 352 -8.75 26.84 -93.73
CA ASP D 352 -7.93 26.15 -94.72
C ASP D 352 -7.20 27.11 -95.69
N LYS D 353 -7.38 28.41 -95.48
CA LYS D 353 -6.70 29.39 -96.32
C LYS D 353 -5.40 29.82 -95.63
N LYS D 354 -4.29 29.57 -96.31
CA LYS D 354 -2.97 29.91 -95.79
C LYS D 354 -2.76 31.41 -95.52
N ASP D 355 -3.31 32.28 -96.37
CA ASP D 355 -3.08 33.70 -96.15
C ASP D 355 -4.23 34.39 -95.44
N CYS D 356 -3.93 35.08 -94.34
CA CYS D 356 -4.95 35.79 -93.58
C CYS D 356 -5.06 37.22 -94.06
N THR D 357 -6.06 37.95 -93.60
CA THR D 357 -6.23 39.33 -94.01
C THR D 357 -6.31 40.34 -92.84
N PHE D 358 -5.28 41.16 -92.71
CA PHE D 358 -5.27 42.14 -91.65
C PHE D 358 -6.51 43.02 -91.72
N ILE D 359 -7.10 43.32 -90.57
CA ILE D 359 -8.28 44.15 -90.58
C ILE D 359 -7.94 45.44 -89.88
N THR D 360 -6.70 45.54 -89.43
CA THR D 360 -6.22 46.76 -88.79
C THR D 360 -4.79 46.98 -89.30
N LYS D 361 -4.30 48.20 -89.11
CA LYS D 361 -2.94 48.51 -89.53
C LYS D 361 -2.58 49.93 -89.13
N GLY D 362 -1.32 50.28 -89.36
CA GLY D 362 -0.85 51.61 -89.02
C GLY D 362 0.27 51.49 -88.02
N THR D 363 0.78 52.63 -87.57
CA THR D 363 1.86 52.61 -86.61
C THR D 363 1.33 52.71 -85.16
N TRP D 364 0.86 51.56 -84.68
CA TRP D 364 0.33 51.34 -83.34
C TRP D 364 0.02 49.86 -83.28
N GLU D 365 -0.37 49.37 -82.11
CA GLU D 365 -0.66 47.95 -82.02
C GLU D 365 -1.96 47.59 -81.33
N VAL D 366 -2.50 46.44 -81.71
CA VAL D 366 -3.72 45.91 -81.13
C VAL D 366 -3.24 45.13 -79.91
N ILE D 367 -3.51 45.64 -78.72
CA ILE D 367 -3.09 44.95 -77.52
C ILE D 367 -3.73 43.58 -77.37
N GLY D 368 -5.05 43.51 -77.46
CA GLY D 368 -5.74 42.24 -77.35
C GLY D 368 -7.21 42.20 -77.77
N ILE D 369 -7.62 41.09 -78.39
CA ILE D 369 -9.01 40.91 -78.82
C ILE D 369 -9.82 40.58 -77.57
N GLU D 370 -10.81 41.40 -77.28
CA GLU D 370 -11.62 41.22 -76.08
C GLU D 370 -12.97 40.56 -76.26
N ALA D 371 -13.52 40.63 -77.46
CA ALA D 371 -14.82 40.03 -77.71
C ALA D 371 -15.11 39.93 -79.19
N LEU D 372 -15.84 38.88 -79.57
CA LEU D 372 -16.22 38.66 -80.95
C LEU D 372 -17.69 38.26 -80.99
N THR D 373 -18.42 38.87 -81.91
CA THR D 373 -19.86 38.59 -82.09
C THR D 373 -20.08 38.49 -83.59
N SER D 374 -21.03 37.66 -84.01
CA SER D 374 -21.32 37.51 -85.45
C SER D 374 -21.40 38.89 -86.12
N ASP D 375 -21.50 39.91 -85.27
CA ASP D 375 -21.64 41.30 -85.67
C ASP D 375 -20.33 42.12 -85.68
N TYR D 376 -19.77 42.31 -84.48
CA TYR D 376 -18.54 43.09 -84.28
C TYR D 376 -17.39 42.33 -83.63
N LEU D 377 -16.20 42.96 -83.69
CA LEU D 377 -14.96 42.44 -83.12
C LEU D 377 -14.46 43.54 -82.20
N TYR D 378 -14.42 43.25 -80.91
CA TYR D 378 -13.96 44.23 -79.94
C TYR D 378 -12.51 43.99 -79.56
N TYR D 379 -11.71 45.05 -79.59
CA TYR D 379 -10.29 44.95 -79.27
C TYR D 379 -9.78 46.20 -78.52
N ILE D 380 -8.56 46.09 -77.99
CA ILE D 380 -7.96 47.20 -77.26
C ILE D 380 -6.64 47.57 -77.91
N SER D 381 -6.45 48.88 -78.14
CA SER D 381 -5.21 49.32 -78.75
C SER D 381 -4.70 50.57 -78.06
N ASN D 382 -3.53 51.01 -78.50
CA ASN D 382 -2.88 52.19 -77.97
C ASN D 382 -2.81 53.23 -79.08
N GLU D 383 -3.74 53.14 -80.03
CA GLU D 383 -3.78 54.05 -81.17
C GLU D 383 -4.14 55.49 -80.82
N TYR D 384 -5.21 55.64 -80.04
CA TYR D 384 -5.67 56.96 -79.64
C TYR D 384 -4.50 57.86 -79.27
N LYS D 385 -4.49 59.04 -79.88
CA LYS D 385 -3.46 60.05 -79.65
C LYS D 385 -2.05 59.61 -79.96
N GLY D 386 -1.90 58.49 -80.63
CA GLY D 386 -0.59 58.02 -81.00
C GLY D 386 0.33 57.73 -79.82
N MET D 387 -0.23 57.60 -78.62
CA MET D 387 0.59 57.29 -77.47
C MET D 387 0.49 55.84 -77.05
N PRO D 388 1.57 55.10 -77.26
CA PRO D 388 1.74 53.67 -76.97
C PRO D 388 1.37 53.26 -75.55
N GLY D 389 1.59 54.14 -74.58
CA GLY D 389 1.29 53.83 -73.19
C GLY D 389 -0.14 54.14 -72.78
N GLY D 390 -1.05 54.05 -73.74
CA GLY D 390 -2.45 54.33 -73.46
C GLY D 390 -3.25 53.13 -73.88
N ARG D 391 -4.48 53.03 -73.40
CA ARG D 391 -5.32 51.89 -73.73
C ARG D 391 -6.75 52.32 -73.91
N ASN D 392 -7.37 51.80 -74.96
CA ASN D 392 -8.76 52.13 -75.26
C ASN D 392 -9.43 50.96 -75.95
N LEU D 393 -10.75 50.88 -75.79
CA LEU D 393 -11.54 49.82 -76.41
C LEU D 393 -12.17 50.34 -77.70
N TYR D 394 -12.01 49.56 -78.76
CA TYR D 394 -12.57 49.90 -80.07
C TYR D 394 -13.38 48.70 -80.53
N LYS D 395 -14.27 48.92 -81.49
CA LYS D 395 -15.05 47.83 -82.04
C LYS D 395 -15.05 48.02 -83.55
N ILE D 396 -14.80 46.94 -84.28
CA ILE D 396 -14.77 47.01 -85.72
C ILE D 396 -15.95 46.24 -86.29
N GLN D 397 -16.62 46.84 -87.26
CA GLN D 397 -17.77 46.26 -87.91
C GLN D 397 -17.24 45.18 -88.85
N LEU D 398 -17.61 43.92 -88.61
CA LEU D 398 -17.15 42.82 -89.47
C LEU D 398 -17.54 43.02 -90.92
N SER D 399 -18.68 43.69 -91.15
CA SER D 399 -19.18 43.97 -92.50
C SER D 399 -18.31 44.94 -93.28
N ASP D 400 -17.89 46.01 -92.61
CA ASP D 400 -17.02 47.00 -93.24
C ASP D 400 -15.84 47.36 -92.32
N TYR D 401 -14.67 46.77 -92.61
CA TYR D 401 -13.45 47.02 -91.83
C TYR D 401 -13.14 48.51 -91.83
N THR D 402 -13.69 49.22 -92.81
CA THR D 402 -13.43 50.64 -92.88
C THR D 402 -14.13 51.35 -91.71
N LYS D 403 -15.12 50.67 -91.14
CA LYS D 403 -15.87 51.20 -90.01
C LYS D 403 -15.41 50.65 -88.66
N VAL D 404 -14.68 51.49 -87.94
CA VAL D 404 -14.13 51.15 -86.64
C VAL D 404 -14.52 52.25 -85.66
N THR D 405 -15.16 51.88 -84.57
CA THR D 405 -15.60 52.88 -83.59
C THR D 405 -14.88 52.82 -82.26
N CYS D 406 -14.42 53.96 -81.76
CA CYS D 406 -13.77 53.91 -80.46
C CYS D 406 -14.87 53.99 -79.41
N LEU D 407 -14.88 53.06 -78.46
CA LEU D 407 -15.91 53.05 -77.44
C LEU D 407 -15.52 53.77 -76.14
N SER D 408 -14.26 54.16 -76.02
CA SER D 408 -13.80 54.83 -74.80
C SER D 408 -12.90 56.08 -74.94
N CYS D 409 -12.24 56.25 -76.08
CA CYS D 409 -11.36 57.41 -76.31
C CYS D 409 -11.92 58.74 -75.85
N GLU D 410 -13.24 58.89 -75.94
CA GLU D 410 -13.88 60.15 -75.57
C GLU D 410 -14.68 60.18 -74.29
N LEU D 411 -15.03 59.02 -73.74
CA LEU D 411 -15.81 58.99 -72.51
C LEU D 411 -15.32 60.01 -71.51
N ASN D 412 -14.02 60.30 -71.57
CA ASN D 412 -13.42 61.27 -70.66
C ASN D 412 -11.91 61.32 -70.86
N PRO D 413 -11.45 61.99 -71.92
CA PRO D 413 -10.04 62.14 -72.27
C PRO D 413 -9.13 62.67 -71.15
N GLU D 414 -9.69 63.52 -70.29
CA GLU D 414 -8.97 64.15 -69.19
C GLU D 414 -8.44 63.19 -68.14
N ARG D 415 -9.35 62.38 -67.61
CA ARG D 415 -9.06 61.43 -66.56
C ARG D 415 -8.81 60.00 -67.03
N CYS D 416 -9.32 59.65 -68.21
CA CYS D 416 -9.17 58.28 -68.68
C CYS D 416 -8.46 58.09 -70.00
N GLN D 417 -7.32 57.41 -69.97
CA GLN D 417 -6.56 57.17 -71.17
C GLN D 417 -6.05 55.74 -71.19
N TYR D 418 -6.42 54.99 -70.15
CA TYR D 418 -6.02 53.60 -70.00
C TYR D 418 -7.24 52.79 -69.58
N TYR D 419 -7.74 51.97 -70.49
CA TYR D 419 -8.91 51.13 -70.20
C TYR D 419 -8.68 49.63 -70.36
N SER D 420 -9.45 48.85 -69.61
CA SER D 420 -9.44 47.39 -69.68
C SER D 420 -10.94 47.08 -69.75
N VAL D 421 -11.34 45.94 -70.29
CA VAL D 421 -12.77 45.71 -70.38
C VAL D 421 -13.24 44.35 -69.89
N SER D 422 -14.53 44.26 -69.59
CA SER D 422 -15.11 43.01 -69.11
C SER D 422 -16.51 42.83 -69.70
N PHE D 423 -16.63 41.90 -70.66
CA PHE D 423 -17.91 41.62 -71.34
C PHE D 423 -18.82 40.55 -70.70
N SER D 424 -20.12 40.68 -70.90
CA SER D 424 -21.09 39.71 -70.39
C SER D 424 -21.11 38.50 -71.37
N LYS D 425 -21.65 37.37 -70.90
CA LYS D 425 -21.74 36.14 -71.69
C LYS D 425 -21.90 36.25 -73.21
N GLU D 426 -22.70 37.20 -73.68
CA GLU D 426 -22.91 37.36 -75.14
C GLU D 426 -22.51 38.75 -75.62
N ALA D 427 -21.68 39.43 -74.85
CA ALA D 427 -21.27 40.77 -75.25
C ALA D 427 -22.52 41.64 -75.40
N LYS D 428 -23.42 41.53 -74.42
CA LYS D 428 -24.64 42.31 -74.41
C LYS D 428 -24.32 43.52 -73.56
N TYR D 429 -23.44 43.32 -72.60
CA TYR D 429 -23.02 44.39 -71.70
C TYR D 429 -21.51 44.38 -71.53
N TYR D 430 -20.95 45.55 -71.23
CA TYR D 430 -19.51 45.63 -71.04
C TYR D 430 -19.07 46.72 -70.05
N GLN D 431 -18.35 46.28 -69.02
CA GLN D 431 -17.84 47.20 -68.01
C GLN D 431 -16.46 47.68 -68.42
N LEU D 432 -16.24 48.99 -68.41
CA LEU D 432 -14.94 49.55 -68.74
C LEU D 432 -14.24 49.90 -67.44
N ARG D 433 -12.92 49.75 -67.43
CA ARG D 433 -12.12 50.04 -66.24
C ARG D 433 -10.96 50.96 -66.55
N CYS D 434 -11.20 52.23 -66.26
CA CYS D 434 -10.24 53.28 -66.48
C CYS D 434 -9.26 53.27 -65.32
N SER D 435 -7.96 53.24 -65.63
CA SER D 435 -6.97 53.20 -64.58
C SER D 435 -6.00 54.36 -64.57
N GLY D 436 -6.30 55.39 -65.34
CA GLY D 436 -5.43 56.56 -65.36
C GLY D 436 -5.56 57.44 -66.58
N PRO D 437 -4.95 58.64 -66.56
CA PRO D 437 -4.14 59.24 -65.50
C PRO D 437 -4.89 59.66 -64.22
N GLY D 438 -6.17 59.94 -64.35
CA GLY D 438 -6.93 60.34 -63.17
C GLY D 438 -7.26 59.14 -62.31
N LEU D 439 -8.01 59.35 -61.25
CA LEU D 439 -8.39 58.24 -60.36
C LEU D 439 -9.24 57.21 -61.12
N PRO D 440 -9.04 55.92 -60.82
CA PRO D 440 -9.77 54.81 -61.44
C PRO D 440 -11.27 55.07 -61.46
N LEU D 441 -11.92 54.74 -62.57
CA LEU D 441 -13.36 54.95 -62.72
C LEU D 441 -13.98 53.76 -63.41
N TYR D 442 -14.86 53.05 -62.70
CA TYR D 442 -15.52 51.86 -63.26
C TYR D 442 -16.92 52.16 -63.71
N THR D 443 -17.21 51.81 -64.97
CA THR D 443 -18.55 52.06 -65.52
C THR D 443 -19.16 50.83 -66.19
N LEU D 444 -20.46 50.91 -66.48
CA LEU D 444 -21.17 49.82 -67.13
C LEU D 444 -21.80 50.33 -68.43
N HIS D 445 -21.78 49.52 -69.49
CA HIS D 445 -22.36 49.93 -70.77
C HIS D 445 -23.18 48.84 -71.45
N SER D 446 -23.93 49.23 -72.48
CA SER D 446 -24.74 48.28 -73.22
C SER D 446 -24.20 48.25 -74.64
N SER D 447 -23.81 47.06 -75.08
CA SER D 447 -23.25 46.89 -76.40
C SER D 447 -24.18 47.46 -77.48
N VAL D 448 -25.43 47.02 -77.43
CA VAL D 448 -26.42 47.44 -78.42
C VAL D 448 -26.14 48.79 -79.09
N ASN D 449 -26.13 49.87 -78.31
CA ASN D 449 -25.87 51.18 -78.89
C ASN D 449 -24.73 51.84 -78.14
N ASP D 450 -23.97 51.04 -77.41
CA ASP D 450 -22.82 51.51 -76.64
C ASP D 450 -23.29 52.57 -75.67
N LYS D 451 -24.52 52.43 -75.18
CA LYS D 451 -25.06 53.39 -74.24
C LYS D 451 -24.39 53.21 -72.88
N GLY D 452 -24.14 54.33 -72.22
CA GLY D 452 -23.54 54.26 -70.90
C GLY D 452 -24.68 54.04 -69.94
N LEU D 453 -24.68 52.91 -69.24
CA LEU D 453 -25.76 52.63 -68.30
C LEU D 453 -25.60 53.39 -66.98
N ARG D 454 -24.37 53.49 -66.47
CA ARG D 454 -24.15 54.19 -65.20
C ARG D 454 -22.74 54.01 -64.65
N VAL D 455 -22.42 54.71 -63.57
CA VAL D 455 -21.09 54.63 -62.94
C VAL D 455 -21.05 53.68 -61.74
N LEU D 456 -20.25 52.62 -61.85
CA LEU D 456 -20.15 51.65 -60.77
C LEU D 456 -19.27 52.03 -59.58
N GLU D 457 -18.26 52.86 -59.82
CA GLU D 457 -17.34 53.29 -58.76
C GLU D 457 -16.36 54.34 -59.28
N ASP D 458 -16.49 55.58 -58.80
CA ASP D 458 -15.61 56.67 -59.25
C ASP D 458 -14.54 57.12 -58.25
N ASN D 459 -14.37 56.37 -57.16
CA ASN D 459 -13.36 56.72 -56.17
C ASN D 459 -13.53 58.11 -55.59
N SER D 460 -14.78 58.54 -55.48
CA SER D 460 -15.10 59.84 -54.91
C SER D 460 -14.47 59.96 -53.51
N ALA D 461 -14.56 58.88 -52.74
CA ALA D 461 -13.98 58.86 -51.39
C ALA D 461 -12.49 59.18 -51.41
N LEU D 462 -11.73 58.43 -52.19
CA LEU D 462 -10.30 58.66 -52.26
C LEU D 462 -9.97 60.07 -52.71
N ASP D 463 -10.70 60.56 -53.71
CA ASP D 463 -10.44 61.89 -54.21
C ASP D 463 -10.57 62.94 -53.11
N LYS D 464 -11.72 62.95 -52.43
CA LYS D 464 -11.95 63.91 -51.34
C LYS D 464 -10.77 63.89 -50.39
N MET D 465 -10.34 62.69 -50.02
CA MET D 465 -9.22 62.49 -49.13
C MET D 465 -7.94 63.17 -49.65
N LEU D 466 -7.50 62.75 -50.85
CA LEU D 466 -6.29 63.26 -51.48
C LEU D 466 -6.22 64.77 -51.71
N GLN D 467 -7.31 65.50 -51.50
CA GLN D 467 -7.18 66.94 -51.72
C GLN D 467 -6.62 67.60 -50.47
N ASN D 468 -6.59 66.83 -49.38
CA ASN D 468 -6.04 67.33 -48.13
C ASN D 468 -4.53 67.05 -48.09
N VAL D 469 -3.96 66.54 -49.18
CA VAL D 469 -2.53 66.23 -49.20
C VAL D 469 -1.79 66.71 -50.46
N GLN D 470 -0.51 67.02 -50.30
CA GLN D 470 0.32 67.50 -51.42
C GLN D 470 0.80 66.39 -52.34
N MET D 471 0.02 66.05 -53.36
CA MET D 471 0.40 65.00 -54.29
C MET D 471 1.41 65.45 -55.35
N PRO D 472 2.20 64.51 -55.89
CA PRO D 472 3.18 64.84 -56.91
C PRO D 472 2.45 64.65 -58.23
N SER D 473 2.95 65.24 -59.31
CA SER D 473 2.30 65.10 -60.60
C SER D 473 3.13 64.19 -61.51
N LYS D 474 2.48 63.60 -62.51
CA LYS D 474 3.14 62.71 -63.44
C LYS D 474 3.19 63.33 -64.83
N LYS D 475 4.34 63.20 -65.51
CA LYS D 475 4.46 63.75 -66.84
C LYS D 475 4.90 62.65 -67.81
N LEU D 476 3.98 62.20 -68.65
CA LEU D 476 4.28 61.18 -69.65
C LEU D 476 4.70 61.89 -70.93
N ASP D 477 5.86 61.52 -71.45
CA ASP D 477 6.29 62.14 -72.69
C ASP D 477 7.37 61.31 -73.37
N PHE D 478 8.06 61.91 -74.33
CA PHE D 478 9.10 61.17 -75.04
C PHE D 478 10.12 62.13 -75.58
N ILE D 479 11.27 61.59 -75.94
CA ILE D 479 12.34 62.37 -76.54
C ILE D 479 12.55 61.64 -77.85
N ILE D 480 13.51 62.10 -78.65
CA ILE D 480 13.77 61.48 -79.94
C ILE D 480 15.23 61.07 -80.08
N LEU D 481 15.50 59.78 -80.16
CA LEU D 481 16.88 59.34 -80.33
C LEU D 481 17.01 58.99 -81.81
N ASN D 482 18.06 59.53 -82.44
CA ASN D 482 18.33 59.35 -83.87
C ASN D 482 17.16 58.71 -84.65
N GLU D 483 16.26 59.58 -85.12
CA GLU D 483 15.10 59.19 -85.91
C GLU D 483 13.87 58.73 -85.14
N THR D 484 14.08 57.87 -84.14
CA THR D 484 12.99 57.31 -83.36
C THR D 484 12.62 58.04 -82.06
N LYS D 485 11.38 57.87 -81.64
CA LYS D 485 10.91 58.51 -80.41
C LYS D 485 10.66 57.47 -79.31
N PHE D 486 11.26 57.71 -78.15
CA PHE D 486 11.11 56.81 -77.03
C PHE D 486 10.45 57.56 -75.88
N TRP D 487 9.43 56.93 -75.29
CA TRP D 487 8.69 57.55 -74.20
C TRP D 487 9.29 57.34 -72.83
N TYR D 488 8.99 58.29 -71.94
CA TYR D 488 9.46 58.28 -70.58
C TYR D 488 8.35 58.90 -69.74
N GLN D 489 8.47 58.75 -68.42
CA GLN D 489 7.49 59.36 -67.53
C GLN D 489 8.22 59.83 -66.29
N MET D 490 7.72 60.90 -65.69
CA MET D 490 8.34 61.47 -64.51
C MET D 490 7.33 61.79 -63.43
N ILE D 491 7.62 61.33 -62.22
CA ILE D 491 6.75 61.62 -61.08
C ILE D 491 7.45 62.84 -60.50
N LEU D 492 6.77 63.98 -60.58
CA LEU D 492 7.33 65.24 -60.11
C LEU D 492 6.82 65.71 -58.77
N PRO D 493 7.74 66.26 -57.95
CA PRO D 493 7.44 66.78 -56.62
C PRO D 493 6.37 67.85 -56.73
N PRO D 494 5.72 68.18 -55.60
CA PRO D 494 4.68 69.20 -55.63
C PRO D 494 5.38 70.54 -55.90
N HIS D 495 4.64 71.50 -56.43
CA HIS D 495 5.21 72.82 -56.72
C HIS D 495 6.54 72.66 -57.46
N PHE D 496 6.60 71.67 -58.32
CA PHE D 496 7.80 71.44 -59.09
C PHE D 496 8.23 72.72 -59.80
N ASP D 497 9.47 73.14 -59.58
CA ASP D 497 10.02 74.34 -60.21
C ASP D 497 11.20 74.01 -61.15
N LYS D 498 10.91 73.84 -62.44
CA LYS D 498 11.91 73.53 -63.45
C LYS D 498 13.16 74.41 -63.42
N SER D 499 13.14 75.42 -62.57
CA SER D 499 14.29 76.30 -62.45
C SER D 499 15.31 75.70 -61.47
N LYS D 500 14.77 75.07 -60.42
CA LYS D 500 15.51 74.40 -59.34
C LYS D 500 16.12 73.09 -59.87
N LYS D 501 17.04 72.49 -59.12
CA LYS D 501 17.61 71.22 -59.57
C LYS D 501 17.37 70.04 -58.62
N TYR D 502 16.55 69.10 -59.07
CA TYR D 502 16.16 67.93 -58.26
C TYR D 502 17.00 66.67 -58.39
N PRO D 503 17.22 65.97 -57.28
CA PRO D 503 18.00 64.74 -57.40
C PRO D 503 17.07 63.83 -58.21
N LEU D 504 17.62 62.87 -58.94
CA LEU D 504 16.75 62.02 -59.76
C LEU D 504 16.98 60.52 -59.59
N LEU D 505 15.89 59.80 -59.40
CA LEU D 505 15.96 58.36 -59.25
C LEU D 505 15.36 57.71 -60.49
N LEU D 506 16.17 56.96 -61.22
CA LEU D 506 15.70 56.29 -62.43
C LEU D 506 15.09 54.93 -62.04
N ASP D 507 13.78 54.81 -62.25
CA ASP D 507 13.04 53.58 -61.95
C ASP D 507 13.09 52.79 -63.26
N VAL D 508 13.62 51.58 -63.20
CA VAL D 508 13.75 50.80 -64.40
C VAL D 508 13.41 49.33 -64.30
N TYR D 509 12.95 48.79 -65.44
CA TYR D 509 12.64 47.39 -65.59
C TYR D 509 13.34 47.00 -66.89
N ALA D 510 12.83 47.53 -67.99
CA ALA D 510 13.38 47.35 -69.32
C ALA D 510 13.48 45.95 -69.88
N GLY D 511 12.58 45.06 -69.46
CA GLY D 511 12.62 43.71 -70.00
C GLY D 511 12.03 43.74 -71.39
N PRO D 512 12.34 42.77 -72.26
CA PRO D 512 11.80 42.75 -73.61
C PRO D 512 10.28 42.80 -73.66
N CYS D 513 9.77 43.87 -74.28
CA CYS D 513 8.34 44.11 -74.43
C CYS D 513 7.74 44.65 -73.15
N SER D 514 8.49 45.48 -72.44
CA SER D 514 7.98 46.05 -71.20
C SER D 514 7.50 47.47 -71.43
N GLN D 515 6.82 48.05 -70.45
CA GLN D 515 6.34 49.42 -70.57
C GLN D 515 6.27 50.11 -69.20
N LYS D 516 7.28 50.95 -68.92
CA LYS D 516 7.35 51.67 -67.65
C LYS D 516 6.81 53.08 -67.78
N ALA D 517 6.55 53.52 -69.00
CA ALA D 517 6.02 54.85 -69.23
C ALA D 517 4.61 54.70 -69.76
N ASP D 518 3.62 54.81 -68.88
CA ASP D 518 2.24 54.70 -69.32
C ASP D 518 1.42 55.79 -68.65
N THR D 519 0.11 55.74 -68.81
CA THR D 519 -0.77 56.73 -68.22
C THR D 519 -1.56 56.23 -67.01
N VAL D 520 -1.10 55.14 -66.39
CA VAL D 520 -1.78 54.57 -65.24
C VAL D 520 -1.53 55.30 -63.91
N PHE D 521 -2.61 55.56 -63.18
CA PHE D 521 -2.54 56.25 -61.91
C PHE D 521 -2.03 55.30 -60.84
N ARG D 522 -0.91 55.64 -60.22
CA ARG D 522 -0.32 54.80 -59.19
C ARG D 522 0.04 55.58 -57.94
N LEU D 523 -0.04 54.88 -56.81
CA LEU D 523 0.27 55.42 -55.49
C LEU D 523 1.27 54.44 -54.93
N ASN D 524 2.55 54.66 -55.22
CA ASN D 524 3.57 53.74 -54.74
C ASN D 524 4.72 54.44 -54.02
N TRP D 525 5.87 53.80 -54.01
CA TRP D 525 7.02 54.33 -53.34
C TRP D 525 7.53 55.61 -54.02
N ALA D 526 7.31 55.73 -55.33
CA ALA D 526 7.74 56.91 -56.05
C ALA D 526 6.91 58.09 -55.62
N THR D 527 5.63 57.86 -55.39
CA THR D 527 4.77 58.93 -54.95
C THR D 527 5.36 59.53 -53.68
N TYR D 528 5.75 58.66 -52.74
CA TYR D 528 6.36 59.09 -51.49
C TYR D 528 7.69 59.81 -51.73
N LEU D 529 8.55 59.24 -52.57
CA LEU D 529 9.83 59.86 -52.87
C LEU D 529 9.67 61.23 -53.53
N ALA D 530 8.68 61.40 -54.39
CA ALA D 530 8.49 62.70 -55.03
C ALA D 530 7.82 63.67 -54.06
N SER D 531 6.65 63.29 -53.59
CA SER D 531 5.86 64.10 -52.66
C SER D 531 6.61 64.60 -51.44
N THR D 532 7.18 63.69 -50.66
CA THR D 532 7.92 64.06 -49.46
C THR D 532 9.40 64.43 -49.70
N GLU D 533 10.18 63.48 -50.22
CA GLU D 533 11.60 63.69 -50.44
C GLU D 533 11.96 64.55 -51.65
N ASN D 534 10.96 65.08 -52.35
CA ASN D 534 11.21 65.91 -53.53
C ASN D 534 12.29 65.34 -54.41
N ILE D 535 12.11 64.09 -54.85
CA ILE D 535 13.06 63.44 -55.73
C ILE D 535 12.23 63.23 -56.98
N ILE D 536 12.86 63.32 -58.16
CA ILE D 536 12.14 63.10 -59.40
C ILE D 536 12.31 61.63 -59.79
N VAL D 537 11.23 60.86 -59.76
CA VAL D 537 11.33 59.46 -60.13
C VAL D 537 10.86 59.33 -61.57
N ALA D 538 11.78 58.93 -62.44
CA ALA D 538 11.49 58.78 -63.87
C ALA D 538 11.76 57.41 -64.43
N SER D 539 11.01 57.03 -65.45
CA SER D 539 11.17 55.74 -66.11
C SER D 539 11.24 55.99 -67.60
N PHE D 540 11.98 55.13 -68.31
CA PHE D 540 12.18 55.30 -69.73
C PHE D 540 11.95 54.00 -70.46
N ASP D 541 11.31 54.05 -71.62
CA ASP D 541 11.10 52.83 -72.41
C ASP D 541 11.97 52.90 -73.67
N GLY D 542 13.13 52.24 -73.64
CA GLY D 542 14.04 52.24 -74.78
C GLY D 542 13.99 51.01 -75.68
N ARG D 543 15.12 50.64 -76.27
CA ARG D 543 15.17 49.47 -77.15
C ARG D 543 14.70 48.24 -76.38
N GLY D 544 13.84 47.44 -76.99
CA GLY D 544 13.33 46.25 -76.35
C GLY D 544 11.89 46.48 -75.94
N SER D 545 11.55 47.75 -75.66
CA SER D 545 10.19 48.15 -75.27
C SER D 545 9.13 47.58 -76.19
N GLY D 546 7.98 47.23 -75.62
CA GLY D 546 6.90 46.67 -76.40
C GLY D 546 5.79 47.63 -76.77
N TYR D 547 4.80 47.09 -77.48
CA TYR D 547 3.63 47.85 -77.90
C TYR D 547 4.02 48.99 -78.83
N GLN D 548 5.23 48.94 -79.39
CA GLN D 548 5.66 49.99 -80.30
C GLN D 548 6.11 49.44 -81.62
N GLY D 549 5.95 48.14 -81.83
CA GLY D 549 6.36 47.57 -83.09
C GLY D 549 7.64 46.80 -82.91
N ASP D 550 7.90 45.86 -83.81
CA ASP D 550 9.08 45.02 -83.70
C ASP D 550 10.40 45.70 -83.98
N LYS D 551 10.40 46.84 -84.66
CA LYS D 551 11.70 47.44 -84.90
C LYS D 551 12.33 47.84 -83.58
N ILE D 552 11.51 48.23 -82.59
CA ILE D 552 12.02 48.61 -81.27
C ILE D 552 12.18 47.39 -80.35
N MET D 553 11.15 46.55 -80.30
CA MET D 553 11.19 45.39 -79.42
C MET D 553 12.23 44.32 -79.76
N HIS D 554 12.36 43.96 -81.04
CA HIS D 554 13.32 42.93 -81.45
C HIS D 554 14.70 43.53 -81.63
N ALA D 555 14.87 44.73 -81.10
CA ALA D 555 16.15 45.42 -81.20
C ALA D 555 17.20 44.76 -80.31
N ILE D 556 16.77 44.04 -79.28
CA ILE D 556 17.73 43.41 -78.40
C ILE D 556 17.74 41.90 -78.58
N ASN D 557 17.18 41.44 -79.69
CA ASN D 557 17.13 40.01 -80.00
C ASN D 557 18.51 39.36 -79.92
N ARG D 558 18.61 38.27 -79.18
CA ARG D 558 19.88 37.56 -79.01
C ARG D 558 20.89 38.50 -78.42
N ARG D 559 20.41 39.64 -77.92
CA ARG D 559 21.34 40.62 -77.41
C ARG D 559 20.89 41.36 -76.13
N LEU D 560 20.55 40.59 -75.09
CA LEU D 560 20.13 41.20 -73.84
C LEU D 560 21.35 41.76 -73.10
N GLY D 561 21.14 42.80 -72.30
CA GLY D 561 22.24 43.38 -71.56
C GLY D 561 23.04 44.31 -72.44
N THR D 562 22.39 44.91 -73.42
CA THR D 562 23.06 45.83 -74.33
C THR D 562 22.26 47.10 -74.56
N PHE D 563 21.58 47.19 -75.69
CA PHE D 563 20.81 48.40 -75.96
C PHE D 563 19.88 48.86 -74.84
N GLU D 564 19.11 47.94 -74.25
CA GLU D 564 18.18 48.33 -73.20
C GLU D 564 18.89 48.99 -72.04
N VAL D 565 20.11 48.57 -71.75
CA VAL D 565 20.84 49.19 -70.66
C VAL D 565 21.42 50.52 -71.17
N GLU D 566 22.09 50.50 -72.31
CA GLU D 566 22.66 51.72 -72.90
C GLU D 566 21.62 52.84 -73.02
N ASP D 567 20.41 52.49 -73.43
CA ASP D 567 19.35 53.47 -73.57
C ASP D 567 18.94 54.04 -72.21
N GLN D 568 19.12 53.25 -71.17
CA GLN D 568 18.74 53.69 -69.83
C GLN D 568 19.73 54.74 -69.31
N ILE D 569 20.95 54.67 -69.79
CA ILE D 569 22.00 55.62 -69.42
C ILE D 569 21.78 56.90 -70.23
N GLU D 570 21.50 56.71 -71.52
CA GLU D 570 21.25 57.82 -72.45
C GLU D 570 20.13 58.69 -71.88
N ALA D 571 19.08 58.05 -71.36
CA ALA D 571 17.92 58.73 -70.80
C ALA D 571 18.24 59.64 -69.62
N ALA D 572 19.03 59.14 -68.68
CA ALA D 572 19.40 59.95 -67.52
C ALA D 572 20.19 61.14 -68.03
N ARG D 573 20.99 60.86 -69.05
CA ARG D 573 21.82 61.85 -69.70
C ARG D 573 20.96 62.93 -70.39
N GLN D 574 19.80 62.50 -70.87
CA GLN D 574 18.86 63.38 -71.55
C GLN D 574 18.01 64.17 -70.57
N PHE D 575 17.79 63.60 -69.40
CA PHE D 575 17.01 64.26 -68.37
C PHE D 575 17.84 65.35 -67.68
N SER D 576 19.09 65.04 -67.33
CA SER D 576 19.92 66.03 -66.67
C SER D 576 20.08 67.22 -67.59
N LYS D 577 20.31 66.91 -68.87
CA LYS D 577 20.47 67.94 -69.88
C LYS D 577 19.11 68.52 -70.26
N MET D 578 18.23 68.64 -69.26
CA MET D 578 16.90 69.20 -69.42
C MET D 578 16.86 70.36 -68.41
N GLY D 579 17.91 70.48 -67.60
CA GLY D 579 17.98 71.56 -66.62
C GLY D 579 17.50 71.41 -65.19
N PHE D 580 16.32 70.83 -64.97
CA PHE D 580 15.81 70.70 -63.60
C PHE D 580 16.41 69.55 -62.81
N VAL D 581 17.43 68.92 -63.40
CA VAL D 581 18.09 67.77 -62.78
C VAL D 581 19.49 68.05 -62.23
N ASP D 582 19.71 67.71 -60.97
CA ASP D 582 21.03 67.87 -60.35
C ASP D 582 21.84 66.62 -60.67
N ASN D 583 22.86 66.76 -61.51
CA ASN D 583 23.66 65.60 -61.93
C ASN D 583 24.74 65.07 -60.96
N LYS D 584 24.65 65.46 -59.71
CA LYS D 584 25.56 64.94 -58.69
C LYS D 584 24.70 63.99 -57.87
N ARG D 585 23.40 64.03 -58.15
CA ARG D 585 22.45 63.19 -57.45
C ARG D 585 21.50 62.43 -58.36
N ILE D 586 22.06 61.52 -59.15
CA ILE D 586 21.27 60.70 -60.06
C ILE D 586 21.39 59.24 -59.60
N ALA D 587 20.25 58.65 -59.24
CA ALA D 587 20.25 57.26 -58.78
C ALA D 587 19.50 56.40 -59.76
N ILE D 588 19.46 55.11 -59.48
CA ILE D 588 18.78 54.18 -60.36
C ILE D 588 18.46 52.90 -59.62
N TRP D 589 17.30 52.32 -59.89
CA TRP D 589 16.92 51.08 -59.24
C TRP D 589 15.93 50.25 -60.02
N GLY D 590 15.96 48.95 -59.77
CA GLY D 590 15.07 48.03 -60.44
C GLY D 590 14.99 46.73 -59.65
N TRP D 591 13.95 45.98 -59.93
CA TRP D 591 13.70 44.71 -59.26
C TRP D 591 13.61 43.72 -60.41
N SER D 592 13.88 42.45 -60.15
CA SER D 592 13.77 41.47 -61.21
C SER D 592 14.63 41.92 -62.41
N TYR D 593 14.07 41.84 -63.61
CA TYR D 593 14.82 42.25 -64.80
C TYR D 593 15.40 43.64 -64.60
N GLY D 594 14.62 44.52 -63.98
CA GLY D 594 15.08 45.87 -63.71
C GLY D 594 16.28 45.82 -62.80
N GLY D 595 16.34 44.80 -61.93
CA GLY D 595 17.46 44.66 -61.03
C GLY D 595 18.71 44.32 -61.79
N TYR D 596 18.56 43.55 -62.86
CA TYR D 596 19.67 43.16 -63.72
C TYR D 596 20.14 44.36 -64.50
N VAL D 597 19.20 45.12 -65.03
CA VAL D 597 19.58 46.29 -65.81
C VAL D 597 20.26 47.30 -64.93
N THR D 598 19.71 47.53 -63.74
CA THR D 598 20.29 48.48 -62.82
C THR D 598 21.76 48.15 -62.57
N SER D 599 22.02 46.86 -62.34
CA SER D 599 23.39 46.42 -62.08
C SER D 599 24.30 46.66 -63.28
N MET D 600 23.84 46.26 -64.46
CA MET D 600 24.62 46.42 -65.68
C MET D 600 25.01 47.88 -65.85
N VAL D 601 24.04 48.76 -65.65
CA VAL D 601 24.26 50.19 -65.75
C VAL D 601 25.28 50.65 -64.70
N LEU D 602 25.07 50.25 -63.45
CA LEU D 602 26.00 50.64 -62.41
C LEU D 602 27.41 50.13 -62.67
N GLY D 603 27.53 49.05 -63.44
CA GLY D 603 28.85 48.50 -63.74
C GLY D 603 29.39 48.95 -65.09
N SER D 604 28.67 49.83 -65.75
CA SER D 604 29.04 50.34 -67.07
C SER D 604 30.21 51.34 -67.07
N GLY D 605 30.43 52.01 -65.96
CA GLY D 605 31.50 52.98 -65.89
C GLY D 605 31.15 54.32 -66.50
N SER D 606 29.86 54.52 -66.80
CA SER D 606 29.35 55.75 -67.41
C SER D 606 29.55 57.02 -66.59
N GLY D 607 29.71 56.87 -65.28
CA GLY D 607 29.88 58.03 -64.43
C GLY D 607 28.62 58.87 -64.27
N VAL D 608 27.52 58.44 -64.86
CA VAL D 608 26.26 59.19 -64.78
C VAL D 608 25.50 58.99 -63.47
N PHE D 609 25.66 57.83 -62.85
CA PHE D 609 24.93 57.52 -61.63
C PHE D 609 25.80 57.42 -60.42
N LYS D 610 25.31 58.00 -59.32
CA LYS D 610 26.02 57.99 -58.06
C LYS D 610 25.87 56.68 -57.31
N CYS D 611 24.62 56.31 -57.03
CA CYS D 611 24.31 55.08 -56.31
C CYS D 611 23.20 54.32 -57.03
N GLY D 612 22.82 53.18 -56.49
CA GLY D 612 21.76 52.41 -57.11
C GLY D 612 21.37 51.16 -56.35
N ILE D 613 20.15 50.70 -56.56
CA ILE D 613 19.67 49.52 -55.89
C ILE D 613 19.15 48.46 -56.85
N ALA D 614 19.58 47.23 -56.63
CA ALA D 614 19.15 46.09 -57.43
C ALA D 614 18.49 45.06 -56.51
N VAL D 615 17.23 44.75 -56.78
CA VAL D 615 16.50 43.79 -55.97
C VAL D 615 16.24 42.49 -56.76
N ALA D 616 16.69 41.37 -56.21
CA ALA D 616 16.50 40.05 -56.83
C ALA D 616 16.87 40.08 -58.30
N PRO D 617 18.05 40.64 -58.61
CA PRO D 617 18.50 40.74 -59.99
C PRO D 617 18.97 39.44 -60.62
N VAL D 618 19.08 39.44 -61.94
CA VAL D 618 19.61 38.29 -62.63
C VAL D 618 21.04 38.74 -62.80
N SER D 619 22.01 37.83 -62.67
CA SER D 619 23.41 38.20 -62.82
C SER D 619 24.04 37.62 -64.08
N ARG D 620 23.55 36.47 -64.53
CA ARG D 620 24.02 35.87 -65.75
C ARG D 620 22.88 35.00 -66.24
N TRP D 621 22.60 35.09 -67.53
CA TRP D 621 21.49 34.38 -68.12
C TRP D 621 21.49 32.87 -68.05
N GLU D 622 22.65 32.27 -67.88
CA GLU D 622 22.69 30.81 -67.78
C GLU D 622 22.07 30.37 -66.46
N TYR D 623 21.71 31.32 -65.60
CA TYR D 623 21.11 31.00 -64.30
C TYR D 623 19.58 31.02 -64.34
N TYR D 624 19.02 31.78 -65.27
CA TYR D 624 17.56 31.87 -65.36
C TYR D 624 16.96 30.73 -66.22
N ASP D 625 15.64 30.53 -66.12
CA ASP D 625 15.00 29.45 -66.85
C ASP D 625 15.06 29.57 -68.37
N SER D 626 15.07 28.41 -69.01
CA SER D 626 15.14 28.28 -70.46
C SER D 626 14.04 28.92 -71.31
N VAL D 627 12.79 28.59 -71.02
CA VAL D 627 11.68 29.15 -71.80
C VAL D 627 11.78 30.66 -71.95
N TYR D 628 12.11 31.37 -70.88
CA TYR D 628 12.22 32.81 -70.96
C TYR D 628 13.55 33.22 -71.55
N THR D 629 14.63 32.80 -70.92
CA THR D 629 15.96 33.17 -71.37
C THR D 629 16.24 32.89 -72.83
N GLU D 630 15.98 31.67 -73.26
CA GLU D 630 16.24 31.29 -74.65
C GLU D 630 15.39 32.08 -75.65
N ARG D 631 14.15 32.36 -75.29
CA ARG D 631 13.29 33.13 -76.18
C ARG D 631 14.01 34.39 -76.66
N TYR D 632 14.98 34.84 -75.87
CA TYR D 632 15.69 36.06 -76.22
C TYR D 632 17.17 35.92 -76.53
N MET D 633 17.79 34.89 -75.96
CA MET D 633 19.22 34.68 -76.12
C MET D 633 19.64 33.55 -77.03
N GLY D 634 18.75 32.60 -77.24
CA GLY D 634 19.11 31.46 -78.04
C GLY D 634 19.69 30.46 -77.06
N LEU D 635 20.45 29.48 -77.55
CA LEU D 635 21.06 28.49 -76.68
C LEU D 635 22.49 28.85 -76.30
N PRO D 636 22.87 28.62 -75.03
CA PRO D 636 24.22 28.91 -74.56
C PRO D 636 25.28 27.89 -75.00
N THR D 637 25.24 27.48 -76.26
CA THR D 637 26.24 26.56 -76.78
C THR D 637 27.15 27.42 -77.64
N PRO D 638 28.41 27.00 -77.81
CA PRO D 638 29.36 27.76 -78.63
C PRO D 638 28.84 27.94 -80.04
N GLU D 639 28.11 26.93 -80.50
CA GLU D 639 27.53 26.96 -81.83
C GLU D 639 26.44 28.01 -81.95
N ASP D 640 25.77 28.32 -80.85
CA ASP D 640 24.69 29.31 -80.91
C ASP D 640 25.07 30.69 -80.43
N ASN D 641 24.80 30.99 -79.17
CA ASN D 641 25.08 32.32 -78.62
C ASN D 641 25.83 32.32 -77.29
N LEU D 642 26.59 31.25 -77.01
CA LEU D 642 27.32 31.16 -75.76
C LEU D 642 28.22 32.37 -75.51
N ASP D 643 28.77 32.95 -76.58
CA ASP D 643 29.65 34.09 -76.41
C ASP D 643 28.99 35.28 -75.76
N HIS D 644 27.79 35.62 -76.22
CA HIS D 644 27.09 36.74 -75.62
C HIS D 644 26.60 36.40 -74.22
N TYR D 645 26.20 35.15 -74.02
CA TYR D 645 25.74 34.70 -72.72
C TYR D 645 26.81 35.12 -71.73
N ARG D 646 28.06 34.83 -72.10
CA ARG D 646 29.21 35.15 -71.29
C ARG D 646 29.52 36.65 -71.16
N ASN D 647 29.26 37.44 -72.22
CA ASN D 647 29.52 38.88 -72.15
C ASN D 647 28.52 39.62 -71.31
N SER D 648 27.27 39.19 -71.39
CA SER D 648 26.19 39.84 -70.66
C SER D 648 26.06 39.53 -69.16
N THR D 649 27.16 39.24 -68.48
CA THR D 649 27.04 38.98 -67.04
C THR D 649 27.32 40.21 -66.18
N VAL D 650 26.70 40.27 -65.01
CA VAL D 650 26.92 41.39 -64.11
C VAL D 650 28.34 41.33 -63.52
N MET D 651 28.82 40.13 -63.18
CA MET D 651 30.14 39.99 -62.57
C MET D 651 31.28 40.45 -63.45
N SER D 652 31.13 40.30 -64.76
CA SER D 652 32.19 40.74 -65.65
C SER D 652 32.44 42.25 -65.52
N ARG D 653 31.54 42.94 -64.83
CA ARG D 653 31.64 44.38 -64.65
C ARG D 653 32.00 44.79 -63.22
N ALA D 654 32.16 43.80 -62.35
CA ALA D 654 32.49 44.02 -60.94
C ALA D 654 33.49 45.15 -60.70
N GLU D 655 34.52 45.22 -61.53
CA GLU D 655 35.54 46.23 -61.40
C GLU D 655 35.01 47.66 -61.28
N ASN D 656 34.11 48.02 -62.20
CA ASN D 656 33.55 49.36 -62.26
C ASN D 656 32.63 49.79 -61.13
N PHE D 657 32.34 48.89 -60.19
CA PHE D 657 31.49 49.25 -59.07
C PHE D 657 32.23 50.11 -58.06
N LYS D 658 33.53 50.24 -58.26
CA LYS D 658 34.34 51.05 -57.39
C LYS D 658 33.84 52.47 -57.50
N GLN D 659 33.24 52.80 -58.64
CA GLN D 659 32.74 54.14 -58.88
C GLN D 659 31.31 54.42 -58.45
N VAL D 660 30.67 53.51 -57.73
CA VAL D 660 29.29 53.75 -57.32
C VAL D 660 28.92 53.15 -55.98
N GLU D 661 27.86 53.70 -55.39
CA GLU D 661 27.34 53.19 -54.14
C GLU D 661 26.25 52.19 -54.51
N TYR D 662 26.53 50.92 -54.26
CA TYR D 662 25.63 49.83 -54.62
C TYR D 662 24.99 49.12 -53.43
N LEU D 663 23.74 48.71 -53.61
CA LEU D 663 22.97 48.00 -52.60
C LEU D 663 22.30 46.82 -53.28
N LEU D 664 22.64 45.61 -52.85
CA LEU D 664 22.12 44.37 -53.41
C LEU D 664 21.12 43.77 -52.43
N ILE D 665 19.94 43.38 -52.90
CA ILE D 665 18.93 42.79 -52.03
C ILE D 665 18.33 41.54 -52.68
N HIS D 666 18.08 40.50 -51.91
CA HIS D 666 17.54 39.28 -52.48
C HIS D 666 16.84 38.40 -51.45
N GLY D 667 15.77 37.72 -51.85
CA GLY D 667 15.08 36.82 -50.94
C GLY D 667 15.77 35.46 -50.95
N THR D 668 16.00 34.86 -49.78
CA THR D 668 16.68 33.56 -49.75
C THR D 668 15.84 32.44 -50.32
N ALA D 669 14.52 32.64 -50.40
CA ALA D 669 13.64 31.61 -50.90
C ALA D 669 13.05 31.93 -52.28
N ASP D 670 13.78 32.74 -53.04
CA ASP D 670 13.37 33.13 -54.39
C ASP D 670 13.50 31.91 -55.31
N ASP D 671 12.37 31.34 -55.72
CA ASP D 671 12.37 30.18 -56.60
C ASP D 671 12.55 30.58 -58.05
N ASN D 672 12.24 31.84 -58.34
CA ASN D 672 12.31 32.39 -59.70
C ASN D 672 13.74 32.77 -60.08
N VAL D 673 14.26 33.81 -59.44
CA VAL D 673 15.63 34.24 -59.66
C VAL D 673 16.32 33.85 -58.37
N HIS D 674 16.94 32.68 -58.42
CA HIS D 674 17.62 32.09 -57.30
C HIS D 674 18.67 32.95 -56.63
N PHE D 675 18.69 32.87 -55.30
CA PHE D 675 19.64 33.64 -54.51
C PHE D 675 21.02 33.51 -55.10
N GLN D 676 21.29 32.37 -55.71
CA GLN D 676 22.58 32.08 -56.33
C GLN D 676 23.03 33.21 -57.24
N GLN D 677 22.06 33.87 -57.88
CA GLN D 677 22.37 34.96 -58.78
C GLN D 677 23.12 36.09 -58.05
N SER D 678 22.59 36.53 -56.91
CA SER D 678 23.22 37.61 -56.15
C SER D 678 24.45 37.14 -55.40
N ALA D 679 24.42 35.89 -54.94
CA ALA D 679 25.55 35.30 -54.22
C ALA D 679 26.77 35.34 -55.13
N GLN D 680 26.55 35.35 -56.44
CA GLN D 680 27.64 35.39 -57.39
C GLN D 680 28.08 36.83 -57.65
N ILE D 681 27.12 37.75 -57.55
CA ILE D 681 27.41 39.16 -57.74
C ILE D 681 28.29 39.64 -56.58
N SER D 682 27.93 39.25 -55.36
CA SER D 682 28.71 39.64 -54.18
C SER D 682 30.09 39.01 -54.24
N LYS D 683 30.15 37.72 -54.56
CA LYS D 683 31.42 37.02 -54.64
C LYS D 683 32.34 37.69 -55.67
N ALA D 684 31.77 38.20 -56.76
CA ALA D 684 32.55 38.89 -57.78
C ALA D 684 33.10 40.21 -57.24
N LEU D 685 32.25 40.97 -56.55
CA LEU D 685 32.63 42.24 -55.95
C LEU D 685 33.67 42.05 -54.87
N VAL D 686 33.53 41.00 -54.07
CA VAL D 686 34.49 40.74 -53.01
C VAL D 686 35.85 40.43 -53.60
N ASP D 687 35.89 39.58 -54.63
CA ASP D 687 37.15 39.18 -55.26
C ASP D 687 37.92 40.34 -55.90
N VAL D 688 37.22 41.41 -56.24
CA VAL D 688 37.86 42.53 -56.86
C VAL D 688 37.99 43.68 -55.88
N GLY D 689 37.48 43.46 -54.67
CA GLY D 689 37.58 44.46 -53.62
C GLY D 689 36.65 45.66 -53.69
N VAL D 690 35.38 45.44 -53.98
CA VAL D 690 34.46 46.56 -54.04
C VAL D 690 33.55 46.52 -52.83
N ASP D 691 33.45 47.64 -52.13
CA ASP D 691 32.58 47.68 -50.97
C ASP D 691 31.18 48.05 -51.44
N PHE D 692 30.19 47.34 -50.93
CA PHE D 692 28.81 47.62 -51.30
C PHE D 692 27.92 47.31 -50.11
N GLN D 693 26.64 47.66 -50.24
CA GLN D 693 25.64 47.42 -49.20
C GLN D 693 24.88 46.17 -49.59
N ALA D 694 24.44 45.40 -48.61
CA ALA D 694 23.69 44.19 -48.90
C ALA D 694 22.51 44.03 -47.98
N MET D 695 21.66 43.08 -48.31
CA MET D 695 20.47 42.79 -47.52
C MET D 695 19.77 41.58 -48.10
N TRP D 696 19.81 40.48 -47.36
CA TRP D 696 19.15 39.25 -47.77
C TRP D 696 17.81 39.23 -47.05
N TYR D 697 16.84 38.50 -47.57
CA TYR D 697 15.54 38.42 -46.92
C TYR D 697 15.16 36.97 -46.76
N THR D 698 15.53 36.44 -45.60
CA THR D 698 15.28 35.07 -45.26
C THR D 698 13.83 34.63 -45.47
N ASP D 699 13.66 33.60 -46.31
CA ASP D 699 12.38 32.97 -46.62
C ASP D 699 11.38 33.74 -47.47
N GLU D 700 11.84 34.82 -48.11
CA GLU D 700 10.98 35.60 -48.99
C GLU D 700 11.31 35.20 -50.42
N ASP D 701 10.32 35.14 -51.30
CA ASP D 701 10.66 34.76 -52.67
C ASP D 701 10.93 35.97 -53.58
N HIS D 702 10.71 35.81 -54.88
CA HIS D 702 10.99 36.89 -55.80
C HIS D 702 10.11 38.09 -55.51
N GLY D 703 9.03 37.89 -54.75
CA GLY D 703 8.14 38.98 -54.46
C GLY D 703 8.44 39.82 -53.22
N ILE D 704 9.11 39.25 -52.23
CA ILE D 704 9.38 39.97 -50.98
C ILE D 704 8.12 40.76 -50.66
N ALA D 705 7.00 40.04 -50.62
CA ALA D 705 5.70 40.64 -50.37
C ALA D 705 5.05 40.35 -49.03
N SER D 706 5.71 39.64 -48.14
CA SER D 706 5.10 39.39 -46.85
C SER D 706 4.98 40.76 -46.20
N SER D 707 3.88 41.00 -45.48
CA SER D 707 3.66 42.30 -44.84
C SER D 707 4.90 42.90 -44.20
N THR D 708 5.53 42.14 -43.33
CA THR D 708 6.72 42.61 -42.64
C THR D 708 7.92 42.89 -43.55
N ALA D 709 8.22 41.96 -44.46
CA ALA D 709 9.36 42.14 -45.36
C ALA D 709 9.11 43.32 -46.30
N HIS D 710 7.88 43.44 -46.79
CA HIS D 710 7.53 44.51 -47.70
C HIS D 710 7.88 45.87 -47.09
N GLN D 711 7.39 46.09 -45.88
CA GLN D 711 7.64 47.34 -45.19
C GLN D 711 9.11 47.49 -44.84
N HIS D 712 9.79 46.38 -44.69
CA HIS D 712 11.18 46.45 -44.30
C HIS D 712 12.12 46.83 -45.44
N ILE D 713 11.89 46.25 -46.62
CA ILE D 713 12.75 46.54 -47.76
C ILE D 713 12.55 47.96 -48.27
N TYR D 714 11.31 48.44 -48.25
CA TYR D 714 11.09 49.80 -48.72
C TYR D 714 11.61 50.82 -47.72
N THR D 715 11.58 50.48 -46.45
CA THR D 715 12.10 51.40 -45.46
C THR D 715 13.61 51.44 -45.64
N HIS D 716 14.19 50.27 -45.85
CA HIS D 716 15.65 50.14 -46.02
C HIS D 716 16.18 50.85 -47.25
N MET D 717 15.47 50.73 -48.37
CA MET D 717 15.88 51.40 -49.59
C MET D 717 15.77 52.91 -49.42
N SER D 718 14.72 53.35 -48.74
CA SER D 718 14.54 54.77 -48.50
C SER D 718 15.76 55.33 -47.78
N HIS D 719 16.19 54.70 -46.70
CA HIS D 719 17.36 55.18 -45.97
C HIS D 719 18.55 55.31 -46.92
N PHE D 720 18.73 54.28 -47.74
CA PHE D 720 19.82 54.25 -48.71
C PHE D 720 19.74 55.41 -49.69
N ILE D 721 18.58 55.61 -50.29
CA ILE D 721 18.46 56.70 -51.26
C ILE D 721 18.61 58.08 -50.65
N LYS D 722 17.86 58.38 -49.60
CA LYS D 722 18.00 59.71 -49.00
C LYS D 722 19.41 59.92 -48.46
N GLN D 723 20.07 58.83 -48.06
CA GLN D 723 21.43 58.93 -47.54
C GLN D 723 22.39 59.23 -48.68
N CYS D 724 22.05 58.74 -49.87
CA CYS D 724 22.89 58.97 -51.04
C CYS D 724 22.59 60.32 -51.65
N PHE D 725 21.44 60.90 -51.30
CA PHE D 725 21.06 62.19 -51.85
C PHE D 725 21.26 63.37 -50.87
N SER D 726 20.63 63.30 -49.70
CA SER D 726 20.77 64.36 -48.70
C SER D 726 22.24 64.28 -48.28
C5 GGO E . -40.73 -26.24 31.27
C6 GGO E . -42.04 -26.90 31.82
C7 GGO E . -43.15 -27.14 30.75
C8 GGO E . -43.24 -28.40 30.00
C10 GGO E . -45.16 -27.48 28.84
C15 GGO E . -44.05 -26.12 30.49
C20 GGO E . -36.07 -24.85 34.56
C21 GGO E . -35.25 -24.00 33.79
C22 GGO E . -33.97 -23.72 34.23
C24 GGO E . -33.47 -24.24 35.43
C26 GGO E . -34.23 -25.09 36.24
N GGO E . -36.66 -27.49 33.86
C GGO E . -37.43 -26.47 33.23
C3 GGO E . -38.85 -26.95 32.89
N4 GGO E . -39.72 -25.88 32.34
C9 GGO E . -44.27 -28.57 29.04
O GGO E . -46.21 -27.45 27.98
C12 GGO E . -46.73 -26.13 28.19
O13 GGO E . -46.00 -25.40 29.16
C14 GGO E . -45.05 -26.31 29.54
C16 GGO E . -39.66 -24.56 32.80
O17 GGO E . -40.58 -23.78 32.72
C18 GGO E . -38.32 -24.10 33.47
C19 GGO E . -37.49 -25.22 34.12
F GGO E . -33.22 -22.94 33.47
F25 GGO E . -32.23 -23.98 35.84
C27 GGO E . -35.52 -25.38 35.77
F28 GGO E . -36.27 -26.21 36.53
#